data_6XMJ
#
_entry.id   6XMJ
#
_cell.length_a   1.00
_cell.length_b   1.00
_cell.length_c   1.00
_cell.angle_alpha   90.00
_cell.angle_beta   90.00
_cell.angle_gamma   90.00
#
_symmetry.space_group_name_H-M   'P 1'
#
loop_
_entity.id
_entity.type
_entity.pdbx_description
1 polymer 'Proteasome subunit alpha type-6'
2 polymer 'Proteasome subunit alpha type-2'
3 polymer 'Proteasome subunit alpha type-4'
4 polymer 'Proteasome subunit alpha type-7'
5 polymer 'Proteasome subunit alpha type-5'
6 polymer 'Proteasome subunit alpha type-1'
7 polymer 'Proteasome subunit alpha type-3'
8 polymer 'Proteasome subunit beta type-6'
9 polymer 'Proteasome subunit beta type-7'
10 polymer 'Proteasome subunit beta type-3'
11 polymer 'Proteasome subunit beta type-2'
12 polymer 'Proteasome subunit beta type-5'
13 polymer 'Proteasome subunit beta type-1'
14 polymer 'Proteasome subunit beta type-4'
15 polymer 'Proteasome activator protein PA26'
#
loop_
_entity_poly.entity_id
_entity_poly.type
_entity_poly.pdbx_seq_one_letter_code
_entity_poly.pdbx_strand_id
1 'polypeptide(L)'
;SRGSSAGFDRHITIFSPEGRLYQVEYAFKAINQGGLTSVAVRGKDCAVIVTQKKVPDKLLDSSTVTHLFKITENIGCVMT
GMTADSRSQVQRARYEAANWKYKYGYEIPVDMLCKRIADISQVYTQNAEMRPLGCCMILIGIDEEQGPQVYKCDPAGYYC
GFKATAAGVKQTESTSFLEKKVKKKFDWTFEQTVETAITCLSTVLSIDFKPSEIEVGVVTVENPKFRILTEAEIDAHLVA
LAER
;
A
2 'polypeptide(L)'
;AERGYSFSLTTFSPSGKLVQIEYALAAVAGGAPSVGIKAANGVVLATEKKQKSILYDERSVHKVEPITKHIGLVYSGMGP
DYRVLVHRARKLAQQYYLVYQEPIPTAQLVQRVASVMQEYTQSGGVRPFGVSLLICGWNEGRPYLFQSDPSGAYFAWKAT
AMGKNYVNGKTFLEKRYNEDLELEDAIHTAILTLKESFEGQMTEDNIEVGICNEAGFRRLTPTEVKDYLAAIA
;
B
3 'polypeptide(L)'
;SRRYDSRTTIFSPEGRLYQVEYAMEAIGHAGTCLGILANDGVLLAAERRNIHKLLDEVFFSEKIYKLNEDMACSVAGITS
DANVLTNELRLIAQRYLLQYQEPIPCEQLVTALCDIKQAYTQFGGKRPFGVSLLYIGWDKHYGFQLYQSDPSGNYGGWKA
TCIGNNSAAAVSMLKQDYKEGEMTLKSALALAIKVLNKTMDVSKLSAEKVEIATLTRENGKTVIRVLKQKEVEQLIKKHE
EEEAKAEREK
;
C
4 'polypeptide(L)'
;SYDRAITVFSPDGHLFQVEYAQEAVKKGSTAVGVRGRDIVVLGVEKKSVAKLQDERTVRKICALDDNVCMAFAGLTADAR
IVINRARVECQSHRLTVEDPVTVEYITRYIASLKQRYTQSNGRRPFGISALIVGFDFDGTPRLYQTDPSGTYHAWKANAI
GRGAKSVREFLEKNYTDEAIETDDLTIKLVIKALLEVVQSGGKNIELAVMRRDQSLKILNPEEIEKYVAEIEKEKEENEK
KKQ
;
D
5 'polypeptide(L)'
;YDRGVNTFSPEGRLFQVEYAIEAIKLGSTAIGIQTSEGVCLAVEKRITSPLMEPSSIEKIVEIDAHIGCAMSGLIADAKT
LIDKARVETQNHWFTYNETMTVESVTQAVSNLALQFGEEDADPGAMSRPFGVALLFGGVDEKGPQLFHMDPSGTFVQCDA
RAIGSASEGAQSSLQEVYHKSMTLKEAIKSSLIILKQVMEEKLNATNIELATVQPGQNFHMFTKEELEEVIKDI
;
E
6 'polypeptide(L)'
;NQYDNDVTVWSPQGRIHQIEYAMEAVKQGSATVGLKSKTHAVLVALKRAQSELAAHQKKILHVDNHIGISIAGLTADARL
LCNFMRQECLDSRFVFDRPLPVSRLVSLIGSKTQIPTQRYGRRPYGVGLLIAGYDDMGPHIFQTCPSANYFDCRAMSIGA
RSQSARTYLERHMSEFMECNLNELVKHGLRALRETLPAEQDLTTKNVSIGIVGKDLEFTIYDDDDVSPFLEGLEERPQ
;
F
7 'polypeptide(L)'
;SSIGTGYDLSASTFSPDGRVFQVEYAMKAVENSSTAIGIRCKDGVVFGVEKLVLSKLYEEGSNKRLFNVDRHVGMAVAGL
LADARSLADIAREEASNFRSNFGYNIPLKHLADRVAMYVHAYTLYSAVRPFGCSFMLGSYSVNDGAQLYMIDPSGVSYGY
WGCAIGKARQAAKTEIEKLQMKEMTCRDIVKEVAKIIYIVHDEVKDKAFELELSWVGELTNGRHEIVPKDIREEAEKYAK
ESLKE
;
G
8 'polypeptide(L)'
;TTIMAVQFDGGVVLGADSRTTTGSYIANRVTDKLTPIHDRIFCCRSGSAADTQAVADAVTYQLGFHSIELNEPPLVHTAA
SLFKEMCYRYREDLMAGIIIAGWDPQEGGQVYSVPMGGMMVRQSFAIGGSGSSYIYGYVDATYREGMTKEECLQFTANAL
ALAMERDGSSGGVIRLAAIAESGVERQVLLGDQIPKFAVATL
;
H
9 'polypeptide(L)'
;TTIAGVVYKDGIVLGADTRATEGMVVADKNCSKIHFISPNIYCCGAGTAADTDMTTQLISSNLELHSLSTGRLPRVVTAN
RMLKQMLFRYQGYIGAALVLGGVDVTGPHLYSIYPHGSTDKLPYVTMGSGSLAAMAVFEDKFRPDMEEEEAKNLVSEAIA
AGIFNDLGSGSNIDLCVISKNKLDFLRPYTVPNKKGTRLGRYRCEKGTTAVLTEKITPLE
;
I
10 'polypeptide(L)'
;SIMSYNGGAVMAMKGKNCVAIAADRRFGIQAQMVTTDFQKIFPMGDRLYIGLAGLATDVQTVAQRLKFRLNLYELKEGRQ
IKPYTLMSMVANLLYEKRFGPYYTEPVIAGLDPKTFKPFICSLDLIGCPMVTDDFVVSGTCAEQMYGMCESLWEPNMDPD
HLFETISQAMLNAVDRDAVSGMGVIVHIIEKDKITTRTLKARMD
;
J
11 'polypeptide(L)'
;MEYLIGIQGPDYVLVASDRVAASNIVQMKDDHDKMFKMSEKILLLCVGEAGDTVQFAEYIQKNVQLYKMRNGYELSPTAA
ANFTRRNLADCLRSRTPYHVNLLLAGYDEHEGPALYYMDYLAALAKAPFAAHGYGAFLTLSILDRYYTPTISRERAVELL
RKCLEELQKRFILNLPTFSVRIIDKNGIHDLDNISFPKQ
;
K
12 'polypeptide(L)'
;TTTLAFKFRHGVIVAADSRATAGAYIASQTVKKVIEINPYLLGTMAGGAADCSFWERLLARQCRIYELRNKERISVAAAS
KLLANMVYQYKGMGLSMGTMICGWDKRGPGLYYVDSEGNRISGATFSVGSGSVYAYGVMDRGYSYDLEVEQAYDLARRAI
YQATYRDAYSGGAVNLYHVREDGWIRVSSDNVADLHEKYSG
;
L
13 'polypeptide(L)'
;RFSPYVFNGGTILAIAGEDFAIVASDTRLSEGFSIHTRDSPKCYKLTDKTVIGCSGFHGDCLTLTKIIEARLKMYKHSNN
KAMTTGAIAAMLSTILYSRRFFPYYVYNIIGGLDEEGKGAVYSFDPVGSYQRDSFKAGGSASAMLQPLLDNQVGFKNMQN
VEHVPLSLDRAMRLVKDVFISAAERDVYTGDALRICIVTKEGIREETVSLRKD
;
M
14 'polypeptide(L)'
;TQNPMVTGTSVLGVKFEGGVVIAADMLGSYGSLARFRNISRIMRVNNSTMLGASGDYADFQYLKQVLGQMVIDEELLGDG
HSYSPRAIHSWLTRAMYSRRSKMNPLWNTMVIGGYADGESFLGYVDMLGVAYEAPSLATGYGAYLAQPLLREVLEKQPVL
SQTEARDLVERCMRVLYYRDARSYNRFQIATVTEKGVEIEGPLSTETNWDIAHMISG
;
N
15 'polypeptide(L)'
;KRAALIQNLRDSYTETSSFAVIEEWAAGTLQEIEGIAKAAAEAHGVIRNSTYGRAQAEKSPEQLLGVLQRYQDLCHNVYC
QAETIRTVIAIRIPEHKEADNLGVAVQHAVLKIIDELEIKTLGSGEKSGSGGAPTPIGMYALREYLSARSTVEDKLLGSV
DAESGKTKGGSQSPSLLLELRQIDADFMLKVELATTHLSTMVRAVINAYLLNWKKLIQPRTGNLSYYT
;
O,P,Q,R,S,T,U
#
# COMPACT_ATOMS: atom_id res chain seq x y z
N PHE A 8 -16.45 5.64 0.34
CA PHE A 8 -17.57 5.88 -0.55
C PHE A 8 -17.18 5.63 -2.01
N ASP A 9 -18.15 5.76 -2.92
CA ASP A 9 -18.02 5.29 -4.29
C ASP A 9 -17.63 6.40 -5.26
N ARG A 10 -16.96 7.45 -4.77
CA ARG A 10 -16.63 8.62 -5.57
C ARG A 10 -15.18 9.07 -5.50
N HIS A 11 -14.36 8.47 -4.64
CA HIS A 11 -13.00 8.96 -4.42
C HIS A 11 -11.98 8.23 -5.29
N ILE A 12 -12.03 6.89 -5.30
CA ILE A 12 -11.12 6.07 -6.09
C ILE A 12 -11.93 5.45 -7.23
N THR A 13 -11.24 5.09 -8.30
CA THR A 13 -11.89 4.53 -9.49
C THR A 13 -12.32 3.09 -9.20
N ILE A 14 -13.43 2.97 -8.47
CA ILE A 14 -14.15 1.72 -8.29
C ILE A 14 -15.51 1.86 -8.96
N PHE A 15 -16.23 0.76 -9.04
CA PHE A 15 -17.60 0.76 -9.55
C PHE A 15 -18.57 1.09 -8.43
N SER A 16 -19.68 1.70 -8.81
CA SER A 16 -20.79 2.01 -7.92
C SER A 16 -21.91 1.00 -8.12
N PRO A 17 -22.89 0.96 -7.22
CA PRO A 17 -23.99 -0.02 -7.36
C PRO A 17 -24.74 0.10 -8.66
N GLU A 18 -24.82 1.29 -9.25
CA GLU A 18 -25.49 1.50 -10.52
C GLU A 18 -24.54 1.39 -11.71
N GLY A 19 -23.31 0.90 -11.49
CA GLY A 19 -22.36 0.72 -12.57
C GLY A 19 -21.91 2.01 -13.21
N ARG A 20 -21.22 2.85 -12.44
CA ARG A 20 -20.79 4.16 -12.91
C ARG A 20 -19.45 4.50 -12.27
N LEU A 21 -18.70 5.36 -12.94
CA LEU A 21 -17.38 5.80 -12.49
C LEU A 21 -17.41 7.31 -12.34
N TYR A 22 -17.47 7.78 -11.09
CA TYR A 22 -17.69 9.19 -10.81
C TYR A 22 -16.42 10.02 -10.93
N GLN A 23 -15.26 9.44 -10.61
CA GLN A 23 -14.00 10.17 -10.81
C GLN A 23 -13.73 10.43 -12.28
N VAL A 24 -14.30 9.63 -13.18
CA VAL A 24 -14.16 9.88 -14.61
C VAL A 24 -15.18 10.89 -15.10
N GLU A 25 -16.34 10.97 -14.45
CA GLU A 25 -17.31 12.02 -14.77
C GLU A 25 -16.83 13.37 -14.27
N TYR A 26 -16.15 13.40 -13.13
CA TYR A 26 -15.61 14.63 -12.58
C TYR A 26 -14.42 15.17 -13.35
N ALA A 27 -13.84 14.37 -14.25
CA ALA A 27 -12.80 14.87 -15.14
C ALA A 27 -13.37 15.56 -16.37
N PHE A 28 -14.66 15.35 -16.66
CA PHE A 28 -15.33 16.12 -17.69
C PHE A 28 -15.68 17.52 -17.19
N LYS A 29 -15.77 17.70 -15.87
CA LYS A 29 -16.05 19.01 -15.29
C LYS A 29 -14.83 19.90 -15.24
N ALA A 30 -13.62 19.32 -15.30
CA ALA A 30 -12.41 20.12 -15.32
C ALA A 30 -12.20 20.81 -16.66
N ILE A 31 -12.87 20.31 -17.71
CA ILE A 31 -12.76 20.93 -19.03
C ILE A 31 -13.30 22.36 -19.00
N ASN A 32 -14.23 22.64 -18.10
CA ASN A 32 -14.90 23.94 -18.04
C ASN A 32 -14.26 24.89 -17.03
N GLN A 33 -13.10 24.54 -16.49
CA GLN A 33 -12.44 25.42 -15.52
C GLN A 33 -11.63 26.51 -16.20
N GLY A 34 -11.08 26.22 -17.39
CA GLY A 34 -10.38 27.25 -18.14
C GLY A 34 -11.29 28.41 -18.54
N GLY A 35 -12.59 28.15 -18.69
CA GLY A 35 -13.53 29.20 -18.99
C GLY A 35 -13.59 29.61 -20.44
N LEU A 36 -13.24 28.70 -21.36
CA LEU A 36 -13.18 28.99 -22.78
C LEU A 36 -13.92 27.90 -23.55
N THR A 37 -14.26 28.23 -24.80
CA THR A 37 -15.06 27.37 -25.65
C THR A 37 -14.39 27.23 -27.01
N SER A 38 -14.36 26.00 -27.52
CA SER A 38 -13.78 25.68 -28.81
C SER A 38 -14.87 25.14 -29.73
N VAL A 39 -14.69 25.39 -31.02
CA VAL A 39 -15.65 24.99 -32.05
C VAL A 39 -14.88 24.48 -33.26
N ALA A 40 -15.38 23.40 -33.86
CA ALA A 40 -14.80 22.83 -35.06
C ALA A 40 -15.90 22.50 -36.05
N VAL A 41 -15.64 22.77 -37.33
CA VAL A 41 -16.63 22.60 -38.38
C VAL A 41 -15.94 21.98 -39.58
N ARG A 42 -16.67 21.14 -40.31
CA ARG A 42 -16.16 20.42 -41.47
C ARG A 42 -16.89 20.88 -42.73
N GLY A 43 -16.15 20.96 -43.84
CA GLY A 43 -16.70 21.34 -45.12
C GLY A 43 -16.45 20.29 -46.18
N LYS A 44 -16.75 20.62 -47.44
CA LYS A 44 -16.52 19.70 -48.53
C LYS A 44 -15.06 19.62 -48.93
N ASP A 45 -14.32 20.72 -48.76
CA ASP A 45 -12.90 20.78 -49.06
C ASP A 45 -12.06 21.34 -47.92
N CYS A 46 -12.65 21.58 -46.75
CA CYS A 46 -11.96 22.24 -45.66
C CYS A 46 -12.38 21.61 -44.33
N ALA A 47 -11.61 21.93 -43.29
CA ALA A 47 -11.97 21.63 -41.92
C ALA A 47 -11.32 22.70 -41.05
N VAL A 48 -12.11 23.26 -40.13
CA VAL A 48 -11.75 24.47 -39.41
C VAL A 48 -11.92 24.22 -37.91
N ILE A 49 -11.02 24.81 -37.12
CA ILE A 49 -11.12 24.85 -35.67
C ILE A 49 -11.04 26.31 -35.25
N VAL A 50 -11.74 26.64 -34.16
CA VAL A 50 -11.85 28.02 -33.70
C VAL A 50 -11.91 28.00 -32.19
N THR A 51 -11.25 28.99 -31.57
CA THR A 51 -11.31 29.19 -30.13
C THR A 51 -11.03 30.65 -29.84
N GLN A 52 -11.27 31.05 -28.60
CA GLN A 52 -11.09 32.43 -28.16
C GLN A 52 -9.79 32.56 -27.36
N LYS A 53 -9.20 33.76 -27.46
CA LYS A 53 -7.86 34.04 -26.98
C LYS A 53 -7.97 35.16 -25.95
N LYS A 54 -8.09 34.79 -24.67
CA LYS A 54 -8.38 35.74 -23.60
C LYS A 54 -7.12 35.96 -22.78
N VAL A 55 -6.46 37.10 -23.01
CA VAL A 55 -5.38 37.58 -22.15
C VAL A 55 -6.00 38.52 -21.12
N PRO A 56 -5.78 38.32 -19.81
CA PRO A 56 -6.29 39.30 -18.84
C PRO A 56 -5.33 40.45 -18.60
N ASP A 57 -4.04 40.19 -18.79
CA ASP A 57 -2.98 41.17 -18.56
C ASP A 57 -2.41 41.67 -19.87
N LYS A 58 -1.97 42.92 -19.87
CA LYS A 58 -1.20 43.46 -20.98
C LYS A 58 0.28 43.11 -20.88
N LEU A 59 0.73 42.53 -19.76
CA LEU A 59 2.11 42.14 -19.58
C LEU A 59 2.44 40.79 -20.21
N LEU A 60 1.44 39.95 -20.47
CA LEU A 60 1.66 38.71 -21.20
C LEU A 60 1.97 38.99 -22.67
N ASP A 61 2.84 38.17 -23.23
CA ASP A 61 3.07 38.13 -24.67
C ASP A 61 1.96 37.28 -25.30
N SER A 62 1.15 37.90 -26.16
CA SER A 62 0.03 37.20 -26.78
C SER A 62 0.48 36.05 -27.67
N SER A 63 1.75 36.04 -28.09
CA SER A 63 2.24 34.98 -28.96
C SER A 63 2.28 33.63 -28.25
N THR A 64 2.53 33.64 -26.95
CA THR A 64 2.61 32.40 -26.17
C THR A 64 1.26 31.89 -25.71
N VAL A 65 0.24 32.74 -25.69
CA VAL A 65 -1.09 32.36 -25.21
C VAL A 65 -1.85 31.80 -26.40
N THR A 66 -1.85 30.48 -26.53
CA THR A 66 -2.53 29.80 -27.61
C THR A 66 -3.07 28.48 -27.11
N HIS A 67 -4.10 27.99 -27.79
CA HIS A 67 -4.64 26.67 -27.57
C HIS A 67 -4.67 25.85 -28.86
N LEU A 68 -4.16 26.38 -29.96
CA LEU A 68 -4.00 25.66 -31.21
C LEU A 68 -2.58 25.11 -31.27
N PHE A 69 -2.44 23.91 -31.83
CA PHE A 69 -1.15 23.23 -31.86
C PHE A 69 -1.01 22.47 -33.16
N LYS A 70 0.25 22.37 -33.61
CA LYS A 70 0.62 21.61 -34.78
C LYS A 70 1.18 20.27 -34.32
N ILE A 71 0.48 19.19 -34.65
CA ILE A 71 0.92 17.84 -34.30
C ILE A 71 1.86 17.30 -35.37
N THR A 72 1.43 17.36 -36.61
CA THR A 72 2.26 17.11 -37.78
C THR A 72 2.04 18.26 -38.75
N GLU A 73 2.74 18.21 -39.89
CA GLU A 73 2.50 19.21 -40.92
C GLU A 73 1.07 19.18 -41.42
N ASN A 74 0.42 18.01 -41.39
CA ASN A 74 -0.90 17.81 -41.97
C ASN A 74 -2.02 17.67 -40.94
N ILE A 75 -1.69 17.65 -39.65
CA ILE A 75 -2.68 17.48 -38.58
C ILE A 75 -2.55 18.66 -37.61
N GLY A 76 -3.68 19.23 -37.25
CA GLY A 76 -3.72 20.31 -36.28
C GLY A 76 -4.76 20.06 -35.22
N CYS A 77 -4.56 20.71 -34.07
CA CYS A 77 -5.34 20.45 -32.88
C CYS A 77 -5.79 21.75 -32.23
N VAL A 78 -6.90 21.65 -31.47
CA VAL A 78 -7.28 22.65 -30.48
C VAL A 78 -7.61 21.93 -29.19
N MET A 79 -7.04 22.40 -28.09
CA MET A 79 -7.18 21.77 -26.78
C MET A 79 -8.01 22.65 -25.87
N THR A 80 -8.86 22.01 -25.07
CA THR A 80 -9.81 22.70 -24.21
C THR A 80 -9.82 22.01 -22.85
N GLY A 81 -9.53 22.77 -21.81
CA GLY A 81 -9.54 22.29 -20.45
C GLY A 81 -8.36 22.82 -19.69
N MET A 82 -7.92 22.05 -18.70
CA MET A 82 -6.77 22.44 -17.90
C MET A 82 -5.53 22.54 -18.79
N THR A 83 -4.82 23.65 -18.65
CA THR A 83 -3.82 24.04 -19.65
C THR A 83 -2.57 23.18 -19.59
N ALA A 84 -2.21 22.68 -18.40
CA ALA A 84 -0.98 21.91 -18.27
C ALA A 84 -1.16 20.48 -18.76
N ASP A 85 -2.34 19.91 -18.53
CA ASP A 85 -2.66 18.59 -19.04
C ASP A 85 -2.64 18.54 -20.56
N SER A 86 -3.03 19.63 -21.21
CA SER A 86 -3.12 19.67 -22.66
C SER A 86 -1.75 19.59 -23.31
N ARG A 87 -0.75 20.25 -22.72
CA ARG A 87 0.59 20.18 -23.27
C ARG A 87 1.15 18.76 -23.21
N SER A 88 0.86 18.04 -22.13
CA SER A 88 1.27 16.66 -22.02
C SER A 88 0.60 15.80 -23.08
N GLN A 89 -0.74 15.91 -23.21
CA GLN A 89 -1.44 15.13 -24.22
C GLN A 89 -0.98 15.47 -25.63
N VAL A 90 -0.63 16.74 -25.88
CA VAL A 90 -0.15 17.15 -27.20
C VAL A 90 1.23 16.58 -27.48
N GLN A 91 2.14 16.60 -26.50
CA GLN A 91 3.44 16.00 -26.69
C GLN A 91 3.35 14.49 -26.92
N ARG A 92 2.47 13.80 -26.21
CA ARG A 92 2.24 12.40 -26.48
C ARG A 92 1.67 12.14 -27.87
N ALA A 93 0.73 12.98 -28.32
CA ALA A 93 0.25 12.88 -29.68
C ALA A 93 1.36 13.04 -30.71
N ARG A 94 2.25 14.01 -30.50
CA ARG A 94 3.40 14.19 -31.38
C ARG A 94 4.35 13.00 -31.38
N TYR A 95 4.66 12.46 -30.20
CA TYR A 95 5.50 11.27 -30.12
C TYR A 95 4.88 10.09 -30.87
N GLU A 96 3.58 9.86 -30.68
CA GLU A 96 2.91 8.78 -31.38
C GLU A 96 2.88 8.98 -32.88
N ALA A 97 2.60 10.20 -33.34
CA ALA A 97 2.63 10.50 -34.77
C ALA A 97 4.00 10.27 -35.38
N ALA A 98 5.06 10.62 -34.65
CA ALA A 98 6.41 10.41 -35.16
C ALA A 98 6.79 8.94 -35.20
N ASN A 99 6.49 8.18 -34.14
CA ASN A 99 6.84 6.78 -34.12
C ASN A 99 6.02 5.97 -35.10
N TRP A 100 4.77 6.37 -35.37
CA TRP A 100 3.99 5.76 -36.44
C TRP A 100 4.74 5.80 -37.76
N LYS A 101 5.24 6.97 -38.15
CA LYS A 101 5.94 7.07 -39.42
C LYS A 101 7.29 6.38 -39.38
N TYR A 102 7.98 6.40 -38.25
CA TYR A 102 9.21 5.63 -38.14
C TYR A 102 8.97 4.15 -38.36
N LYS A 103 7.88 3.62 -37.84
CA LYS A 103 7.60 2.18 -37.90
C LYS A 103 6.98 1.74 -39.22
N TYR A 104 5.99 2.48 -39.73
CA TYR A 104 5.13 2.01 -40.81
C TYR A 104 5.34 2.73 -42.13
N GLY A 105 6.01 3.87 -42.14
CA GLY A 105 6.45 4.48 -43.37
C GLY A 105 5.48 5.43 -44.03
N TYR A 106 4.43 5.86 -43.33
CA TYR A 106 3.53 6.86 -43.86
C TYR A 106 2.91 7.62 -42.69
N GLU A 107 2.29 8.75 -43.02
CA GLU A 107 1.81 9.65 -41.99
C GLU A 107 0.58 9.08 -41.30
N ILE A 108 0.49 9.33 -40.00
CA ILE A 108 -0.63 8.80 -39.21
C ILE A 108 -1.91 9.50 -39.64
N PRO A 109 -3.05 8.80 -39.76
CA PRO A 109 -4.32 9.51 -39.94
C PRO A 109 -4.79 10.16 -38.65
N VAL A 110 -5.92 10.85 -38.74
CA VAL A 110 -6.57 11.39 -37.56
C VAL A 110 -7.40 10.31 -36.88
N ASP A 111 -8.06 9.47 -37.68
CA ASP A 111 -8.82 8.33 -37.19
C ASP A 111 -8.01 7.44 -36.26
N MET A 112 -6.70 7.32 -36.50
CA MET A 112 -5.84 6.44 -35.71
C MET A 112 -5.16 7.13 -34.55
N LEU A 113 -4.67 8.35 -34.76
CA LEU A 113 -4.09 9.12 -33.66
C LEU A 113 -5.10 9.36 -32.56
N CYS A 114 -6.34 9.66 -32.93
CA CYS A 114 -7.39 9.90 -31.95
C CYS A 114 -7.60 8.67 -31.06
N LYS A 115 -7.70 7.49 -31.66
CA LYS A 115 -7.93 6.29 -30.87
C LYS A 115 -6.69 5.86 -30.11
N ARG A 116 -5.50 6.22 -30.58
CA ARG A 116 -4.30 5.96 -29.79
C ARG A 116 -4.32 6.80 -28.51
N ILE A 117 -4.66 8.09 -28.63
CA ILE A 117 -4.80 8.92 -27.44
C ILE A 117 -5.90 8.39 -26.53
N ALA A 118 -7.00 7.90 -27.11
CA ALA A 118 -8.09 7.35 -26.30
C ALA A 118 -7.68 6.09 -25.57
N ASP A 119 -6.94 5.20 -26.25
CA ASP A 119 -6.40 4.01 -25.61
C ASP A 119 -5.46 4.37 -24.47
N ILE A 120 -4.67 5.42 -24.64
CA ILE A 120 -3.81 5.88 -23.55
C ILE A 120 -4.66 6.39 -22.39
N SER A 121 -5.72 7.14 -22.67
CA SER A 121 -6.56 7.72 -21.64
C SER A 121 -7.36 6.66 -20.86
N GLN A 122 -7.74 5.57 -21.51
CA GLN A 122 -8.56 4.56 -20.84
C GLN A 122 -7.77 3.82 -19.76
N VAL A 123 -6.46 3.66 -19.93
CA VAL A 123 -5.64 2.98 -18.93
C VAL A 123 -5.67 3.76 -17.62
N TYR A 124 -5.78 5.08 -17.69
CA TYR A 124 -5.85 5.89 -16.48
C TYR A 124 -7.16 5.68 -15.74
N THR A 125 -8.21 5.27 -16.43
CA THR A 125 -9.47 4.92 -15.78
C THR A 125 -9.46 3.50 -15.24
N GLN A 126 -8.72 2.59 -15.88
CA GLN A 126 -8.68 1.21 -15.44
C GLN A 126 -7.56 0.90 -14.45
N ASN A 127 -6.55 1.76 -14.33
CA ASN A 127 -5.47 1.62 -13.37
C ASN A 127 -5.46 2.82 -12.44
N ALA A 128 -5.26 2.58 -11.15
CA ALA A 128 -5.31 3.63 -10.14
C ALA A 128 -3.97 4.33 -9.95
N GLU A 129 -3.02 4.13 -10.86
CA GLU A 129 -1.72 4.81 -10.76
C GLU A 129 -1.90 6.32 -10.90
N MET A 130 -2.40 6.76 -12.06
CA MET A 130 -2.42 8.15 -12.44
C MET A 130 -3.86 8.64 -12.57
N ARG A 131 -4.04 9.94 -12.39
CA ARG A 131 -5.27 10.67 -12.55
C ARG A 131 -5.61 10.80 -14.03
N PRO A 132 -6.86 10.94 -14.44
CA PRO A 132 -7.15 11.30 -15.83
C PRO A 132 -6.83 12.76 -16.09
N LEU A 133 -6.79 13.11 -17.37
CA LEU A 133 -6.45 14.47 -17.74
C LEU A 133 -7.72 15.26 -18.01
N GLY A 134 -7.82 16.45 -17.39
CA GLY A 134 -8.99 17.28 -17.53
C GLY A 134 -8.91 18.13 -18.77
N CYS A 135 -8.96 17.46 -19.92
CA CYS A 135 -8.75 18.12 -21.20
C CYS A 135 -9.52 17.37 -22.28
N CYS A 136 -10.10 18.14 -23.19
CA CYS A 136 -10.65 17.61 -24.43
C CYS A 136 -9.69 17.94 -25.56
N MET A 137 -9.92 17.31 -26.70
CA MET A 137 -9.02 17.40 -27.84
C MET A 137 -9.83 17.25 -29.10
N ILE A 138 -9.71 18.22 -30.02
CA ILE A 138 -10.31 18.14 -31.34
C ILE A 138 -9.19 18.23 -32.36
N LEU A 139 -9.15 17.27 -33.28
CA LEU A 139 -8.16 17.19 -34.34
C LEU A 139 -8.82 17.43 -35.69
N ILE A 140 -8.00 17.79 -36.68
CA ILE A 140 -8.46 17.98 -38.05
C ILE A 140 -7.35 17.53 -38.99
N GLY A 141 -7.76 17.06 -40.15
CA GLY A 141 -6.80 16.60 -41.15
C GLY A 141 -7.52 16.14 -42.39
N ILE A 142 -6.76 16.08 -43.48
CA ILE A 142 -7.26 15.69 -44.80
C ILE A 142 -6.78 14.28 -45.08
N ASP A 143 -7.71 13.40 -45.44
CA ASP A 143 -7.42 12.00 -45.73
C ASP A 143 -7.32 11.79 -47.23
N GLU A 144 -6.74 10.65 -47.61
CA GLU A 144 -6.54 10.34 -49.03
C GLU A 144 -7.89 10.15 -49.73
N GLU A 145 -8.68 9.18 -49.26
CA GLU A 145 -9.97 8.84 -49.86
C GLU A 145 -11.15 9.42 -49.11
N GLN A 146 -11.06 9.50 -47.78
CA GLN A 146 -12.21 9.91 -46.97
C GLN A 146 -12.47 11.41 -47.01
N GLY A 147 -11.43 12.22 -47.28
CA GLY A 147 -11.58 13.65 -47.32
C GLY A 147 -11.25 14.29 -46.00
N PRO A 148 -11.72 15.53 -45.76
CA PRO A 148 -11.47 16.16 -44.47
C PRO A 148 -12.15 15.42 -43.33
N GLN A 149 -11.53 15.51 -42.15
CA GLN A 149 -11.93 14.74 -40.99
C GLN A 149 -11.90 15.63 -39.76
N VAL A 150 -12.89 15.46 -38.88
CA VAL A 150 -12.95 16.15 -37.60
C VAL A 150 -13.21 15.10 -36.54
N TYR A 151 -12.29 14.98 -35.58
CA TYR A 151 -12.30 13.92 -34.58
C TYR A 151 -12.09 14.53 -33.21
N LYS A 152 -12.80 13.98 -32.22
CA LYS A 152 -12.71 14.44 -30.84
C LYS A 152 -12.55 13.23 -29.91
N CYS A 153 -11.82 13.43 -28.83
CA CYS A 153 -11.61 12.38 -27.83
C CYS A 153 -11.76 12.97 -26.44
N ASP A 154 -12.07 12.09 -25.48
CA ASP A 154 -12.54 12.46 -24.16
C ASP A 154 -11.56 11.99 -23.08
N PRO A 155 -11.72 12.45 -21.82
CA PRO A 155 -10.89 11.89 -20.74
C PRO A 155 -11.14 10.42 -20.47
N ALA A 156 -12.27 9.88 -20.88
CA ALA A 156 -12.64 8.49 -20.60
C ALA A 156 -12.14 7.51 -21.66
N GLY A 157 -11.66 8.00 -22.80
CA GLY A 157 -11.29 7.14 -23.90
C GLY A 157 -12.37 6.94 -24.94
N TYR A 158 -13.37 7.82 -25.00
CA TYR A 158 -14.35 7.80 -26.07
C TYR A 158 -13.87 8.66 -27.21
N TYR A 159 -14.13 8.22 -28.44
CA TYR A 159 -13.75 8.99 -29.62
C TYR A 159 -14.77 8.75 -30.71
N CYS A 160 -14.93 9.76 -31.57
CA CYS A 160 -15.84 9.67 -32.70
C CYS A 160 -15.50 10.78 -33.68
N GLY A 161 -15.90 10.57 -34.93
CA GLY A 161 -15.83 11.60 -35.94
C GLY A 161 -17.07 12.46 -35.97
N PHE A 162 -16.91 13.69 -36.44
CA PHE A 162 -17.99 14.67 -36.43
C PHE A 162 -18.02 15.45 -37.74
N LYS A 163 -19.21 15.97 -38.06
CA LYS A 163 -19.32 17.03 -39.06
C LYS A 163 -19.03 18.38 -38.43
N ALA A 164 -19.52 18.59 -37.21
CA ALA A 164 -19.18 19.75 -36.41
C ALA A 164 -19.31 19.34 -34.95
N THR A 165 -18.63 20.07 -34.08
CA THR A 165 -18.71 19.83 -32.65
C THR A 165 -18.08 21.01 -31.92
N ALA A 166 -18.19 21.01 -30.60
CA ALA A 166 -17.62 22.05 -29.77
C ALA A 166 -17.09 21.41 -28.50
N ALA A 167 -16.31 22.19 -27.76
CA ALA A 167 -15.77 21.75 -26.48
C ALA A 167 -15.61 22.98 -25.60
N GLY A 168 -16.14 22.90 -24.38
CA GLY A 168 -16.04 23.97 -23.42
C GLY A 168 -17.34 24.24 -22.69
N VAL A 169 -17.52 25.47 -22.23
CA VAL A 169 -18.68 25.79 -21.41
C VAL A 169 -19.92 25.90 -22.28
N LYS A 170 -19.83 26.68 -23.36
CA LYS A 170 -20.94 26.85 -24.30
C LYS A 170 -20.83 25.79 -25.39
N GLN A 171 -21.17 24.55 -24.99
CA GLN A 171 -21.09 23.39 -25.86
C GLN A 171 -22.45 22.84 -26.25
N THR A 172 -23.43 22.89 -25.35
CA THR A 172 -24.80 22.49 -25.70
C THR A 172 -25.46 23.56 -26.57
N GLU A 173 -25.35 24.82 -26.15
CA GLU A 173 -25.87 25.94 -26.91
C GLU A 173 -25.05 26.24 -28.16
N SER A 174 -23.92 25.56 -28.36
CA SER A 174 -23.22 25.58 -29.63
C SER A 174 -23.64 24.45 -30.53
N THR A 175 -23.82 23.25 -29.98
CA THR A 175 -24.28 22.10 -30.75
C THR A 175 -25.75 22.20 -31.13
N SER A 176 -26.51 23.12 -30.53
CA SER A 176 -27.85 23.43 -31.01
C SER A 176 -27.81 24.31 -32.25
N PHE A 177 -27.04 25.39 -32.19
CA PHE A 177 -26.75 26.20 -33.37
C PHE A 177 -26.26 25.34 -34.53
N LEU A 178 -25.29 24.46 -34.26
CA LEU A 178 -24.67 23.70 -35.32
C LEU A 178 -25.62 22.67 -35.91
N GLU A 179 -26.38 21.97 -35.07
CA GLU A 179 -27.32 21.00 -35.62
C GLU A 179 -28.49 21.68 -36.31
N LYS A 180 -28.80 22.93 -35.95
CA LYS A 180 -29.81 23.67 -36.69
C LYS A 180 -29.30 24.10 -38.06
N LYS A 181 -28.03 24.46 -38.17
CA LYS A 181 -27.46 24.85 -39.46
C LYS A 181 -27.11 23.67 -40.36
N VAL A 182 -26.78 22.51 -39.79
CA VAL A 182 -26.28 21.41 -40.60
C VAL A 182 -27.39 20.76 -41.41
N LYS A 183 -28.63 20.77 -40.90
CA LYS A 183 -29.70 20.02 -41.56
C LYS A 183 -30.04 20.59 -42.93
N LYS A 184 -29.94 21.90 -43.12
CA LYS A 184 -30.31 22.49 -44.40
C LYS A 184 -29.36 22.05 -45.52
N LYS A 185 -28.13 21.67 -45.19
CA LYS A 185 -27.22 21.04 -46.15
C LYS A 185 -26.92 21.96 -47.34
N PHE A 186 -26.45 23.17 -47.03
CA PHE A 186 -26.08 24.09 -48.08
C PHE A 186 -24.77 23.65 -48.73
N ASP A 187 -24.38 24.37 -49.79
CA ASP A 187 -23.13 24.06 -50.48
C ASP A 187 -21.95 24.47 -49.61
N TRP A 188 -21.41 23.51 -48.86
CA TRP A 188 -20.34 23.80 -47.92
C TRP A 188 -19.10 24.31 -48.64
N THR A 189 -18.51 25.37 -48.09
CA THR A 189 -17.30 25.97 -48.66
C THR A 189 -16.39 26.45 -47.52
N PHE A 190 -15.20 26.89 -47.90
CA PHE A 190 -14.25 27.47 -46.96
C PHE A 190 -14.87 28.65 -46.22
N GLU A 191 -15.37 29.62 -46.98
CA GLU A 191 -15.90 30.85 -46.39
C GLU A 191 -17.15 30.58 -45.57
N GLN A 192 -18.06 29.75 -46.09
CA GLN A 192 -19.24 29.38 -45.33
C GLN A 192 -18.86 28.68 -44.03
N THR A 193 -17.86 27.81 -44.08
CA THR A 193 -17.42 27.08 -42.89
C THR A 193 -16.91 28.05 -41.82
N VAL A 194 -15.99 28.94 -42.19
CA VAL A 194 -15.42 29.86 -41.21
C VAL A 194 -16.49 30.80 -40.69
N GLU A 195 -17.38 31.27 -41.57
CA GLU A 195 -18.49 32.13 -41.13
C GLU A 195 -19.40 31.40 -40.16
N THR A 196 -19.69 30.12 -40.41
CA THR A 196 -20.53 29.34 -39.50
C THR A 196 -19.88 29.22 -38.13
N ALA A 197 -18.59 28.89 -38.09
CA ALA A 197 -17.90 28.76 -36.81
C ALA A 197 -17.89 30.07 -36.03
N ILE A 198 -17.55 31.18 -36.70
CA ILE A 198 -17.49 32.46 -36.01
C ILE A 198 -18.87 32.91 -35.56
N THR A 199 -19.90 32.65 -36.37
CA THR A 199 -21.25 33.02 -35.97
C THR A 199 -21.71 32.20 -34.78
N CYS A 200 -21.36 30.92 -34.71
CA CYS A 200 -21.69 30.11 -33.54
C CYS A 200 -21.03 30.68 -32.29
N LEU A 201 -19.72 30.93 -32.36
CA LEU A 201 -19.00 31.44 -31.20
C LEU A 201 -19.46 32.84 -30.82
N SER A 202 -19.97 33.62 -31.77
CA SER A 202 -20.49 34.95 -31.46
C SER A 202 -21.86 34.85 -30.81
N THR A 203 -22.71 33.95 -31.31
CA THR A 203 -24.06 33.81 -30.76
C THR A 203 -24.03 33.29 -29.34
N VAL A 204 -23.24 32.25 -29.08
CA VAL A 204 -23.28 31.65 -27.74
C VAL A 204 -22.60 32.55 -26.72
N LEU A 205 -21.65 33.39 -27.15
CA LEU A 205 -20.96 34.31 -26.25
C LEU A 205 -21.50 35.74 -26.31
N SER A 206 -22.00 36.16 -27.47
CA SER A 206 -22.56 37.51 -27.64
C SER A 206 -21.52 38.59 -27.32
N ILE A 207 -20.46 38.61 -28.13
CA ILE A 207 -19.25 39.38 -27.82
C ILE A 207 -18.79 40.29 -28.95
N ASP A 208 -19.26 40.13 -30.19
CA ASP A 208 -18.85 40.99 -31.28
C ASP A 208 -17.34 40.97 -31.49
N PHE A 209 -16.84 39.82 -31.95
CA PHE A 209 -15.41 39.51 -31.87
C PHE A 209 -14.52 40.54 -32.55
N LYS A 210 -13.31 40.66 -32.02
CA LYS A 210 -12.17 41.28 -32.67
C LYS A 210 -11.30 40.22 -33.31
N PRO A 211 -10.36 40.61 -34.18
CA PRO A 211 -9.37 39.61 -34.65
C PRO A 211 -8.39 39.19 -33.57
N SER A 212 -8.28 39.96 -32.48
CA SER A 212 -7.35 39.62 -31.42
C SER A 212 -7.94 38.62 -30.44
N GLU A 213 -9.27 38.56 -30.36
CA GLU A 213 -9.94 37.73 -29.35
C GLU A 213 -10.18 36.30 -29.80
N ILE A 214 -9.75 35.91 -31.01
CA ILE A 214 -9.89 34.54 -31.49
C ILE A 214 -8.64 34.16 -32.28
N GLU A 215 -8.45 32.85 -32.42
CA GLU A 215 -7.40 32.28 -33.25
C GLU A 215 -8.03 31.14 -34.04
N VAL A 216 -7.70 31.09 -35.33
CA VAL A 216 -8.37 30.20 -36.27
C VAL A 216 -7.30 29.39 -36.99
N GLY A 217 -7.42 28.06 -36.89
CA GLY A 217 -6.58 27.14 -37.64
C GLY A 217 -7.44 26.42 -38.68
N VAL A 218 -6.85 26.20 -39.85
CA VAL A 218 -7.59 25.68 -41.00
C VAL A 218 -6.74 24.63 -41.71
N VAL A 219 -7.42 23.78 -42.48
CA VAL A 219 -6.79 22.78 -43.31
C VAL A 219 -7.74 22.49 -44.47
N THR A 220 -7.17 22.36 -45.67
CA THR A 220 -7.96 22.28 -46.90
C THR A 220 -7.36 21.22 -47.82
N VAL A 221 -8.17 20.78 -48.78
CA VAL A 221 -7.73 19.77 -49.73
C VAL A 221 -6.71 20.35 -50.69
N GLU A 222 -6.84 21.65 -51.02
CA GLU A 222 -5.83 22.32 -51.83
C GLU A 222 -4.49 22.33 -51.10
N ASN A 223 -4.45 22.95 -49.92
CA ASN A 223 -3.27 22.96 -49.06
C ASN A 223 -3.55 22.12 -47.83
N PRO A 224 -3.08 20.86 -47.76
CA PRO A 224 -3.35 20.06 -46.56
C PRO A 224 -2.53 20.45 -45.35
N LYS A 225 -1.63 21.42 -45.47
CA LYS A 225 -0.81 21.83 -44.34
C LYS A 225 -1.62 22.69 -43.38
N PHE A 226 -1.67 22.28 -42.11
CA PHE A 226 -2.28 23.09 -41.08
C PHE A 226 -1.56 24.42 -40.95
N ARG A 227 -2.33 25.50 -40.90
CA ARG A 227 -1.78 26.84 -40.74
C ARG A 227 -2.70 27.63 -39.80
N ILE A 228 -2.07 28.33 -38.85
CA ILE A 228 -2.79 29.19 -37.92
C ILE A 228 -2.85 30.58 -38.54
N LEU A 229 -4.04 31.17 -38.53
CA LEU A 229 -4.27 32.39 -39.29
C LEU A 229 -3.74 33.61 -38.53
N THR A 230 -3.58 34.70 -39.28
CA THR A 230 -3.15 35.98 -38.75
C THR A 230 -4.35 36.86 -38.46
N GLU A 231 -4.12 37.90 -37.66
CA GLU A 231 -5.18 38.88 -37.38
C GLU A 231 -5.59 39.62 -38.63
N ALA A 232 -4.67 39.78 -39.59
CA ALA A 232 -4.97 40.43 -40.85
C ALA A 232 -5.80 39.56 -41.79
N GLU A 233 -5.97 38.27 -41.48
CA GLU A 233 -6.77 37.36 -42.29
C GLU A 233 -8.08 36.97 -41.61
N ILE A 234 -8.18 37.14 -40.29
CA ILE A 234 -9.45 36.95 -39.61
C ILE A 234 -10.37 38.15 -39.83
N ASP A 235 -9.76 39.34 -39.98
CA ASP A 235 -10.53 40.54 -40.24
C ASP A 235 -11.30 40.45 -41.55
N ALA A 236 -10.70 39.81 -42.55
CA ALA A 236 -11.36 39.66 -43.85
C ALA A 236 -12.66 38.87 -43.73
N HIS A 237 -12.69 37.85 -42.87
CA HIS A 237 -13.91 37.08 -42.65
C HIS A 237 -14.86 37.78 -41.68
N LEU A 238 -14.31 38.56 -40.74
CA LEU A 238 -15.17 39.25 -39.77
C LEU A 238 -15.97 40.37 -40.43
N VAL A 239 -15.36 41.11 -41.36
CA VAL A 239 -16.06 42.23 -41.98
C VAL A 239 -17.25 41.72 -42.79
N ALA A 240 -17.07 40.60 -43.50
CA ALA A 240 -18.14 40.05 -44.32
C ALA A 240 -19.38 39.66 -43.52
N LEU A 241 -19.22 39.41 -42.21
CA LEU A 241 -20.37 39.03 -41.40
C LEU A 241 -21.32 40.19 -41.19
N ALA A 242 -20.79 41.38 -40.89
CA ALA A 242 -21.64 42.53 -40.62
C ALA A 242 -22.47 42.92 -41.83
N GLU A 243 -21.99 42.62 -43.04
CA GLU A 243 -22.72 42.96 -44.25
C GLU A 243 -24.08 42.25 -44.30
N ARG A 244 -24.06 40.92 -44.29
CA ARG A 244 -25.28 40.12 -44.30
C ARG A 244 -25.13 38.87 -43.46
N PHE B 7 -16.25 -2.40 -1.56
CA PHE B 7 -15.31 -1.50 -2.19
C PHE B 7 -14.14 -2.27 -2.80
N SER B 8 -13.49 -3.10 -1.97
CA SER B 8 -12.32 -3.83 -2.42
C SER B 8 -12.73 -5.07 -3.19
N LEU B 9 -11.83 -5.50 -4.08
CA LEU B 9 -12.08 -6.62 -4.98
C LEU B 9 -11.45 -7.92 -4.50
N THR B 10 -10.38 -7.87 -3.72
CA THR B 10 -9.81 -9.05 -3.09
C THR B 10 -10.40 -9.26 -1.70
N THR B 11 -11.73 -9.33 -1.65
CA THR B 11 -12.44 -9.44 -0.39
C THR B 11 -13.77 -10.12 -0.66
N PHE B 12 -14.07 -11.15 0.14
CA PHE B 12 -15.36 -11.82 0.10
C PHE B 12 -16.30 -11.17 1.12
N SER B 13 -17.59 -11.26 0.84
CA SER B 13 -18.60 -10.94 1.83
C SER B 13 -18.91 -12.18 2.66
N PRO B 14 -19.50 -12.03 3.85
CA PRO B 14 -19.85 -13.21 4.64
C PRO B 14 -20.81 -14.15 3.94
N SER B 15 -21.73 -13.62 3.13
CA SER B 15 -22.55 -14.48 2.28
C SER B 15 -21.73 -15.23 1.23
N GLY B 16 -20.56 -14.72 0.87
CA GLY B 16 -19.72 -15.36 -0.12
C GLY B 16 -19.94 -14.81 -1.51
N LYS B 17 -19.92 -13.49 -1.64
CA LYS B 17 -20.18 -12.81 -2.89
C LYS B 17 -19.06 -11.84 -3.19
N LEU B 18 -18.83 -11.60 -4.49
CA LEU B 18 -17.86 -10.62 -4.97
C LEU B 18 -18.66 -9.42 -5.49
N VAL B 19 -18.55 -8.29 -4.79
CA VAL B 19 -19.51 -7.21 -4.97
C VAL B 19 -19.13 -6.33 -6.15
N GLN B 20 -17.84 -6.05 -6.33
CA GLN B 20 -17.43 -5.22 -7.45
C GLN B 20 -17.68 -5.90 -8.79
N ILE B 21 -17.65 -7.23 -8.84
CA ILE B 21 -18.04 -7.93 -10.06
C ILE B 21 -19.54 -7.76 -10.32
N GLU B 22 -20.36 -7.88 -9.26
CA GLU B 22 -21.78 -7.65 -9.39
C GLU B 22 -22.10 -6.24 -9.85
N TYR B 23 -21.29 -5.26 -9.44
CA TYR B 23 -21.47 -3.88 -9.88
C TYR B 23 -20.90 -3.63 -11.27
N ALA B 24 -19.93 -4.41 -11.71
CA ALA B 24 -19.47 -4.32 -13.09
C ALA B 24 -20.50 -4.89 -14.05
N LEU B 25 -21.23 -5.92 -13.62
CA LEU B 25 -22.34 -6.42 -14.43
C LEU B 25 -23.48 -5.42 -14.52
N ALA B 26 -23.64 -4.55 -13.52
CA ALA B 26 -24.64 -3.49 -13.59
C ALA B 26 -24.31 -2.47 -14.67
N ALA B 27 -23.03 -2.32 -15.03
CA ALA B 27 -22.66 -1.46 -16.14
C ALA B 27 -22.92 -2.11 -17.49
N VAL B 28 -22.95 -3.44 -17.52
CA VAL B 28 -23.36 -4.15 -18.73
C VAL B 28 -24.87 -4.08 -18.90
N ALA B 29 -25.60 -4.17 -17.80
CA ALA B 29 -27.05 -4.15 -17.82
C ALA B 29 -27.64 -2.77 -18.15
N GLY B 30 -26.81 -1.75 -18.36
CA GLY B 30 -27.27 -0.42 -18.72
C GLY B 30 -26.75 0.09 -20.05
N GLY B 31 -26.06 -0.77 -20.80
CA GLY B 31 -25.58 -0.41 -22.12
C GLY B 31 -26.63 -0.69 -23.19
N ALA B 32 -26.26 -0.37 -24.43
CA ALA B 32 -27.20 -0.49 -25.52
C ALA B 32 -27.54 -1.97 -25.76
N PRO B 33 -28.77 -2.29 -26.18
CA PRO B 33 -29.11 -3.70 -26.39
C PRO B 33 -28.26 -4.34 -27.48
N SER B 34 -28.18 -5.67 -27.41
CA SER B 34 -27.44 -6.47 -28.38
C SER B 34 -28.11 -7.82 -28.48
N VAL B 35 -28.36 -8.28 -29.71
CA VAL B 35 -29.06 -9.53 -29.96
C VAL B 35 -28.08 -10.54 -30.52
N GLY B 36 -28.38 -11.81 -30.28
CA GLY B 36 -27.59 -12.91 -30.80
C GLY B 36 -28.46 -14.11 -31.10
N ILE B 37 -28.38 -14.64 -32.31
CA ILE B 37 -29.16 -15.79 -32.73
C ILE B 37 -28.25 -16.72 -33.52
N LYS B 38 -28.35 -18.01 -33.24
CA LYS B 38 -27.58 -19.05 -33.91
C LYS B 38 -28.52 -19.89 -34.75
N ALA B 39 -28.56 -19.61 -36.05
CA ALA B 39 -29.35 -20.40 -36.98
C ALA B 39 -28.59 -21.68 -37.32
N ALA B 40 -29.11 -22.45 -38.26
CA ALA B 40 -28.49 -23.71 -38.63
C ALA B 40 -27.24 -23.49 -39.50
N ASN B 41 -27.26 -22.46 -40.34
CA ASN B 41 -26.20 -22.18 -41.29
C ASN B 41 -25.60 -20.80 -41.08
N GLY B 42 -25.62 -20.29 -39.85
CA GLY B 42 -25.06 -18.98 -39.59
C GLY B 42 -25.38 -18.50 -38.20
N VAL B 43 -24.79 -17.35 -37.87
CA VAL B 43 -25.01 -16.66 -36.61
C VAL B 43 -25.17 -15.18 -36.91
N VAL B 44 -26.09 -14.54 -36.20
CA VAL B 44 -26.39 -13.13 -36.39
C VAL B 44 -25.98 -12.37 -35.13
N LEU B 45 -25.49 -11.15 -35.34
CA LEU B 45 -25.19 -10.22 -34.27
C LEU B 45 -25.74 -8.86 -34.67
N ALA B 46 -26.56 -8.29 -33.79
CA ALA B 46 -27.23 -7.03 -34.05
C ALA B 46 -27.24 -6.21 -32.77
N THR B 47 -27.18 -4.90 -32.92
CA THR B 47 -27.12 -4.01 -31.76
C THR B 47 -27.62 -2.62 -32.16
N GLU B 48 -27.88 -1.82 -31.14
CA GLU B 48 -28.37 -0.46 -31.32
C GLU B 48 -27.18 0.49 -31.36
N LYS B 49 -27.02 1.19 -32.48
CA LYS B 49 -25.99 2.20 -32.68
C LYS B 49 -26.68 3.53 -32.93
N LYS B 50 -27.06 4.21 -31.86
CA LYS B 50 -27.81 5.45 -31.92
C LYS B 50 -26.99 6.60 -31.37
N GLN B 51 -27.09 7.75 -32.02
CA GLN B 51 -26.26 8.91 -31.72
C GLN B 51 -27.09 10.01 -31.07
N LYS B 52 -26.41 10.88 -30.32
CA LYS B 52 -27.04 11.96 -29.58
C LYS B 52 -27.26 13.21 -30.42
N SER B 53 -26.96 13.18 -31.72
CA SER B 53 -27.12 14.34 -32.56
C SER B 53 -26.88 13.94 -34.01
N ILE B 54 -27.29 14.82 -34.92
CA ILE B 54 -27.03 14.61 -36.35
C ILE B 54 -25.58 14.89 -36.72
N LEU B 55 -24.76 15.38 -35.78
CA LEU B 55 -23.38 15.74 -36.07
C LEU B 55 -22.45 14.54 -36.03
N TYR B 56 -22.75 13.54 -35.20
CA TYR B 56 -21.91 12.37 -35.08
C TYR B 56 -21.88 11.61 -36.41
N ASP B 57 -20.68 11.37 -36.92
CA ASP B 57 -20.48 10.59 -38.13
C ASP B 57 -20.48 9.12 -37.76
N GLU B 58 -21.50 8.39 -38.20
CA GLU B 58 -21.68 7.00 -37.79
C GLU B 58 -20.79 6.03 -38.57
N ARG B 59 -20.14 6.50 -39.64
CA ARG B 59 -19.27 5.65 -40.45
C ARG B 59 -17.82 5.67 -39.98
N SER B 60 -17.60 5.93 -38.69
CA SER B 60 -16.26 6.10 -38.12
C SER B 60 -15.95 5.15 -36.98
N VAL B 61 -16.98 4.69 -36.26
CA VAL B 61 -16.83 3.77 -35.14
C VAL B 61 -17.85 2.66 -35.31
N HIS B 62 -17.53 1.48 -34.79
CA HIS B 62 -18.31 0.28 -35.04
C HIS B 62 -18.45 -0.51 -33.76
N LYS B 63 -19.69 -0.89 -33.44
CA LYS B 63 -19.97 -1.82 -32.37
C LYS B 63 -19.84 -3.27 -32.81
N VAL B 64 -19.87 -3.52 -34.11
CA VAL B 64 -19.64 -4.85 -34.69
C VAL B 64 -18.28 -4.82 -35.36
N GLU B 65 -17.37 -5.68 -34.90
CA GLU B 65 -15.99 -5.68 -35.32
C GLU B 65 -15.53 -7.11 -35.64
N PRO B 66 -14.67 -7.30 -36.65
CA PRO B 66 -14.10 -8.63 -36.88
C PRO B 66 -12.82 -8.87 -36.12
N ILE B 67 -12.63 -10.13 -35.72
CA ILE B 67 -11.41 -10.60 -35.08
C ILE B 67 -10.56 -11.32 -36.12
N THR B 68 -11.22 -12.12 -36.94
CA THR B 68 -10.56 -12.88 -38.00
C THR B 68 -11.52 -12.91 -39.19
N LYS B 69 -11.21 -13.73 -40.19
CA LYS B 69 -12.12 -13.97 -41.29
C LYS B 69 -13.40 -14.65 -40.84
N HIS B 70 -13.39 -15.36 -39.70
CA HIS B 70 -14.48 -16.23 -39.30
C HIS B 70 -14.93 -16.01 -37.86
N ILE B 71 -14.52 -14.92 -37.20
CA ILE B 71 -14.94 -14.60 -35.85
C ILE B 71 -15.29 -13.12 -35.79
N GLY B 72 -16.32 -12.79 -35.00
CA GLY B 72 -16.78 -11.42 -34.87
C GLY B 72 -17.40 -11.18 -33.51
N LEU B 73 -17.61 -9.89 -33.21
CA LEU B 73 -17.95 -9.45 -31.87
C LEU B 73 -19.07 -8.41 -31.88
N VAL B 74 -19.79 -8.37 -30.75
CA VAL B 74 -20.53 -7.21 -30.30
C VAL B 74 -20.38 -7.12 -28.78
N TYR B 75 -20.90 -6.04 -28.20
CA TYR B 75 -20.79 -5.83 -26.77
C TYR B 75 -21.97 -5.02 -26.27
N SER B 76 -22.11 -5.00 -24.95
CA SER B 76 -23.02 -4.10 -24.26
C SER B 76 -22.27 -3.51 -23.08
N GLY B 77 -22.25 -2.18 -22.99
CA GLY B 77 -21.56 -1.49 -21.92
C GLY B 77 -20.64 -0.37 -22.37
N MET B 78 -19.35 -0.52 -22.11
CA MET B 78 -18.36 0.53 -22.28
C MET B 78 -17.51 0.26 -23.51
N GLY B 79 -17.47 1.21 -24.44
CA GLY B 79 -16.70 1.08 -25.65
C GLY B 79 -15.19 1.18 -25.46
N PRO B 80 -14.74 2.09 -24.58
CA PRO B 80 -13.33 2.07 -24.21
C PRO B 80 -12.84 0.71 -23.72
N ASP B 81 -13.61 0.05 -22.86
CA ASP B 81 -13.26 -1.30 -22.44
C ASP B 81 -13.33 -2.29 -23.59
N TYR B 82 -14.24 -2.07 -24.55
CA TYR B 82 -14.37 -2.96 -25.69
C TYR B 82 -13.15 -2.92 -26.59
N ARG B 83 -12.58 -1.73 -26.79
CA ARG B 83 -11.45 -1.59 -27.71
C ARG B 83 -10.19 -2.27 -27.19
N VAL B 84 -10.12 -2.57 -25.90
CA VAL B 84 -8.98 -3.31 -25.36
C VAL B 84 -9.13 -4.79 -25.69
N LEU B 85 -10.32 -5.34 -25.44
CA LEU B 85 -10.54 -6.76 -25.66
C LEU B 85 -10.56 -7.11 -27.15
N VAL B 86 -11.00 -6.19 -28.01
CA VAL B 86 -10.87 -6.39 -29.45
C VAL B 86 -9.41 -6.61 -29.83
N HIS B 87 -8.53 -5.71 -29.38
CA HIS B 87 -7.11 -5.82 -29.66
C HIS B 87 -6.52 -7.11 -29.10
N ARG B 88 -6.87 -7.45 -27.86
CA ARG B 88 -6.34 -8.66 -27.24
C ARG B 88 -6.78 -9.91 -28.00
N ALA B 89 -8.05 -9.98 -28.39
CA ALA B 89 -8.53 -11.14 -29.13
C ALA B 89 -7.86 -11.24 -30.49
N ARG B 90 -7.66 -10.11 -31.18
CA ARG B 90 -6.98 -10.12 -32.45
C ARG B 90 -5.53 -10.55 -32.32
N LYS B 91 -4.87 -10.24 -31.20
CA LYS B 91 -3.52 -10.73 -30.98
C LYS B 91 -3.50 -12.22 -30.65
N LEU B 92 -4.40 -12.68 -29.80
CA LEU B 92 -4.41 -14.08 -29.42
C LEU B 92 -4.70 -14.99 -30.60
N ALA B 93 -5.62 -14.58 -31.49
CA ALA B 93 -5.85 -15.34 -32.71
C ALA B 93 -4.58 -15.47 -33.54
N GLN B 94 -3.79 -14.39 -33.62
CA GLN B 94 -2.57 -14.43 -34.41
C GLN B 94 -1.48 -15.26 -33.75
N GLN B 95 -1.41 -15.25 -32.42
CA GLN B 95 -0.52 -16.16 -31.71
C GLN B 95 -0.85 -17.61 -32.03
N TYR B 96 -2.14 -17.95 -31.95
CA TYR B 96 -2.57 -19.30 -32.27
C TYR B 96 -2.18 -19.67 -33.71
N TYR B 97 -2.43 -18.76 -34.65
CA TYR B 97 -2.06 -19.02 -36.04
C TYR B 97 -0.56 -19.17 -36.20
N LEU B 98 0.22 -18.34 -35.51
CA LEU B 98 1.67 -18.41 -35.62
C LEU B 98 2.21 -19.73 -35.13
N VAL B 99 1.63 -20.28 -34.07
CA VAL B 99 2.08 -21.59 -33.58
C VAL B 99 1.58 -22.71 -34.47
N TYR B 100 0.27 -22.79 -34.72
CA TYR B 100 -0.34 -23.94 -35.36
C TYR B 100 -0.65 -23.75 -36.85
N GLN B 101 -0.60 -22.52 -37.35
CA GLN B 101 -0.91 -22.23 -38.76
C GLN B 101 -2.31 -22.68 -39.15
N GLU B 102 -3.23 -22.71 -38.17
CA GLU B 102 -4.64 -23.00 -38.34
C GLU B 102 -5.45 -21.87 -37.72
N PRO B 103 -6.56 -21.44 -38.32
CA PRO B 103 -7.36 -20.38 -37.68
C PRO B 103 -7.94 -20.85 -36.35
N ILE B 104 -7.94 -19.95 -35.38
CA ILE B 104 -8.28 -20.29 -34.00
C ILE B 104 -9.74 -20.73 -33.93
N PRO B 105 -10.08 -21.78 -33.19
CA PRO B 105 -11.51 -22.08 -32.98
C PRO B 105 -12.17 -21.03 -32.11
N THR B 106 -13.50 -20.99 -32.20
CA THR B 106 -14.26 -19.95 -31.53
C THR B 106 -14.31 -20.15 -30.02
N ALA B 107 -14.15 -21.40 -29.55
CA ALA B 107 -14.16 -21.67 -28.12
C ALA B 107 -12.83 -21.35 -27.45
N GLN B 108 -11.71 -21.62 -28.12
CA GLN B 108 -10.41 -21.32 -27.51
C GLN B 108 -10.20 -19.82 -27.37
N LEU B 109 -10.70 -19.04 -28.32
CA LEU B 109 -10.62 -17.59 -28.19
C LEU B 109 -11.44 -17.11 -26.99
N VAL B 110 -12.63 -17.68 -26.79
CA VAL B 110 -13.45 -17.30 -25.64
C VAL B 110 -12.74 -17.64 -24.34
N GLN B 111 -12.11 -18.82 -24.28
CA GLN B 111 -11.34 -19.19 -23.10
C GLN B 111 -10.21 -18.20 -22.85
N ARG B 112 -9.41 -17.93 -23.88
CA ARG B 112 -8.23 -17.07 -23.71
C ARG B 112 -8.62 -15.62 -23.45
N VAL B 113 -9.82 -15.22 -23.85
CA VAL B 113 -10.29 -13.86 -23.59
C VAL B 113 -10.91 -13.73 -22.20
N ALA B 114 -11.64 -14.76 -21.76
CA ALA B 114 -12.08 -14.80 -20.38
C ALA B 114 -10.90 -14.86 -19.41
N SER B 115 -9.79 -15.46 -19.82
CA SER B 115 -8.57 -15.36 -19.02
C SER B 115 -8.11 -13.92 -18.88
N VAL B 116 -8.20 -13.11 -19.95
CA VAL B 116 -7.83 -11.71 -19.86
C VAL B 116 -8.79 -10.96 -18.96
N MET B 117 -10.09 -11.22 -19.10
CA MET B 117 -11.07 -10.62 -18.20
C MET B 117 -10.88 -11.03 -16.75
N GLN B 118 -10.34 -12.23 -16.50
CA GLN B 118 -10.05 -12.70 -15.16
C GLN B 118 -8.76 -12.11 -14.61
N GLU B 119 -7.82 -11.74 -15.47
CA GLU B 119 -6.61 -11.05 -15.00
C GLU B 119 -6.97 -9.77 -14.26
N TYR B 120 -8.08 -9.13 -14.63
CA TYR B 120 -8.49 -7.85 -14.08
C TYR B 120 -9.50 -7.98 -12.94
N THR B 121 -9.56 -9.16 -12.31
CA THR B 121 -10.47 -9.42 -11.20
C THR B 121 -9.77 -9.80 -9.91
N GLN B 122 -8.45 -9.96 -9.92
CA GLN B 122 -7.69 -10.55 -8.83
C GLN B 122 -6.72 -9.60 -8.16
N SER B 123 -6.29 -8.55 -8.85
CA SER B 123 -5.39 -7.56 -8.27
C SER B 123 -6.17 -6.40 -7.68
N GLY B 124 -5.56 -5.78 -6.66
CA GLY B 124 -5.98 -4.45 -6.25
C GLY B 124 -5.36 -3.39 -7.13
N GLY B 125 -6.04 -2.25 -7.23
CA GLY B 125 -5.62 -1.19 -8.12
C GLY B 125 -6.09 -1.34 -9.54
N VAL B 126 -6.97 -2.30 -9.82
CA VAL B 126 -7.55 -2.50 -11.14
C VAL B 126 -9.04 -2.78 -10.97
N ARG B 127 -9.86 -2.20 -11.86
CA ARG B 127 -11.28 -2.51 -11.88
C ARG B 127 -11.56 -3.54 -12.97
N PRO B 128 -12.60 -4.35 -12.86
CA PRO B 128 -12.95 -5.25 -13.97
C PRO B 128 -13.46 -4.47 -15.17
N PHE B 129 -13.67 -5.21 -16.25
CA PHE B 129 -14.26 -4.63 -17.45
C PHE B 129 -15.75 -4.40 -17.25
N GLY B 130 -16.25 -3.33 -17.84
CA GLY B 130 -17.67 -3.02 -17.81
C GLY B 130 -18.36 -3.43 -19.09
N VAL B 131 -17.95 -4.57 -19.65
CA VAL B 131 -18.51 -5.07 -20.90
C VAL B 131 -18.76 -6.57 -20.78
N SER B 132 -19.82 -7.01 -21.44
CA SER B 132 -19.99 -8.40 -21.83
C SER B 132 -19.91 -8.48 -23.34
N LEU B 133 -19.51 -9.64 -23.84
CA LEU B 133 -19.24 -9.86 -25.25
C LEU B 133 -20.17 -10.93 -25.77
N LEU B 134 -20.40 -10.92 -27.08
CA LEU B 134 -21.02 -12.01 -27.80
C LEU B 134 -20.13 -12.37 -28.97
N ILE B 135 -19.68 -13.62 -29.01
CA ILE B 135 -18.62 -14.06 -29.91
C ILE B 135 -19.22 -15.11 -30.85
N CYS B 136 -19.31 -14.76 -32.13
CA CYS B 136 -19.86 -15.64 -33.15
C CYS B 136 -18.72 -16.24 -33.96
N GLY B 137 -18.95 -17.46 -34.47
CA GLY B 137 -17.94 -18.13 -35.25
C GLY B 137 -18.54 -19.17 -36.17
N TRP B 138 -17.66 -19.75 -36.99
CA TRP B 138 -18.02 -20.81 -37.93
C TRP B 138 -16.78 -21.70 -38.09
N ASN B 139 -16.77 -22.82 -37.36
CA ASN B 139 -15.62 -23.73 -37.35
C ASN B 139 -16.11 -25.16 -37.39
N GLU B 140 -15.50 -25.98 -38.25
CA GLU B 140 -15.80 -27.40 -38.34
C GLU B 140 -17.22 -27.64 -38.85
N GLY B 141 -17.67 -26.78 -39.77
CA GLY B 141 -18.99 -26.96 -40.34
C GLY B 141 -20.13 -26.80 -39.36
N ARG B 142 -19.94 -26.00 -38.30
CA ARG B 142 -20.95 -25.78 -37.29
C ARG B 142 -20.86 -24.33 -36.82
N PRO B 143 -21.97 -23.67 -36.51
CA PRO B 143 -21.91 -22.34 -35.93
C PRO B 143 -21.77 -22.37 -34.41
N TYR B 144 -21.28 -21.25 -33.88
CA TYR B 144 -21.05 -21.10 -32.45
C TYR B 144 -21.44 -19.70 -32.01
N LEU B 145 -21.86 -19.59 -30.75
CA LEU B 145 -22.17 -18.31 -30.14
C LEU B 145 -21.93 -18.43 -28.64
N PHE B 146 -21.11 -17.53 -28.10
CA PHE B 146 -20.72 -17.52 -26.71
C PHE B 146 -21.03 -16.16 -26.10
N GLN B 147 -20.85 -16.06 -24.78
CA GLN B 147 -21.18 -14.84 -24.06
C GLN B 147 -20.22 -14.70 -22.87
N SER B 148 -19.16 -13.91 -23.05
CA SER B 148 -18.15 -13.69 -22.03
C SER B 148 -18.57 -12.54 -21.12
N ASP B 149 -18.28 -12.69 -19.83
CA ASP B 149 -18.69 -11.75 -18.80
C ASP B 149 -17.46 -11.17 -18.10
N PRO B 150 -17.60 -10.06 -17.37
CA PRO B 150 -16.44 -9.51 -16.65
C PRO B 150 -15.85 -10.43 -15.61
N SER B 151 -16.62 -11.41 -15.11
CA SER B 151 -16.10 -12.28 -14.06
C SER B 151 -14.98 -13.17 -14.57
N GLY B 152 -14.94 -13.45 -15.86
CA GLY B 152 -14.13 -14.51 -16.42
C GLY B 152 -14.91 -15.75 -16.76
N ALA B 153 -16.23 -15.65 -16.90
CA ALA B 153 -17.12 -16.77 -17.14
C ALA B 153 -17.77 -16.61 -18.51
N TYR B 154 -17.92 -17.73 -19.21
CA TYR B 154 -18.51 -17.74 -20.54
C TYR B 154 -19.62 -18.77 -20.60
N PHE B 155 -20.56 -18.52 -21.51
CA PHE B 155 -21.74 -19.35 -21.69
C PHE B 155 -22.00 -19.50 -23.17
N ALA B 156 -22.22 -20.74 -23.62
CA ALA B 156 -22.63 -21.00 -24.98
C ALA B 156 -24.14 -20.91 -25.09
N TRP B 157 -24.62 -20.14 -26.05
CA TRP B 157 -26.04 -19.86 -26.22
C TRP B 157 -26.48 -20.29 -27.60
N LYS B 158 -27.79 -20.56 -27.71
CA LYS B 158 -28.46 -20.68 -28.99
C LYS B 158 -29.09 -19.36 -29.40
N ALA B 159 -29.50 -18.56 -28.42
CA ALA B 159 -29.90 -17.18 -28.62
C ALA B 159 -29.97 -16.50 -27.27
N THR B 160 -29.68 -15.21 -27.25
CA THR B 160 -29.72 -14.43 -26.02
C THR B 160 -29.69 -12.95 -26.37
N ALA B 161 -29.84 -12.12 -25.33
CA ALA B 161 -29.79 -10.68 -25.48
C ALA B 161 -29.13 -10.09 -24.24
N MET B 162 -28.35 -9.04 -24.44
CA MET B 162 -27.65 -8.33 -23.38
C MET B 162 -28.02 -6.85 -23.42
N GLY B 163 -27.85 -6.19 -22.28
CA GLY B 163 -28.05 -4.76 -22.18
C GLY B 163 -29.39 -4.36 -21.59
N LYS B 164 -29.89 -3.21 -22.00
CA LYS B 164 -31.19 -2.73 -21.53
C LYS B 164 -32.30 -3.65 -21.97
N ASN B 165 -33.18 -4.01 -21.03
CA ASN B 165 -34.33 -4.88 -21.30
C ASN B 165 -33.87 -6.23 -21.83
N TYR B 166 -32.84 -6.79 -21.21
CA TYR B 166 -32.30 -8.09 -21.62
C TYR B 166 -33.14 -9.26 -21.15
N VAL B 167 -34.25 -9.03 -20.44
CA VAL B 167 -35.10 -10.11 -19.95
C VAL B 167 -36.30 -10.32 -20.87
N ASN B 168 -37.01 -9.24 -21.18
CA ASN B 168 -38.12 -9.34 -22.12
C ASN B 168 -37.61 -9.66 -23.52
N GLY B 169 -36.46 -9.10 -23.89
CA GLY B 169 -35.83 -9.43 -25.16
C GLY B 169 -35.41 -10.88 -25.27
N LYS B 170 -35.21 -11.55 -24.13
CA LYS B 170 -34.90 -12.97 -24.12
C LYS B 170 -36.16 -13.84 -24.09
N THR B 171 -37.20 -13.40 -23.39
CA THR B 171 -38.46 -14.13 -23.45
C THR B 171 -39.05 -14.10 -24.85
N PHE B 172 -38.92 -12.96 -25.54
CA PHE B 172 -39.32 -12.85 -26.93
C PHE B 172 -38.65 -13.92 -27.79
N LEU B 173 -37.37 -14.18 -27.53
CA LEU B 173 -36.66 -15.22 -28.27
C LEU B 173 -37.13 -16.61 -27.85
N GLU B 174 -37.38 -16.81 -26.56
CA GLU B 174 -37.90 -18.08 -26.09
C GLU B 174 -39.24 -18.42 -26.74
N LYS B 175 -40.06 -17.42 -27.04
CA LYS B 175 -41.37 -17.63 -27.64
C LYS B 175 -41.35 -17.49 -29.16
N ARG B 176 -40.26 -17.01 -29.76
CA ARG B 176 -40.20 -16.71 -31.19
C ARG B 176 -38.85 -17.13 -31.76
N TYR B 177 -38.41 -18.33 -31.43
CA TYR B 177 -37.17 -18.85 -31.98
C TYR B 177 -37.17 -20.37 -31.91
N ASN B 178 -36.70 -20.99 -32.99
CA ASN B 178 -36.54 -22.44 -33.05
C ASN B 178 -35.39 -22.76 -34.01
N GLU B 179 -35.01 -24.04 -34.04
CA GLU B 179 -34.07 -24.52 -35.04
C GLU B 179 -34.85 -24.75 -36.34
N ASP B 180 -34.21 -25.39 -37.33
CA ASP B 180 -34.73 -25.48 -38.69
C ASP B 180 -34.97 -24.09 -39.29
N LEU B 181 -34.17 -23.11 -38.86
CA LEU B 181 -34.13 -21.78 -39.44
C LEU B 181 -32.95 -21.70 -40.40
N GLU B 182 -32.77 -20.52 -41.01
CA GLU B 182 -31.56 -20.21 -41.74
C GLU B 182 -31.21 -18.75 -41.48
N LEU B 183 -30.08 -18.31 -42.05
CA LEU B 183 -29.50 -17.02 -41.68
C LEU B 183 -30.40 -15.84 -42.00
N GLU B 184 -31.38 -16.00 -42.88
CA GLU B 184 -32.25 -14.90 -43.28
C GLU B 184 -33.51 -14.81 -42.43
N ASP B 185 -34.04 -15.94 -41.98
CA ASP B 185 -35.16 -15.92 -41.04
C ASP B 185 -34.73 -15.46 -39.66
N ALA B 186 -33.43 -15.56 -39.34
CA ALA B 186 -32.95 -15.17 -38.03
C ALA B 186 -32.68 -13.68 -37.93
N ILE B 187 -32.28 -13.04 -39.03
CA ILE B 187 -32.07 -11.59 -39.02
C ILE B 187 -33.37 -10.86 -38.75
N HIS B 188 -34.46 -11.32 -39.37
CA HIS B 188 -35.76 -10.73 -39.12
C HIS B 188 -36.13 -10.83 -37.64
N THR B 189 -35.88 -11.98 -37.03
CA THR B 189 -36.15 -12.18 -35.62
C THR B 189 -35.26 -11.32 -34.72
N ALA B 190 -33.99 -11.15 -35.07
CA ALA B 190 -33.09 -10.29 -34.31
C ALA B 190 -33.53 -8.83 -34.37
N ILE B 191 -33.87 -8.33 -35.55
CA ILE B 191 -34.36 -6.97 -35.68
C ILE B 191 -35.69 -6.81 -34.95
N LEU B 192 -36.57 -7.81 -34.99
CA LEU B 192 -37.81 -7.73 -34.23
C LEU B 192 -37.54 -7.71 -32.73
N THR B 193 -36.50 -8.40 -32.28
CA THR B 193 -36.11 -8.39 -30.87
C THR B 193 -35.46 -7.07 -30.47
N LEU B 194 -34.83 -6.38 -31.41
CA LEU B 194 -34.33 -5.03 -31.14
C LEU B 194 -35.44 -3.99 -31.22
N LYS B 195 -36.48 -4.23 -32.03
CA LYS B 195 -37.56 -3.27 -32.17
C LYS B 195 -38.36 -3.09 -30.89
N GLU B 196 -38.26 -4.03 -29.94
CA GLU B 196 -38.96 -3.88 -28.67
C GLU B 196 -38.48 -2.64 -27.92
N SER B 197 -37.17 -2.44 -27.84
CA SER B 197 -36.58 -1.38 -27.05
C SER B 197 -36.25 -0.12 -27.85
N PHE B 198 -36.49 -0.11 -29.16
CA PHE B 198 -36.14 1.03 -29.99
C PHE B 198 -37.08 2.19 -29.69
N GLU B 199 -36.55 3.24 -29.04
CA GLU B 199 -37.32 4.42 -28.70
C GLU B 199 -37.28 5.42 -29.86
N GLY B 200 -37.87 4.99 -30.97
CA GLY B 200 -37.94 5.82 -32.16
C GLY B 200 -37.99 5.02 -33.45
N GLN B 201 -37.95 5.70 -34.58
CA GLN B 201 -37.93 5.03 -35.86
C GLN B 201 -36.57 4.39 -36.11
N MET B 202 -36.60 3.09 -36.45
CA MET B 202 -35.38 2.34 -36.74
C MET B 202 -34.95 2.63 -38.18
N THR B 203 -33.80 3.28 -38.32
CA THR B 203 -33.21 3.55 -39.61
C THR B 203 -32.02 2.63 -39.86
N GLU B 204 -31.54 2.65 -41.11
CA GLU B 204 -30.36 1.87 -41.47
C GLU B 204 -29.12 2.28 -40.68
N ASP B 205 -29.09 3.53 -40.18
CA ASP B 205 -27.93 4.05 -39.48
C ASP B 205 -28.05 3.97 -37.96
N ASN B 206 -29.20 3.58 -37.42
CA ASN B 206 -29.40 3.47 -35.99
C ASN B 206 -29.03 2.10 -35.44
N ILE B 207 -28.73 1.12 -36.28
CA ILE B 207 -28.37 -0.23 -35.86
C ILE B 207 -27.14 -0.65 -36.64
N GLU B 208 -26.65 -1.85 -36.32
CA GLU B 208 -25.44 -2.37 -36.93
C GLU B 208 -25.50 -3.88 -36.83
N VAL B 209 -25.26 -4.56 -37.95
CA VAL B 209 -25.52 -5.99 -38.08
C VAL B 209 -24.28 -6.68 -38.63
N GLY B 210 -24.03 -7.88 -38.15
CA GLY B 210 -22.95 -8.70 -38.66
C GLY B 210 -23.33 -10.16 -38.59
N ILE B 211 -22.93 -10.90 -39.64
CA ILE B 211 -23.27 -12.30 -39.78
C ILE B 211 -22.00 -13.11 -40.06
N CYS B 212 -22.05 -14.38 -39.70
CA CYS B 212 -20.97 -15.33 -39.97
C CYS B 212 -21.56 -16.58 -40.60
N ASN B 213 -20.80 -17.21 -41.48
CA ASN B 213 -21.25 -18.38 -42.22
C ASN B 213 -20.03 -19.08 -42.80
N GLU B 214 -20.27 -20.02 -43.71
CA GLU B 214 -19.20 -20.75 -44.37
C GLU B 214 -18.19 -19.81 -45.03
N ALA B 215 -18.68 -18.70 -45.58
CA ALA B 215 -17.80 -17.75 -46.24
C ALA B 215 -17.03 -16.87 -45.26
N GLY B 216 -17.46 -16.77 -44.02
CA GLY B 216 -16.79 -16.02 -42.98
C GLY B 216 -17.65 -14.89 -42.45
N PHE B 217 -17.04 -14.10 -41.58
CA PHE B 217 -17.73 -12.99 -40.94
C PHE B 217 -17.77 -11.77 -41.84
N ARG B 218 -18.89 -11.05 -41.79
CA ARG B 218 -19.04 -9.83 -42.56
C ARG B 218 -19.99 -8.89 -41.80
N ARG B 219 -19.60 -7.62 -41.71
CA ARG B 219 -20.51 -6.58 -41.26
C ARG B 219 -21.34 -6.10 -42.44
N LEU B 220 -22.67 -6.20 -42.32
CA LEU B 220 -23.53 -5.76 -43.39
C LEU B 220 -23.42 -4.25 -43.59
N THR B 221 -23.89 -3.80 -44.74
CA THR B 221 -23.84 -2.40 -45.11
C THR B 221 -25.18 -1.73 -44.84
N PRO B 222 -25.24 -0.40 -44.84
CA PRO B 222 -26.54 0.27 -44.62
C PRO B 222 -27.58 -0.07 -45.67
N THR B 223 -27.15 -0.39 -46.90
CA THR B 223 -28.10 -0.81 -47.93
C THR B 223 -28.77 -2.13 -47.55
N GLU B 224 -27.97 -3.12 -47.15
CA GLU B 224 -28.51 -4.40 -46.72
C GLU B 224 -29.37 -4.26 -45.48
N VAL B 225 -29.02 -3.32 -44.59
CA VAL B 225 -29.84 -3.07 -43.41
C VAL B 225 -31.19 -2.48 -43.82
N LYS B 226 -31.17 -1.48 -44.71
CA LYS B 226 -32.42 -0.89 -45.19
C LYS B 226 -33.28 -1.88 -45.96
N ASP B 227 -32.66 -2.88 -46.58
CA ASP B 227 -33.42 -3.91 -47.28
C ASP B 227 -34.32 -4.68 -46.31
N TYR B 228 -33.73 -5.24 -45.25
CA TYR B 228 -34.49 -6.06 -44.31
C TYR B 228 -35.23 -5.22 -43.27
N LEU B 229 -34.93 -3.91 -43.17
CA LEU B 229 -35.69 -3.04 -42.29
C LEU B 229 -37.13 -2.83 -42.75
N ALA B 230 -37.46 -3.22 -43.98
CA ALA B 230 -38.82 -3.17 -44.49
C ALA B 230 -39.65 -4.40 -44.12
N ALA B 231 -39.25 -5.14 -43.08
CA ALA B 231 -39.85 -6.43 -42.75
C ALA B 231 -39.75 -7.39 -43.94
N ILE B 232 -38.66 -7.30 -44.69
CA ILE B 232 -38.41 -8.09 -45.88
C ILE B 232 -37.39 -9.16 -45.54
N ALA B 233 -37.79 -10.42 -45.65
CA ALA B 233 -36.93 -11.57 -45.36
C ALA B 233 -36.54 -11.62 -43.89
N ARG C 7 -9.38 -8.76 5.67
CA ARG C 7 -8.35 -9.32 4.81
C ARG C 7 -7.81 -10.63 5.36
N THR C 8 -7.10 -11.37 4.51
CA THR C 8 -6.70 -12.74 4.82
C THR C 8 -5.41 -12.83 5.61
N THR C 9 -4.59 -11.78 5.63
CA THR C 9 -3.34 -11.77 6.37
C THR C 9 -3.50 -11.25 7.80
N ILE C 10 -4.71 -11.34 8.35
CA ILE C 10 -5.01 -10.83 9.68
C ILE C 10 -5.72 -11.92 10.46
N PHE C 11 -5.24 -12.18 11.68
CA PHE C 11 -5.89 -13.10 12.60
C PHE C 11 -6.98 -12.38 13.38
N SER C 12 -7.89 -13.17 13.92
CA SER C 12 -8.85 -12.70 14.92
C SER C 12 -8.29 -12.93 16.32
N PRO C 13 -8.79 -12.22 17.34
CA PRO C 13 -8.30 -12.48 18.70
C PRO C 13 -8.49 -13.91 19.17
N GLU C 14 -9.51 -14.58 18.61
CA GLU C 14 -9.85 -15.99 18.91
C GLU C 14 -9.14 -16.91 17.92
N GLY C 15 -8.05 -16.46 17.30
CA GLY C 15 -7.27 -17.28 16.36
C GLY C 15 -8.17 -17.80 15.24
N ARG C 16 -8.76 -16.92 14.43
CA ARG C 16 -9.65 -17.29 13.29
C ARG C 16 -9.19 -16.58 12.02
N LEU C 17 -9.64 -17.02 10.84
CA LEU C 17 -9.29 -16.42 9.52
C LEU C 17 -10.57 -16.35 8.69
N TYR C 18 -11.26 -15.21 8.70
CA TYR C 18 -12.65 -15.10 8.29
C TYR C 18 -12.82 -15.00 6.78
N GLN C 19 -11.81 -14.50 6.07
CA GLN C 19 -11.84 -14.60 4.61
C GLN C 19 -11.80 -16.05 4.15
N VAL C 20 -11.02 -16.89 4.83
CA VAL C 20 -10.99 -18.31 4.52
C VAL C 20 -12.34 -18.97 4.77
N GLU C 21 -13.12 -18.45 5.73
CA GLU C 21 -14.46 -18.97 5.98
C GLU C 21 -15.48 -18.43 4.99
N TYR C 22 -15.30 -17.20 4.52
CA TYR C 22 -16.22 -16.65 3.53
C TYR C 22 -16.02 -17.30 2.18
N ALA C 23 -14.77 -17.58 1.80
CA ALA C 23 -14.51 -18.37 0.61
C ALA C 23 -15.15 -19.74 0.69
N MET C 24 -15.24 -20.31 1.89
CA MET C 24 -15.88 -21.61 2.07
C MET C 24 -17.39 -21.52 2.09
N GLU C 25 -17.93 -20.37 2.51
CA GLU C 25 -19.35 -20.09 2.39
C GLU C 25 -19.77 -19.76 0.97
N ALA C 26 -18.82 -19.41 0.10
CA ALA C 26 -19.10 -19.09 -1.30
C ALA C 26 -19.26 -20.32 -2.19
N ILE C 27 -19.53 -21.50 -1.62
CA ILE C 27 -19.58 -22.75 -2.37
C ILE C 27 -20.99 -23.34 -2.30
N GLY C 28 -21.73 -23.01 -1.23
CA GLY C 28 -23.12 -23.38 -1.16
C GLY C 28 -23.98 -22.75 -2.25
N HIS C 29 -23.55 -21.61 -2.79
CA HIS C 29 -24.20 -21.02 -3.94
C HIS C 29 -23.96 -21.79 -5.24
N ALA C 30 -23.02 -22.73 -5.24
CA ALA C 30 -22.64 -23.46 -6.43
C ALA C 30 -23.38 -24.79 -6.53
N GLY C 31 -23.28 -25.40 -7.70
CA GLY C 31 -23.96 -26.65 -7.94
C GLY C 31 -23.44 -27.79 -7.10
N THR C 32 -24.33 -28.75 -6.85
CA THR C 32 -24.01 -29.92 -6.06
C THR C 32 -23.18 -30.91 -6.87
N CYS C 33 -22.10 -31.41 -6.28
CA CYS C 33 -21.24 -32.41 -6.89
C CYS C 33 -20.86 -33.44 -5.84
N LEU C 34 -21.10 -34.71 -6.13
CA LEU C 34 -20.75 -35.81 -5.23
C LEU C 34 -19.89 -36.81 -5.96
N GLY C 35 -19.19 -37.62 -5.17
CA GLY C 35 -18.39 -38.73 -5.66
C GLY C 35 -18.67 -39.97 -4.85
N ILE C 36 -18.51 -41.14 -5.48
CA ILE C 36 -18.79 -42.42 -4.85
C ILE C 36 -17.69 -43.38 -5.25
N LEU C 37 -16.98 -43.91 -4.27
CA LEU C 37 -15.91 -44.87 -4.52
C LEU C 37 -16.47 -46.28 -4.53
N ALA C 38 -15.82 -47.15 -5.28
CA ALA C 38 -16.26 -48.53 -5.43
C ALA C 38 -15.04 -49.40 -5.70
N ASN C 39 -15.26 -50.71 -5.71
CA ASN C 39 -14.19 -51.66 -5.99
C ASN C 39 -14.00 -51.85 -7.48
N ASP C 40 -15.06 -51.72 -8.27
CA ASP C 40 -14.97 -51.78 -9.72
C ASP C 40 -14.53 -50.44 -10.31
N GLY C 41 -14.71 -49.34 -9.58
CA GLY C 41 -14.29 -48.03 -10.08
C GLY C 41 -14.67 -46.92 -9.13
N VAL C 42 -14.92 -45.75 -9.71
CA VAL C 42 -15.22 -44.53 -8.96
C VAL C 42 -15.84 -43.53 -9.92
N LEU C 43 -16.77 -42.72 -9.40
CA LEU C 43 -17.59 -41.87 -10.25
C LEU C 43 -17.78 -40.50 -9.61
N LEU C 44 -18.28 -39.58 -10.44
CA LEU C 44 -18.71 -38.26 -10.03
C LEU C 44 -20.12 -38.01 -10.54
N ALA C 45 -20.80 -37.05 -9.92
CA ALA C 45 -22.17 -36.72 -10.31
C ALA C 45 -22.43 -35.27 -9.96
N ALA C 46 -22.43 -34.40 -10.97
CA ALA C 46 -22.74 -32.99 -10.82
C ALA C 46 -24.14 -32.69 -11.34
N GLU C 47 -24.73 -31.63 -10.80
CA GLU C 47 -26.01 -31.11 -11.28
C GLU C 47 -25.76 -29.87 -12.14
N ARG C 48 -26.49 -29.78 -13.24
CA ARG C 48 -26.36 -28.66 -14.18
C ARG C 48 -27.38 -27.59 -13.81
N ARG C 49 -26.95 -26.58 -13.07
CA ARG C 49 -27.79 -25.42 -12.87
C ARG C 49 -27.88 -24.55 -14.12
N ASN C 50 -27.02 -24.77 -15.11
CA ASN C 50 -27.17 -24.14 -16.42
C ASN C 50 -28.31 -24.84 -17.13
N ILE C 51 -29.53 -24.48 -16.73
CA ILE C 51 -30.77 -25.04 -17.26
C ILE C 51 -31.54 -23.89 -17.88
N HIS C 52 -31.71 -23.93 -19.21
CA HIS C 52 -32.40 -22.87 -19.93
C HIS C 52 -32.70 -23.39 -21.32
N LYS C 53 -33.81 -22.90 -21.89
CA LYS C 53 -34.26 -23.39 -23.19
C LYS C 53 -33.34 -22.98 -24.34
N LEU C 54 -32.47 -22.00 -24.13
CA LEU C 54 -31.61 -21.45 -25.17
C LEU C 54 -30.13 -21.78 -24.99
N LEU C 55 -29.76 -22.47 -23.91
CA LEU C 55 -28.38 -22.90 -23.74
C LEU C 55 -28.10 -24.09 -24.65
N ASP C 56 -26.91 -24.12 -25.23
CA ASP C 56 -26.62 -25.02 -26.33
C ASP C 56 -26.08 -26.37 -25.89
N GLU C 57 -25.18 -26.40 -24.90
CA GLU C 57 -24.49 -27.62 -24.50
C GLU C 57 -23.67 -28.18 -25.66
N VAL C 58 -22.67 -27.40 -26.06
CA VAL C 58 -21.75 -27.83 -27.10
C VAL C 58 -20.65 -28.75 -26.55
N PHE C 59 -20.26 -28.56 -25.30
CA PHE C 59 -19.07 -29.21 -24.78
C PHE C 59 -19.32 -30.69 -24.51
N PHE C 60 -18.22 -31.44 -24.42
CA PHE C 60 -18.27 -32.80 -23.92
C PHE C 60 -18.87 -32.85 -22.52
N SER C 61 -18.33 -32.05 -21.61
CA SER C 61 -18.88 -31.92 -20.26
C SER C 61 -18.54 -30.53 -19.74
N GLU C 62 -19.45 -30.00 -18.91
CA GLU C 62 -19.36 -28.62 -18.45
C GLU C 62 -18.66 -28.50 -17.10
N LYS C 63 -18.80 -29.50 -16.23
CA LYS C 63 -18.25 -29.45 -14.88
C LYS C 63 -17.26 -30.57 -14.59
N ILE C 64 -17.29 -31.67 -15.33
CA ILE C 64 -16.27 -32.71 -15.23
C ILE C 64 -15.12 -32.32 -16.14
N TYR C 65 -13.94 -32.14 -15.56
CA TYR C 65 -12.74 -31.74 -16.28
C TYR C 65 -11.71 -32.85 -16.18
N LYS C 66 -11.17 -33.25 -17.32
CA LYS C 66 -10.16 -34.30 -17.37
C LYS C 66 -8.78 -33.68 -17.24
N LEU C 67 -7.98 -34.23 -16.33
CA LEU C 67 -6.67 -33.71 -15.99
C LEU C 67 -5.52 -34.55 -16.53
N ASN C 68 -5.75 -35.82 -16.79
CA ASN C 68 -4.70 -36.77 -17.10
C ASN C 68 -5.37 -37.97 -17.76
N GLU C 69 -4.56 -38.94 -18.18
CA GLU C 69 -5.11 -40.20 -18.67
C GLU C 69 -5.75 -41.03 -17.56
N ASP C 70 -5.48 -40.69 -16.29
CA ASP C 70 -5.92 -41.49 -15.15
C ASP C 70 -6.69 -40.67 -14.12
N MET C 71 -7.21 -39.49 -14.50
CA MET C 71 -7.85 -38.64 -13.51
C MET C 71 -8.82 -37.67 -14.17
N ALA C 72 -9.82 -37.28 -13.39
CA ALA C 72 -10.74 -36.19 -13.71
C ALA C 72 -11.07 -35.46 -12.41
N CYS C 73 -11.76 -34.33 -12.53
CA CYS C 73 -12.17 -33.57 -11.37
C CYS C 73 -13.50 -32.88 -11.64
N SER C 74 -14.17 -32.49 -10.56
CA SER C 74 -15.36 -31.65 -10.59
C SER C 74 -15.18 -30.53 -9.59
N VAL C 75 -15.81 -29.40 -9.87
CA VAL C 75 -15.57 -28.17 -9.14
C VAL C 75 -16.89 -27.56 -8.69
N ALA C 76 -16.82 -26.72 -7.66
CA ALA C 76 -17.97 -26.00 -7.14
C ALA C 76 -17.47 -24.71 -6.51
N GLY C 77 -18.04 -23.58 -6.93
CA GLY C 77 -17.64 -22.28 -6.43
C GLY C 77 -17.49 -21.26 -7.54
N ILE C 78 -16.50 -20.38 -7.43
CA ILE C 78 -16.22 -19.45 -8.50
C ILE C 78 -15.63 -20.22 -9.68
N THR C 79 -16.09 -19.90 -10.89
CA THR C 79 -15.75 -20.70 -12.06
C THR C 79 -14.48 -20.22 -12.76
N SER C 80 -14.20 -18.92 -12.73
CA SER C 80 -12.92 -18.42 -13.22
C SER C 80 -11.77 -19.04 -12.44
N ASP C 81 -11.86 -19.04 -11.11
CA ASP C 81 -10.88 -19.71 -10.27
C ASP C 81 -10.74 -21.18 -10.64
N ALA C 82 -11.85 -21.84 -10.97
CA ALA C 82 -11.81 -23.23 -11.38
C ALA C 82 -11.04 -23.38 -12.69
N ASN C 83 -11.26 -22.48 -13.64
CA ASN C 83 -10.55 -22.55 -14.91
C ASN C 83 -9.06 -22.28 -14.74
N VAL C 84 -8.69 -21.49 -13.74
CA VAL C 84 -7.27 -21.32 -13.40
C VAL C 84 -6.71 -22.62 -12.84
N LEU C 85 -7.37 -23.18 -11.84
CA LEU C 85 -6.84 -24.34 -11.15
C LEU C 85 -6.78 -25.56 -12.04
N THR C 86 -7.71 -25.68 -12.99
CA THR C 86 -7.71 -26.83 -13.90
C THR C 86 -6.58 -26.79 -14.90
N ASN C 87 -6.10 -25.60 -15.26
CA ASN C 87 -4.90 -25.51 -16.09
C ASN C 87 -3.65 -25.78 -15.26
N GLU C 88 -3.61 -25.27 -14.03
CA GLU C 88 -2.46 -25.55 -13.17
C GLU C 88 -2.32 -27.03 -12.87
N LEU C 89 -3.45 -27.74 -12.67
CA LEU C 89 -3.41 -29.18 -12.43
C LEU C 89 -2.82 -29.92 -13.62
N ARG C 90 -3.32 -29.63 -14.82
CA ARG C 90 -2.83 -30.22 -16.05
C ARG C 90 -1.36 -29.92 -16.31
N LEU C 91 -0.87 -28.77 -15.85
CA LEU C 91 0.56 -28.49 -15.94
C LEU C 91 1.37 -29.29 -14.95
N ILE C 92 0.89 -29.44 -13.72
CA ILE C 92 1.61 -30.23 -12.72
C ILE C 92 1.74 -31.67 -13.19
N ALA C 93 0.64 -32.25 -13.69
CA ALA C 93 0.67 -33.62 -14.19
C ALA C 93 1.72 -33.81 -15.28
N GLN C 94 1.72 -32.93 -16.27
CA GLN C 94 2.66 -33.04 -17.37
C GLN C 94 4.09 -32.75 -16.95
N ARG C 95 4.31 -31.90 -15.96
CA ARG C 95 5.66 -31.70 -15.45
C ARG C 95 6.17 -32.97 -14.78
N TYR C 96 5.34 -33.61 -13.96
CA TYR C 96 5.72 -34.89 -13.38
C TYR C 96 6.05 -35.90 -14.47
N LEU C 97 5.21 -35.98 -15.50
CA LEU C 97 5.46 -36.92 -16.58
C LEU C 97 6.78 -36.63 -17.29
N LEU C 98 7.03 -35.36 -17.60
CA LEU C 98 8.29 -34.97 -18.22
C LEU C 98 9.49 -35.31 -17.35
N GLN C 99 9.32 -35.22 -16.02
CA GLN C 99 10.43 -35.42 -15.11
C GLN C 99 10.72 -36.89 -14.82
N TYR C 100 9.69 -37.75 -14.86
CA TYR C 100 9.84 -39.17 -14.53
C TYR C 100 9.32 -40.12 -15.60
N GLN C 101 8.52 -39.64 -16.56
CA GLN C 101 7.92 -40.49 -17.59
C GLN C 101 7.07 -41.59 -16.97
N GLU C 102 6.38 -41.24 -15.89
CA GLU C 102 5.36 -42.08 -15.27
C GLU C 102 4.20 -41.18 -14.89
N PRO C 103 2.97 -41.69 -14.88
CA PRO C 103 1.84 -40.83 -14.47
C PRO C 103 1.96 -40.41 -13.02
N ILE C 104 1.45 -39.22 -12.72
CA ILE C 104 1.53 -38.70 -11.37
C ILE C 104 0.52 -39.42 -10.49
N PRO C 105 0.86 -39.82 -9.26
CA PRO C 105 -0.16 -40.38 -8.37
C PRO C 105 -1.22 -39.35 -8.01
N CYS C 106 -2.35 -39.87 -7.54
CA CYS C 106 -3.55 -39.07 -7.32
C CYS C 106 -3.55 -38.33 -5.99
N GLU C 107 -2.40 -38.23 -5.31
CA GLU C 107 -2.25 -37.48 -4.08
C GLU C 107 -1.20 -36.38 -4.18
N GLN C 108 -0.14 -36.61 -4.96
CA GLN C 108 0.85 -35.57 -5.20
C GLN C 108 0.24 -34.38 -5.91
N LEU C 109 -0.67 -34.63 -6.85
CA LEU C 109 -1.36 -33.54 -7.54
C LEU C 109 -2.19 -32.71 -6.57
N VAL C 110 -2.87 -33.37 -5.64
CA VAL C 110 -3.72 -32.65 -4.70
C VAL C 110 -2.86 -31.84 -3.75
N THR C 111 -1.74 -32.41 -3.29
CA THR C 111 -0.80 -31.64 -2.47
C THR C 111 -0.27 -30.44 -3.24
N ALA C 112 0.02 -30.63 -4.52
CA ALA C 112 0.61 -29.55 -5.32
C ALA C 112 -0.37 -28.42 -5.54
N LEU C 113 -1.66 -28.72 -5.70
CA LEU C 113 -2.65 -27.66 -5.84
C LEU C 113 -2.99 -27.02 -4.50
N CYS C 114 -3.02 -27.81 -3.43
CA CYS C 114 -3.27 -27.25 -2.10
C CYS C 114 -2.14 -26.36 -1.62
N ASP C 115 -0.90 -26.63 -2.04
CA ASP C 115 0.20 -25.71 -1.76
C ASP C 115 0.05 -24.39 -2.48
N ILE C 116 -0.66 -24.35 -3.60
CA ILE C 116 -0.98 -23.09 -4.26
C ILE C 116 -2.13 -22.38 -3.55
N LYS C 117 -3.15 -23.14 -3.16
CA LYS C 117 -4.29 -22.54 -2.46
C LYS C 117 -3.91 -22.02 -1.07
N GLN C 118 -2.95 -22.65 -0.41
CA GLN C 118 -2.51 -22.18 0.90
C GLN C 118 -1.75 -20.87 0.81
N ALA C 119 -1.03 -20.65 -0.29
CA ALA C 119 -0.20 -19.46 -0.42
C ALA C 119 -1.02 -18.19 -0.66
N TYR C 120 -2.30 -18.32 -1.00
CA TYR C 120 -3.17 -17.18 -1.21
C TYR C 120 -3.85 -16.72 0.08
N THR C 121 -3.87 -17.55 1.11
CA THR C 121 -4.32 -17.18 2.44
C THR C 121 -3.21 -16.55 3.27
N GLN C 122 -2.03 -16.32 2.70
CA GLN C 122 -0.82 -16.04 3.47
C GLN C 122 0.01 -14.88 2.93
N PHE C 123 -0.14 -14.51 1.66
CA PHE C 123 0.77 -13.56 1.00
C PHE C 123 -0.01 -12.35 0.50
N GLY C 124 -0.17 -11.37 1.38
CA GLY C 124 -0.63 -10.04 1.02
C GLY C 124 -1.90 -9.91 0.20
N GLY C 125 -1.79 -9.18 -0.91
CA GLY C 125 -2.95 -8.71 -1.65
C GLY C 125 -3.45 -9.66 -2.71
N LYS C 126 -4.04 -10.77 -2.28
CA LYS C 126 -4.65 -11.72 -3.20
C LYS C 126 -5.75 -12.47 -2.47
N ARG C 127 -6.74 -12.92 -3.23
CA ARG C 127 -7.95 -13.46 -2.64
C ARG C 127 -7.87 -14.99 -2.61
N PRO C 128 -8.31 -15.65 -1.54
CA PRO C 128 -8.34 -17.12 -1.58
C PRO C 128 -9.27 -17.64 -2.66
N PHE C 129 -8.86 -18.75 -3.28
CA PHE C 129 -9.67 -19.36 -4.33
C PHE C 129 -10.98 -19.87 -3.75
N GLY C 130 -12.09 -19.29 -4.18
CA GLY C 130 -13.40 -19.73 -3.72
C GLY C 130 -13.89 -20.96 -4.46
N VAL C 131 -13.13 -22.05 -4.35
CA VAL C 131 -13.41 -23.28 -5.08
C VAL C 131 -13.06 -24.46 -4.18
N SER C 132 -14.00 -25.37 -4.01
CA SER C 132 -13.72 -26.73 -3.57
C SER C 132 -13.70 -27.66 -4.77
N LEU C 133 -12.95 -28.75 -4.66
CA LEU C 133 -12.78 -29.69 -5.74
C LEU C 133 -12.94 -31.11 -5.23
N LEU C 134 -13.34 -31.99 -6.15
CA LEU C 134 -13.28 -33.43 -5.96
C LEU C 134 -12.44 -34.02 -7.07
N TYR C 135 -11.66 -35.04 -6.72
CA TYR C 135 -10.75 -35.70 -7.64
C TYR C 135 -11.00 -37.20 -7.59
N ILE C 136 -11.12 -37.81 -8.75
CA ILE C 136 -11.20 -39.26 -8.89
C ILE C 136 -10.07 -39.70 -9.81
N GLY C 137 -9.43 -40.81 -9.46
CA GLY C 137 -8.34 -41.29 -10.28
C GLY C 137 -7.85 -42.65 -9.82
N TRP C 138 -6.86 -43.14 -10.56
CA TRP C 138 -6.25 -44.43 -10.31
C TRP C 138 -4.73 -44.29 -10.29
N ASP C 139 -4.09 -45.06 -9.42
CA ASP C 139 -2.64 -45.16 -9.43
C ASP C 139 -2.24 -46.56 -8.98
N LYS C 140 -0.97 -46.88 -9.19
CA LYS C 140 -0.44 -48.20 -8.90
C LYS C 140 0.00 -48.37 -7.46
N HIS C 141 -0.41 -47.48 -6.55
CA HIS C 141 0.01 -47.48 -5.17
C HIS C 141 -1.14 -47.74 -4.21
N TYR C 142 -2.27 -47.07 -4.43
CA TYR C 142 -3.45 -47.21 -3.59
C TYR C 142 -4.73 -47.49 -4.39
N GLY C 143 -4.64 -47.56 -5.72
CA GLY C 143 -5.78 -47.92 -6.53
C GLY C 143 -6.75 -46.78 -6.77
N PHE C 144 -8.05 -47.10 -6.77
CA PHE C 144 -9.05 -46.06 -6.92
C PHE C 144 -9.12 -45.19 -5.67
N GLN C 145 -9.19 -43.88 -5.88
CA GLN C 145 -9.16 -42.92 -4.79
C GLN C 145 -10.19 -41.83 -5.05
N LEU C 146 -10.57 -41.15 -3.97
CA LEU C 146 -11.44 -39.98 -4.05
C LEU C 146 -10.99 -38.99 -3.00
N TYR C 147 -10.74 -37.76 -3.43
CA TYR C 147 -10.27 -36.68 -2.56
C TYR C 147 -11.25 -35.51 -2.58
N GLN C 148 -11.03 -34.58 -1.66
CA GLN C 148 -11.90 -33.42 -1.50
C GLN C 148 -11.05 -32.27 -0.97
N SER C 149 -10.87 -31.25 -1.78
CA SER C 149 -10.15 -30.04 -1.40
C SER C 149 -11.12 -28.98 -0.88
N ASP C 150 -10.58 -28.07 -0.08
CA ASP C 150 -11.29 -26.91 0.44
C ASP C 150 -10.52 -25.66 0.08
N PRO C 151 -11.16 -24.47 0.14
CA PRO C 151 -10.45 -23.25 -0.23
C PRO C 151 -9.26 -22.89 0.66
N SER C 152 -9.08 -23.56 1.81
CA SER C 152 -7.99 -23.25 2.71
C SER C 152 -6.70 -23.99 2.39
N GLY C 153 -6.74 -24.97 1.48
CA GLY C 153 -5.60 -25.80 1.21
C GLY C 153 -5.57 -27.03 2.10
N ASN C 154 -6.72 -27.68 2.24
CA ASN C 154 -6.88 -28.87 3.08
C ASN C 154 -7.57 -29.95 2.27
N TYR C 155 -6.81 -30.98 1.90
CA TYR C 155 -7.34 -32.13 1.18
C TYR C 155 -7.59 -33.28 2.13
N GLY C 156 -8.50 -34.17 1.74
CA GLY C 156 -8.83 -35.32 2.53
C GLY C 156 -9.34 -36.46 1.67
N GLY C 157 -8.94 -37.67 1.98
CA GLY C 157 -9.41 -38.84 1.26
C GLY C 157 -10.77 -39.28 1.77
N TRP C 158 -11.63 -39.69 0.84
CA TRP C 158 -13.00 -40.04 1.15
C TRP C 158 -13.39 -41.30 0.39
N LYS C 159 -14.48 -41.92 0.86
CA LYS C 159 -15.15 -42.99 0.15
C LYS C 159 -16.45 -42.54 -0.50
N ALA C 160 -17.04 -41.46 0.01
CA ALA C 160 -18.16 -40.79 -0.64
C ALA C 160 -18.34 -39.44 0.05
N THR C 161 -18.44 -38.39 -0.76
CA THR C 161 -18.59 -37.03 -0.23
C THR C 161 -19.41 -36.22 -1.20
N CYS C 162 -19.74 -35.00 -0.78
CA CYS C 162 -20.56 -34.11 -1.58
C CYS C 162 -20.13 -32.67 -1.28
N ILE C 163 -20.11 -31.85 -2.32
CA ILE C 163 -19.72 -30.45 -2.21
C ILE C 163 -20.75 -29.59 -2.93
N GLY C 164 -21.00 -28.41 -2.37
CA GLY C 164 -21.89 -27.45 -2.98
C GLY C 164 -23.21 -27.30 -2.24
N ASN C 165 -24.27 -27.02 -2.99
CA ASN C 165 -25.58 -26.82 -2.39
C ASN C 165 -26.11 -28.13 -1.80
N ASN C 166 -26.63 -28.04 -0.57
CA ASN C 166 -27.24 -29.18 0.11
C ASN C 166 -26.27 -30.35 0.23
N SER C 167 -25.03 -30.04 0.64
CA SER C 167 -24.04 -31.08 0.85
C SER C 167 -24.28 -31.81 2.17
N ALA C 168 -24.70 -31.07 3.20
CA ALA C 168 -24.92 -31.66 4.51
C ALA C 168 -26.06 -32.66 4.53
N ALA C 169 -26.94 -32.65 3.53
CA ALA C 169 -28.02 -33.62 3.45
C ALA C 169 -27.58 -34.86 2.69
N ALA C 170 -26.89 -34.67 1.57
CA ALA C 170 -26.35 -35.80 0.83
C ALA C 170 -25.36 -36.58 1.67
N VAL C 171 -24.57 -35.87 2.49
CA VAL C 171 -23.64 -36.55 3.39
C VAL C 171 -24.40 -37.44 4.36
N SER C 172 -25.49 -36.93 4.94
CA SER C 172 -26.26 -37.72 5.89
C SER C 172 -26.89 -38.92 5.21
N MET C 173 -27.34 -38.75 3.96
CA MET C 173 -27.87 -39.88 3.21
C MET C 173 -26.80 -40.95 2.95
N LEU C 174 -25.63 -40.52 2.49
CA LEU C 174 -24.56 -41.46 2.21
C LEU C 174 -24.13 -42.19 3.47
N LYS C 175 -24.13 -41.51 4.61
CA LYS C 175 -23.86 -42.18 5.88
C LYS C 175 -24.86 -43.29 6.16
N GLN C 176 -26.10 -43.14 5.71
CA GLN C 176 -27.17 -44.08 6.03
C GLN C 176 -27.48 -45.07 4.92
N ASP C 177 -26.78 -45.00 3.77
CA ASP C 177 -26.99 -45.94 2.68
C ASP C 177 -25.73 -46.48 2.03
N TYR C 178 -24.54 -46.09 2.49
CA TYR C 178 -23.31 -46.64 1.93
C TYR C 178 -22.94 -47.95 2.61
N LYS C 179 -22.54 -48.92 1.80
CA LYS C 179 -22.41 -50.32 2.20
C LYS C 179 -20.98 -50.79 1.94
N GLU C 180 -20.03 -50.07 2.55
CA GLU C 180 -18.58 -50.25 2.39
C GLU C 180 -18.16 -51.70 2.26
N GLY C 181 -17.35 -51.96 1.23
CA GLY C 181 -16.90 -53.30 0.91
C GLY C 181 -17.79 -54.05 -0.06
N GLU C 182 -19.02 -53.60 -0.27
CA GLU C 182 -19.98 -54.21 -1.18
C GLU C 182 -20.62 -53.14 -2.05
N MET C 183 -19.80 -52.26 -2.63
CA MET C 183 -20.25 -51.15 -3.44
C MET C 183 -19.69 -51.33 -4.84
N THR C 184 -20.53 -51.82 -5.76
CA THR C 184 -20.18 -51.87 -7.16
C THR C 184 -20.46 -50.50 -7.81
N LEU C 185 -20.35 -50.45 -9.13
CA LEU C 185 -20.57 -49.21 -9.86
C LEU C 185 -22.03 -48.99 -10.20
N LYS C 186 -22.76 -50.06 -10.53
CA LYS C 186 -24.21 -49.94 -10.66
C LYS C 186 -24.84 -49.54 -9.33
N SER C 187 -24.37 -50.14 -8.23
CA SER C 187 -24.83 -49.73 -6.92
C SER C 187 -24.54 -48.25 -6.65
N ALA C 188 -23.36 -47.78 -7.07
CA ALA C 188 -23.00 -46.39 -6.82
C ALA C 188 -23.84 -45.43 -7.65
N LEU C 189 -24.12 -45.78 -8.90
CA LEU C 189 -25.00 -44.94 -9.72
C LEU C 189 -26.43 -44.96 -9.20
N ALA C 190 -26.90 -46.12 -8.74
CA ALA C 190 -28.23 -46.21 -8.16
C ALA C 190 -28.34 -45.35 -6.91
N LEU C 191 -27.28 -45.29 -6.11
CA LEU C 191 -27.23 -44.41 -4.96
C LEU C 191 -27.12 -42.94 -5.36
N ALA C 192 -26.42 -42.65 -6.46
CA ALA C 192 -26.26 -41.27 -6.91
C ALA C 192 -27.57 -40.70 -7.39
N ILE C 193 -28.32 -41.46 -8.20
CA ILE C 193 -29.63 -41.00 -8.67
C ILE C 193 -30.60 -40.77 -7.52
N LYS C 194 -30.36 -41.40 -6.38
CA LYS C 194 -31.21 -41.23 -5.19
C LYS C 194 -30.80 -39.99 -4.40
N VAL C 195 -29.51 -39.89 -4.09
CA VAL C 195 -28.99 -38.73 -3.35
C VAL C 195 -29.23 -37.45 -4.11
N LEU C 196 -29.16 -37.50 -5.44
CA LEU C 196 -29.30 -36.32 -6.28
C LEU C 196 -30.75 -35.96 -6.55
N ASN C 197 -31.69 -36.84 -6.19
CA ASN C 197 -33.13 -36.56 -6.29
C ASN C 197 -33.74 -36.11 -4.97
N LYS C 198 -33.26 -36.65 -3.85
CA LYS C 198 -33.71 -36.18 -2.54
C LYS C 198 -32.93 -34.95 -2.06
N THR C 199 -32.24 -34.24 -2.96
CA THR C 199 -31.57 -32.99 -2.63
C THR C 199 -31.85 -31.86 -3.61
N MET C 200 -32.23 -32.16 -4.85
CA MET C 200 -32.49 -31.12 -5.84
C MET C 200 -33.83 -30.45 -5.56
N ASP C 201 -33.84 -29.11 -5.58
CA ASP C 201 -35.08 -28.38 -5.44
C ASP C 201 -36.03 -28.68 -6.59
N VAL C 202 -35.56 -28.53 -7.83
CA VAL C 202 -36.34 -28.93 -9.00
C VAL C 202 -36.56 -30.44 -8.95
N SER C 203 -37.81 -30.85 -8.91
CA SER C 203 -38.14 -32.26 -8.71
C SER C 203 -38.17 -32.98 -10.06
N LYS C 204 -38.30 -34.31 -9.98
CA LYS C 204 -38.35 -35.28 -11.07
C LYS C 204 -36.98 -35.56 -11.67
N LEU C 205 -35.93 -34.80 -11.33
CA LEU C 205 -34.54 -35.06 -11.75
C LEU C 205 -34.45 -35.34 -13.26
N SER C 206 -34.70 -34.30 -14.04
CA SER C 206 -34.50 -34.40 -15.47
C SER C 206 -33.08 -34.83 -15.77
N ALA C 207 -32.93 -35.64 -16.82
CA ALA C 207 -31.60 -36.06 -17.25
C ALA C 207 -30.80 -34.91 -17.86
N GLU C 208 -31.48 -33.85 -18.30
CA GLU C 208 -30.79 -32.66 -18.77
C GLU C 208 -30.07 -31.91 -17.66
N LYS C 209 -30.44 -32.16 -16.40
CA LYS C 209 -29.99 -31.37 -15.26
C LYS C 209 -28.87 -32.04 -14.46
N VAL C 210 -28.22 -33.06 -15.00
CA VAL C 210 -27.15 -33.77 -14.29
C VAL C 210 -26.00 -34.05 -15.26
N GLU C 211 -24.92 -34.59 -14.69
CA GLU C 211 -23.70 -34.91 -15.42
C GLU C 211 -22.94 -35.94 -14.60
N ILE C 212 -22.65 -37.08 -15.22
CA ILE C 212 -22.07 -38.23 -14.52
C ILE C 212 -20.87 -38.72 -15.31
N ALA C 213 -19.82 -39.13 -14.60
CA ALA C 213 -18.62 -39.68 -15.20
C ALA C 213 -18.17 -40.86 -14.35
N THR C 214 -17.77 -41.94 -15.01
CA THR C 214 -17.28 -43.14 -14.35
C THR C 214 -15.83 -43.36 -14.72
N LEU C 215 -15.07 -43.92 -13.77
CA LEU C 215 -13.66 -44.26 -13.98
C LEU C 215 -13.49 -45.74 -13.73
N THR C 216 -12.97 -46.46 -14.73
CA THR C 216 -12.85 -47.90 -14.69
C THR C 216 -11.55 -48.29 -15.41
N ARG C 217 -11.29 -49.59 -15.45
CA ARG C 217 -10.08 -50.14 -16.06
C ARG C 217 -10.42 -51.31 -16.96
N GLU C 218 -9.74 -51.39 -18.09
CA GLU C 218 -9.99 -52.42 -19.10
C GLU C 218 -8.68 -52.81 -19.75
N ASN C 219 -8.22 -54.03 -19.48
CA ASN C 219 -6.99 -54.56 -20.08
C ASN C 219 -5.78 -53.70 -19.74
N GLY C 220 -5.66 -53.30 -18.48
CA GLY C 220 -4.51 -52.51 -18.06
C GLY C 220 -4.46 -51.11 -18.63
N LYS C 221 -5.60 -50.55 -19.01
CA LYS C 221 -5.70 -49.16 -19.42
C LYS C 221 -6.83 -48.51 -18.64
N THR C 222 -6.66 -47.23 -18.33
CA THR C 222 -7.66 -46.48 -17.59
C THR C 222 -8.68 -45.88 -18.56
N VAL C 223 -9.91 -45.74 -18.07
CA VAL C 223 -11.03 -45.29 -18.89
C VAL C 223 -11.83 -44.28 -18.08
N ILE C 224 -12.18 -43.17 -18.72
CA ILE C 224 -13.04 -42.14 -18.12
C ILE C 224 -14.12 -41.84 -19.15
N ARG C 225 -15.32 -42.35 -18.92
CA ARG C 225 -16.45 -42.14 -19.80
C ARG C 225 -17.43 -41.14 -19.20
N VAL C 226 -18.36 -40.70 -20.04
CA VAL C 226 -19.42 -39.79 -19.66
C VAL C 226 -20.72 -40.37 -20.19
N LEU C 227 -21.66 -40.66 -19.30
CA LEU C 227 -22.91 -41.30 -19.71
C LEU C 227 -23.74 -40.33 -20.52
N LYS C 228 -24.36 -40.83 -21.59
CA LYS C 228 -25.17 -40.00 -22.46
C LYS C 228 -26.56 -39.81 -21.85
N GLN C 229 -27.41 -39.08 -22.58
CA GLN C 229 -28.78 -38.85 -22.12
C GLN C 229 -29.53 -40.17 -21.95
N LYS C 230 -29.60 -40.96 -23.02
CA LYS C 230 -30.33 -42.23 -22.98
C LYS C 230 -29.73 -43.21 -21.98
N GLU C 231 -28.44 -43.10 -21.67
CA GLU C 231 -27.83 -43.97 -20.68
C GLU C 231 -28.18 -43.56 -19.25
N VAL C 232 -28.66 -42.33 -19.05
CA VAL C 232 -29.09 -41.86 -17.74
C VAL C 232 -30.61 -41.95 -17.58
N GLU C 233 -31.35 -41.94 -18.69
CA GLU C 233 -32.79 -42.17 -18.62
C GLU C 233 -33.10 -43.50 -17.95
N GLN C 234 -32.31 -44.53 -18.25
CA GLN C 234 -32.53 -45.84 -17.63
C GLN C 234 -32.30 -45.77 -16.12
N LEU C 235 -31.22 -45.09 -15.71
CA LEU C 235 -30.94 -44.91 -14.29
C LEU C 235 -32.07 -44.18 -13.59
N ILE C 236 -32.66 -43.20 -14.25
CA ILE C 236 -33.77 -42.47 -13.63
C ILE C 236 -35.00 -43.36 -13.56
N LYS C 237 -35.34 -44.06 -14.64
CA LYS C 237 -36.53 -44.90 -14.66
C LYS C 237 -36.46 -46.02 -13.63
N LYS C 238 -35.25 -46.54 -13.36
CA LYS C 238 -35.09 -47.54 -12.32
C LYS C 238 -34.98 -46.92 -10.91
N HIS C 239 -35.49 -45.70 -10.70
CA HIS C 239 -35.56 -45.12 -9.37
C HIS C 239 -36.99 -44.94 -8.87
N GLU C 240 -37.88 -44.36 -9.68
CA GLU C 240 -39.28 -44.24 -9.26
C GLU C 240 -39.91 -45.61 -9.11
N GLU C 241 -39.51 -46.58 -9.94
CA GLU C 241 -39.94 -47.95 -9.74
C GLU C 241 -39.48 -48.47 -8.40
N GLU C 242 -38.26 -48.12 -7.98
CA GLU C 242 -37.72 -48.63 -6.73
C GLU C 242 -38.43 -48.03 -5.52
N GLU C 243 -38.71 -46.72 -5.54
CA GLU C 243 -39.40 -46.08 -4.43
C GLU C 243 -40.91 -46.10 -4.58
N ALA C 244 -41.43 -46.58 -5.71
CA ALA C 244 -42.85 -46.92 -5.79
C ALA C 244 -43.12 -48.26 -5.12
N LYS C 245 -42.15 -49.18 -5.17
CA LYS C 245 -42.28 -50.45 -4.47
C LYS C 245 -42.10 -50.27 -2.96
N ALA C 246 -41.32 -49.28 -2.55
CA ALA C 246 -41.23 -48.92 -1.13
C ALA C 246 -42.43 -48.11 -0.65
N GLU C 247 -43.40 -47.82 -1.53
CA GLU C 247 -44.68 -47.26 -1.13
C GLU C 247 -45.83 -48.24 -1.29
N ARG C 248 -45.64 -49.36 -2.00
CA ARG C 248 -46.68 -50.37 -2.12
C ARG C 248 -47.03 -50.96 -0.77
N GLU C 249 -46.02 -51.23 0.07
CA GLU C 249 -46.23 -51.87 1.36
C GLU C 249 -46.79 -50.85 2.36
N LYS C 250 -48.07 -50.53 2.16
CA LYS C 250 -48.78 -49.61 3.03
C LYS C 250 -49.63 -50.36 4.05
N TYR D 2 -1.87 1.29 17.25
CA TYR D 2 -1.17 0.46 18.22
C TYR D 2 -1.93 -0.82 18.60
N ASP D 3 -3.18 -0.90 18.15
CA ASP D 3 -4.09 -1.99 18.51
C ASP D 3 -3.94 -3.11 17.47
N ARG D 4 -4.94 -3.97 17.39
CA ARG D 4 -4.98 -5.11 16.46
C ARG D 4 -4.72 -4.71 15.01
N ALA D 5 -4.59 -5.72 14.15
CA ALA D 5 -4.68 -5.66 12.70
C ALA D 5 -3.38 -5.21 12.03
N ILE D 6 -2.33 -4.88 12.78
CA ILE D 6 -1.02 -4.63 12.18
C ILE D 6 0.01 -5.14 13.17
N THR D 7 1.14 -5.62 12.64
CA THR D 7 2.31 -5.95 13.44
C THR D 7 3.16 -4.69 13.58
N VAL D 8 2.73 -3.79 14.49
CA VAL D 8 3.49 -2.57 14.77
C VAL D 8 4.06 -2.61 16.18
N PHE D 9 3.24 -2.36 17.20
CA PHE D 9 3.61 -2.34 18.61
C PHE D 9 2.40 -1.87 19.42
N SER D 10 2.49 -1.96 20.76
CA SER D 10 1.50 -1.36 21.64
C SER D 10 2.21 -0.52 22.70
N PRO D 11 1.50 0.35 23.42
CA PRO D 11 2.16 1.12 24.49
C PRO D 11 2.81 0.25 25.55
N ASP D 12 2.30 -0.95 25.76
CA ASP D 12 2.89 -1.88 26.71
C ASP D 12 4.11 -2.58 26.16
N GLY D 13 4.30 -2.58 24.84
CA GLY D 13 5.40 -3.30 24.21
C GLY D 13 5.02 -4.70 23.81
N HIS D 14 3.92 -4.83 23.07
CA HIS D 14 3.39 -6.12 22.65
C HIS D 14 3.14 -6.12 21.16
N LEU D 15 3.01 -7.32 20.60
CA LEU D 15 2.66 -7.53 19.20
C LEU D 15 1.50 -8.52 19.20
N PHE D 16 0.30 -8.02 18.98
CA PHE D 16 -0.90 -8.82 19.23
C PHE D 16 -1.18 -9.80 18.11
N GLN D 17 -0.75 -9.49 16.87
CA GLN D 17 -0.86 -10.46 15.79
C GLN D 17 0.03 -11.67 16.00
N VAL D 18 1.01 -11.60 16.89
CA VAL D 18 1.83 -12.75 17.24
C VAL D 18 1.17 -13.59 18.34
N GLU D 19 0.38 -12.95 19.20
CA GLU D 19 -0.37 -13.68 20.22
C GLU D 19 -1.60 -14.35 19.64
N TYR D 20 -2.24 -13.70 18.67
CA TYR D 20 -3.43 -14.24 18.05
C TYR D 20 -3.14 -15.45 17.18
N ALA D 21 -1.88 -15.66 16.79
CA ALA D 21 -1.49 -16.88 16.10
C ALA D 21 -1.29 -18.03 17.09
N GLN D 22 -0.72 -17.74 18.26
CA GLN D 22 -0.67 -18.74 19.33
C GLN D 22 -2.07 -19.16 19.75
N GLU D 23 -3.03 -18.23 19.72
CA GLU D 23 -4.41 -18.57 19.98
C GLU D 23 -4.98 -19.56 18.98
N ALA D 24 -4.38 -19.68 17.79
CA ALA D 24 -4.77 -20.72 16.86
C ALA D 24 -4.14 -22.05 17.22
N VAL D 25 -2.96 -22.02 17.83
CA VAL D 25 -2.35 -23.24 18.36
C VAL D 25 -3.08 -23.72 19.60
N LYS D 26 -3.81 -22.84 20.28
CA LYS D 26 -4.67 -23.22 21.39
C LYS D 26 -6.04 -23.73 20.93
N LYS D 27 -6.16 -24.16 19.67
CA LYS D 27 -7.42 -24.56 19.06
C LYS D 27 -7.37 -25.91 18.38
N GLY D 28 -6.18 -26.46 18.14
CA GLY D 28 -6.04 -27.75 17.51
C GLY D 28 -6.17 -28.89 18.51
N SER D 29 -5.69 -30.06 18.09
CA SER D 29 -5.78 -31.26 18.90
C SER D 29 -4.52 -31.42 19.74
N THR D 30 -4.68 -32.03 20.91
CA THR D 30 -3.59 -32.14 21.85
C THR D 30 -2.49 -33.04 21.30
N ALA D 31 -1.24 -32.67 21.58
CA ALA D 31 -0.08 -33.43 21.14
C ALA D 31 0.98 -33.35 22.22
N VAL D 32 1.39 -34.50 22.75
CA VAL D 32 2.32 -34.59 23.86
C VAL D 32 3.61 -35.22 23.35
N GLY D 33 4.65 -35.10 24.18
CA GLY D 33 5.94 -35.68 23.88
C GLY D 33 6.73 -35.93 25.15
N VAL D 34 7.45 -37.05 25.20
CA VAL D 34 8.21 -37.44 26.39
C VAL D 34 9.59 -37.89 25.95
N ARG D 35 10.62 -37.43 26.66
CA ARG D 35 12.00 -37.77 26.38
C ARG D 35 12.48 -38.79 27.42
N GLY D 36 13.02 -39.90 26.94
CA GLY D 36 13.57 -40.94 27.79
C GLY D 36 15.07 -41.02 27.72
N ARG D 37 15.59 -42.25 27.71
CA ARG D 37 17.01 -42.53 27.59
C ARG D 37 17.37 -43.09 26.23
N ASP D 38 16.61 -44.09 25.77
CA ASP D 38 16.76 -44.69 24.47
C ASP D 38 15.43 -44.84 23.75
N ILE D 39 14.33 -44.38 24.34
CA ILE D 39 13.04 -44.26 23.67
C ILE D 39 12.53 -42.85 23.86
N VAL D 40 11.84 -42.36 22.84
CA VAL D 40 11.18 -41.05 22.89
C VAL D 40 9.82 -41.21 22.23
N VAL D 41 8.77 -40.81 22.95
CA VAL D 41 7.38 -41.10 22.56
C VAL D 41 6.60 -39.80 22.51
N LEU D 42 5.84 -39.63 21.42
CA LEU D 42 4.84 -38.58 21.29
C LEU D 42 3.52 -39.18 20.83
N GLY D 43 2.43 -38.54 21.23
CA GLY D 43 1.11 -38.99 20.89
C GLY D 43 0.18 -37.82 20.65
N VAL D 44 -0.78 -38.04 19.75
CA VAL D 44 -1.66 -36.98 19.27
C VAL D 44 -3.10 -37.50 19.26
N GLU D 45 -4.02 -36.65 19.74
CA GLU D 45 -5.43 -36.97 19.67
C GLU D 45 -5.89 -37.07 18.21
N LYS D 46 -6.88 -37.92 17.97
CA LYS D 46 -7.40 -38.12 16.63
C LYS D 46 -8.52 -37.11 16.33
N LYS D 47 -8.81 -36.95 15.04
CA LYS D 47 -9.60 -35.83 14.54
C LYS D 47 -11.05 -36.19 14.24
N SER D 48 -11.65 -37.11 15.00
CA SER D 48 -13.10 -37.36 14.93
C SER D 48 -13.50 -37.85 13.53
N VAL D 49 -13.08 -39.07 13.21
CA VAL D 49 -13.36 -39.67 11.91
C VAL D 49 -14.87 -39.66 11.62
N ALA D 50 -15.21 -39.74 10.32
CA ALA D 50 -16.51 -39.31 9.82
C ALA D 50 -17.28 -40.41 9.08
N LYS D 51 -16.94 -41.67 9.29
CA LYS D 51 -17.67 -42.85 8.83
C LYS D 51 -17.48 -43.12 7.33
N LEU D 52 -16.86 -42.20 6.57
CA LEU D 52 -16.67 -42.38 5.14
C LEU D 52 -15.34 -41.84 4.67
N GLN D 53 -14.38 -41.66 5.57
CA GLN D 53 -13.12 -41.00 5.30
C GLN D 53 -11.98 -41.98 5.48
N ASP D 54 -11.01 -41.90 4.57
CA ASP D 54 -9.79 -42.69 4.68
C ASP D 54 -8.81 -41.92 5.55
N GLU D 55 -8.45 -42.49 6.70
CA GLU D 55 -7.60 -41.83 7.68
C GLU D 55 -6.12 -41.90 7.33
N ARG D 56 -5.77 -42.44 6.15
CA ARG D 56 -4.37 -42.45 5.72
C ARG D 56 -3.81 -41.05 5.48
N THR D 57 -4.67 -40.04 5.34
CA THR D 57 -4.26 -38.70 4.94
C THR D 57 -4.36 -37.68 6.06
N VAL D 58 -4.68 -38.10 7.28
CA VAL D 58 -4.87 -37.20 8.42
C VAL D 58 -3.61 -37.27 9.27
N ARG D 59 -2.46 -37.49 8.63
CA ARG D 59 -1.22 -37.72 9.35
C ARG D 59 -0.86 -36.49 10.19
N LYS D 60 -0.87 -36.65 11.51
CA LYS D 60 -0.42 -35.61 12.42
C LYS D 60 1.07 -35.71 12.71
N ILE D 61 1.61 -36.92 12.68
CA ILE D 61 3.02 -37.17 12.96
C ILE D 61 3.71 -37.38 11.63
N CYS D 62 4.85 -36.71 11.43
CA CYS D 62 5.53 -36.68 10.16
C CYS D 62 7.02 -36.70 10.38
N ALA D 63 7.69 -37.65 9.75
CA ALA D 63 9.13 -37.74 9.82
C ALA D 63 9.77 -36.75 8.85
N LEU D 64 10.95 -36.28 9.21
CA LEU D 64 11.75 -35.38 8.40
C LEU D 64 13.01 -36.04 7.88
N ASP D 65 13.62 -36.91 8.67
CA ASP D 65 14.75 -37.72 8.25
C ASP D 65 14.70 -39.02 9.03
N ASP D 66 15.80 -39.77 9.02
CA ASP D 66 15.83 -41.04 9.73
C ASP D 66 15.85 -40.84 11.24
N ASN D 67 16.54 -39.80 11.71
CA ASN D 67 16.76 -39.60 13.14
C ASN D 67 15.79 -38.60 13.76
N VAL D 68 15.08 -37.80 12.97
CA VAL D 68 14.26 -36.71 13.48
C VAL D 68 12.80 -36.98 13.10
N CYS D 69 11.90 -36.52 13.95
CA CYS D 69 10.46 -36.66 13.74
C CYS D 69 9.78 -35.39 14.23
N MET D 70 8.46 -35.31 14.06
CA MET D 70 7.76 -34.05 14.24
C MET D 70 6.27 -34.31 14.43
N ALA D 71 5.67 -33.53 15.32
CA ALA D 71 4.23 -33.52 15.51
C ALA D 71 3.81 -32.06 15.72
N PHE D 72 2.62 -31.71 15.23
CA PHE D 72 2.20 -30.31 15.14
C PHE D 72 0.77 -30.16 15.66
N ALA D 73 0.46 -28.92 16.05
CA ALA D 73 -0.88 -28.52 16.45
C ALA D 73 -1.13 -27.11 15.94
N GLY D 74 -2.32 -26.90 15.36
CA GLY D 74 -2.71 -25.63 14.80
C GLY D 74 -3.31 -25.78 13.42
N LEU D 75 -2.99 -24.86 12.52
CA LEU D 75 -3.48 -24.93 11.15
C LEU D 75 -2.85 -26.13 10.44
N THR D 76 -3.69 -26.86 9.70
CA THR D 76 -3.25 -28.11 9.09
C THR D 76 -2.45 -27.88 7.81
N ALA D 77 -2.72 -26.78 7.11
CA ALA D 77 -2.08 -26.57 5.82
C ALA D 77 -0.71 -25.92 5.97
N ASP D 78 -0.56 -25.00 6.92
CA ASP D 78 0.75 -24.41 7.20
C ASP D 78 1.75 -25.48 7.64
N ALA D 79 1.26 -26.49 8.35
CA ALA D 79 2.10 -27.61 8.77
C ALA D 79 2.77 -28.28 7.58
N ARG D 80 2.01 -28.56 6.51
CA ARG D 80 2.58 -29.23 5.36
C ARG D 80 3.71 -28.45 4.71
N ILE D 81 3.53 -27.13 4.52
CA ILE D 81 4.60 -26.31 3.97
C ILE D 81 5.82 -26.26 4.88
N VAL D 82 5.62 -26.07 6.19
CA VAL D 82 6.77 -26.07 7.10
C VAL D 82 7.49 -27.42 7.08
N ILE D 83 6.74 -28.52 7.00
CA ILE D 83 7.34 -29.84 7.03
C ILE D 83 8.09 -30.15 5.75
N ASN D 84 7.55 -29.76 4.59
CA ASN D 84 8.30 -29.94 3.35
C ASN D 84 9.55 -29.07 3.31
N ARG D 85 9.46 -27.82 3.79
CA ARG D 85 10.63 -26.96 3.80
C ARG D 85 11.67 -27.38 4.82
N ALA D 86 11.28 -28.14 5.85
CA ALA D 86 12.24 -28.77 6.74
C ALA D 86 12.85 -30.03 6.16
N ARG D 87 12.04 -30.84 5.49
CA ARG D 87 12.53 -32.03 4.81
C ARG D 87 13.55 -31.69 3.74
N VAL D 88 13.36 -30.59 3.02
CA VAL D 88 14.34 -30.16 2.04
C VAL D 88 15.66 -29.81 2.71
N GLU D 89 15.60 -29.06 3.82
CA GLU D 89 16.82 -28.65 4.50
C GLU D 89 17.54 -29.84 5.13
N CYS D 90 16.79 -30.86 5.53
CA CYS D 90 17.43 -32.06 6.08
C CYS D 90 18.35 -32.74 5.08
N GLN D 91 18.11 -32.56 3.78
CA GLN D 91 18.95 -33.11 2.71
C GLN D 91 19.97 -32.09 2.21
N SER D 92 19.59 -30.82 2.13
CA SER D 92 20.55 -29.78 1.79
C SER D 92 21.67 -29.70 2.83
N HIS D 93 21.38 -30.09 4.07
CA HIS D 93 22.40 -30.12 5.11
C HIS D 93 23.38 -31.27 4.93
N ARG D 94 22.94 -32.39 4.35
CA ARG D 94 23.88 -33.44 3.98
C ARG D 94 24.62 -33.12 2.69
N LEU D 95 24.06 -32.25 1.85
CA LEU D 95 24.81 -31.75 0.70
C LEU D 95 25.91 -30.77 1.10
N THR D 96 25.59 -29.81 1.96
CA THR D 96 26.57 -28.79 2.32
C THR D 96 27.70 -29.37 3.15
N VAL D 97 27.39 -30.28 4.05
CA VAL D 97 28.37 -31.04 4.82
C VAL D 97 27.83 -32.46 4.94
N GLU D 98 28.69 -33.46 4.70
CA GLU D 98 28.17 -34.82 4.58
C GLU D 98 27.57 -35.35 5.88
N ASP D 99 27.85 -34.70 7.00
CA ASP D 99 27.29 -35.13 8.27
C ASP D 99 25.76 -35.05 8.23
N PRO D 100 25.06 -35.87 9.03
CA PRO D 100 23.60 -35.72 9.10
C PRO D 100 23.22 -34.51 9.93
N VAL D 101 21.92 -34.27 10.08
CA VAL D 101 21.42 -33.11 10.80
C VAL D 101 21.19 -33.50 12.26
N THR D 102 21.17 -32.49 13.12
CA THR D 102 20.81 -32.64 14.53
C THR D 102 19.48 -31.95 14.78
N VAL D 103 18.88 -32.29 15.93
CA VAL D 103 17.53 -31.83 16.22
C VAL D 103 17.49 -30.31 16.38
N GLU D 104 18.45 -29.75 17.10
CA GLU D 104 18.49 -28.31 17.31
C GLU D 104 18.71 -27.53 16.03
N TYR D 105 19.46 -28.08 15.07
CA TYR D 105 19.67 -27.38 13.80
C TYR D 105 18.36 -27.16 13.07
N ILE D 106 17.59 -28.24 12.87
CA ILE D 106 16.35 -28.12 12.11
C ILE D 106 15.28 -27.42 12.92
N THR D 107 15.27 -27.54 14.24
CA THR D 107 14.37 -26.74 15.07
C THR D 107 14.66 -25.25 14.90
N ARG D 108 15.94 -24.86 14.99
CA ARG D 108 16.36 -23.50 14.70
C ARG D 108 15.95 -23.04 13.31
N TYR D 109 16.09 -23.90 12.30
CA TYR D 109 15.70 -23.52 10.95
C TYR D 109 14.21 -23.25 10.85
N ILE D 110 13.39 -24.14 11.43
CA ILE D 110 11.95 -23.96 11.41
C ILE D 110 11.54 -22.70 12.16
N ALA D 111 12.18 -22.45 13.30
CA ALA D 111 11.93 -21.24 14.06
C ALA D 111 12.31 -19.98 13.32
N SER D 112 13.43 -20.02 12.58
CA SER D 112 13.80 -18.87 11.75
C SER D 112 12.79 -18.66 10.63
N LEU D 113 12.32 -19.75 10.03
CA LEU D 113 11.30 -19.65 8.99
C LEU D 113 10.03 -19.00 9.53
N LYS D 114 9.64 -19.35 10.74
CA LYS D 114 8.45 -18.74 11.35
C LYS D 114 8.70 -17.29 11.72
N GLN D 115 9.85 -17.01 12.33
CA GLN D 115 10.26 -15.64 12.63
C GLN D 115 10.22 -14.74 11.40
N ARG D 116 10.61 -15.30 10.24
CA ARG D 116 10.65 -14.54 9.00
C ARG D 116 9.28 -14.04 8.57
N TYR D 117 8.20 -14.67 9.05
CA TYR D 117 6.85 -14.31 8.67
C TYR D 117 6.18 -13.38 9.69
N THR D 118 6.90 -13.00 10.75
CA THR D 118 6.43 -12.00 11.71
C THR D 118 7.05 -10.63 11.47
N GLN D 119 7.85 -10.47 10.42
CA GLN D 119 8.64 -9.27 10.19
C GLN D 119 7.95 -8.28 9.25
N SER D 120 7.20 -8.79 8.28
CA SER D 120 6.58 -7.97 7.24
C SER D 120 5.07 -8.02 7.36
N ASN D 121 4.45 -6.92 6.96
CA ASN D 121 3.06 -6.99 6.53
C ASN D 121 3.02 -7.60 5.13
N GLY D 122 1.84 -8.09 4.75
CA GLY D 122 1.75 -8.93 3.58
C GLY D 122 2.26 -10.33 3.78
N ARG D 123 2.59 -10.72 5.01
CA ARG D 123 2.90 -12.09 5.38
C ARG D 123 2.22 -12.37 6.71
N ARG D 124 1.61 -13.54 6.80
CA ARG D 124 0.85 -13.96 7.97
C ARG D 124 1.63 -15.01 8.74
N PRO D 125 1.75 -14.95 10.07
CA PRO D 125 2.54 -15.95 10.79
C PRO D 125 1.99 -17.37 10.60
N PHE D 126 2.88 -18.34 10.70
CA PHE D 126 2.48 -19.74 10.67
C PHE D 126 1.74 -20.10 11.94
N GLY D 127 0.47 -20.46 11.81
CA GLY D 127 -0.35 -20.72 12.98
C GLY D 127 -0.24 -22.13 13.50
N ILE D 128 0.99 -22.57 13.80
CA ILE D 128 1.25 -23.90 14.34
C ILE D 128 2.31 -23.81 15.43
N SER D 129 2.36 -24.87 16.24
CA SER D 129 3.53 -25.22 17.01
C SER D 129 3.98 -26.60 16.57
N ALA D 130 5.19 -26.98 16.98
CA ALA D 130 5.77 -28.24 16.58
C ALA D 130 6.59 -28.83 17.72
N LEU D 131 6.28 -30.08 18.08
CA LEU D 131 7.12 -30.87 18.96
C LEU D 131 8.06 -31.67 18.07
N ILE D 132 9.35 -31.41 18.19
CA ILE D 132 10.37 -31.91 17.27
C ILE D 132 11.28 -32.82 18.09
N VAL D 133 11.01 -34.12 18.06
CA VAL D 133 11.75 -35.11 18.83
C VAL D 133 12.66 -35.86 17.88
N GLY D 134 13.80 -36.32 18.37
CA GLY D 134 14.69 -37.05 17.51
C GLY D 134 15.91 -37.57 18.23
N PHE D 135 16.91 -37.95 17.44
CA PHE D 135 18.13 -38.55 17.92
C PHE D 135 19.32 -37.75 17.41
N ASP D 136 20.51 -38.15 17.84
CA ASP D 136 21.76 -37.51 17.46
C ASP D 136 22.84 -38.56 17.30
N PHE D 137 24.00 -38.13 16.82
CA PHE D 137 25.23 -38.86 17.04
C PHE D 137 25.72 -38.56 18.45
N ASP D 138 26.18 -39.60 19.14
CA ASP D 138 26.27 -39.79 20.61
C ASP D 138 24.96 -40.32 21.20
N GLY D 139 23.91 -40.49 20.40
CA GLY D 139 22.67 -41.10 20.88
C GLY D 139 21.99 -40.32 21.99
N THR D 140 22.13 -39.00 21.99
CA THR D 140 21.49 -38.18 23.01
C THR D 140 20.04 -37.89 22.62
N PRO D 141 19.04 -38.40 23.35
CA PRO D 141 17.65 -38.06 22.98
C PRO D 141 17.37 -36.58 23.18
N ARG D 142 16.56 -36.03 22.27
CA ARG D 142 16.26 -34.61 22.23
C ARG D 142 14.77 -34.39 22.06
N LEU D 143 14.29 -33.30 22.67
CA LEU D 143 12.92 -32.84 22.46
C LEU D 143 12.92 -31.32 22.50
N TYR D 144 12.29 -30.72 21.49
CA TYR D 144 12.16 -29.27 21.41
C TYR D 144 10.71 -28.92 21.10
N GLN D 145 10.37 -27.66 21.35
CA GLN D 145 9.04 -27.13 21.07
C GLN D 145 9.18 -25.75 20.46
N THR D 146 8.48 -25.52 19.35
CA THR D 146 8.55 -24.27 18.61
C THR D 146 7.16 -23.64 18.53
N ASP D 147 7.11 -22.32 18.70
CA ASP D 147 5.89 -21.53 18.64
C ASP D 147 5.90 -20.64 17.41
N PRO D 148 4.77 -20.01 17.06
CA PRO D 148 4.75 -19.15 15.86
C PRO D 148 5.71 -17.98 15.90
N SER D 149 6.09 -17.49 17.08
CA SER D 149 6.92 -16.30 17.18
C SER D 149 8.37 -16.54 16.82
N GLY D 150 8.76 -17.78 16.56
CA GLY D 150 10.15 -18.09 16.28
C GLY D 150 10.97 -18.39 17.50
N THR D 151 10.35 -18.89 18.57
CA THR D 151 11.03 -19.24 19.81
C THR D 151 11.07 -20.75 19.93
N TYR D 152 12.23 -21.26 20.36
CA TYR D 152 12.39 -22.69 20.55
C TYR D 152 13.17 -22.97 21.83
N HIS D 153 12.68 -23.92 22.61
CA HIS D 153 13.30 -24.37 23.85
C HIS D 153 13.47 -25.88 23.78
N ALA D 154 14.09 -26.43 24.82
CA ALA D 154 14.20 -27.87 25.01
C ALA D 154 13.41 -28.27 26.25
N TRP D 155 12.84 -29.47 26.20
CA TRP D 155 11.91 -29.92 27.23
C TRP D 155 12.20 -31.37 27.58
N LYS D 156 11.89 -31.73 28.82
CA LYS D 156 11.83 -33.14 29.21
C LYS D 156 10.50 -33.75 28.84
N ALA D 157 9.43 -32.94 28.85
CA ALA D 157 8.12 -33.32 28.37
C ALA D 157 7.28 -32.07 28.24
N ASN D 158 6.40 -32.07 27.24
CA ASN D 158 5.61 -30.88 26.92
C ASN D 158 4.31 -31.33 26.27
N ALA D 159 3.41 -30.36 26.06
CA ALA D 159 2.15 -30.58 25.37
C ALA D 159 1.76 -29.32 24.62
N ILE D 160 0.99 -29.50 23.55
CA ILE D 160 0.50 -28.39 22.74
C ILE D 160 -0.90 -28.74 22.24
N GLY D 161 -1.79 -27.76 22.28
CA GLY D 161 -3.13 -27.87 21.74
C GLY D 161 -4.17 -27.65 22.80
N ARG D 162 -5.40 -28.04 22.48
CA ARG D 162 -6.52 -27.96 23.42
C ARG D 162 -6.29 -28.96 24.54
N GLY D 163 -5.95 -28.45 25.72
CA GLY D 163 -5.68 -29.28 26.89
C GLY D 163 -4.25 -29.29 27.34
N ALA D 164 -3.34 -28.58 26.68
CA ALA D 164 -1.95 -28.54 27.11
C ALA D 164 -1.82 -27.94 28.50
N LYS D 165 -2.67 -26.98 28.84
CA LYS D 165 -2.62 -26.38 30.16
C LYS D 165 -3.00 -27.36 31.26
N SER D 166 -3.69 -28.45 30.93
CA SER D 166 -4.04 -29.49 31.88
C SER D 166 -3.09 -30.66 31.85
N VAL D 167 -2.44 -30.92 30.71
CA VAL D 167 -1.45 -31.99 30.64
C VAL D 167 -0.12 -31.54 31.23
N ARG D 168 0.16 -30.24 31.20
CA ARG D 168 1.38 -29.74 31.84
C ARG D 168 1.36 -30.00 33.34
N GLU D 169 0.20 -29.85 33.98
CA GLU D 169 0.10 -30.17 35.40
C GLU D 169 0.27 -31.65 35.65
N PHE D 170 -0.31 -32.49 34.79
CA PHE D 170 -0.12 -33.94 34.90
C PHE D 170 1.36 -34.29 34.86
N LEU D 171 2.07 -33.83 33.84
CA LEU D 171 3.48 -34.17 33.68
C LEU D 171 4.34 -33.51 34.75
N GLU D 172 3.89 -32.38 35.30
CA GLU D 172 4.53 -31.81 36.48
C GLU D 172 4.42 -32.76 37.66
N LYS D 173 3.23 -33.32 37.89
CA LYS D 173 3.03 -34.19 39.03
C LYS D 173 3.62 -35.59 38.84
N ASN D 174 3.88 -36.01 37.60
CA ASN D 174 4.18 -37.41 37.31
C ASN D 174 5.56 -37.65 36.71
N TYR D 175 6.06 -36.73 35.89
CA TYR D 175 7.32 -36.97 35.19
C TYR D 175 8.48 -36.97 36.19
N THR D 176 9.11 -38.12 36.34
CA THR D 176 10.29 -38.27 37.18
C THR D 176 11.28 -39.15 36.43
N ASP D 177 12.35 -39.55 37.11
CA ASP D 177 13.29 -40.53 36.57
C ASP D 177 12.76 -41.95 36.72
N GLU D 178 11.68 -42.15 37.48
CA GLU D 178 11.17 -43.50 37.70
C GLU D 178 10.34 -43.98 36.52
N ALA D 179 9.57 -43.08 35.91
CA ALA D 179 8.65 -43.44 34.84
C ALA D 179 9.34 -43.56 33.49
N ILE D 180 10.67 -43.46 33.43
CA ILE D 180 11.45 -43.66 32.22
C ILE D 180 12.44 -44.78 32.47
N GLU D 181 12.03 -45.79 33.22
CA GLU D 181 12.92 -46.93 33.49
C GLU D 181 13.04 -47.82 32.25
N THR D 182 11.91 -48.22 31.69
CA THR D 182 11.85 -49.02 30.48
C THR D 182 11.02 -48.26 29.45
N ASP D 183 10.95 -48.81 28.24
CA ASP D 183 10.16 -48.18 27.19
C ASP D 183 8.67 -48.23 27.52
N ASP D 184 8.21 -49.35 28.08
CA ASP D 184 6.81 -49.55 28.39
C ASP D 184 6.30 -48.58 29.45
N LEU D 185 7.18 -48.02 30.28
CA LEU D 185 6.77 -47.00 31.24
C LEU D 185 6.80 -45.61 30.63
N THR D 186 7.70 -45.38 29.67
CA THR D 186 7.69 -44.13 28.93
C THR D 186 6.46 -44.01 28.03
N ILE D 187 5.91 -45.13 27.56
CA ILE D 187 4.71 -45.09 26.73
C ILE D 187 3.46 -44.95 27.59
N LYS D 188 3.43 -45.63 28.75
CA LYS D 188 2.27 -45.56 29.62
C LYS D 188 2.04 -44.15 30.13
N LEU D 189 3.12 -43.40 30.35
CA LEU D 189 2.99 -42.01 30.77
C LEU D 189 2.28 -41.18 29.72
N VAL D 190 2.65 -41.33 28.46
CA VAL D 190 1.99 -40.61 27.37
C VAL D 190 0.54 -41.05 27.25
N ILE D 191 0.26 -42.34 27.43
CA ILE D 191 -1.11 -42.83 27.36
C ILE D 191 -1.96 -42.20 28.46
N LYS D 192 -1.45 -42.20 29.70
CA LYS D 192 -2.20 -41.61 30.80
C LYS D 192 -2.39 -40.11 30.60
N ALA D 193 -1.37 -39.43 30.08
CA ALA D 193 -1.50 -37.99 29.84
C ALA D 193 -2.55 -37.70 28.77
N LEU D 194 -2.53 -38.45 27.67
CA LEU D 194 -3.54 -38.27 26.64
C LEU D 194 -4.93 -38.63 27.14
N LEU D 195 -5.01 -39.51 28.15
CA LEU D 195 -6.32 -39.87 28.71
C LEU D 195 -6.99 -38.67 29.38
N GLU D 196 -6.22 -37.69 29.85
CA GLU D 196 -6.77 -36.57 30.59
C GLU D 196 -7.63 -35.63 29.74
N VAL D 197 -7.56 -35.75 28.41
CA VAL D 197 -8.36 -34.93 27.50
C VAL D 197 -9.11 -35.81 26.49
N VAL D 198 -8.84 -37.11 26.50
CA VAL D 198 -9.31 -38.04 25.49
C VAL D 198 -10.80 -38.36 25.68
N GLN D 199 -11.35 -39.13 24.74
CA GLN D 199 -12.73 -39.58 24.71
C GLN D 199 -12.99 -40.78 25.66
N SER D 200 -12.08 -41.04 26.61
CA SER D 200 -12.14 -42.22 27.49
C SER D 200 -12.06 -43.52 26.69
N GLY D 201 -11.52 -43.44 25.48
CA GLY D 201 -11.48 -44.57 24.57
C GLY D 201 -10.14 -45.25 24.53
N GLY D 202 -9.38 -44.98 23.48
CA GLY D 202 -8.17 -45.71 23.17
C GLY D 202 -8.01 -45.85 21.67
N LYS D 203 -9.14 -45.90 20.95
CA LYS D 203 -9.14 -45.79 19.51
C LYS D 203 -8.95 -44.35 19.03
N ASN D 204 -9.08 -43.37 19.94
CA ASN D 204 -8.86 -41.96 19.63
C ASN D 204 -7.43 -41.53 19.95
N ILE D 205 -6.46 -42.46 19.87
CA ILE D 205 -5.08 -42.22 20.24
C ILE D 205 -4.18 -42.75 19.12
N GLU D 206 -3.05 -42.07 18.92
CA GLU D 206 -2.07 -42.49 17.93
C GLU D 206 -0.69 -42.13 18.47
N LEU D 207 0.13 -43.14 18.75
CA LEU D 207 1.44 -42.96 19.36
C LEU D 207 2.52 -43.46 18.41
N ALA D 208 3.67 -42.78 18.44
CA ALA D 208 4.86 -43.19 17.72
C ALA D 208 6.03 -43.21 18.69
N VAL D 209 7.08 -43.94 18.31
CA VAL D 209 8.26 -44.11 19.15
C VAL D 209 9.49 -44.16 18.25
N MET D 210 10.64 -43.84 18.84
CA MET D 210 11.92 -43.91 18.14
C MET D 210 12.98 -44.41 19.12
N ARG D 211 13.80 -45.35 18.65
CA ARG D 211 14.93 -45.89 19.41
C ARG D 211 16.23 -45.49 18.73
N ARG D 212 17.34 -45.68 19.46
CA ARG D 212 18.66 -45.39 18.89
C ARG D 212 18.92 -46.28 17.68
N ASP D 213 18.35 -47.48 17.66
CA ASP D 213 18.51 -48.44 16.58
C ASP D 213 17.44 -48.28 15.51
N GLN D 214 16.17 -48.37 15.89
CA GLN D 214 15.07 -48.39 14.94
C GLN D 214 14.92 -47.03 14.26
N SER D 215 14.12 -47.03 13.20
CA SER D 215 13.59 -45.81 12.60
C SER D 215 12.25 -45.49 13.28
N LEU D 216 11.48 -44.58 12.70
CA LEU D 216 10.18 -44.26 13.28
C LEU D 216 9.24 -45.46 13.15
N LYS D 217 8.43 -45.66 14.19
CA LYS D 217 7.53 -46.81 14.25
C LYS D 217 6.20 -46.34 14.83
N ILE D 218 5.21 -46.18 13.97
CA ILE D 218 3.86 -45.84 14.42
C ILE D 218 3.19 -47.10 14.91
N LEU D 219 2.43 -46.98 15.99
CA LEU D 219 1.81 -48.13 16.63
C LEU D 219 0.46 -48.44 16.01
N ASN D 220 0.07 -49.70 16.13
CA ASN D 220 -1.23 -50.20 15.75
C ASN D 220 -2.11 -50.34 17.00
N PRO D 221 -3.44 -50.36 16.85
CA PRO D 221 -4.29 -50.44 18.05
C PRO D 221 -4.15 -51.74 18.82
N GLU D 222 -3.51 -52.77 18.26
CA GLU D 222 -3.36 -54.02 18.99
C GLU D 222 -2.43 -53.87 20.18
N GLU D 223 -1.49 -52.92 20.12
CA GLU D 223 -0.62 -52.60 21.24
C GLU D 223 -1.14 -51.43 22.08
N ILE D 224 -1.78 -50.45 21.44
CA ILE D 224 -2.40 -49.36 22.19
C ILE D 224 -3.45 -49.90 23.14
N GLU D 225 -4.27 -50.86 22.68
CA GLU D 225 -5.25 -51.49 23.54
C GLU D 225 -4.60 -52.22 24.70
N LYS D 226 -3.48 -52.91 24.45
CA LYS D 226 -2.79 -53.62 25.53
C LYS D 226 -2.28 -52.65 26.58
N TYR D 227 -1.63 -51.56 26.14
CA TYR D 227 -1.13 -50.57 27.09
C TYR D 227 -2.27 -49.92 27.86
N VAL D 228 -3.37 -49.61 27.19
CA VAL D 228 -4.49 -48.95 27.85
C VAL D 228 -5.16 -49.89 28.85
N ALA D 229 -5.24 -51.18 28.52
CA ALA D 229 -5.81 -52.15 29.45
C ALA D 229 -4.91 -52.32 30.67
N GLU D 230 -3.60 -52.41 30.45
CA GLU D 230 -2.65 -52.45 31.56
C GLU D 230 -2.81 -51.23 32.46
N ILE D 231 -3.00 -50.05 31.86
CA ILE D 231 -3.11 -48.83 32.66
C ILE D 231 -4.43 -48.80 33.41
N GLU D 232 -5.52 -49.28 32.79
CA GLU D 232 -6.80 -49.37 33.47
C GLU D 232 -6.75 -50.35 34.62
N LYS D 233 -6.00 -51.44 34.47
CA LYS D 233 -5.85 -52.42 35.53
C LYS D 233 -5.00 -51.90 36.67
N GLU D 234 -3.89 -51.24 36.36
CA GLU D 234 -3.01 -50.69 37.38
C GLU D 234 -3.67 -49.56 38.17
N LYS D 235 -4.72 -48.94 37.61
CA LYS D 235 -5.48 -47.92 38.32
C LYS D 235 -6.70 -48.47 39.05
N GLU D 236 -7.28 -49.58 38.57
CA GLU D 236 -8.33 -50.24 39.32
C GLU D 236 -7.78 -50.87 40.60
N GLU D 237 -6.51 -51.27 40.57
CA GLU D 237 -5.89 -51.91 41.73
C GLU D 237 -5.36 -50.90 42.75
N ASN D 238 -4.78 -49.79 42.31
CA ASN D 238 -4.08 -48.87 43.22
C ASN D 238 -5.01 -47.80 43.78
N GLU D 239 -5.66 -47.01 42.91
CA GLU D 239 -6.45 -45.89 43.41
C GLU D 239 -7.70 -46.37 44.14
N LYS D 240 -8.28 -47.49 43.73
CA LYS D 240 -9.52 -48.02 44.29
C LYS D 240 -9.30 -49.12 45.32
N LYS D 241 -8.57 -50.17 44.96
CA LYS D 241 -8.40 -51.34 45.81
C LYS D 241 -7.32 -51.18 46.87
N LYS D 242 -6.73 -49.98 47.00
CA LYS D 242 -5.72 -49.72 48.02
C LYS D 242 -5.94 -48.36 48.68
N GLN D 243 -7.17 -47.85 48.64
CA GLN D 243 -7.50 -46.56 49.24
C GLN D 243 -8.99 -46.30 49.13
N TYR E 1 -0.70 9.63 15.47
CA TYR E 1 0.75 9.85 15.69
C TYR E 1 1.36 8.61 16.35
N ASP E 2 0.59 7.89 17.18
CA ASP E 2 1.11 6.72 17.95
C ASP E 2 1.57 5.57 17.05
N ARG E 3 0.83 5.24 15.98
CA ARG E 3 1.13 4.06 15.12
C ARG E 3 1.75 4.50 13.78
N GLY E 4 2.89 3.90 13.41
CA GLY E 4 3.71 4.25 12.28
C GLY E 4 5.00 4.93 12.69
N VAL E 5 6.11 4.52 12.09
CA VAL E 5 7.43 5.05 12.43
C VAL E 5 7.88 6.15 11.46
N ASN E 6 6.99 6.61 10.58
CA ASN E 6 7.27 7.70 9.65
C ASN E 6 6.44 8.93 9.97
N THR E 7 5.97 9.04 11.22
CA THR E 7 5.01 10.07 11.63
C THR E 7 5.54 10.75 12.88
N PHE E 8 5.71 12.06 12.82
CA PHE E 8 6.16 12.85 13.95
C PHE E 8 4.98 13.33 14.78
N SER E 9 5.18 13.40 16.09
CA SER E 9 4.26 14.09 16.96
C SER E 9 4.41 15.59 16.76
N PRO E 10 3.42 16.40 17.17
CA PRO E 10 3.61 17.86 17.13
C PRO E 10 4.82 18.36 17.90
N GLU E 11 5.28 17.61 18.90
CA GLU E 11 6.49 17.93 19.64
C GLU E 11 7.72 17.24 19.09
N GLY E 12 7.61 16.52 17.98
CA GLY E 12 8.75 15.88 17.35
C GLY E 12 9.16 14.61 18.04
N ARG E 13 8.25 13.64 18.12
CA ARG E 13 8.49 12.40 18.83
C ARG E 13 8.06 11.23 17.95
N LEU E 14 8.59 10.05 18.27
CA LEU E 14 8.35 8.81 17.53
C LEU E 14 7.89 7.78 18.54
N PHE E 15 6.56 7.70 18.74
CA PHE E 15 6.02 6.91 19.83
C PHE E 15 6.23 5.42 19.63
N GLN E 16 6.30 4.96 18.38
CA GLN E 16 6.62 3.56 18.13
C GLN E 16 8.02 3.21 18.61
N VAL E 17 8.97 4.13 18.46
CA VAL E 17 10.32 3.90 18.95
C VAL E 17 10.36 3.85 20.47
N GLU E 18 9.48 4.60 21.15
CA GLU E 18 9.39 4.55 22.60
C GLU E 18 8.70 3.28 23.08
N TYR E 19 7.71 2.82 22.32
CA TYR E 19 7.04 1.57 22.63
C TYR E 19 7.94 0.37 22.37
N ALA E 20 8.96 0.54 21.52
CA ALA E 20 10.01 -0.46 21.43
C ALA E 20 10.88 -0.46 22.69
N ILE E 21 11.11 0.71 23.30
CA ILE E 21 11.81 0.74 24.58
C ILE E 21 10.99 0.04 25.64
N GLU E 22 9.67 0.28 25.66
CA GLU E 22 8.80 -0.30 26.66
C GLU E 22 8.76 -1.83 26.59
N ALA E 23 9.12 -2.41 25.45
CA ALA E 23 9.18 -3.87 25.34
C ALA E 23 10.37 -4.49 26.04
N ILE E 24 11.28 -3.68 26.59
CA ILE E 24 12.45 -4.21 27.30
C ILE E 24 12.09 -4.53 28.74
N LYS E 25 11.22 -3.72 29.35
CA LYS E 25 10.79 -3.94 30.72
C LYS E 25 9.97 -5.22 30.87
N LEU E 26 9.46 -5.77 29.77
CA LEU E 26 8.79 -7.06 29.80
C LEU E 26 9.77 -8.23 29.82
N GLY E 27 11.06 -7.97 29.65
CA GLY E 27 12.08 -8.98 29.78
C GLY E 27 12.71 -8.95 31.16
N SER E 28 13.23 -10.10 31.58
CA SER E 28 13.91 -10.21 32.87
C SER E 28 15.13 -9.31 32.90
N THR E 29 15.62 -9.06 34.10
CA THR E 29 16.65 -8.05 34.30
C THR E 29 18.05 -8.64 34.21
N ALA E 30 18.96 -7.83 33.69
CA ALA E 30 20.36 -8.18 33.51
C ALA E 30 21.22 -7.04 34.02
N ILE E 31 22.40 -7.39 34.51
CA ILE E 31 23.32 -6.43 35.11
C ILE E 31 24.70 -6.66 34.54
N GLY E 32 25.40 -5.58 34.23
CA GLY E 32 26.79 -5.62 33.81
C GLY E 32 27.61 -4.59 34.56
N ILE E 33 28.80 -4.97 35.02
CA ILE E 33 29.66 -4.13 35.85
C ILE E 33 31.07 -4.14 35.28
N GLN E 34 31.65 -2.96 35.12
CA GLN E 34 33.06 -2.86 34.78
C GLN E 34 33.93 -3.08 36.02
N THR E 35 35.17 -3.52 35.77
CA THR E 35 36.20 -3.57 36.79
C THR E 35 37.52 -3.66 36.03
N SER E 36 38.58 -3.12 36.62
CA SER E 36 39.89 -3.19 35.98
C SER E 36 40.42 -4.61 35.93
N GLU E 37 39.86 -5.54 36.71
CA GLU E 37 40.18 -6.95 36.62
C GLU E 37 39.36 -7.67 35.56
N GLY E 38 38.18 -7.15 35.24
CA GLY E 38 37.36 -7.73 34.19
C GLY E 38 35.96 -7.16 34.21
N VAL E 39 35.06 -7.86 33.54
CA VAL E 39 33.65 -7.51 33.47
C VAL E 39 32.85 -8.70 33.95
N CYS E 40 31.70 -8.44 34.55
CA CYS E 40 30.76 -9.47 34.95
C CYS E 40 29.42 -9.23 34.28
N LEU E 41 28.68 -10.31 34.06
CA LEU E 41 27.30 -10.25 33.60
C LEU E 41 26.48 -11.22 34.44
N ALA E 42 25.30 -10.78 34.86
CA ALA E 42 24.45 -11.56 35.76
C ALA E 42 22.99 -11.31 35.40
N VAL E 43 22.21 -12.39 35.32
CA VAL E 43 20.86 -12.32 34.77
C VAL E 43 19.94 -13.26 35.53
N GLU E 44 18.64 -13.00 35.40
CA GLU E 44 17.58 -13.94 35.78
C GLU E 44 17.11 -14.69 34.54
N LYS E 45 16.75 -15.96 34.74
CA LYS E 45 16.35 -16.83 33.63
C LYS E 45 14.83 -16.88 33.44
N ARG E 46 14.07 -16.81 34.53
CA ARG E 46 12.61 -16.89 34.49
C ARG E 46 12.15 -18.21 33.85
N ILE E 47 12.45 -19.29 34.58
CA ILE E 47 11.98 -20.61 34.19
C ILE E 47 10.49 -20.69 34.48
N THR E 48 9.71 -21.12 33.47
CA THR E 48 8.26 -21.22 33.60
C THR E 48 7.77 -22.61 33.95
N SER E 49 8.61 -23.64 33.78
CA SER E 49 8.26 -24.99 34.15
C SER E 49 9.53 -25.74 34.54
N PRO E 50 9.46 -26.67 35.49
CA PRO E 50 10.64 -27.54 35.72
C PRO E 50 10.92 -28.49 34.58
N LEU E 51 10.02 -28.63 33.62
CA LEU E 51 10.23 -29.57 32.53
C LEU E 51 11.19 -29.02 31.49
N MET E 52 11.15 -27.72 31.24
CA MET E 52 12.03 -27.11 30.26
C MET E 52 13.47 -27.14 30.77
N GLU E 53 14.37 -27.57 29.91
CA GLU E 53 15.79 -27.54 30.23
C GLU E 53 16.25 -26.09 30.23
N PRO E 54 16.67 -25.51 31.36
CA PRO E 54 16.97 -24.06 31.36
C PRO E 54 18.20 -23.69 30.56
N SER E 55 19.05 -24.65 30.18
CA SER E 55 20.18 -24.36 29.32
C SER E 55 19.74 -23.97 27.92
N SER E 56 18.48 -24.21 27.54
CA SER E 56 17.94 -23.77 26.27
C SER E 56 17.40 -22.35 26.32
N ILE E 57 17.68 -21.59 27.39
CA ILE E 57 17.27 -20.21 27.53
C ILE E 57 18.54 -19.38 27.44
N GLU E 58 18.83 -18.87 26.24
CA GLU E 58 20.08 -18.16 25.98
C GLU E 58 19.87 -16.68 26.22
N LYS E 59 20.24 -16.25 27.44
CA LYS E 59 20.19 -14.84 27.83
C LYS E 59 21.58 -14.25 28.02
N ILE E 60 22.60 -15.10 28.12
CA ILE E 60 23.99 -14.67 28.00
C ILE E 60 24.65 -15.59 26.98
N VAL E 61 25.42 -15.00 26.06
CA VAL E 61 26.00 -15.72 24.93
C VAL E 61 27.40 -15.20 24.66
N GLU E 62 28.19 -16.04 23.99
CA GLU E 62 29.51 -15.67 23.52
C GLU E 62 29.41 -15.07 22.13
N ILE E 63 29.94 -13.86 21.97
CA ILE E 63 30.13 -13.24 20.66
C ILE E 63 31.49 -13.59 20.09
N ASP E 64 32.48 -13.68 20.96
CA ASP E 64 33.83 -14.12 20.60
C ASP E 64 34.53 -14.49 21.91
N ALA E 65 35.79 -14.89 21.81
CA ALA E 65 36.56 -15.25 22.98
C ALA E 65 36.87 -14.07 23.90
N HIS E 66 36.55 -12.84 23.49
CA HIS E 66 36.85 -11.64 24.27
C HIS E 66 35.65 -10.72 24.42
N ILE E 67 34.46 -11.13 23.96
CA ILE E 67 33.25 -10.31 24.06
C ILE E 67 32.10 -11.25 24.38
N GLY E 68 31.29 -10.85 25.36
CA GLY E 68 30.09 -11.58 25.70
C GLY E 68 28.93 -10.63 25.86
N CYS E 69 27.75 -11.10 25.47
CA CYS E 69 26.55 -10.29 25.42
C CYS E 69 25.50 -10.80 26.42
N ALA E 70 24.72 -9.87 26.94
CA ALA E 70 23.53 -10.16 27.71
C ALA E 70 22.39 -9.29 27.20
N MET E 71 21.21 -9.90 27.10
CA MET E 71 20.08 -9.30 26.38
C MET E 71 18.83 -9.29 27.24
N SER E 72 17.87 -8.47 26.82
CA SER E 72 16.54 -8.44 27.40
C SER E 72 15.59 -7.84 26.38
N GLY E 73 14.46 -8.52 26.15
CA GLY E 73 13.47 -8.11 25.17
C GLY E 73 13.01 -9.29 24.33
N LEU E 74 12.80 -9.03 23.04
CA LEU E 74 12.30 -10.05 22.13
C LEU E 74 13.41 -11.00 21.72
N ILE E 75 13.05 -12.28 21.60
CA ILE E 75 14.02 -13.33 21.31
C ILE E 75 14.51 -13.22 19.87
N ALA E 76 13.60 -12.91 18.95
CA ALA E 76 13.92 -12.91 17.53
C ALA E 76 14.90 -11.80 17.18
N ASP E 77 14.61 -10.59 17.65
CA ASP E 77 15.54 -9.47 17.51
C ASP E 77 16.91 -9.82 18.05
N ALA E 78 16.95 -10.50 19.19
CA ALA E 78 18.22 -10.87 19.80
C ALA E 78 18.97 -11.86 18.93
N LYS E 79 18.29 -12.89 18.42
CA LYS E 79 18.93 -13.83 17.51
C LYS E 79 19.54 -13.11 16.31
N THR E 80 18.77 -12.21 15.70
CA THR E 80 19.26 -11.45 14.54
C THR E 80 20.52 -10.66 14.89
N LEU E 81 20.46 -9.86 15.96
CA LEU E 81 21.58 -8.98 16.27
C LEU E 81 22.80 -9.76 16.76
N ILE E 82 22.60 -10.88 17.44
CA ILE E 82 23.72 -11.69 17.89
C ILE E 82 24.41 -12.33 16.69
N ASP E 83 23.65 -12.81 15.71
CA ASP E 83 24.25 -13.32 14.49
C ASP E 83 25.02 -12.22 13.76
N LYS E 84 24.45 -11.01 13.68
CA LYS E 84 25.17 -9.87 13.11
C LYS E 84 26.50 -9.64 13.80
N ALA E 85 26.51 -9.60 15.13
CA ALA E 85 27.76 -9.33 15.86
C ALA E 85 28.79 -10.42 15.61
N ARG E 86 28.35 -11.68 15.66
CA ARG E 86 29.27 -12.80 15.42
C ARG E 86 29.87 -12.74 14.03
N VAL E 87 29.05 -12.41 13.02
CA VAL E 87 29.56 -12.35 11.65
C VAL E 87 30.54 -11.20 11.49
N GLU E 88 30.23 -10.05 12.10
CA GLU E 88 31.11 -8.88 11.94
C GLU E 88 32.45 -9.10 12.61
N THR E 89 32.45 -9.70 13.81
CA THR E 89 33.69 -9.96 14.52
C THR E 89 34.64 -10.85 13.72
N GLN E 90 34.12 -11.70 12.84
CA GLN E 90 34.94 -12.60 12.05
C GLN E 90 35.29 -12.03 10.68
N ASN E 91 34.41 -11.22 10.09
CA ASN E 91 34.81 -10.46 8.91
C ASN E 91 35.98 -9.54 9.24
N HIS E 92 35.95 -8.93 10.42
CA HIS E 92 37.06 -8.09 10.86
C HIS E 92 38.35 -8.89 10.98
N TRP E 93 38.27 -10.11 11.52
CA TRP E 93 39.46 -10.95 11.62
C TRP E 93 39.97 -11.32 10.24
N PHE E 94 39.06 -11.74 9.35
CA PHE E 94 39.44 -12.10 7.99
C PHE E 94 40.17 -10.97 7.29
N THR E 95 39.65 -9.75 7.39
CA THR E 95 40.28 -8.64 6.70
C THR E 95 41.56 -8.20 7.40
N TYR E 96 41.47 -7.78 8.66
CA TYR E 96 42.57 -7.11 9.35
C TYR E 96 43.41 -8.02 10.22
N ASN E 97 42.94 -9.23 10.53
CA ASN E 97 43.68 -10.17 11.37
C ASN E 97 43.92 -9.58 12.76
N GLU E 98 42.83 -9.18 13.41
CA GLU E 98 42.90 -8.65 14.77
C GLU E 98 41.50 -8.73 15.36
N THR E 99 41.41 -8.35 16.63
CA THR E 99 40.16 -8.44 17.38
C THR E 99 39.42 -7.12 17.33
N MET E 100 38.16 -7.16 16.90
CA MET E 100 37.33 -5.96 16.95
C MET E 100 37.10 -5.55 18.39
N THR E 101 37.08 -4.23 18.61
CA THR E 101 36.79 -3.70 19.93
C THR E 101 35.30 -3.75 20.22
N VAL E 102 34.96 -3.68 21.52
CA VAL E 102 33.57 -3.72 21.92
C VAL E 102 32.82 -2.51 21.39
N GLU E 103 33.47 -1.35 21.36
CA GLU E 103 32.88 -0.14 20.81
C GLU E 103 32.48 -0.33 19.36
N SER E 104 33.32 -0.99 18.56
CA SER E 104 33.02 -1.17 17.15
C SER E 104 31.98 -2.26 16.90
N VAL E 105 31.99 -3.34 17.68
CA VAL E 105 30.90 -4.31 17.61
C VAL E 105 29.57 -3.63 17.90
N THR E 106 29.52 -2.83 18.97
CA THR E 106 28.31 -2.12 19.32
C THR E 106 27.91 -1.13 18.23
N GLN E 107 28.87 -0.40 17.69
CA GLN E 107 28.62 0.53 16.59
C GLN E 107 28.02 -0.16 15.38
N ALA E 108 28.55 -1.35 15.03
CA ALA E 108 28.10 -2.05 13.84
C ALA E 108 26.75 -2.72 14.07
N VAL E 109 26.47 -3.15 15.30
CA VAL E 109 25.19 -3.77 15.60
C VAL E 109 24.09 -2.72 15.73
N SER E 110 24.44 -1.51 16.14
CA SER E 110 23.44 -0.44 16.27
C SER E 110 23.01 0.10 14.91
N ASN E 111 23.79 -0.15 13.86
CA ASN E 111 23.46 0.39 12.55
C ASN E 111 22.27 -0.31 11.90
N LEU E 112 21.87 -1.49 12.39
CA LEU E 112 20.66 -2.13 11.88
C LEU E 112 19.41 -1.49 12.44
N ALA E 113 19.47 -0.99 13.68
CA ALA E 113 18.35 -0.24 14.23
C ALA E 113 18.08 1.03 13.43
N LEU E 114 19.09 1.50 12.69
CA LEU E 114 18.98 2.69 11.80
C LEU E 114 18.45 2.26 10.43
N GLN E 115 17.49 1.32 10.36
CA GLN E 115 16.91 0.80 9.09
C GLN E 115 15.41 0.59 9.24
N PHE E 116 14.59 1.54 8.77
CA PHE E 116 13.14 1.42 8.60
C PHE E 116 12.75 1.79 7.18
N MET E 126 13.47 -4.90 6.98
CA MET E 126 12.85 -4.57 8.26
C MET E 126 11.91 -3.38 8.15
N SER E 127 10.81 -3.45 8.90
CA SER E 127 9.82 -2.38 8.96
C SER E 127 9.46 -1.98 10.38
N ARG E 128 10.16 -2.49 11.40
CA ARG E 128 9.79 -2.37 12.79
C ARG E 128 11.03 -2.15 13.65
N PRO E 129 10.97 -1.31 14.69
CA PRO E 129 12.12 -1.20 15.60
C PRO E 129 12.37 -2.50 16.35
N PHE E 130 13.64 -2.77 16.59
CA PHE E 130 14.01 -3.96 17.34
C PHE E 130 13.61 -3.78 18.81
N GLY E 131 12.86 -4.72 19.34
CA GLY E 131 12.40 -4.66 20.71
C GLY E 131 13.32 -5.34 21.69
N VAL E 132 14.59 -4.92 21.72
CA VAL E 132 15.61 -5.59 22.51
C VAL E 132 16.73 -4.61 22.80
N ALA E 133 17.21 -4.65 24.04
CA ALA E 133 18.41 -3.95 24.46
C ALA E 133 19.47 -4.97 24.86
N LEU E 134 20.73 -4.61 24.61
CA LEU E 134 21.86 -5.51 24.80
C LEU E 134 22.95 -4.82 25.59
N LEU E 135 23.62 -5.59 26.44
CA LEU E 135 24.86 -5.18 27.10
C LEU E 135 26.01 -5.98 26.53
N PHE E 136 27.08 -5.29 26.17
CA PHE E 136 28.26 -5.90 25.57
C PHE E 136 29.41 -5.76 26.55
N GLY E 137 29.90 -6.89 27.05
CA GLY E 137 31.03 -6.92 27.97
C GLY E 137 32.19 -7.68 27.35
N GLY E 138 33.36 -7.06 27.38
CA GLY E 138 34.53 -7.65 26.77
C GLY E 138 35.78 -6.92 27.19
N VAL E 139 36.90 -7.34 26.59
CA VAL E 139 38.22 -6.80 26.90
C VAL E 139 38.90 -6.44 25.58
N ASP E 140 39.54 -5.27 25.55
CA ASP E 140 40.09 -4.72 24.33
C ASP E 140 41.51 -4.24 24.59
N GLU E 141 42.12 -3.56 23.62
CA GLU E 141 43.39 -2.87 23.88
C GLU E 141 43.21 -1.86 25.00
N LYS E 142 42.04 -1.22 25.07
CA LYS E 142 41.73 -0.23 26.09
C LYS E 142 41.25 -0.86 27.40
N GLY E 143 41.42 -2.16 27.59
CA GLY E 143 41.05 -2.81 28.82
C GLY E 143 39.63 -3.32 28.80
N PRO E 144 39.10 -3.71 29.96
CA PRO E 144 37.70 -4.13 30.02
C PRO E 144 36.76 -2.96 29.72
N GLN E 145 35.72 -3.26 28.95
CA GLN E 145 34.76 -2.25 28.51
C GLN E 145 33.35 -2.85 28.57
N LEU E 146 32.39 -2.03 28.99
CA LEU E 146 30.99 -2.39 29.01
C LEU E 146 30.20 -1.35 28.24
N PHE E 147 29.34 -1.82 27.33
CA PHE E 147 28.54 -0.97 26.47
C PHE E 147 27.08 -1.39 26.55
N HIS E 148 26.20 -0.49 26.14
CA HIS E 148 24.76 -0.71 26.20
C HIS E 148 24.13 -0.18 24.92
N MET E 149 23.43 -1.05 24.19
CA MET E 149 22.76 -0.70 22.95
C MET E 149 21.25 -0.67 23.21
N ASP E 150 20.58 0.30 22.58
CA ASP E 150 19.17 0.57 22.78
C ASP E 150 18.45 0.46 21.43
N PRO E 151 17.12 0.18 21.40
CA PRO E 151 16.41 0.10 20.12
C PRO E 151 16.56 1.30 19.19
N SER E 152 16.88 2.46 19.72
CA SER E 152 17.13 3.63 18.90
C SER E 152 18.48 3.59 18.19
N GLY E 153 19.27 2.53 18.37
CA GLY E 153 20.62 2.51 17.83
C GLY E 153 21.59 3.40 18.58
N THR E 154 21.23 3.80 19.81
CA THR E 154 22.08 4.65 20.63
C THR E 154 22.93 3.77 21.53
N PHE E 155 24.24 4.01 21.53
CA PHE E 155 25.18 3.22 22.30
C PHE E 155 26.18 4.12 23.00
N VAL E 156 26.60 3.67 24.19
CA VAL E 156 27.40 4.50 25.09
C VAL E 156 28.16 3.56 26.02
N GLN E 157 29.35 4.00 26.43
CA GLN E 157 30.12 3.26 27.42
C GLN E 157 29.53 3.48 28.81
N CYS E 158 29.46 2.41 29.58
CA CYS E 158 28.89 2.43 30.92
C CYS E 158 29.84 1.73 31.88
N ASP E 159 29.86 2.20 33.13
CA ASP E 159 30.64 1.55 34.17
C ASP E 159 29.83 0.47 34.87
N ALA E 160 28.54 0.73 35.06
CA ALA E 160 27.59 -0.27 35.53
C ALA E 160 26.23 0.08 34.98
N ARG E 161 25.50 -0.94 34.51
CA ARG E 161 24.20 -0.71 33.90
C ARG E 161 23.29 -1.90 34.18
N ALA E 162 22.01 -1.61 34.38
CA ALA E 162 20.97 -2.61 34.55
C ALA E 162 19.87 -2.34 33.54
N ILE E 163 19.44 -3.41 32.87
CA ILE E 163 18.36 -3.36 31.89
C ILE E 163 17.29 -4.36 32.33
N GLY E 164 16.08 -4.16 31.81
CA GLY E 164 15.01 -5.12 31.99
C GLY E 164 13.92 -4.64 32.93
N SER E 165 13.25 -5.61 33.56
CA SER E 165 12.06 -5.32 34.36
C SER E 165 12.38 -4.41 35.53
N ALA E 166 13.32 -4.81 36.39
CA ALA E 166 13.66 -4.08 37.62
C ALA E 166 14.91 -3.22 37.43
N SER E 167 15.06 -2.64 36.24
CA SER E 167 16.24 -1.85 35.95
C SER E 167 16.34 -0.61 36.83
N GLU E 168 15.19 -0.04 37.22
CA GLU E 168 15.20 1.19 38.01
C GLU E 168 15.78 0.95 39.41
N GLY E 169 15.24 -0.02 40.14
CA GLY E 169 15.77 -0.30 41.46
C GLY E 169 17.19 -0.83 41.45
N ALA E 170 17.51 -1.69 40.48
CA ALA E 170 18.86 -2.22 40.37
C ALA E 170 19.86 -1.09 40.08
N GLN E 171 19.48 -0.15 39.21
CA GLN E 171 20.34 0.99 38.96
C GLN E 171 20.45 1.89 40.19
N SER E 172 19.34 2.06 40.93
CA SER E 172 19.33 2.86 42.15
C SER E 172 20.13 2.21 43.27
N SER E 173 20.45 0.92 43.15
CA SER E 173 21.39 0.26 44.08
C SER E 173 22.84 0.28 43.59
N LEU E 174 23.05 0.13 42.28
CA LEU E 174 24.40 0.12 41.74
C LEU E 174 25.11 1.43 42.00
N GLN E 175 24.39 2.55 41.91
CA GLN E 175 24.96 3.86 42.17
C GLN E 175 25.51 4.02 43.58
N GLU E 176 25.07 3.18 44.53
CA GLU E 176 25.61 3.15 45.88
C GLU E 176 26.72 2.13 46.05
N VAL E 177 26.54 0.90 45.54
CA VAL E 177 27.56 -0.13 45.76
C VAL E 177 28.72 -0.06 44.78
N TYR E 178 28.70 0.86 43.81
CA TYR E 178 29.76 0.95 42.82
C TYR E 178 30.80 2.01 43.18
N HIS E 179 32.07 1.67 42.96
CA HIS E 179 33.16 2.62 42.99
C HIS E 179 34.21 2.16 41.99
N LYS E 180 35.01 3.10 41.50
CA LYS E 180 36.03 2.80 40.48
C LYS E 180 37.33 2.31 41.12
N SER E 181 37.21 1.35 42.05
CA SER E 181 38.37 0.69 42.63
C SER E 181 38.11 -0.79 42.90
N MET E 182 36.98 -1.33 42.43
CA MET E 182 36.49 -2.61 42.92
C MET E 182 37.32 -3.76 42.39
N THR E 183 37.06 -4.93 42.96
CA THR E 183 37.54 -6.20 42.46
C THR E 183 36.39 -6.95 41.80
N LEU E 184 36.73 -8.04 41.12
CA LEU E 184 35.74 -8.79 40.37
C LEU E 184 34.93 -9.71 41.27
N LYS E 185 35.60 -10.36 42.24
CA LYS E 185 34.88 -11.20 43.19
C LYS E 185 33.88 -10.39 44.01
N GLU E 186 34.18 -9.12 44.27
CA GLU E 186 33.29 -8.27 45.05
C GLU E 186 32.13 -7.75 44.19
N ALA E 187 32.41 -7.39 42.94
CA ALA E 187 31.34 -6.95 42.04
C ALA E 187 30.38 -8.09 41.72
N ILE E 188 30.89 -9.31 41.60
CA ILE E 188 30.03 -10.47 41.39
C ILE E 188 29.11 -10.66 42.60
N LYS E 189 29.63 -10.41 43.80
CA LYS E 189 28.80 -10.50 45.00
C LYS E 189 27.75 -9.40 45.03
N SER E 190 28.13 -8.17 44.67
CA SER E 190 27.19 -7.06 44.66
C SER E 190 26.07 -7.28 43.66
N SER E 191 26.41 -7.77 42.46
CA SER E 191 25.41 -7.99 41.43
C SER E 191 24.36 -9.00 41.89
N LEU E 192 24.80 -10.10 42.50
CA LEU E 192 23.85 -11.10 42.96
C LEU E 192 23.06 -10.60 44.18
N ILE E 193 23.66 -9.75 45.01
CA ILE E 193 22.90 -9.17 46.10
C ILE E 193 21.79 -8.27 45.57
N ILE E 194 22.07 -7.51 44.52
CA ILE E 194 21.04 -6.68 43.91
C ILE E 194 19.98 -7.56 43.25
N LEU E 195 20.42 -8.65 42.62
CA LEU E 195 19.50 -9.54 41.92
C LEU E 195 18.57 -10.25 42.89
N LYS E 196 19.07 -10.56 44.10
CA LYS E 196 18.26 -11.19 45.13
C LYS E 196 17.03 -10.35 45.47
N GLN E 197 17.17 -9.03 45.46
CA GLN E 197 16.14 -8.13 45.97
C GLN E 197 15.05 -7.78 44.97
N VAL E 198 15.19 -8.19 43.71
CA VAL E 198 14.21 -7.89 42.67
C VAL E 198 13.63 -9.18 42.10
N MET E 199 13.52 -10.20 42.94
CA MET E 199 12.97 -11.50 42.56
C MET E 199 12.04 -11.99 43.65
N GLU E 200 10.87 -12.46 43.25
CA GLU E 200 9.96 -13.18 44.15
C GLU E 200 10.17 -14.68 44.08
N GLU E 201 11.35 -15.13 43.68
CA GLU E 201 11.72 -16.54 43.64
C GLU E 201 13.06 -16.74 44.35
N LYS E 202 13.20 -17.90 44.99
CA LYS E 202 14.42 -18.20 45.74
C LYS E 202 15.59 -18.32 44.76
N LEU E 203 16.54 -17.39 44.88
CA LEU E 203 17.76 -17.43 44.08
C LEU E 203 18.46 -18.77 44.23
N ASN E 204 18.83 -19.36 43.10
CA ASN E 204 19.43 -20.69 43.09
C ASN E 204 20.31 -20.79 41.83
N ALA E 205 20.98 -21.94 41.69
CA ALA E 205 21.97 -22.13 40.65
C ALA E 205 21.37 -22.61 39.33
N THR E 206 20.05 -22.47 39.15
CA THR E 206 19.41 -22.66 37.86
C THR E 206 18.56 -21.48 37.44
N ASN E 207 18.22 -20.58 38.36
CA ASN E 207 17.44 -19.39 38.05
C ASN E 207 18.31 -18.23 37.55
N ILE E 208 19.63 -18.41 37.45
CA ILE E 208 20.53 -17.36 37.03
C ILE E 208 21.64 -17.94 36.16
N GLU E 209 22.19 -17.09 35.30
CA GLU E 209 23.45 -17.33 34.62
C GLU E 209 24.45 -16.29 35.10
N LEU E 210 25.73 -16.56 34.86
CA LEU E 210 26.74 -15.58 35.17
C LEU E 210 27.96 -15.85 34.30
N ALA E 211 28.58 -14.77 33.82
CA ALA E 211 29.74 -14.87 32.95
C ALA E 211 30.74 -13.77 33.32
N THR E 212 31.98 -13.97 32.91
CA THR E 212 33.04 -13.01 33.10
C THR E 212 33.98 -13.01 31.91
N VAL E 213 34.64 -11.88 31.70
CA VAL E 213 35.66 -11.75 30.66
C VAL E 213 36.84 -10.98 31.24
N GLN E 214 37.89 -11.68 31.61
CA GLN E 214 39.11 -11.09 32.15
C GLN E 214 40.11 -10.83 31.03
N PRO E 215 41.19 -10.08 31.32
CA PRO E 215 42.20 -9.88 30.28
C PRO E 215 42.91 -11.15 29.84
N GLY E 216 43.46 -11.91 30.78
CA GLY E 216 44.23 -13.09 30.45
C GLY E 216 43.41 -14.36 30.36
N GLN E 217 42.10 -14.23 30.20
CA GLN E 217 41.18 -15.36 30.16
C GLN E 217 40.02 -14.99 29.25
N ASN E 218 39.47 -16.00 28.58
CA ASN E 218 38.42 -15.77 27.60
C ASN E 218 37.06 -15.69 28.29
N PHE E 219 36.01 -15.56 27.50
CA PHE E 219 34.65 -15.60 28.02
C PHE E 219 34.40 -16.93 28.72
N HIS E 220 33.76 -16.87 29.89
CA HIS E 220 33.57 -18.04 30.73
C HIS E 220 32.23 -17.94 31.45
N MET E 221 31.27 -18.76 31.03
CA MET E 221 30.00 -18.90 31.75
C MET E 221 30.20 -19.81 32.96
N PHE E 222 29.72 -19.35 34.11
CA PHE E 222 29.88 -20.11 35.35
C PHE E 222 29.07 -21.41 35.28
N THR E 223 29.44 -22.34 36.16
CA THR E 223 28.80 -23.64 36.28
C THR E 223 27.95 -23.68 37.55
N LYS E 224 27.25 -24.80 37.73
CA LYS E 224 26.48 -24.99 38.96
C LYS E 224 27.39 -24.97 40.19
N GLU E 225 28.58 -25.57 40.08
CA GLU E 225 29.50 -25.58 41.22
C GLU E 225 29.96 -24.16 41.55
N GLU E 226 30.50 -23.46 40.55
CA GLU E 226 31.00 -22.10 40.78
C GLU E 226 29.86 -21.17 41.19
N LEU E 227 28.64 -21.43 40.71
CA LEU E 227 27.52 -20.59 41.10
C LEU E 227 27.14 -20.82 42.56
N GLU E 228 26.97 -22.08 42.96
CA GLU E 228 26.59 -22.37 44.34
C GLU E 228 27.67 -21.92 45.32
N GLU E 229 28.94 -21.95 44.90
CA GLU E 229 30.02 -21.50 45.77
C GLU E 229 30.07 -19.98 45.93
N VAL E 230 29.14 -19.23 45.33
CA VAL E 230 28.98 -17.80 45.58
C VAL E 230 27.59 -17.54 46.14
N ILE E 231 26.63 -18.41 45.81
CA ILE E 231 25.32 -18.34 46.45
C ILE E 231 25.43 -18.63 47.94
N LYS E 232 26.41 -19.46 48.33
CA LYS E 232 26.54 -19.82 49.74
C LYS E 232 26.92 -18.61 50.60
N ASP E 233 27.77 -17.73 50.07
CA ASP E 233 28.22 -16.55 50.80
C ASP E 233 27.31 -15.36 50.48
N ILE E 234 26.05 -15.45 50.90
CA ILE E 234 25.04 -14.44 50.61
C ILE E 234 24.22 -14.17 51.86
N ASN F 1 -4.87 20.09 12.06
CA ASN F 1 -5.90 19.28 12.72
C ASN F 1 -6.04 17.93 12.01
N GLN F 2 -6.22 17.97 10.68
CA GLN F 2 -6.32 16.74 9.90
C GLN F 2 -5.59 16.83 8.57
N TYR F 3 -4.72 17.82 8.37
CA TYR F 3 -3.65 17.73 7.37
C TYR F 3 -2.34 17.70 8.13
N ASP F 4 -2.06 16.55 8.73
CA ASP F 4 -0.86 16.35 9.55
C ASP F 4 -0.26 14.96 9.47
N ASN F 5 -1.01 13.93 9.04
CA ASN F 5 -0.55 12.55 9.13
C ASN F 5 0.27 12.11 7.93
N ASP F 6 0.73 13.05 7.10
CA ASP F 6 1.48 12.69 5.91
C ASP F 6 2.20 13.94 5.41
N VAL F 7 3.37 13.70 4.80
CA VAL F 7 4.22 14.79 4.33
C VAL F 7 3.89 15.21 2.90
N THR F 8 3.13 14.41 2.16
CA THR F 8 2.74 14.72 0.80
C THR F 8 1.44 15.52 0.72
N VAL F 9 0.98 16.08 1.83
CA VAL F 9 -0.32 16.74 1.92
C VAL F 9 -0.09 18.20 2.28
N TRP F 10 -0.61 19.10 1.46
CA TRP F 10 -0.65 20.51 1.77
C TRP F 10 -1.87 20.82 2.63
N SER F 11 -1.80 21.94 3.34
CA SER F 11 -2.95 22.49 4.05
C SER F 11 -3.56 23.63 3.25
N PRO F 12 -4.80 24.03 3.56
CA PRO F 12 -5.41 25.14 2.80
C PRO F 12 -4.67 26.46 2.92
N GLN F 13 -3.79 26.61 3.90
CA GLN F 13 -2.97 27.80 4.07
C GLN F 13 -1.60 27.66 3.43
N GLY F 14 -1.33 26.54 2.75
CA GLY F 14 -0.06 26.36 2.07
C GLY F 14 1.08 25.97 2.99
N ARG F 15 0.89 24.94 3.81
CA ARG F 15 1.89 24.50 4.76
C ARG F 15 1.89 22.99 4.86
N ILE F 16 3.05 22.44 5.21
CA ILE F 16 3.26 21.02 5.43
C ILE F 16 3.66 20.86 6.88
N HIS F 17 2.76 20.28 7.70
CA HIS F 17 2.94 20.30 9.13
C HIS F 17 3.91 19.23 9.62
N GLN F 18 4.08 18.14 8.87
CA GLN F 18 5.08 17.14 9.26
C GLN F 18 6.49 17.71 9.24
N ILE F 19 6.79 18.60 8.29
CA ILE F 19 8.10 19.25 8.28
C ILE F 19 8.25 20.16 9.48
N GLU F 20 7.23 20.97 9.78
CA GLU F 20 7.24 21.82 10.96
C GLU F 20 7.38 21.02 12.25
N TYR F 21 6.87 19.80 12.28
CA TYR F 21 6.99 18.93 13.44
C TYR F 21 8.37 18.29 13.53
N ALA F 22 8.97 17.94 12.39
CA ALA F 22 10.34 17.48 12.39
C ALA F 22 11.29 18.56 12.88
N MET F 23 11.02 19.82 12.53
CA MET F 23 11.83 20.92 13.06
C MET F 23 11.76 21.01 14.58
N GLU F 24 10.68 20.53 15.19
CA GLU F 24 10.56 20.53 16.64
C GLU F 24 11.41 19.46 17.31
N ALA F 25 11.95 18.50 16.55
CA ALA F 25 12.82 17.49 17.13
C ALA F 25 14.25 18.00 17.35
N VAL F 26 14.61 19.13 16.74
CA VAL F 26 15.91 19.73 17.02
C VAL F 26 15.90 20.37 18.40
N LYS F 27 14.74 20.87 18.84
CA LYS F 27 14.59 21.48 20.15
C LYS F 27 14.65 20.49 21.30
N GLN F 28 14.70 19.18 21.00
CA GLN F 28 14.78 18.15 22.03
C GLN F 28 16.21 17.75 22.35
N GLY F 29 17.17 18.06 21.49
CA GLY F 29 18.55 17.76 21.75
C GLY F 29 19.24 18.85 22.54
N SER F 30 20.41 18.52 23.07
CA SER F 30 21.17 19.48 23.84
C SER F 30 21.69 20.59 22.93
N ALA F 31 22.11 21.68 23.54
CA ALA F 31 22.46 22.89 22.80
C ALA F 31 23.88 22.81 22.26
N THR F 32 24.06 23.34 21.06
CA THR F 32 25.36 23.46 20.42
C THR F 32 25.52 24.90 19.94
N VAL F 33 26.77 25.34 19.84
CA VAL F 33 27.10 26.69 19.38
C VAL F 33 28.19 26.58 18.33
N GLY F 34 28.11 27.45 17.33
CA GLY F 34 29.11 27.55 16.28
C GLY F 34 29.46 29.00 15.99
N LEU F 35 30.73 29.25 15.71
CA LEU F 35 31.20 30.61 15.47
C LEU F 35 32.54 30.53 14.76
N LYS F 36 32.89 31.64 14.11
CA LYS F 36 34.09 31.69 13.28
C LYS F 36 34.76 33.05 13.38
N SER F 37 36.08 33.03 13.37
CA SER F 37 36.91 34.19 13.13
C SER F 37 37.28 34.21 11.65
N LYS F 38 38.19 35.11 11.27
CA LYS F 38 38.70 35.11 9.90
C LYS F 38 39.73 34.01 9.65
N THR F 39 40.25 33.39 10.71
CA THR F 39 41.24 32.32 10.58
C THR F 39 40.75 30.95 11.03
N HIS F 40 39.81 30.87 11.97
CA HIS F 40 39.42 29.60 12.57
C HIS F 40 37.90 29.53 12.72
N ALA F 41 37.40 28.30 12.80
CA ALA F 41 35.99 28.01 13.03
C ALA F 41 35.88 27.06 14.22
N VAL F 42 34.92 27.34 15.09
CA VAL F 42 34.82 26.67 16.38
C VAL F 42 33.41 26.12 16.54
N LEU F 43 33.33 24.90 17.08
CA LEU F 43 32.09 24.31 17.57
C LEU F 43 32.30 23.89 19.02
N VAL F 44 31.42 24.36 19.90
CA VAL F 44 31.37 23.91 21.29
C VAL F 44 29.98 23.37 21.54
N ALA F 45 29.92 22.21 22.21
CA ALA F 45 28.69 21.53 22.53
C ALA F 45 28.61 21.35 24.04
N LEU F 46 27.43 20.95 24.50
CA LEU F 46 27.20 20.55 25.88
C LEU F 46 26.64 19.14 25.87
N LYS F 47 27.42 18.20 26.38
CA LYS F 47 27.06 16.80 26.33
C LYS F 47 26.10 16.47 27.47
N ARG F 48 25.35 15.38 27.29
CA ARG F 48 24.28 14.99 28.20
C ARG F 48 24.40 13.50 28.42
N ALA F 49 24.20 13.07 29.67
CA ALA F 49 24.30 11.69 30.07
C ALA F 49 22.92 11.13 30.40
N GLN F 50 22.71 9.86 30.06
CA GLN F 50 21.42 9.22 30.33
C GLN F 50 21.30 8.84 31.79
N SER F 51 22.15 7.94 32.25
CA SER F 51 22.32 7.63 33.66
C SER F 51 23.55 8.35 34.17
N GLU F 52 23.54 8.70 35.46
CA GLU F 52 24.66 9.43 36.04
C GLU F 52 25.94 8.62 36.00
N LEU F 53 25.84 7.30 36.07
CA LEU F 53 26.99 6.41 36.12
C LEU F 53 27.42 5.91 34.75
N ALA F 54 27.09 6.64 33.68
CA ALA F 54 27.45 6.30 32.31
C ALA F 54 28.30 7.41 31.71
N ALA F 55 28.69 7.24 30.46
CA ALA F 55 29.45 8.24 29.74
C ALA F 55 28.50 9.20 29.03
N HIS F 56 29.01 10.40 28.77
CA HIS F 56 28.21 11.43 28.13
C HIS F 56 28.10 11.17 26.63
N GLN F 57 26.95 11.51 26.06
CA GLN F 57 26.75 11.30 24.64
C GLN F 57 27.67 12.21 23.84
N LYS F 58 28.25 11.65 22.78
CA LYS F 58 29.19 12.39 21.94
C LYS F 58 28.41 13.25 20.97
N LYS F 59 28.78 14.53 20.91
CA LYS F 59 28.01 15.55 20.19
C LYS F 59 28.68 16.04 18.92
N ILE F 60 30.01 15.89 18.81
CA ILE F 60 30.77 16.40 17.68
C ILE F 60 31.43 15.22 16.97
N LEU F 61 31.44 15.29 15.64
CA LEU F 61 31.84 14.18 14.80
C LEU F 61 32.86 14.65 13.77
N HIS F 62 33.82 13.79 13.48
CA HIS F 62 34.82 14.05 12.46
C HIS F 62 34.32 13.53 11.11
N VAL F 63 34.38 14.39 10.10
CA VAL F 63 33.94 14.05 8.75
C VAL F 63 35.11 13.96 7.79
N ASP F 64 36.07 14.88 7.91
CA ASP F 64 37.30 14.83 7.14
C ASP F 64 38.32 15.71 7.86
N ASN F 65 39.47 15.91 7.25
CA ASN F 65 40.52 16.73 7.86
C ASN F 65 40.22 18.22 7.82
N HIS F 66 39.10 18.64 7.23
CA HIS F 66 38.77 20.06 7.13
C HIS F 66 37.28 20.35 7.36
N ILE F 67 36.49 19.37 7.77
CA ILE F 67 35.06 19.55 8.00
C ILE F 67 34.67 18.76 9.25
N GLY F 68 33.77 19.32 10.04
CA GLY F 68 33.23 18.63 11.20
C GLY F 68 31.90 19.23 11.58
N ILE F 69 31.10 18.42 12.28
CA ILE F 69 29.71 18.75 12.56
C ILE F 69 29.42 18.59 14.04
N SER F 70 28.41 19.34 14.50
CA SER F 70 27.80 19.17 15.81
C SER F 70 26.30 19.04 15.60
N ILE F 71 25.69 18.10 16.32
CA ILE F 71 24.37 17.61 15.99
C ILE F 71 23.39 17.88 17.12
N ALA F 72 22.15 18.18 16.76
CA ALA F 72 21.04 18.32 17.70
C ALA F 72 19.81 17.73 17.04
N GLY F 73 19.27 16.68 17.61
CA GLY F 73 18.09 16.02 17.10
C GLY F 73 18.18 14.52 17.30
N LEU F 74 17.64 13.79 16.34
CA LEU F 74 17.69 12.33 16.40
C LEU F 74 19.09 11.83 16.07
N THR F 75 19.52 10.82 16.83
CA THR F 75 20.86 10.27 16.64
C THR F 75 20.98 9.52 15.32
N ALA F 76 19.94 8.80 14.92
CA ALA F 76 20.04 7.92 13.75
C ALA F 76 20.21 8.73 12.47
N ASP F 77 19.43 9.79 12.31
CA ASP F 77 19.58 10.66 11.15
C ASP F 77 20.98 11.27 11.09
N ALA F 78 21.54 11.63 12.23
CA ALA F 78 22.89 12.16 12.27
C ALA F 78 23.91 11.12 11.84
N ARG F 79 23.76 9.89 12.33
CA ARG F 79 24.68 8.82 11.95
C ARG F 79 24.56 8.44 10.49
N LEU F 80 23.39 8.61 9.88
CA LEU F 80 23.26 8.37 8.45
C LEU F 80 23.89 9.49 7.64
N LEU F 81 23.61 10.74 8.01
CA LEU F 81 24.12 11.87 7.24
C LEU F 81 25.64 12.01 7.38
N CYS F 82 26.19 11.68 8.54
CA CYS F 82 27.65 11.72 8.69
C CYS F 82 28.32 10.72 7.76
N ASN F 83 27.78 9.52 7.66
CA ASN F 83 28.30 8.51 6.75
C ASN F 83 28.09 8.89 5.29
N PHE F 84 27.05 9.67 5.00
CA PHE F 84 26.91 10.24 3.67
C PHE F 84 28.02 11.25 3.37
N MET F 85 28.26 12.17 4.30
CA MET F 85 29.29 13.20 4.13
C MET F 85 30.67 12.58 3.93
N ARG F 86 31.00 11.60 4.77
CA ARG F 86 32.32 10.99 4.72
C ARG F 86 32.60 10.37 3.36
N GLN F 87 31.63 9.64 2.81
CA GLN F 87 31.82 9.05 1.50
C GLN F 87 31.81 10.11 0.40
N GLU F 88 31.02 11.17 0.55
CA GLU F 88 31.06 12.22 -0.46
C GLU F 88 32.38 12.97 -0.48
N CYS F 89 33.08 13.04 0.66
CA CYS F 89 34.41 13.63 0.71
C CYS F 89 35.48 12.70 0.20
N LEU F 90 35.39 11.41 0.54
CA LEU F 90 36.32 10.43 -0.02
C LEU F 90 36.18 10.35 -1.53
N ASP F 91 34.96 10.42 -2.04
CA ASP F 91 34.73 10.42 -3.48
C ASP F 91 35.36 11.61 -4.16
N SER F 92 35.48 12.74 -3.48
CA SER F 92 36.12 13.92 -4.05
C SER F 92 37.64 13.81 -4.02
N ARG F 93 38.19 13.30 -2.92
CA ARG F 93 39.64 13.09 -2.87
C ARG F 93 40.08 12.02 -3.87
N PHE F 94 39.25 11.00 -4.10
CA PHE F 94 39.62 9.95 -5.05
C PHE F 94 39.73 10.51 -6.46
N VAL F 95 38.73 11.27 -6.90
CA VAL F 95 38.70 11.76 -8.26
C VAL F 95 39.67 12.93 -8.43
N PHE F 96 39.52 13.98 -7.64
CA PHE F 96 40.22 15.23 -7.87
C PHE F 96 41.46 15.41 -7.00
N ASP F 97 41.62 14.64 -5.94
CA ASP F 97 42.76 14.77 -5.03
C ASP F 97 42.78 16.17 -4.41
N ARG F 98 41.59 16.64 -4.05
CA ARG F 98 41.42 17.92 -3.37
C ARG F 98 40.33 17.76 -2.33
N PRO F 99 40.31 18.60 -1.29
CA PRO F 99 39.22 18.53 -0.32
C PRO F 99 37.95 19.17 -0.87
N LEU F 100 36.83 18.53 -0.57
CA LEU F 100 35.54 19.00 -1.06
C LEU F 100 35.18 20.30 -0.35
N PRO F 101 34.77 21.35 -1.07
CA PRO F 101 34.28 22.55 -0.38
C PRO F 101 33.06 22.26 0.49
N VAL F 102 32.79 23.18 1.41
CA VAL F 102 31.73 22.97 2.38
C VAL F 102 30.38 23.35 1.80
N SER F 103 30.34 24.40 0.96
CA SER F 103 29.12 24.76 0.28
C SER F 103 28.60 23.63 -0.61
N ARG F 104 29.50 22.94 -1.29
CA ARG F 104 29.14 21.84 -2.17
C ARG F 104 28.79 20.57 -1.42
N LEU F 105 29.11 20.50 -0.13
CA LEU F 105 28.64 19.41 0.71
C LEU F 105 27.27 19.69 1.28
N VAL F 106 27.05 20.91 1.77
CA VAL F 106 25.74 21.23 2.33
C VAL F 106 24.67 21.31 1.24
N SER F 107 25.05 21.71 0.02
CA SER F 107 24.12 21.63 -1.11
C SER F 107 23.68 20.19 -1.37
N LEU F 108 24.63 19.25 -1.36
CA LEU F 108 24.30 17.83 -1.48
C LEU F 108 23.43 17.33 -0.34
N ILE F 109 23.71 17.75 0.89
CA ILE F 109 22.89 17.38 2.03
C ILE F 109 21.46 17.85 1.84
N GLY F 110 21.29 19.10 1.38
CA GLY F 110 19.94 19.59 1.12
C GLY F 110 19.25 18.82 0.02
N SER F 111 19.95 18.58 -1.09
CA SER F 111 19.40 17.77 -2.16
C SER F 111 18.99 16.38 -1.70
N LYS F 112 19.73 15.79 -0.77
CA LYS F 112 19.41 14.48 -0.19
C LYS F 112 18.18 14.54 0.69
N THR F 113 18.12 15.50 1.62
CA THR F 113 17.01 15.59 2.56
C THR F 113 15.73 16.13 1.94
N GLN F 114 15.79 16.67 0.73
CA GLN F 114 14.58 17.18 0.10
C GLN F 114 13.61 16.06 -0.32
N ILE F 115 14.10 14.85 -0.54
CA ILE F 115 13.24 13.79 -1.07
C ILE F 115 12.17 13.36 -0.06
N PRO F 116 12.51 13.03 1.20
CA PRO F 116 11.46 12.67 2.15
C PRO F 116 10.40 13.74 2.37
N THR F 117 10.68 15.00 2.04
CA THR F 117 9.67 16.03 2.14
C THR F 117 8.60 15.91 1.05
N GLN F 118 8.90 15.21 -0.04
CA GLN F 118 8.03 15.19 -1.21
C GLN F 118 7.46 13.82 -1.56
N ARG F 119 8.18 12.72 -1.30
CA ARG F 119 7.71 11.38 -1.57
C ARG F 119 7.32 10.68 -0.27
N TYR F 120 6.26 9.89 -0.36
CA TYR F 120 5.69 9.22 0.80
C TYR F 120 6.34 7.86 1.00
N GLY F 121 6.32 7.38 2.25
CA GLY F 121 7.02 6.18 2.63
C GLY F 121 8.40 6.40 3.20
N ARG F 122 8.77 7.64 3.49
CA ARG F 122 10.03 7.96 4.12
C ARG F 122 9.82 9.14 5.06
N ARG F 123 10.59 9.16 6.14
CA ARG F 123 10.45 10.15 7.20
C ARG F 123 11.37 11.34 6.96
N PRO F 124 10.97 12.58 7.24
CA PRO F 124 11.93 13.68 7.18
C PRO F 124 13.04 13.51 8.23
N TYR F 125 14.23 13.96 7.88
CA TYR F 125 15.39 13.83 8.76
C TYR F 125 15.22 14.82 9.92
N GLY F 126 14.96 14.30 11.10
CA GLY F 126 14.73 15.12 12.27
C GLY F 126 16.00 15.45 13.02
N VAL F 127 16.99 15.98 12.31
CA VAL F 127 18.29 16.34 12.88
C VAL F 127 18.72 17.67 12.27
N GLY F 128 19.23 18.55 13.11
CA GLY F 128 19.86 19.79 12.68
C GLY F 128 21.36 19.69 12.92
N LEU F 129 22.14 20.30 12.02
CA LEU F 129 23.59 20.26 12.08
C LEU F 129 24.15 21.67 12.02
N LEU F 130 25.22 21.89 12.77
CA LEU F 130 26.10 23.02 12.58
C LEU F 130 27.42 22.50 12.04
N ILE F 131 27.84 23.02 10.88
CA ILE F 131 28.92 22.45 10.10
C ILE F 131 30.04 23.49 10.03
N ALA F 132 31.18 23.15 10.62
CA ALA F 132 32.35 24.02 10.63
C ALA F 132 33.43 23.43 9.72
N GLY F 133 33.96 24.26 8.83
CA GLY F 133 34.98 23.81 7.91
C GLY F 133 35.89 24.93 7.46
N TYR F 134 36.89 24.56 6.67
CA TYR F 134 37.89 25.48 6.16
C TYR F 134 38.33 25.00 4.78
N ASP F 135 38.27 25.90 3.80
CA ASP F 135 38.60 25.58 2.42
C ASP F 135 39.34 26.78 1.84
N ASP F 136 39.45 26.83 0.51
CA ASP F 136 40.14 27.92 -0.19
C ASP F 136 39.42 29.28 -0.08
N MET F 137 38.26 29.37 0.58
CA MET F 137 37.54 30.63 0.76
C MET F 137 37.51 31.08 2.21
N GLY F 138 38.21 30.39 3.11
CA GLY F 138 38.27 30.76 4.50
C GLY F 138 37.45 29.84 5.37
N PRO F 139 37.15 30.27 6.61
CA PRO F 139 36.27 29.47 7.46
C PRO F 139 34.80 29.65 7.13
N HIS F 140 34.02 28.64 7.48
CA HIS F 140 32.60 28.60 7.18
C HIS F 140 31.84 27.98 8.35
N ILE F 141 30.64 28.49 8.60
CA ILE F 141 29.71 27.92 9.56
C ILE F 141 28.37 27.81 8.86
N PHE F 142 27.86 26.58 8.77
CA PHE F 142 26.62 26.30 8.05
C PHE F 142 25.62 25.63 8.99
N GLN F 143 24.38 26.11 8.94
CA GLN F 143 23.26 25.47 9.60
C GLN F 143 22.48 24.65 8.58
N THR F 144 22.03 23.47 9.01
CA THR F 144 21.22 22.58 8.19
C THR F 144 19.98 22.22 8.98
N CYS F 145 18.85 22.14 8.27
CA CYS F 145 17.53 22.12 8.88
C CYS F 145 16.75 20.90 8.38
N PRO F 146 15.82 20.37 9.18
CA PRO F 146 14.95 19.29 8.67
C PRO F 146 14.07 19.69 7.50
N SER F 147 13.94 20.97 7.19
CA SER F 147 13.17 21.43 6.05
C SER F 147 13.92 21.35 4.73
N ALA F 148 15.08 20.70 4.70
CA ALA F 148 15.95 20.61 3.53
C ALA F 148 16.52 21.97 3.13
N ASN F 149 16.51 22.93 4.04
CA ASN F 149 17.08 24.26 3.84
C ASN F 149 18.37 24.38 4.62
N TYR F 150 19.23 25.30 4.18
CA TYR F 150 20.53 25.50 4.82
C TYR F 150 20.94 26.95 4.67
N PHE F 151 21.70 27.42 5.65
CA PHE F 151 22.09 28.82 5.76
C PHE F 151 23.58 28.93 5.97
N ASP F 152 24.17 30.01 5.44
CA ASP F 152 25.54 30.41 5.74
C ASP F 152 25.49 31.45 6.84
N CYS F 153 26.36 31.29 7.84
CA CYS F 153 26.18 31.96 9.12
C CYS F 153 27.49 32.55 9.61
N ARG F 154 27.38 33.66 10.34
CA ARG F 154 28.50 34.17 11.11
C ARG F 154 28.66 33.40 12.41
N ALA F 155 27.54 33.01 13.01
CA ALA F 155 27.49 32.20 14.22
C ALA F 155 26.07 31.71 14.37
N MET F 156 25.89 30.66 15.15
CA MET F 156 24.55 30.14 15.37
C MET F 156 24.59 29.14 16.52
N SER F 157 23.46 29.06 17.23
CA SER F 157 23.23 28.04 18.23
C SER F 157 21.89 27.36 17.96
N ILE F 158 21.86 26.04 18.13
CA ILE F 158 20.65 25.25 17.94
C ILE F 158 20.52 24.27 19.10
N GLY F 159 19.29 23.82 19.32
CA GLY F 159 18.96 22.91 20.40
C GLY F 159 18.12 23.59 21.46
N ALA F 160 17.90 22.85 22.54
CA ALA F 160 17.11 23.36 23.64
C ALA F 160 17.78 24.56 24.28
N ARG F 161 16.99 25.61 24.52
CA ARG F 161 17.44 26.80 25.24
C ARG F 161 18.53 27.55 24.47
N SER F 162 18.46 27.50 23.13
CA SER F 162 19.50 28.10 22.31
C SER F 162 19.26 29.57 22.01
N GLN F 163 18.07 30.10 22.32
CA GLN F 163 17.82 31.52 22.10
C GLN F 163 18.73 32.37 22.96
N SER F 164 19.08 31.90 24.16
CA SER F 164 20.00 32.65 25.02
C SER F 164 21.37 32.78 24.35
N ALA F 165 21.92 31.67 23.88
CA ALA F 165 23.19 31.70 23.15
C ALA F 165 23.09 32.57 21.91
N ARG F 166 21.97 32.52 21.19
CA ARG F 166 21.81 33.34 20.00
C ARG F 166 21.78 34.82 20.35
N THR F 167 21.10 35.19 21.43
CA THR F 167 21.06 36.58 21.88
C THR F 167 22.45 37.05 22.28
N TYR F 168 23.21 36.19 22.97
CA TYR F 168 24.60 36.52 23.29
C TYR F 168 25.41 36.79 22.03
N LEU F 169 25.40 35.83 21.10
CA LEU F 169 26.20 35.95 19.90
C LEU F 169 25.81 37.17 19.06
N GLU F 170 24.52 37.52 19.06
CA GLU F 170 24.06 38.61 18.20
C GLU F 170 24.64 39.96 18.58
N ARG F 171 25.08 40.14 19.83
CA ARG F 171 25.64 41.40 20.29
C ARG F 171 27.16 41.36 20.47
N HIS F 172 27.81 40.25 20.08
CA HIS F 172 29.27 40.17 20.07
C HIS F 172 29.82 39.78 18.70
N MET F 173 28.99 39.82 17.65
CA MET F 173 29.45 39.49 16.31
C MET F 173 30.59 40.41 15.86
N SER F 174 30.59 41.66 16.32
CA SER F 174 31.58 42.65 15.90
C SER F 174 32.98 42.35 16.40
N GLU F 175 33.16 41.38 17.30
CA GLU F 175 34.45 41.05 17.87
C GLU F 175 35.05 39.77 17.31
N PHE F 176 34.21 38.84 16.82
CA PHE F 176 34.69 37.50 16.49
C PHE F 176 35.72 37.50 15.37
N MET F 177 35.70 38.50 14.50
CA MET F 177 36.55 38.46 13.31
C MET F 177 38.03 38.57 13.68
N GLU F 178 38.40 39.58 14.46
CA GLU F 178 39.78 39.78 14.87
C GLU F 178 40.12 39.07 16.18
N CYS F 179 39.23 38.23 16.69
CA CYS F 179 39.54 37.44 17.87
C CYS F 179 40.56 36.35 17.54
N ASN F 180 41.47 36.11 18.47
CA ASN F 180 42.34 34.95 18.39
C ASN F 180 41.53 33.71 18.80
N LEU F 181 42.19 32.57 18.91
CA LEU F 181 41.46 31.32 19.13
C LEU F 181 40.91 31.24 20.56
N ASN F 182 41.72 31.64 21.54
CA ASN F 182 41.30 31.55 22.93
C ASN F 182 40.05 32.38 23.19
N GLU F 183 40.05 33.62 22.71
CA GLU F 183 38.90 34.50 22.92
C GLU F 183 37.67 33.98 22.19
N LEU F 184 37.85 33.43 20.99
CA LEU F 184 36.73 32.89 20.23
C LEU F 184 36.10 31.70 20.96
N VAL F 185 36.94 30.76 21.40
CA VAL F 185 36.44 29.63 22.18
C VAL F 185 35.74 30.11 23.44
N LYS F 186 36.26 31.17 24.07
CA LYS F 186 35.63 31.67 25.28
C LYS F 186 34.27 32.30 25.00
N HIS F 187 34.14 33.04 23.89
CA HIS F 187 32.83 33.54 23.50
C HIS F 187 31.85 32.40 23.28
N GLY F 188 32.29 31.34 22.59
CA GLY F 188 31.44 30.17 22.42
C GLY F 188 31.01 29.57 23.74
N LEU F 189 31.96 29.40 24.67
CA LEU F 189 31.65 28.81 25.96
C LEU F 189 30.69 29.68 26.77
N ARG F 190 30.82 31.00 26.67
CA ARG F 190 29.91 31.89 27.39
C ARG F 190 28.51 31.86 26.80
N ALA F 191 28.40 31.86 25.47
CA ALA F 191 27.10 31.70 24.84
C ALA F 191 26.47 30.38 25.23
N LEU F 192 27.26 29.32 25.35
CA LEU F 192 26.74 28.04 25.80
C LEU F 192 26.30 28.10 27.24
N ARG F 193 27.08 28.74 28.10
CA ARG F 193 26.73 28.91 29.51
C ARG F 193 25.42 29.65 29.67
N GLU F 194 25.13 30.60 28.76
CA GLU F 194 23.86 31.31 28.83
C GLU F 194 22.65 30.43 28.57
N THR F 195 22.85 29.19 28.11
CA THR F 195 21.74 28.24 27.91
C THR F 195 21.44 27.40 29.14
N LEU F 196 22.31 27.39 30.13
CA LEU F 196 22.13 26.57 31.31
C LEU F 196 21.25 27.28 32.33
N PRO F 197 20.77 26.57 33.35
CA PRO F 197 20.22 27.26 34.52
C PRO F 197 21.32 27.95 35.30
N ALA F 198 20.90 28.75 36.29
CA ALA F 198 21.87 29.38 37.17
C ALA F 198 22.49 28.37 38.13
N GLU F 199 21.82 27.25 38.37
CA GLU F 199 22.38 26.20 39.23
C GLU F 199 23.64 25.61 38.61
N GLN F 200 23.56 25.19 37.36
CA GLN F 200 24.62 24.42 36.73
C GLN F 200 25.67 25.36 36.12
N ASP F 201 26.79 24.76 35.74
CA ASP F 201 27.86 25.48 35.06
C ASP F 201 28.60 24.48 34.19
N LEU F 202 29.59 24.98 33.45
CA LEU F 202 30.34 24.15 32.53
C LEU F 202 31.35 23.29 33.29
N THR F 203 31.63 22.11 32.74
CA THR F 203 32.48 21.13 33.40
C THR F 203 33.22 20.34 32.32
N THR F 204 34.32 19.70 32.75
CA THR F 204 35.08 18.85 31.86
C THR F 204 34.22 17.71 31.29
N LYS F 205 33.29 17.21 32.09
CA LYS F 205 32.50 16.05 31.68
C LYS F 205 31.51 16.38 30.57
N ASN F 206 30.97 17.61 30.57
CA ASN F 206 29.82 17.96 29.74
C ASN F 206 30.14 19.05 28.72
N VAL F 207 31.38 19.10 28.23
CA VAL F 207 31.79 20.09 27.24
C VAL F 207 32.73 19.44 26.25
N SER F 208 32.42 19.57 24.96
CA SER F 208 33.29 19.16 23.87
C SER F 208 33.52 20.34 22.93
N ILE F 209 34.73 20.41 22.38
CA ILE F 209 35.14 21.52 21.53
C ILE F 209 35.73 20.96 20.25
N GLY F 210 35.42 21.60 19.13
CA GLY F 210 35.94 21.24 17.83
C GLY F 210 36.44 22.44 17.06
N ILE F 211 37.68 22.38 16.59
CA ILE F 211 38.38 23.51 16.00
C ILE F 211 39.00 23.08 14.67
N VAL F 212 38.92 23.96 13.68
CA VAL F 212 39.58 23.75 12.39
C VAL F 212 40.07 25.10 11.89
N GLY F 213 41.25 25.11 11.27
CA GLY F 213 41.81 26.33 10.74
C GLY F 213 42.78 26.11 9.59
N LYS F 214 43.58 27.12 9.28
CA LYS F 214 44.53 27.01 8.18
C LYS F 214 45.59 25.96 8.47
N ASP F 215 46.27 26.07 9.62
CA ASP F 215 47.33 25.17 10.03
C ASP F 215 46.86 24.20 11.10
N LEU F 216 45.62 23.71 10.99
CA LEU F 216 45.02 22.89 12.04
C LEU F 216 43.92 22.05 11.44
N GLU F 217 44.09 20.73 11.46
CA GLU F 217 43.02 19.81 11.07
C GLU F 217 41.92 19.84 12.11
N PHE F 218 40.77 19.27 11.77
CA PHE F 218 39.66 19.21 12.70
C PHE F 218 40.02 18.29 13.86
N THR F 219 40.29 18.88 15.02
CA THR F 219 40.54 18.16 16.26
C THR F 219 39.35 18.29 17.19
N ILE F 220 39.24 17.34 18.12
CA ILE F 220 38.19 17.33 19.12
C ILE F 220 38.83 17.20 20.49
N TYR F 221 38.37 18.04 21.42
CA TYR F 221 38.85 18.07 22.81
C TYR F 221 37.66 17.80 23.71
N ASP F 222 37.73 16.72 24.49
CA ASP F 222 36.54 16.17 25.14
C ASP F 222 36.51 16.35 26.66
N ASP F 223 37.46 15.78 27.39
CA ASP F 223 37.34 15.72 28.85
C ASP F 223 38.42 16.52 29.56
N ASP F 224 39.69 16.16 29.42
CA ASP F 224 40.79 16.85 30.08
C ASP F 224 41.54 17.79 29.15
N ASP F 225 41.38 17.63 27.85
CA ASP F 225 41.90 18.57 26.88
C ASP F 225 41.07 19.86 26.82
N VAL F 226 39.95 19.93 27.55
CA VAL F 226 39.10 21.11 27.55
C VAL F 226 39.54 22.12 28.61
N SER F 227 40.16 21.65 29.70
CA SER F 227 40.46 22.49 30.85
C SER F 227 41.37 23.69 30.55
N PRO F 228 42.20 23.67 29.51
CA PRO F 228 42.82 24.95 29.10
C PRO F 228 41.81 25.99 28.67
N PHE F 229 40.74 25.60 27.99
CA PHE F 229 39.79 26.55 27.45
C PHE F 229 38.81 27.04 28.51
N LEU F 230 38.61 26.28 29.58
CA LEU F 230 37.72 26.71 30.66
C LEU F 230 38.41 27.72 31.57
N GLU F 231 39.71 27.53 31.83
CA GLU F 231 40.47 28.48 32.62
C GLU F 231 40.50 29.85 31.94
N GLY F 232 39.86 30.82 32.58
CA GLY F 232 39.73 32.16 32.04
C GLY F 232 38.31 32.69 32.13
N LEU F 233 37.33 31.80 32.26
CA LEU F 233 35.94 32.20 32.36
C LEU F 233 35.68 32.89 33.70
N GLU F 234 35.12 34.09 33.64
CA GLU F 234 34.72 34.79 34.85
C GLU F 234 33.60 34.02 35.56
N GLU F 235 33.76 33.81 36.87
CA GLU F 235 32.75 33.11 37.65
C GLU F 235 31.51 33.99 37.78
N ARG F 236 30.54 33.80 36.88
CA ARG F 236 29.39 34.69 36.82
C ARG F 236 28.55 34.57 38.09
N PRO F 237 28.16 35.69 38.71
CA PRO F 237 26.98 35.65 39.59
C PRO F 237 25.70 35.75 38.78
N GLN F 238 24.55 35.68 39.46
CA GLN F 238 23.24 35.75 38.82
C GLN F 238 22.60 37.11 39.07
N GLY G 6 -11.52 13.29 2.54
CA GLY G 6 -12.12 14.37 1.78
C GLY G 6 -11.61 14.45 0.35
N TYR G 7 -12.06 15.47 -0.38
CA TYR G 7 -11.70 15.66 -1.77
C TYR G 7 -10.44 16.50 -1.97
N ASP G 8 -9.74 16.85 -0.87
CA ASP G 8 -8.64 17.81 -0.92
C ASP G 8 -7.39 17.25 -0.25
N LEU G 9 -7.19 15.93 -0.32
CA LEU G 9 -6.06 15.26 0.33
C LEU G 9 -5.08 14.63 -0.64
N SER G 10 -5.40 14.57 -1.93
CA SER G 10 -4.52 13.94 -2.91
C SER G 10 -4.64 14.69 -4.23
N ALA G 11 -3.57 14.61 -5.02
CA ALA G 11 -3.53 15.18 -6.36
C ALA G 11 -4.01 14.19 -7.42
N SER G 12 -4.27 12.94 -7.04
CA SER G 12 -4.91 11.97 -7.92
C SER G 12 -6.44 12.07 -7.88
N THR G 13 -6.98 13.05 -7.15
CA THR G 13 -8.41 13.13 -6.84
C THR G 13 -9.00 14.37 -7.50
N PHE G 14 -10.18 14.20 -8.07
CA PHE G 14 -11.01 15.31 -8.51
C PHE G 14 -12.07 15.64 -7.46
N SER G 15 -12.63 16.83 -7.58
CA SER G 15 -13.84 17.21 -6.88
C SER G 15 -15.03 17.13 -7.83
N PRO G 16 -16.25 17.22 -7.32
CA PRO G 16 -17.42 17.15 -8.20
C PRO G 16 -17.52 18.28 -9.24
N ASP G 17 -16.69 19.32 -9.13
CA ASP G 17 -16.64 20.39 -10.12
C ASP G 17 -15.28 20.45 -10.83
N GLY G 18 -14.53 19.36 -10.81
CA GLY G 18 -13.33 19.26 -11.63
C GLY G 18 -12.16 20.09 -11.16
N ARG G 19 -11.99 20.20 -9.84
CA ARG G 19 -10.90 20.97 -9.25
C ARG G 19 -9.98 20.04 -8.49
N VAL G 20 -8.70 20.39 -8.46
CA VAL G 20 -7.68 19.65 -7.72
C VAL G 20 -7.11 20.63 -6.71
N PHE G 21 -7.50 20.47 -5.45
CA PHE G 21 -7.28 21.49 -4.46
C PHE G 21 -5.84 21.50 -3.93
N GLN G 22 -5.14 20.37 -4.02
CA GLN G 22 -3.73 20.34 -3.63
C GLN G 22 -2.88 21.29 -4.47
N VAL G 23 -3.12 21.33 -5.78
CA VAL G 23 -2.36 22.22 -6.64
C VAL G 23 -2.62 23.68 -6.29
N GLU G 24 -3.83 24.00 -5.83
CA GLU G 24 -4.16 25.36 -5.41
C GLU G 24 -3.51 25.68 -4.06
N TYR G 25 -3.54 24.72 -3.14
CA TYR G 25 -2.87 24.90 -1.85
C TYR G 25 -1.37 25.05 -2.01
N ALA G 26 -0.79 24.49 -3.07
CA ALA G 26 0.62 24.69 -3.35
C ALA G 26 0.90 26.10 -3.88
N MET G 27 -0.09 26.74 -4.48
CA MET G 27 0.04 28.14 -4.87
C MET G 27 -0.14 29.07 -3.70
N LYS G 28 -1.01 28.70 -2.75
CA LYS G 28 -1.14 29.43 -1.50
C LYS G 28 0.19 29.57 -0.77
N ALA G 29 1.12 28.63 -0.98
CA ALA G 29 2.45 28.72 -0.38
C ALA G 29 3.33 29.75 -1.09
N VAL G 30 3.12 29.93 -2.39
CA VAL G 30 3.85 30.96 -3.12
C VAL G 30 3.31 32.34 -2.75
N GLU G 31 1.99 32.44 -2.52
CA GLU G 31 1.41 33.72 -2.13
C GLU G 31 1.96 34.22 -0.79
N ASN G 32 2.45 33.32 0.07
CA ASN G 32 2.94 33.68 1.39
C ASN G 32 4.44 33.91 1.43
N SER G 33 5.10 34.00 0.28
CA SER G 33 6.55 34.18 0.20
C SER G 33 6.89 35.58 -0.28
N SER G 34 8.14 35.97 -0.05
CA SER G 34 8.61 37.28 -0.44
C SER G 34 8.55 37.46 -1.96
N THR G 35 8.60 38.71 -2.38
CA THR G 35 8.26 39.09 -3.75
C THR G 35 9.50 39.18 -4.63
N ALA G 36 9.39 38.59 -5.82
CA ALA G 36 10.39 38.72 -6.87
C ALA G 36 9.70 39.21 -8.14
N ILE G 37 10.40 40.02 -8.92
CA ILE G 37 9.88 40.56 -10.17
C ILE G 37 10.93 40.36 -11.27
N GLY G 38 10.45 40.42 -12.50
CA GLY G 38 11.30 40.35 -13.67
C GLY G 38 10.70 41.10 -14.82
N ILE G 39 11.52 41.88 -15.53
CA ILE G 39 11.06 42.78 -16.58
C ILE G 39 11.91 42.55 -17.81
N ARG G 40 11.24 42.38 -18.95
CA ARG G 40 11.89 42.16 -20.24
C ARG G 40 12.07 43.51 -20.93
N CYS G 41 13.32 43.89 -21.15
CA CYS G 41 13.68 45.16 -21.74
C CYS G 41 13.80 45.00 -23.26
N LYS G 42 14.32 46.04 -23.92
CA LYS G 42 14.55 45.97 -25.36
C LYS G 42 15.77 45.13 -25.69
N ASP G 43 16.76 45.09 -24.80
CA ASP G 43 18.01 44.40 -25.04
C ASP G 43 18.45 43.62 -23.81
N GLY G 44 17.52 42.95 -23.15
CA GLY G 44 17.86 42.10 -22.02
C GLY G 44 16.70 41.94 -21.07
N VAL G 45 17.01 41.29 -19.94
CA VAL G 45 16.06 41.00 -18.88
C VAL G 45 16.74 41.31 -17.56
N VAL G 46 15.94 41.73 -16.57
CA VAL G 46 16.46 42.13 -15.26
C VAL G 46 15.57 41.50 -14.20
N PHE G 47 16.20 40.83 -13.24
CA PHE G 47 15.52 40.21 -12.11
C PHE G 47 15.78 41.01 -10.85
N GLY G 48 14.75 41.08 -10.00
CA GLY G 48 14.88 41.70 -8.69
C GLY G 48 14.12 40.90 -7.66
N VAL G 49 14.70 40.76 -6.46
CA VAL G 49 14.15 39.93 -5.40
C VAL G 49 14.15 40.72 -4.10
N GLU G 50 13.08 40.57 -3.32
CA GLU G 50 12.96 41.17 -2.00
C GLU G 50 13.44 40.13 -1.00
N LYS G 51 14.71 40.22 -0.64
CA LYS G 51 15.38 39.19 0.14
C LYS G 51 15.34 39.58 1.61
N LEU G 52 14.62 38.78 2.41
CA LEU G 52 14.39 39.10 3.81
C LEU G 52 15.47 38.47 4.68
N VAL G 53 15.97 39.26 5.64
CA VAL G 53 16.99 38.81 6.58
C VAL G 53 16.29 38.60 7.91
N LEU G 54 16.07 37.33 8.26
CA LEU G 54 15.36 37.02 9.50
C LEU G 54 16.23 37.30 10.72
N SER G 55 17.53 37.04 10.62
CA SER G 55 18.45 37.21 11.74
C SER G 55 19.72 37.87 11.23
N LYS G 56 20.36 38.63 12.13
CA LYS G 56 21.63 39.28 11.83
C LYS G 56 22.80 38.31 11.87
N LEU G 57 22.57 37.07 12.29
CA LEU G 57 23.62 36.06 12.33
C LEU G 57 23.89 35.44 10.97
N TYR G 58 22.98 35.59 10.00
CA TYR G 58 23.19 35.06 8.67
C TYR G 58 24.09 35.99 7.86
N GLU G 59 25.03 35.40 7.13
CA GLU G 59 25.94 36.16 6.29
C GLU G 59 25.18 36.85 5.17
N GLU G 60 25.83 37.85 4.58
CA GLU G 60 25.29 38.53 3.41
C GLU G 60 25.62 37.69 2.20
N GLY G 61 24.61 36.99 1.67
CA GLY G 61 24.78 36.04 0.60
C GLY G 61 24.11 34.70 0.84
N SER G 62 23.38 34.57 1.95
CA SER G 62 22.72 33.33 2.29
C SER G 62 21.29 33.33 1.76
N ASN G 63 20.80 32.14 1.39
CA ASN G 63 19.48 31.98 0.79
C ASN G 63 19.34 32.78 -0.49
N LYS G 64 20.34 32.63 -1.36
CA LYS G 64 20.29 33.23 -2.70
C LYS G 64 19.07 32.70 -3.46
N ARG G 65 18.20 33.62 -3.89
CA ARG G 65 17.01 33.28 -4.64
C ARG G 65 17.13 33.58 -6.13
N LEU G 66 18.32 33.94 -6.60
CA LEU G 66 18.62 34.06 -8.02
C LEU G 66 19.67 33.02 -8.37
N PHE G 67 19.37 32.21 -9.38
CA PHE G 67 20.15 31.02 -9.71
C PHE G 67 20.58 31.11 -11.16
N ASN G 68 21.80 30.64 -11.44
CA ASN G 68 22.28 30.48 -12.81
C ASN G 68 22.06 29.04 -13.21
N VAL G 69 21.25 28.84 -14.24
CA VAL G 69 20.86 27.51 -14.71
C VAL G 69 21.69 27.16 -15.93
N ASP G 70 22.18 28.18 -16.63
CA ASP G 70 23.11 28.00 -17.73
C ASP G 70 23.88 29.31 -17.88
N ARG G 71 24.82 29.33 -18.82
CA ARG G 71 25.60 30.53 -19.07
C ARG G 71 24.85 31.57 -19.91
N HIS G 72 23.56 31.35 -20.18
CA HIS G 72 22.72 32.34 -20.84
C HIS G 72 21.32 32.40 -20.23
N VAL G 73 21.08 31.75 -19.09
CA VAL G 73 19.75 31.64 -18.51
C VAL G 73 19.85 31.88 -17.00
N GLY G 74 18.90 32.65 -16.47
CA GLY G 74 18.82 32.88 -15.04
C GLY G 74 17.45 32.47 -14.54
N MET G 75 17.35 32.39 -13.21
CA MET G 75 16.16 31.84 -12.58
C MET G 75 15.92 32.51 -11.23
N ALA G 76 14.70 32.99 -11.02
CA ALA G 76 14.26 33.59 -9.77
C ALA G 76 13.05 32.83 -9.27
N VAL G 77 12.99 32.59 -7.96
CA VAL G 77 12.02 31.68 -7.37
C VAL G 77 11.31 32.35 -6.19
N ALA G 78 10.11 31.85 -5.89
CA ALA G 78 9.34 32.30 -4.75
C ALA G 78 8.48 31.14 -4.25
N GLY G 79 8.66 30.78 -3.00
CA GLY G 79 7.89 29.72 -2.39
C GLY G 79 8.76 28.97 -1.37
N LEU G 80 8.63 27.65 -1.38
CA LEU G 80 9.58 26.81 -0.66
C LEU G 80 10.92 26.83 -1.38
N LEU G 81 11.99 26.97 -0.62
CA LEU G 81 13.32 27.19 -1.20
C LEU G 81 14.03 25.89 -1.54
N ALA G 82 13.85 24.85 -0.74
CA ALA G 82 14.42 23.55 -1.09
C ALA G 82 13.85 23.03 -2.41
N ASP G 83 12.53 23.12 -2.56
CA ASP G 83 11.89 22.81 -3.84
C ASP G 83 12.48 23.60 -4.99
N ALA G 84 12.76 24.89 -4.78
CA ALA G 84 13.36 25.72 -5.81
C ALA G 84 14.78 25.30 -6.16
N ARG G 85 15.60 25.00 -5.17
CA ARG G 85 16.94 24.48 -5.43
C ARG G 85 16.88 23.17 -6.21
N SER G 86 15.94 22.29 -5.88
CA SER G 86 15.77 21.06 -6.63
C SER G 86 15.41 21.35 -8.08
N LEU G 87 14.41 22.19 -8.30
CA LEU G 87 13.98 22.50 -9.66
C LEU G 87 15.09 23.19 -10.44
N ALA G 88 15.94 23.96 -9.77
CA ALA G 88 17.12 24.51 -10.42
C ALA G 88 18.05 23.39 -10.87
N ASP G 89 18.30 22.42 -9.99
CA ASP G 89 19.12 21.27 -10.35
C ASP G 89 18.54 20.50 -11.54
N ILE G 90 17.22 20.40 -11.68
CA ILE G 90 16.63 19.77 -12.85
C ILE G 90 16.78 20.65 -14.09
N ALA G 91 16.55 21.95 -13.95
CA ALA G 91 16.72 22.85 -15.08
C ALA G 91 18.15 22.88 -15.59
N ARG G 92 19.11 22.54 -14.73
CA ARG G 92 20.51 22.47 -15.14
C ARG G 92 20.82 21.22 -15.93
N GLU G 93 20.34 20.04 -15.49
CA GLU G 93 20.61 18.83 -16.24
C GLU G 93 19.81 18.76 -17.54
N GLU G 94 18.66 19.40 -17.62
CA GLU G 94 17.98 19.51 -18.91
C GLU G 94 18.84 20.23 -19.93
N ALA G 95 19.33 21.43 -19.59
CA ALA G 95 20.18 22.18 -20.49
C ALA G 95 21.49 21.47 -20.77
N SER G 96 22.02 20.76 -19.77
CA SER G 96 23.24 19.97 -19.97
C SER G 96 23.04 18.89 -21.03
N ASN G 97 22.00 18.06 -20.85
CA ASN G 97 21.72 17.00 -21.81
C ASN G 97 21.37 17.54 -23.18
N PHE G 98 20.73 18.71 -23.25
CA PHE G 98 20.45 19.32 -24.55
C PHE G 98 21.74 19.61 -25.31
N ARG G 99 22.72 20.23 -24.65
CA ARG G 99 23.99 20.47 -25.33
C ARG G 99 24.70 19.16 -25.64
N SER G 100 24.59 18.16 -24.77
CA SER G 100 25.21 16.87 -25.01
C SER G 100 24.63 16.13 -26.21
N ASN G 101 23.36 16.36 -26.53
CA ASN G 101 22.69 15.60 -27.58
C ASN G 101 22.54 16.36 -28.89
N PHE G 102 22.35 17.68 -28.81
CA PHE G 102 22.11 18.52 -29.99
C PHE G 102 23.23 19.51 -30.26
N GLY G 103 24.07 19.83 -29.28
CA GLY G 103 25.29 20.56 -29.53
C GLY G 103 25.18 22.07 -29.51
N TYR G 104 24.12 22.62 -28.91
CA TYR G 104 24.02 24.07 -28.78
C TYR G 104 23.16 24.41 -27.58
N ASN G 105 23.21 25.69 -27.21
CA ASN G 105 22.50 26.17 -26.04
C ASN G 105 21.00 25.97 -26.18
N ILE G 106 20.37 25.53 -25.10
CA ILE G 106 18.93 25.26 -25.11
C ILE G 106 18.18 26.58 -25.23
N PRO G 107 17.13 26.68 -26.05
CA PRO G 107 16.25 27.85 -25.96
C PRO G 107 15.46 27.84 -24.67
N LEU G 108 14.85 28.99 -24.38
CA LEU G 108 14.10 29.15 -23.14
C LEU G 108 12.65 28.71 -23.27
N LYS G 109 12.05 28.89 -24.44
CA LYS G 109 10.73 28.33 -24.69
C LYS G 109 10.73 26.81 -24.53
N HIS G 110 11.85 26.16 -24.86
CA HIS G 110 11.98 24.72 -24.74
C HIS G 110 12.33 24.27 -23.32
N LEU G 111 13.26 24.97 -22.68
CA LEU G 111 13.59 24.68 -21.29
C LEU G 111 12.37 24.87 -20.40
N ALA G 112 11.62 25.93 -20.63
CA ALA G 112 10.40 26.16 -19.87
C ALA G 112 9.42 25.00 -20.01
N ASP G 113 9.21 24.51 -21.22
CA ASP G 113 8.37 23.34 -21.42
C ASP G 113 8.90 22.10 -20.71
N ARG G 114 10.20 21.82 -20.82
CA ARG G 114 10.77 20.66 -20.17
C ARG G 114 10.69 20.71 -18.65
N VAL G 115 10.77 21.89 -18.05
CA VAL G 115 10.62 22.00 -16.60
C VAL G 115 9.16 22.00 -16.19
N ALA G 116 8.31 22.65 -16.99
CA ALA G 116 6.87 22.64 -16.75
C ALA G 116 6.33 21.23 -16.72
N MET G 117 6.81 20.35 -17.60
CA MET G 117 6.34 18.98 -17.60
C MET G 117 6.82 18.20 -16.38
N TYR G 118 8.06 18.40 -15.96
CA TYR G 118 8.55 17.80 -14.73
C TYR G 118 7.74 18.26 -13.52
N VAL G 119 7.27 19.50 -13.56
CA VAL G 119 6.46 20.04 -12.46
C VAL G 119 5.03 19.50 -12.53
N HIS G 120 4.50 19.36 -13.75
CA HIS G 120 3.15 18.87 -13.93
C HIS G 120 3.03 17.40 -13.55
N ALA G 121 4.10 16.64 -13.73
CA ALA G 121 4.07 15.22 -13.37
C ALA G 121 3.79 15.00 -11.89
N TYR G 122 4.06 15.98 -11.03
CA TYR G 122 3.81 15.86 -9.60
C TYR G 122 2.38 16.24 -9.21
N THR G 123 1.53 16.57 -10.18
CA THR G 123 0.13 16.91 -9.93
C THR G 123 -0.82 15.75 -10.21
N LEU G 124 -0.30 14.55 -10.45
CA LEU G 124 -1.09 13.43 -10.95
C LEU G 124 -1.14 12.24 -10.01
N TYR G 125 -0.29 12.19 -8.99
CA TYR G 125 -0.02 10.97 -8.24
C TYR G 125 -0.39 11.15 -6.78
N SER G 126 -0.57 10.01 -6.11
CA SER G 126 -0.85 9.98 -4.68
C SER G 126 0.40 9.90 -3.83
N ALA G 127 1.52 9.44 -4.39
CA ALA G 127 2.76 9.28 -3.65
C ALA G 127 3.58 10.56 -3.56
N VAL G 128 3.18 11.62 -4.27
CA VAL G 128 3.89 12.88 -4.24
C VAL G 128 2.91 14.04 -4.13
N ARG G 129 3.41 15.15 -3.65
CA ARG G 129 2.73 16.42 -3.60
C ARG G 129 3.15 17.28 -4.78
N PRO G 130 2.41 18.33 -5.11
CA PRO G 130 2.91 19.29 -6.08
C PRO G 130 4.02 20.16 -5.50
N PHE G 131 4.78 20.77 -6.41
CA PHE G 131 5.84 21.68 -6.00
C PHE G 131 5.25 22.95 -5.39
N GLY G 132 5.98 23.52 -4.44
CA GLY G 132 5.52 24.69 -3.71
C GLY G 132 6.28 25.94 -4.08
N CYS G 133 6.57 26.12 -5.38
CA CYS G 133 7.34 27.27 -5.83
C CYS G 133 6.96 27.60 -7.26
N SER G 134 6.68 28.88 -7.51
CA SER G 134 6.71 29.45 -8.85
C SER G 134 8.09 30.03 -9.11
N PHE G 135 8.36 30.30 -10.38
CA PHE G 135 9.68 30.82 -10.72
C PHE G 135 9.66 31.38 -12.13
N MET G 136 10.54 32.33 -12.36
CA MET G 136 10.73 32.98 -13.65
C MET G 136 12.06 32.54 -14.24
N LEU G 137 12.10 32.34 -15.55
CA LEU G 137 13.33 32.14 -16.30
C LEU G 137 13.53 33.32 -17.25
N GLY G 138 14.80 33.64 -17.51
CA GLY G 138 15.14 34.75 -18.38
C GLY G 138 16.43 34.52 -19.15
N SER G 139 16.43 34.85 -20.44
CA SER G 139 17.55 34.61 -21.32
C SER G 139 17.67 35.75 -22.31
N TYR G 140 18.82 35.79 -22.99
CA TYR G 140 19.02 36.69 -24.12
C TYR G 140 19.91 36.01 -25.15
N SER G 141 19.54 36.14 -26.42
CA SER G 141 20.36 35.67 -27.52
C SER G 141 20.20 36.63 -28.69
N VAL G 142 21.20 36.65 -29.57
CA VAL G 142 21.15 37.53 -30.73
C VAL G 142 20.04 37.09 -31.67
N ASN G 143 19.85 35.78 -31.83
CA ASN G 143 18.78 35.28 -32.69
C ASN G 143 17.44 35.27 -31.96
N ASP G 144 17.36 34.59 -30.82
CA ASP G 144 16.10 34.46 -30.09
C ASP G 144 15.70 35.71 -29.34
N GLY G 145 16.62 36.66 -29.14
CA GLY G 145 16.29 37.88 -28.44
C GLY G 145 16.11 37.67 -26.96
N ALA G 146 15.56 38.70 -26.32
CA ALA G 146 15.22 38.61 -24.90
C ALA G 146 13.95 37.79 -24.72
N GLN G 147 13.86 37.11 -23.57
CA GLN G 147 12.75 36.20 -23.29
C GLN G 147 12.57 36.10 -21.78
N LEU G 148 11.32 35.97 -21.38
CA LEU G 148 10.96 35.85 -19.97
C LEU G 148 9.74 34.95 -19.86
N TYR G 149 9.91 33.80 -19.22
CA TYR G 149 8.82 32.88 -18.93
C TYR G 149 8.70 32.66 -17.43
N MET G 150 7.46 32.46 -16.99
CA MET G 150 7.14 32.08 -15.62
C MET G 150 6.46 30.73 -15.63
N ILE G 151 6.74 29.92 -14.60
CA ILE G 151 6.19 28.58 -14.47
C ILE G 151 5.58 28.45 -13.08
N ASP G 152 4.34 27.97 -13.03
CA ASP G 152 3.56 27.82 -11.82
C ASP G 152 3.61 26.37 -11.33
N PRO G 153 3.10 26.11 -10.12
CA PRO G 153 3.07 24.72 -9.64
C PRO G 153 2.24 23.77 -10.49
N SER G 154 1.18 24.27 -11.14
CA SER G 154 0.34 23.40 -11.95
C SER G 154 1.09 22.83 -13.15
N GLY G 155 2.10 23.55 -13.65
CA GLY G 155 2.78 23.22 -14.86
C GLY G 155 2.48 24.12 -16.04
N VAL G 156 1.92 25.29 -15.80
CA VAL G 156 1.59 26.25 -16.85
C VAL G 156 2.83 27.09 -17.12
N SER G 157 2.97 27.56 -18.36
CA SER G 157 4.14 28.34 -18.75
C SER G 157 3.72 29.33 -19.83
N TYR G 158 3.93 30.63 -19.56
CA TYR G 158 3.56 31.69 -20.47
C TYR G 158 4.70 32.72 -20.55
N GLY G 159 4.77 33.40 -21.70
CA GLY G 159 5.72 34.48 -21.86
C GLY G 159 5.23 35.78 -21.28
N TYR G 160 6.16 36.69 -21.06
CA TYR G 160 5.87 37.92 -20.33
C TYR G 160 6.73 39.07 -20.85
N TRP G 161 6.24 40.29 -20.62
CA TRP G 161 7.03 41.50 -20.68
C TRP G 161 7.39 42.00 -19.28
N GLY G 162 6.55 41.68 -18.30
CA GLY G 162 6.85 41.96 -16.91
C GLY G 162 6.02 41.05 -16.04
N CYS G 163 6.56 40.70 -14.88
CA CYS G 163 5.91 39.69 -14.06
C CYS G 163 6.40 39.81 -12.62
N ALA G 164 5.58 39.28 -11.71
CA ALA G 164 5.89 39.25 -10.29
C ALA G 164 5.35 37.97 -9.70
N ILE G 165 5.97 37.54 -8.60
CA ILE G 165 5.58 36.33 -7.88
C ILE G 165 5.79 36.58 -6.40
N GLY G 166 4.78 36.24 -5.59
CA GLY G 166 4.88 36.33 -4.15
C GLY G 166 3.77 37.11 -3.49
N LYS G 167 4.08 37.74 -2.35
CA LYS G 167 3.10 38.50 -1.59
C LYS G 167 2.54 39.65 -2.41
N ALA G 168 3.39 40.60 -2.78
CA ALA G 168 2.97 41.84 -3.43
C ALA G 168 3.00 41.72 -4.95
N ARG G 169 2.28 40.72 -5.46
CA ARG G 169 2.16 40.52 -6.90
C ARG G 169 1.31 41.63 -7.53
N GLN G 170 0.11 41.85 -7.01
CA GLN G 170 -0.78 42.91 -7.49
C GLN G 170 -0.10 44.27 -7.45
N ALA G 171 0.47 44.63 -6.30
CA ALA G 171 1.07 45.94 -6.13
C ALA G 171 2.23 46.15 -7.09
N ALA G 172 2.95 45.08 -7.41
CA ALA G 172 4.11 45.21 -8.28
C ALA G 172 3.74 45.27 -9.74
N LYS G 173 2.75 44.48 -10.19
CA LYS G 173 2.36 44.60 -11.60
C LYS G 173 1.67 45.93 -11.85
N THR G 174 0.92 46.45 -10.87
CA THR G 174 0.32 47.78 -11.03
C THR G 174 1.36 48.86 -11.25
N GLU G 175 2.60 48.67 -10.78
CA GLU G 175 3.69 49.59 -11.07
C GLU G 175 4.43 49.23 -12.35
N ILE G 176 4.48 47.94 -12.71
CA ILE G 176 5.22 47.54 -13.91
C ILE G 176 4.47 47.96 -15.17
N GLU G 177 3.13 47.94 -15.15
CA GLU G 177 2.38 48.37 -16.33
C GLU G 177 2.62 49.84 -16.66
N LYS G 178 2.97 50.65 -15.66
CA LYS G 178 3.33 52.04 -15.93
C LYS G 178 4.58 52.13 -16.79
N LEU G 179 5.49 51.18 -16.66
CA LEU G 179 6.74 51.24 -17.41
C LEU G 179 6.49 51.03 -18.90
N GLN G 180 7.21 51.80 -19.71
CA GLN G 180 7.29 51.56 -21.15
C GLN G 180 8.55 50.75 -21.46
N MET G 181 8.56 49.52 -20.93
CA MET G 181 9.75 48.69 -20.95
C MET G 181 10.24 48.39 -22.35
N LYS G 182 9.36 48.38 -23.34
CA LYS G 182 9.75 48.06 -24.71
C LYS G 182 10.63 49.13 -25.35
N GLU G 183 10.76 50.30 -24.73
CA GLU G 183 11.60 51.38 -25.24
C GLU G 183 12.97 51.43 -24.59
N MET G 184 13.14 50.86 -23.40
CA MET G 184 14.25 51.17 -22.52
C MET G 184 15.37 50.13 -22.60
N THR G 185 16.49 50.45 -21.97
CA THR G 185 17.65 49.58 -21.85
C THR G 185 17.70 49.02 -20.44
N CYS G 186 18.73 48.21 -20.15
CA CYS G 186 18.76 47.49 -18.87
C CYS G 186 19.18 48.40 -17.72
N ARG G 187 20.17 49.28 -17.96
CA ARG G 187 20.66 50.15 -16.89
C ARG G 187 19.60 51.12 -16.41
N ASP G 188 18.62 51.45 -17.26
CA ASP G 188 17.52 52.31 -16.86
C ASP G 188 16.39 51.55 -16.17
N ILE G 189 16.18 50.28 -16.56
CA ILE G 189 15.17 49.45 -15.90
C ILE G 189 15.64 48.96 -14.54
N VAL G 190 16.95 48.98 -14.27
CA VAL G 190 17.44 48.63 -12.94
C VAL G 190 16.84 49.57 -11.89
N LYS G 191 16.84 50.86 -12.20
CA LYS G 191 16.30 51.87 -11.30
C LYS G 191 14.85 51.55 -10.97
N GLU G 192 14.08 51.19 -11.99
CA GLU G 192 12.66 50.88 -11.84
C GLU G 192 12.45 49.61 -11.03
N VAL G 193 13.24 48.58 -11.29
CA VAL G 193 13.16 47.33 -10.54
C VAL G 193 13.41 47.59 -9.05
N ALA G 194 14.43 48.38 -8.73
CA ALA G 194 14.72 48.66 -7.33
C ALA G 194 13.62 49.52 -6.71
N LYS G 195 13.10 50.48 -7.48
CA LYS G 195 12.04 51.35 -7.00
C LYS G 195 10.78 50.56 -6.66
N ILE G 196 10.42 49.58 -7.49
CA ILE G 196 9.22 48.80 -7.22
C ILE G 196 9.41 47.93 -5.98
N ILE G 197 10.57 47.29 -5.84
CA ILE G 197 10.85 46.46 -4.68
C ILE G 197 10.83 47.29 -3.42
N TYR G 198 11.30 48.53 -3.47
CA TYR G 198 11.22 49.39 -2.30
C TYR G 198 9.81 49.93 -2.05
N ILE G 199 8.99 50.06 -3.09
CA ILE G 199 7.62 50.52 -2.89
C ILE G 199 6.79 49.43 -2.23
N VAL G 200 6.93 48.18 -2.67
CA VAL G 200 6.06 47.13 -2.17
C VAL G 200 6.52 46.56 -0.83
N HIS G 201 7.78 46.74 -0.47
CA HIS G 201 8.26 46.26 0.83
C HIS G 201 7.62 47.06 1.96
N ASP G 202 7.20 46.34 2.99
CA ASP G 202 6.56 46.91 4.17
C ASP G 202 7.46 46.63 5.38
N GLU G 203 7.96 47.70 6.01
CA GLU G 203 8.90 47.53 7.11
C GLU G 203 8.23 47.07 8.39
N VAL G 204 6.93 47.31 8.54
CA VAL G 204 6.23 46.93 9.76
C VAL G 204 5.80 45.47 9.71
N LYS G 205 5.40 44.99 8.53
CA LYS G 205 4.98 43.60 8.39
C LYS G 205 6.14 42.62 8.56
N ASP G 206 7.36 43.04 8.24
CA ASP G 206 8.53 42.20 8.43
C ASP G 206 9.76 43.08 8.48
N LYS G 207 10.86 42.52 8.98
CA LYS G 207 12.03 43.30 9.36
C LYS G 207 12.82 43.70 8.11
N ALA G 208 14.04 44.19 8.32
CA ALA G 208 14.88 44.71 7.24
C ALA G 208 15.14 43.63 6.20
N PHE G 209 15.58 44.08 5.02
CA PHE G 209 15.71 43.22 3.85
C PHE G 209 16.94 43.61 3.05
N GLU G 210 17.30 42.73 2.13
CA GLU G 210 18.39 42.94 1.18
C GLU G 210 17.82 42.95 -0.22
N LEU G 211 18.42 43.77 -1.10
CA LEU G 211 18.06 43.81 -2.51
C LEU G 211 19.02 42.96 -3.30
N GLU G 212 18.48 42.06 -4.13
CA GLU G 212 19.26 41.12 -4.91
C GLU G 212 18.85 41.24 -6.37
N LEU G 213 19.82 41.48 -7.25
CA LEU G 213 19.57 41.77 -8.66
C LEU G 213 20.42 40.88 -9.55
N SER G 214 19.94 40.65 -10.77
CA SER G 214 20.71 39.93 -11.78
C SER G 214 20.27 40.40 -13.16
N TRP G 215 21.10 40.10 -14.17
CA TRP G 215 20.98 40.64 -15.52
C TRP G 215 21.23 39.57 -16.56
N VAL G 216 20.74 39.82 -17.78
CA VAL G 216 21.18 39.11 -18.98
C VAL G 216 20.84 40.00 -20.17
N GLY G 217 21.80 40.20 -21.07
CA GLY G 217 21.56 41.05 -22.21
C GLY G 217 22.82 41.33 -22.98
N GLU G 218 22.73 42.34 -23.86
CA GLU G 218 23.89 42.77 -24.64
C GLU G 218 25.07 43.15 -23.74
N LEU G 219 24.80 43.91 -22.67
CA LEU G 219 25.87 44.46 -21.85
C LEU G 219 26.63 43.39 -21.07
N THR G 220 26.11 42.16 -21.01
CA THR G 220 26.83 41.01 -20.48
C THR G 220 27.18 39.98 -21.54
N ASN G 221 26.76 40.18 -22.79
CA ASN G 221 27.06 39.29 -23.91
C ASN G 221 26.47 37.90 -23.68
N GLY G 222 25.15 37.88 -23.47
CA GLY G 222 24.44 36.63 -23.26
C GLY G 222 24.93 35.84 -22.06
N ARG G 223 25.45 36.53 -21.04
CA ARG G 223 25.97 35.90 -19.84
C ARG G 223 25.16 36.41 -18.66
N HIS G 224 24.51 35.51 -17.94
CA HIS G 224 23.71 35.89 -16.79
C HIS G 224 24.64 36.21 -15.63
N GLU G 225 24.51 37.42 -15.09
CA GLU G 225 25.44 37.94 -14.11
C GLU G 225 24.68 38.56 -12.95
N ILE G 226 25.28 38.52 -11.77
CA ILE G 226 24.86 39.37 -10.67
C ILE G 226 25.24 40.80 -10.99
N VAL G 227 24.40 41.74 -10.61
CA VAL G 227 24.69 43.15 -10.92
C VAL G 227 25.90 43.58 -10.09
N PRO G 228 26.82 44.39 -10.64
CA PRO G 228 27.91 44.91 -9.80
C PRO G 228 27.38 45.75 -8.65
N LYS G 229 28.28 46.05 -7.72
CA LYS G 229 27.88 46.78 -6.52
C LYS G 229 27.70 48.27 -6.82
N ASP G 230 28.55 48.84 -7.68
CA ASP G 230 28.48 50.26 -7.97
C ASP G 230 27.17 50.64 -8.65
N ILE G 231 26.52 49.70 -9.34
CA ILE G 231 25.24 49.97 -9.98
C ILE G 231 24.07 49.62 -9.04
N ARG G 232 24.20 48.53 -8.27
CA ARG G 232 23.15 48.20 -7.30
C ARG G 232 22.98 49.29 -6.26
N GLU G 233 24.09 49.89 -5.80
CA GLU G 233 23.99 50.99 -4.85
C GLU G 233 23.42 52.24 -5.52
N GLU G 234 23.81 52.50 -6.76
CA GLU G 234 23.30 53.65 -7.49
C GLU G 234 21.82 53.53 -7.80
N ALA G 235 21.28 52.31 -7.79
CA ALA G 235 19.85 52.09 -7.93
C ALA G 235 19.11 52.07 -6.60
N GLU G 236 19.71 51.50 -5.56
CA GLU G 236 19.13 51.57 -4.23
C GLU G 236 19.00 53.02 -3.76
N LYS G 237 19.94 53.87 -4.16
CA LYS G 237 19.85 55.29 -3.83
C LYS G 237 18.65 55.93 -4.51
N TYR G 238 18.51 55.71 -5.82
CA TYR G 238 17.33 56.19 -6.56
C TYR G 238 16.04 55.69 -5.93
N ALA G 239 16.02 54.44 -5.45
CA ALA G 239 14.85 53.91 -4.77
C ALA G 239 14.51 54.74 -3.52
N LYS G 240 15.53 55.10 -2.74
CA LYS G 240 15.30 55.91 -1.55
C LYS G 240 14.80 57.29 -1.92
N GLU G 241 15.40 57.89 -2.95
CA GLU G 241 15.08 59.26 -3.31
C GLU G 241 13.74 59.37 -4.04
N SER G 242 13.24 58.26 -4.59
CA SER G 242 11.92 58.22 -5.18
C SER G 242 10.84 57.81 -4.20
N LEU G 243 11.21 57.44 -2.96
CA LEU G 243 10.23 57.18 -1.92
C LEU G 243 9.65 58.47 -1.34
N LYS G 244 10.14 59.64 -1.77
CA LYS G 244 9.55 60.93 -1.42
C LYS G 244 8.30 61.15 -2.28
N GLU G 245 7.31 60.29 -2.06
CA GLU G 245 6.10 60.30 -2.86
C GLU G 245 4.98 59.51 -2.16
N THR H 1 31.80 3.70 -53.87
CA THR H 1 30.99 4.90 -53.56
C THR H 1 31.85 6.15 -53.69
N THR H 2 31.25 7.22 -54.22
CA THR H 2 31.93 8.50 -54.38
C THR H 2 30.91 9.59 -54.08
N ILE H 3 31.04 10.22 -52.92
CA ILE H 3 30.14 11.28 -52.49
C ILE H 3 30.95 12.57 -52.37
N MET H 4 30.23 13.69 -52.44
CA MET H 4 30.89 14.99 -52.54
C MET H 4 29.89 16.06 -52.17
N ALA H 5 30.38 17.11 -51.53
CA ALA H 5 29.56 18.25 -51.14
C ALA H 5 30.39 19.52 -51.21
N VAL H 6 29.74 20.62 -51.61
CA VAL H 6 30.37 21.92 -51.72
C VAL H 6 29.39 22.98 -51.23
N GLN H 7 29.93 24.02 -50.61
CA GLN H 7 29.14 25.17 -50.18
C GLN H 7 29.48 26.39 -51.02
N PHE H 8 28.45 27.15 -51.39
CA PHE H 8 28.62 28.49 -51.93
C PHE H 8 27.82 29.46 -51.07
N ASP H 9 27.72 30.71 -51.50
CA ASP H 9 27.16 31.77 -50.64
C ASP H 9 25.72 31.47 -50.26
N GLY H 10 24.86 31.26 -51.27
CA GLY H 10 23.46 31.01 -50.98
C GLY H 10 23.23 29.71 -50.23
N GLY H 11 23.86 28.64 -50.69
CA GLY H 11 23.62 27.32 -50.13
C GLY H 11 24.71 26.31 -50.42
N VAL H 12 24.32 25.07 -50.74
CA VAL H 12 25.24 23.96 -50.91
C VAL H 12 24.93 23.24 -52.22
N VAL H 13 25.86 22.39 -52.63
CA VAL H 13 25.69 21.46 -53.73
C VAL H 13 26.13 20.09 -53.24
N LEU H 14 25.45 19.05 -53.70
CA LEU H 14 25.74 17.67 -53.33
C LEU H 14 25.85 16.82 -54.58
N GLY H 15 26.52 15.69 -54.45
CA GLY H 15 26.74 14.80 -55.57
C GLY H 15 27.02 13.40 -55.10
N ALA H 16 26.71 12.43 -55.96
CA ALA H 16 26.91 11.03 -55.63
C ALA H 16 26.82 10.19 -56.89
N ASP H 17 27.48 9.04 -56.86
CA ASP H 17 27.36 8.05 -57.92
C ASP H 17 26.09 7.23 -57.68
N SER H 18 25.94 6.12 -58.40
CA SER H 18 24.73 5.31 -58.36
C SER H 18 24.99 3.82 -58.23
N ARG H 19 26.19 3.40 -57.84
CA ARG H 19 26.57 2.00 -57.82
C ARG H 19 26.53 1.44 -56.41
N THR H 20 26.05 0.20 -56.29
CA THR H 20 26.05 -0.55 -55.05
C THR H 20 26.54 -1.96 -55.38
N THR H 21 27.71 -2.33 -54.88
CA THR H 21 28.35 -3.57 -55.21
C THR H 21 28.19 -4.60 -54.10
N THR H 22 28.31 -5.87 -54.48
CA THR H 22 28.44 -7.00 -53.56
C THR H 22 29.66 -7.77 -54.05
N GLY H 23 30.84 -7.35 -53.59
CA GLY H 23 32.08 -7.88 -54.11
C GLY H 23 32.47 -7.19 -55.40
N SER H 24 32.23 -7.88 -56.52
CA SER H 24 32.43 -7.33 -57.85
C SER H 24 31.14 -7.29 -58.67
N TYR H 25 30.07 -7.90 -58.20
CA TYR H 25 28.78 -7.82 -58.85
C TYR H 25 28.06 -6.53 -58.46
N ILE H 26 27.49 -5.86 -59.47
CA ILE H 26 26.78 -4.60 -59.26
C ILE H 26 25.32 -4.95 -59.00
N ALA H 27 24.91 -4.85 -57.74
CA ALA H 27 23.56 -5.23 -57.36
C ALA H 27 22.54 -4.18 -57.78
N ASN H 28 22.90 -2.90 -57.67
CA ASN H 28 22.04 -1.80 -58.03
C ASN H 28 22.88 -0.72 -58.71
N ARG H 29 22.56 -0.43 -59.97
CA ARG H 29 23.31 0.54 -60.77
C ARG H 29 22.62 1.90 -60.86
N VAL H 30 21.47 2.08 -60.21
CA VAL H 30 20.75 3.34 -60.23
C VAL H 30 20.45 3.80 -58.80
N THR H 31 21.33 3.42 -57.86
CA THR H 31 21.13 3.75 -56.46
C THR H 31 21.01 5.26 -56.25
N ASP H 32 20.32 5.63 -55.17
CA ASP H 32 20.12 7.02 -54.76
C ASP H 32 20.76 7.19 -53.39
N LYS H 33 22.03 7.61 -53.38
CA LYS H 33 22.77 7.80 -52.14
C LYS H 33 22.56 9.17 -51.52
N LEU H 34 21.73 10.02 -52.12
CA LEU H 34 21.30 11.27 -51.52
C LEU H 34 19.96 11.04 -50.82
N THR H 35 19.81 11.63 -49.65
CA THR H 35 18.75 11.27 -48.72
C THR H 35 18.23 12.52 -48.01
N PRO H 36 16.95 12.91 -48.16
CA PRO H 36 16.45 14.09 -47.44
C PRO H 36 16.17 13.77 -45.98
N ILE H 37 16.93 14.40 -45.08
CA ILE H 37 16.63 14.33 -43.66
C ILE H 37 15.52 15.30 -43.30
N HIS H 38 15.49 16.45 -43.96
CA HIS H 38 14.51 17.48 -43.71
C HIS H 38 14.29 18.21 -45.03
N ASP H 39 13.55 19.32 -45.02
CA ASP H 39 13.26 20.04 -46.25
C ASP H 39 14.51 20.64 -46.88
N ARG H 40 15.52 21.00 -46.06
CA ARG H 40 16.70 21.69 -46.57
C ARG H 40 17.98 21.13 -45.97
N ILE H 41 17.96 19.85 -45.57
CA ILE H 41 19.12 19.18 -44.98
C ILE H 41 19.18 17.80 -45.63
N PHE H 42 20.33 17.46 -46.21
CA PHE H 42 20.54 16.23 -46.95
C PHE H 42 21.70 15.43 -46.37
N CYS H 43 21.71 14.14 -46.72
CA CYS H 43 22.76 13.21 -46.36
C CYS H 43 23.31 12.56 -47.62
N CYS H 44 24.63 12.53 -47.74
CA CYS H 44 25.33 11.76 -48.76
C CYS H 44 25.89 10.51 -48.10
N ARG H 45 25.50 9.34 -48.60
CA ARG H 45 25.64 8.10 -47.86
C ARG H 45 26.77 7.25 -48.43
N SER H 46 27.68 6.82 -47.54
CA SER H 46 28.77 5.91 -47.89
C SER H 46 28.92 4.86 -46.82
N GLY H 47 29.39 3.68 -47.23
CA GLY H 47 29.65 2.58 -46.32
C GLY H 47 28.62 1.48 -46.41
N SER H 48 28.38 0.79 -45.30
CA SER H 48 27.36 -0.25 -45.27
C SER H 48 25.99 0.36 -45.45
N ALA H 49 25.22 -0.18 -46.40
CA ALA H 49 23.90 0.39 -46.70
C ALA H 49 22.95 0.21 -45.53
N ALA H 50 22.97 -0.95 -44.88
CA ALA H 50 22.08 -1.21 -43.74
C ALA H 50 22.32 -0.20 -42.62
N ASP H 51 23.56 -0.11 -42.15
CA ASP H 51 23.89 0.74 -41.02
C ASP H 51 23.52 2.19 -41.29
N THR H 52 23.93 2.70 -42.44
CA THR H 52 23.70 4.08 -42.80
C THR H 52 22.22 4.38 -43.05
N GLN H 53 21.50 3.51 -43.76
CA GLN H 53 20.05 3.67 -43.89
C GLN H 53 19.36 3.75 -42.53
N ALA H 54 19.70 2.84 -41.62
CA ALA H 54 19.09 2.87 -40.30
C ALA H 54 19.40 4.16 -39.56
N VAL H 55 20.67 4.60 -39.59
CA VAL H 55 21.05 5.85 -38.95
C VAL H 55 20.29 7.02 -39.55
N ALA H 56 20.12 7.03 -40.87
CA ALA H 56 19.40 8.10 -41.54
C ALA H 56 17.95 8.15 -41.09
N ASP H 57 17.27 6.99 -41.08
CA ASP H 57 15.89 6.92 -40.61
C ASP H 57 15.76 7.43 -39.18
N ALA H 58 16.66 6.99 -38.30
CA ALA H 58 16.59 7.39 -36.90
C ALA H 58 16.79 8.90 -36.75
N VAL H 59 17.78 9.46 -37.47
CA VAL H 59 18.03 10.89 -37.37
C VAL H 59 16.87 11.68 -37.95
N THR H 60 16.24 11.17 -39.00
CA THR H 60 15.04 11.82 -39.53
C THR H 60 13.94 11.87 -38.48
N TYR H 61 13.69 10.75 -37.79
CA TYR H 61 12.75 10.74 -36.67
C TYR H 61 13.10 11.81 -35.64
N GLN H 62 14.34 11.79 -35.15
CA GLN H 62 14.78 12.71 -34.11
C GLN H 62 14.59 14.17 -34.52
N LEU H 63 15.05 14.53 -35.71
CA LEU H 63 15.00 15.90 -36.18
C LEU H 63 13.59 16.35 -36.46
N GLY H 64 12.71 15.46 -36.97
CA GLY H 64 11.32 15.83 -37.11
C GLY H 64 10.66 16.14 -35.79
N PHE H 65 10.84 15.26 -34.80
CA PHE H 65 10.28 15.51 -33.47
C PHE H 65 10.80 16.83 -32.90
N HIS H 66 12.11 17.03 -32.96
CA HIS H 66 12.75 18.26 -32.48
C HIS H 66 12.19 19.50 -33.17
N SER H 67 12.12 19.50 -34.50
CA SER H 67 11.68 20.67 -35.25
C SER H 67 10.20 20.97 -35.03
N ILE H 68 9.35 19.95 -34.92
CA ILE H 68 7.94 20.22 -34.65
C ILE H 68 7.78 20.80 -33.25
N GLU H 69 8.46 20.23 -32.25
CA GLU H 69 8.24 20.70 -30.89
C GLU H 69 8.91 22.06 -30.64
N LEU H 70 9.90 22.45 -31.44
CA LEU H 70 10.40 23.82 -31.41
C LEU H 70 9.56 24.78 -32.25
N ASN H 71 9.03 24.32 -33.37
CA ASN H 71 8.26 25.16 -34.30
C ASN H 71 9.16 26.20 -34.97
N GLU H 72 10.37 25.79 -35.32
CA GLU H 72 11.26 26.56 -36.16
C GLU H 72 12.12 25.58 -36.93
N PRO H 73 12.66 25.97 -38.08
CA PRO H 73 13.41 25.01 -38.90
C PRO H 73 14.73 24.65 -38.24
N PRO H 74 15.16 23.39 -38.31
CA PRO H 74 16.33 22.97 -37.55
C PRO H 74 17.62 23.40 -38.24
N LEU H 75 18.70 23.31 -37.47
CA LEU H 75 20.03 23.64 -37.97
C LEU H 75 20.65 22.42 -38.65
N VAL H 76 21.72 22.69 -39.40
CA VAL H 76 22.49 21.61 -40.00
C VAL H 76 23.43 21.01 -38.96
N HIS H 77 23.96 21.86 -38.06
CA HIS H 77 24.77 21.38 -36.96
C HIS H 77 24.02 20.39 -36.09
N THR H 78 22.71 20.58 -35.92
CA THR H 78 21.93 19.67 -35.08
C THR H 78 21.88 18.27 -35.67
N ALA H 79 21.49 18.16 -36.94
CA ALA H 79 21.46 16.87 -37.61
C ALA H 79 22.84 16.23 -37.63
N ALA H 80 23.87 17.03 -37.94
CA ALA H 80 25.24 16.53 -37.91
C ALA H 80 25.62 15.99 -36.55
N SER H 81 25.20 16.66 -35.47
CA SER H 81 25.51 16.20 -34.13
C SER H 81 24.79 14.91 -33.79
N LEU H 82 23.54 14.76 -34.23
CA LEU H 82 22.84 13.49 -34.00
C LEU H 82 23.54 12.35 -34.74
N PHE H 83 23.90 12.59 -36.00
CA PHE H 83 24.73 11.63 -36.74
C PHE H 83 26.00 11.29 -35.98
N LYS H 84 26.66 12.31 -35.41
CA LYS H 84 27.90 12.08 -34.68
C LYS H 84 27.68 11.18 -33.47
N GLU H 85 26.66 11.49 -32.66
CA GLU H 85 26.40 10.69 -31.47
C GLU H 85 26.07 9.25 -31.83
N MET H 86 25.29 9.02 -32.88
CA MET H 86 24.99 7.66 -33.26
C MET H 86 26.21 6.93 -33.83
N CYS H 87 27.01 7.60 -34.65
CA CYS H 87 28.18 6.99 -35.26
C CYS H 87 29.33 6.77 -34.29
N TYR H 88 29.39 7.53 -33.21
CA TYR H 88 30.42 7.39 -32.18
C TYR H 88 30.00 6.43 -31.07
N ARG H 89 28.74 6.48 -30.64
CA ARG H 89 28.27 5.55 -29.62
C ARG H 89 28.26 4.11 -30.12
N TYR H 90 28.14 3.93 -31.44
CA TYR H 90 28.14 2.61 -32.07
C TYR H 90 29.19 2.54 -33.16
N ARG H 91 30.39 3.00 -32.84
CA ARG H 91 31.48 2.98 -33.81
C ARG H 91 32.08 1.59 -33.95
N GLU H 92 31.98 0.76 -32.91
CA GLU H 92 32.44 -0.62 -32.98
C GLU H 92 31.46 -1.54 -33.70
N ASP H 93 30.29 -1.03 -34.10
CA ASP H 93 29.26 -1.83 -34.75
C ASP H 93 28.79 -1.27 -36.08
N LEU H 94 29.24 -0.08 -36.48
CA LEU H 94 28.82 0.56 -37.71
C LEU H 94 30.03 0.84 -38.59
N MET H 95 29.81 0.74 -39.90
CA MET H 95 30.75 1.19 -40.92
C MET H 95 29.99 2.23 -41.73
N ALA H 96 30.10 3.49 -41.32
CA ALA H 96 29.23 4.56 -41.81
C ALA H 96 30.05 5.83 -42.01
N GLY H 97 30.21 6.24 -43.25
CA GLY H 97 30.75 7.54 -43.60
C GLY H 97 29.66 8.44 -44.13
N ILE H 98 29.55 9.64 -43.56
CA ILE H 98 28.44 10.53 -43.81
C ILE H 98 28.96 11.92 -44.16
N ILE H 99 28.23 12.61 -45.04
CA ILE H 99 28.38 14.05 -45.25
C ILE H 99 26.99 14.66 -45.11
N ILE H 100 26.88 15.71 -44.29
CA ILE H 100 25.64 16.43 -44.08
C ILE H 100 25.80 17.82 -44.68
N ALA H 101 24.93 18.15 -45.62
CA ALA H 101 24.91 19.44 -46.27
C ALA H 101 23.49 19.96 -46.33
N GLY H 102 23.35 21.27 -46.11
CA GLY H 102 22.04 21.87 -46.14
C GLY H 102 22.13 23.38 -45.98
N TRP H 103 20.98 23.97 -45.69
CA TRP H 103 20.84 25.41 -45.51
C TRP H 103 20.07 25.69 -44.24
N ASP H 104 20.46 26.77 -43.54
CA ASP H 104 19.83 27.18 -42.30
C ASP H 104 19.83 28.71 -42.28
N PRO H 105 18.76 29.36 -41.77
CA PRO H 105 18.77 30.83 -41.76
C PRO H 105 19.89 31.43 -40.92
N GLN H 106 20.28 30.79 -39.82
CA GLN H 106 21.26 31.39 -38.93
C GLN H 106 22.63 31.50 -39.59
N GLU H 107 23.12 30.41 -40.19
CA GLU H 107 24.48 30.35 -40.71
C GLU H 107 24.55 30.04 -42.21
N GLY H 108 23.44 29.67 -42.84
CA GLY H 108 23.42 29.51 -44.28
C GLY H 108 23.85 28.14 -44.75
N GLY H 109 24.57 28.10 -45.87
CA GLY H 109 25.05 26.84 -46.41
C GLY H 109 26.21 26.29 -45.60
N GLN H 110 26.10 25.00 -45.26
CA GLN H 110 27.05 24.35 -44.37
C GLN H 110 27.31 22.95 -44.88
N VAL H 111 28.51 22.44 -44.57
CA VAL H 111 28.93 21.10 -44.93
C VAL H 111 29.64 20.49 -43.72
N TYR H 112 29.18 19.31 -43.31
CA TYR H 112 29.75 18.59 -42.17
C TYR H 112 30.02 17.16 -42.58
N SER H 113 31.28 16.74 -42.44
CA SER H 113 31.66 15.35 -42.67
C SER H 113 31.74 14.61 -41.34
N VAL H 114 31.23 13.39 -41.33
CA VAL H 114 31.25 12.53 -40.13
C VAL H 114 31.85 11.19 -40.53
N PRO H 115 33.17 11.03 -40.51
CA PRO H 115 33.77 9.74 -40.91
C PRO H 115 33.45 8.61 -39.94
N MET H 116 34.07 7.44 -40.18
CA MET H 116 33.70 6.20 -39.53
C MET H 116 33.72 6.33 -38.01
N GLY H 117 34.82 6.83 -37.46
CA GLY H 117 34.97 6.85 -36.01
C GLY H 117 33.97 7.76 -35.30
N GLY H 118 33.35 8.68 -36.02
CA GLY H 118 32.35 9.55 -35.46
C GLY H 118 32.82 10.92 -35.04
N MET H 119 33.90 11.42 -35.62
CA MET H 119 34.30 12.80 -35.41
C MET H 119 33.55 13.70 -36.39
N MET H 120 33.41 14.97 -35.99
CA MET H 120 32.66 15.95 -36.77
C MET H 120 33.52 17.19 -36.96
N VAL H 121 33.46 17.75 -38.17
CA VAL H 121 34.28 18.90 -38.53
C VAL H 121 33.62 19.56 -39.74
N ARG H 122 33.50 20.89 -39.68
CA ARG H 122 32.89 21.61 -40.78
C ARG H 122 33.94 21.85 -41.86
N GLN H 123 33.48 21.88 -43.11
CA GLN H 123 34.37 21.96 -44.25
C GLN H 123 33.74 22.84 -45.31
N SER H 124 34.57 23.30 -46.24
CA SER H 124 34.11 24.04 -47.40
C SER H 124 33.70 23.09 -48.52
N PHE H 125 34.56 22.12 -48.85
CA PHE H 125 34.18 20.99 -49.68
C PHE H 125 34.61 19.72 -48.98
N ALA H 126 33.72 18.72 -49.03
CA ALA H 126 33.94 17.42 -48.41
C ALA H 126 33.75 16.34 -49.45
N ILE H 127 34.70 15.40 -49.48
CA ILE H 127 34.63 14.24 -50.36
C ILE H 127 34.78 12.98 -49.50
N GLY H 128 34.06 11.93 -49.88
CA GLY H 128 34.06 10.71 -49.12
C GLY H 128 33.72 9.53 -50.01
N GLY H 129 34.06 8.34 -49.50
CA GLY H 129 33.83 7.10 -50.21
C GLY H 129 35.12 6.37 -50.51
N SER H 130 35.11 5.56 -51.56
CA SER H 130 36.28 4.80 -51.99
C SER H 130 36.99 5.44 -53.17
N GLY H 131 36.33 6.34 -53.91
CA GLY H 131 36.93 7.02 -55.04
C GLY H 131 37.52 8.38 -54.74
N SER H 132 37.36 8.89 -53.52
CA SER H 132 37.90 10.18 -53.16
C SER H 132 39.42 10.20 -53.24
N SER H 133 40.07 9.04 -53.05
CA SER H 133 41.52 8.95 -53.12
C SER H 133 42.04 9.39 -54.48
N TYR H 134 41.25 9.19 -55.54
CA TYR H 134 41.67 9.48 -56.90
C TYR H 134 41.38 10.92 -57.33
N ILE H 135 40.75 11.72 -56.48
CA ILE H 135 40.39 13.10 -56.80
C ILE H 135 40.79 14.09 -55.71
N TYR H 136 41.44 13.60 -54.65
CA TYR H 136 41.94 14.50 -53.62
C TYR H 136 42.88 15.57 -54.18
N GLY H 137 43.57 15.29 -55.28
CA GLY H 137 44.45 16.28 -55.89
C GLY H 137 43.70 17.24 -56.80
N TYR H 138 42.77 16.69 -57.59
CA TYR H 138 41.98 17.52 -58.48
C TYR H 138 41.17 18.55 -57.72
N VAL H 139 40.50 18.12 -56.64
CA VAL H 139 39.63 19.06 -55.92
C VAL H 139 40.45 20.11 -55.19
N ASP H 140 41.70 19.81 -54.84
CA ASP H 140 42.57 20.81 -54.23
C ASP H 140 43.12 21.78 -55.25
N ALA H 141 43.42 21.31 -56.46
CA ALA H 141 43.98 22.16 -57.50
C ALA H 141 42.93 22.97 -58.25
N THR H 142 41.64 22.61 -58.11
CA THR H 142 40.56 23.26 -58.86
C THR H 142 39.63 24.08 -57.99
N TYR H 143 39.55 23.83 -56.69
CA TYR H 143 38.65 24.60 -55.83
C TYR H 143 39.12 26.04 -55.73
N ARG H 144 38.14 26.95 -55.67
CA ARG H 144 38.41 28.37 -55.51
C ARG H 144 37.25 28.99 -54.74
N GLU H 145 37.56 29.79 -53.73
CA GLU H 145 36.52 30.39 -52.93
C GLU H 145 35.89 31.57 -53.69
N GLY H 146 34.57 31.56 -53.79
CA GLY H 146 33.83 32.55 -54.54
C GLY H 146 33.07 31.96 -55.72
N MET H 147 32.85 30.65 -55.71
CA MET H 147 32.14 29.99 -56.79
C MET H 147 30.64 30.08 -56.59
N THR H 148 29.92 30.21 -57.69
CA THR H 148 28.46 30.28 -57.65
C THR H 148 27.88 28.87 -57.72
N LYS H 149 26.57 28.77 -57.91
CA LYS H 149 25.90 27.48 -57.92
C LYS H 149 26.31 26.65 -59.12
N GLU H 150 26.35 27.26 -60.31
CA GLU H 150 26.58 26.50 -61.53
C GLU H 150 28.02 26.04 -61.64
N GLU H 151 28.96 26.89 -61.25
CA GLU H 151 30.36 26.50 -61.20
C GLU H 151 30.60 25.36 -60.22
N CYS H 152 29.91 25.36 -59.08
CA CYS H 152 30.00 24.27 -58.12
C CYS H 152 29.39 22.99 -58.64
N LEU H 153 28.25 23.07 -59.33
CA LEU H 153 27.71 21.88 -60.00
C LEU H 153 28.72 21.31 -61.00
N GLN H 154 29.35 22.18 -61.80
CA GLN H 154 30.35 21.75 -62.76
C GLN H 154 31.52 21.06 -62.06
N PHE H 155 32.04 21.69 -61.02
CA PHE H 155 33.14 21.11 -60.23
C PHE H 155 32.77 19.73 -59.70
N THR H 156 31.61 19.62 -59.05
CA THR H 156 31.19 18.37 -58.44
C THR H 156 30.93 17.28 -59.47
N ALA H 157 30.47 17.63 -60.66
CA ALA H 157 30.29 16.64 -61.70
C ALA H 157 31.62 16.18 -62.29
N ASN H 158 32.52 17.12 -62.58
CA ASN H 158 33.82 16.75 -63.13
C ASN H 158 34.61 15.85 -62.18
N ALA H 159 34.52 16.10 -60.88
CA ALA H 159 35.26 15.26 -59.93
C ALA H 159 34.69 13.84 -59.89
N LEU H 160 33.37 13.72 -59.75
CA LEU H 160 32.75 12.41 -59.66
C LEU H 160 32.93 11.60 -60.93
N ALA H 161 32.95 12.27 -62.09
CA ALA H 161 33.19 11.55 -63.34
C ALA H 161 34.55 10.87 -63.34
N LEU H 162 35.59 11.57 -62.89
CA LEU H 162 36.92 10.97 -62.81
C LEU H 162 36.95 9.83 -61.81
N ALA H 163 36.42 10.07 -60.61
CA ALA H 163 36.39 9.04 -59.58
C ALA H 163 35.65 7.80 -60.05
N MET H 164 34.61 7.97 -60.87
CA MET H 164 33.88 6.85 -61.42
C MET H 164 34.64 6.17 -62.55
N GLU H 165 35.41 6.93 -63.33
CA GLU H 165 36.17 6.33 -64.41
C GLU H 165 37.31 5.46 -63.89
N ARG H 166 37.91 5.82 -62.76
CA ARG H 166 39.01 5.04 -62.22
C ARG H 166 38.56 4.00 -61.20
N ASP H 167 37.65 4.35 -60.30
CA ASP H 167 37.20 3.42 -59.27
C ASP H 167 36.29 2.36 -59.87
N GLY H 168 36.55 1.09 -59.53
CA GLY H 168 35.70 0.01 -59.99
C GLY H 168 34.38 -0.06 -59.26
N SER H 169 34.37 0.31 -57.98
CA SER H 169 33.16 0.29 -57.17
C SER H 169 32.35 1.58 -57.27
N SER H 170 32.58 2.38 -58.32
CA SER H 170 31.84 3.61 -58.55
C SER H 170 31.56 3.72 -60.04
N GLY H 171 30.36 4.18 -60.38
CA GLY H 171 29.99 4.37 -61.75
C GLY H 171 28.50 4.58 -61.89
N GLY H 172 28.05 4.54 -63.14
CA GLY H 172 26.63 4.67 -63.45
C GLY H 172 26.19 6.10 -63.72
N VAL H 173 25.65 6.75 -62.69
CA VAL H 173 24.91 8.00 -62.84
C VAL H 173 25.33 8.96 -61.74
N ILE H 174 25.49 10.23 -62.09
CA ILE H 174 25.83 11.28 -61.15
C ILE H 174 24.53 11.95 -60.73
N ARG H 175 24.15 11.74 -59.46
CA ARG H 175 22.97 12.37 -58.89
C ARG H 175 23.39 13.62 -58.13
N LEU H 176 22.97 14.78 -58.62
CA LEU H 176 23.28 16.06 -58.01
C LEU H 176 22.09 16.59 -57.25
N ALA H 177 22.35 17.61 -56.44
CA ALA H 177 21.31 18.33 -55.72
C ALA H 177 21.86 19.64 -55.19
N ALA H 178 21.12 20.73 -55.42
CA ALA H 178 21.46 22.05 -54.89
C ALA H 178 20.35 22.48 -53.95
N ILE H 179 20.75 23.08 -52.82
CA ILE H 179 19.84 23.44 -51.74
C ILE H 179 20.05 24.91 -51.43
N ALA H 180 18.97 25.63 -51.18
CA ALA H 180 19.03 27.04 -50.82
C ALA H 180 17.69 27.44 -50.22
N GLU H 181 17.54 28.74 -49.96
CA GLU H 181 16.30 29.26 -49.40
C GLU H 181 15.12 28.99 -50.32
N SER H 182 15.33 29.11 -51.63
CA SER H 182 14.24 28.94 -52.58
C SER H 182 13.69 27.52 -52.57
N GLY H 183 14.57 26.54 -52.50
CA GLY H 183 14.10 25.16 -52.49
C GLY H 183 15.25 24.20 -52.72
N VAL H 184 14.93 23.10 -53.39
CA VAL H 184 15.88 22.02 -53.64
C VAL H 184 15.72 21.55 -55.07
N GLU H 185 16.72 21.84 -55.90
CA GLU H 185 16.77 21.37 -57.27
C GLU H 185 17.55 20.07 -57.32
N ARG H 186 17.16 19.18 -58.24
CA ARG H 186 17.81 17.89 -58.40
C ARG H 186 17.98 17.57 -59.88
N GLN H 187 19.18 17.15 -60.24
CA GLN H 187 19.53 16.77 -61.60
C GLN H 187 19.99 15.32 -61.62
N VAL H 188 19.97 14.74 -62.82
CA VAL H 188 20.48 13.40 -63.05
C VAL H 188 21.26 13.43 -64.37
N LEU H 189 22.56 13.22 -64.30
CA LEU H 189 23.42 13.19 -65.46
C LEU H 189 23.67 11.74 -65.88
N LEU H 190 23.56 11.48 -67.17
CA LEU H 190 23.67 10.12 -67.69
C LEU H 190 24.03 10.17 -69.16
N GLY H 191 24.81 9.19 -69.59
CA GLY H 191 25.24 9.14 -70.98
C GLY H 191 26.20 10.27 -71.30
N ASP H 192 25.93 10.96 -72.41
CA ASP H 192 26.82 12.02 -72.88
C ASP H 192 26.87 13.21 -71.92
N GLN H 193 25.92 13.33 -70.98
CA GLN H 193 25.95 14.44 -70.05
C GLN H 193 27.08 14.30 -69.05
N ILE H 194 27.49 13.07 -68.74
CA ILE H 194 28.63 12.89 -67.84
C ILE H 194 29.89 13.41 -68.53
N PRO H 195 30.72 14.23 -67.87
CA PRO H 195 31.90 14.77 -68.56
C PRO H 195 32.85 13.68 -69.02
N LYS H 196 33.41 13.88 -70.21
CA LYS H 196 34.40 12.99 -70.81
C LYS H 196 35.76 13.68 -70.81
N PHE H 197 36.81 12.89 -70.56
CA PHE H 197 38.17 13.38 -70.57
C PHE H 197 39.02 12.55 -71.52
N ALA H 198 40.08 13.15 -72.02
CA ALA H 198 40.96 12.49 -72.97
C ALA H 198 41.60 11.25 -72.35
N VAL H 199 41.48 10.13 -73.04
CA VAL H 199 42.17 8.88 -72.70
C VAL H 199 43.27 8.69 -73.72
N ALA H 200 44.51 8.64 -73.25
CA ALA H 200 45.67 8.61 -74.14
C ALA H 200 45.64 7.37 -75.03
N THR H 201 46.15 7.54 -76.25
CA THR H 201 46.20 6.47 -77.24
C THR H 201 47.61 5.99 -77.54
N LEU H 202 48.62 6.83 -77.41
CA LEU H 202 49.99 6.44 -77.65
C LEU H 202 50.58 5.73 -76.43
N THR I 1 18.67 -21.52 -55.44
CA THR I 1 17.33 -20.86 -55.51
C THR I 1 17.37 -19.68 -56.47
N THR I 2 16.19 -19.32 -56.99
CA THR I 2 16.07 -18.30 -58.02
C THR I 2 14.71 -17.64 -57.88
N ILE I 3 14.69 -16.32 -57.70
CA ILE I 3 13.46 -15.55 -57.59
C ILE I 3 13.66 -14.23 -58.31
N ALA I 4 12.55 -13.66 -58.80
CA ALA I 4 12.62 -12.50 -59.66
C ALA I 4 11.33 -11.69 -59.53
N GLY I 5 11.36 -10.47 -60.06
CA GLY I 5 10.20 -9.61 -60.05
C GLY I 5 10.33 -8.51 -61.08
N VAL I 6 9.19 -7.98 -61.52
CA VAL I 6 9.14 -6.88 -62.47
C VAL I 6 7.96 -5.98 -62.13
N VAL I 7 7.98 -4.76 -62.66
CA VAL I 7 6.87 -3.81 -62.59
C VAL I 7 6.48 -3.48 -64.02
N TYR I 8 5.28 -3.92 -64.43
CA TYR I 8 4.76 -3.64 -65.75
C TYR I 8 3.70 -2.54 -65.65
N LYS I 9 3.00 -2.28 -66.76
CA LYS I 9 2.20 -1.07 -66.91
C LYS I 9 1.08 -0.95 -65.88
N ASP I 10 0.59 -2.07 -65.33
CA ASP I 10 -0.56 -2.07 -64.44
C ASP I 10 -0.23 -2.62 -63.06
N GLY I 11 0.75 -3.51 -62.96
CA GLY I 11 1.04 -4.12 -61.68
C GLY I 11 2.36 -4.86 -61.58
N ILE I 12 2.33 -5.99 -60.86
CA ILE I 12 3.53 -6.71 -60.45
C ILE I 12 3.44 -8.15 -60.94
N VAL I 13 4.59 -8.71 -61.30
CA VAL I 13 4.74 -10.13 -61.61
C VAL I 13 5.94 -10.65 -60.84
N LEU I 14 5.75 -11.73 -60.10
CA LEU I 14 6.79 -12.41 -59.36
C LEU I 14 6.98 -13.82 -59.90
N GLY I 15 8.15 -14.39 -59.63
CA GLY I 15 8.46 -15.73 -60.08
C GLY I 15 9.47 -16.42 -59.19
N ALA I 16 9.45 -17.75 -59.22
CA ALA I 16 10.35 -18.53 -58.40
C ALA I 16 10.42 -19.95 -58.95
N ASP I 17 11.47 -20.66 -58.55
CA ASP I 17 11.63 -22.08 -58.84
C ASP I 17 11.00 -22.88 -57.70
N THR I 18 11.24 -24.20 -57.68
CA THR I 18 10.66 -25.08 -56.68
C THR I 18 11.64 -26.05 -56.05
N ARG I 19 12.91 -26.06 -56.46
CA ARG I 19 13.88 -26.97 -55.90
C ARG I 19 14.41 -26.44 -54.58
N ALA I 20 14.69 -27.37 -53.66
CA ALA I 20 15.28 -27.07 -52.38
C ALA I 20 16.33 -28.14 -52.09
N THR I 21 17.54 -27.71 -51.76
CA THR I 21 18.67 -28.60 -51.54
C THR I 21 19.08 -28.59 -50.08
N GLU I 22 19.72 -29.69 -49.66
CA GLU I 22 20.46 -29.77 -48.40
C GLU I 22 21.82 -30.34 -48.78
N GLY I 23 22.73 -29.44 -49.18
CA GLY I 23 24.01 -29.83 -49.74
C GLY I 23 23.97 -29.90 -51.25
N MET I 24 24.60 -30.91 -51.82
CA MET I 24 24.58 -31.17 -53.27
C MET I 24 23.57 -32.27 -53.59
N VAL I 25 22.48 -32.31 -52.84
CA VAL I 25 21.45 -33.35 -52.95
C VAL I 25 20.09 -32.67 -52.91
N VAL I 26 19.16 -33.20 -53.69
CA VAL I 26 17.83 -32.60 -53.84
C VAL I 26 16.88 -33.25 -52.85
N ALA I 27 16.28 -32.43 -51.99
CA ALA I 27 15.33 -32.88 -50.97
C ALA I 27 13.89 -32.69 -51.40
N ASP I 28 13.54 -31.49 -51.84
CA ASP I 28 12.19 -31.16 -52.29
C ASP I 28 12.21 -30.81 -53.77
N LYS I 29 11.06 -30.98 -54.41
CA LYS I 29 10.88 -30.74 -55.84
C LYS I 29 9.79 -29.73 -56.14
N ASN I 30 8.76 -29.66 -55.30
CA ASN I 30 7.60 -28.79 -55.50
C ASN I 30 7.45 -27.85 -54.31
N CYS I 31 8.56 -27.23 -53.90
CA CYS I 31 8.51 -26.25 -52.83
C CYS I 31 7.69 -25.04 -53.28
N SER I 32 7.38 -24.18 -52.31
CA SER I 32 6.60 -22.97 -52.55
C SER I 32 7.36 -21.80 -51.92
N LYS I 33 8.07 -21.05 -52.77
CA LYS I 33 8.95 -19.98 -52.34
C LYS I 33 8.28 -18.61 -52.39
N ILE I 34 7.03 -18.53 -52.85
CA ILE I 34 6.27 -17.29 -52.91
C ILE I 34 5.25 -17.34 -51.78
N HIS I 35 5.31 -16.35 -50.89
CA HIS I 35 4.62 -16.39 -49.61
C HIS I 35 3.56 -15.30 -49.53
N PHE I 36 2.48 -15.61 -48.83
CA PHE I 36 1.42 -14.65 -48.57
C PHE I 36 1.85 -13.66 -47.51
N ILE I 37 1.68 -12.38 -47.83
CA ILE I 37 1.82 -11.28 -46.88
C ILE I 37 0.52 -10.52 -46.71
N SER I 38 -0.23 -10.35 -47.79
CA SER I 38 -1.51 -9.67 -47.79
C SER I 38 -2.21 -9.98 -49.10
N PRO I 39 -3.52 -9.74 -49.21
CA PRO I 39 -4.19 -9.95 -50.51
C PRO I 39 -3.65 -9.09 -51.64
N ASN I 40 -2.88 -8.05 -51.34
CA ASN I 40 -2.25 -7.21 -52.34
C ASN I 40 -0.73 -7.25 -52.31
N ILE I 41 -0.12 -7.95 -51.34
CA ILE I 41 1.33 -7.99 -51.17
C ILE I 41 1.74 -9.45 -51.05
N TYR I 42 2.65 -9.88 -51.91
CA TYR I 42 3.28 -11.20 -51.83
C TYR I 42 4.79 -11.03 -51.78
N CYS I 43 5.48 -12.07 -51.34
CA CYS I 43 6.92 -12.05 -51.15
C CYS I 43 7.52 -13.37 -51.61
N CYS I 44 8.68 -13.27 -52.27
CA CYS I 44 9.50 -14.41 -52.62
C CYS I 44 10.72 -14.44 -51.71
N GLY I 45 11.17 -15.65 -51.40
CA GLY I 45 12.20 -15.85 -50.40
C GLY I 45 13.33 -16.77 -50.81
N ALA I 46 14.56 -16.31 -50.61
CA ALA I 46 15.77 -17.09 -50.80
C ALA I 46 16.52 -17.18 -49.48
N GLY I 47 17.54 -18.04 -49.47
CA GLY I 47 18.38 -18.19 -48.29
C GLY I 47 17.90 -19.30 -47.39
N THR I 48 18.13 -19.16 -46.09
CA THR I 48 17.68 -20.16 -45.13
C THR I 48 16.16 -20.18 -45.08
N ALA I 49 15.58 -21.34 -45.42
CA ALA I 49 14.15 -21.41 -45.66
C ALA I 49 13.34 -21.13 -44.41
N ALA I 50 13.77 -21.66 -43.27
CA ALA I 50 13.04 -21.46 -42.02
C ALA I 50 12.98 -19.98 -41.63
N ASP I 51 14.09 -19.25 -41.81
CA ASP I 51 14.11 -17.82 -41.54
C ASP I 51 13.10 -17.07 -42.39
N THR I 52 13.10 -17.33 -43.71
CA THR I 52 12.12 -16.70 -44.59
C THR I 52 10.69 -17.05 -44.20
N ASP I 53 10.42 -18.32 -43.91
CA ASP I 53 9.08 -18.74 -43.49
C ASP I 53 8.61 -17.97 -42.26
N MET I 54 9.42 -17.97 -41.19
CA MET I 54 9.00 -17.33 -39.95
C MET I 54 8.91 -15.82 -40.11
N THR I 55 9.84 -15.21 -40.83
CA THR I 55 9.80 -13.76 -41.04
C THR I 55 8.54 -13.36 -41.80
N THR I 56 8.27 -14.02 -42.92
CA THR I 56 7.07 -13.72 -43.70
C THR I 56 5.81 -13.95 -42.89
N GLN I 57 5.76 -15.05 -42.12
CA GLN I 57 4.61 -15.31 -41.28
C GLN I 57 4.38 -14.19 -40.26
N LEU I 58 5.46 -13.74 -39.63
CA LEU I 58 5.34 -12.72 -38.59
C LEU I 58 4.87 -11.39 -39.19
N ILE I 59 5.47 -10.97 -40.30
CA ILE I 59 5.05 -9.72 -40.93
C ILE I 59 3.62 -9.85 -41.46
N SER I 60 3.24 -11.04 -41.94
CA SER I 60 1.87 -11.27 -42.36
C SER I 60 0.89 -11.08 -41.20
N SER I 61 1.18 -11.68 -40.05
CA SER I 61 0.33 -11.52 -38.89
C SER I 61 0.26 -10.07 -38.44
N ASN I 62 1.40 -9.38 -38.38
CA ASN I 62 1.42 -7.99 -37.97
C ASN I 62 0.65 -7.08 -38.93
N LEU I 63 0.71 -7.34 -40.24
CA LEU I 63 -0.08 -6.57 -41.18
C LEU I 63 -1.56 -6.91 -41.13
N GLU I 64 -1.92 -8.18 -40.90
CA GLU I 64 -3.32 -8.51 -40.66
C GLU I 64 -3.83 -7.92 -39.34
N LEU I 65 -2.93 -7.55 -38.44
CA LEU I 65 -3.28 -6.84 -37.22
C LEU I 65 -3.32 -5.34 -37.40
N HIS I 66 -2.56 -4.80 -38.34
CA HIS I 66 -2.54 -3.37 -38.62
C HIS I 66 -3.70 -2.96 -39.51
N SER I 67 -3.93 -3.71 -40.59
CA SER I 67 -5.02 -3.44 -41.51
C SER I 67 -6.39 -3.57 -40.85
N LEU I 68 -6.49 -4.34 -39.77
CA LEU I 68 -7.76 -4.59 -39.11
C LEU I 68 -8.11 -3.50 -38.12
N SER I 69 -7.10 -2.85 -37.55
CA SER I 69 -7.33 -1.63 -36.79
C SER I 69 -7.60 -0.46 -37.71
N THR I 70 -6.76 -0.27 -38.73
CA THR I 70 -6.96 0.84 -39.65
C THR I 70 -8.24 0.69 -40.45
N GLY I 71 -8.58 -0.55 -40.83
CA GLY I 71 -9.67 -0.79 -41.74
C GLY I 71 -9.38 -0.47 -43.18
N ARG I 72 -8.12 -0.28 -43.53
CA ARG I 72 -7.68 0.12 -44.86
C ARG I 72 -6.89 -1.02 -45.50
N LEU I 73 -6.44 -0.76 -46.71
CA LEU I 73 -5.59 -1.68 -47.45
C LEU I 73 -4.12 -1.42 -47.06
N PRO I 74 -3.31 -2.45 -46.81
CA PRO I 74 -1.92 -2.18 -46.40
C PRO I 74 -1.10 -1.63 -47.56
N ARG I 75 0.10 -1.18 -47.21
CA ARG I 75 1.06 -0.64 -48.15
C ARG I 75 2.34 -1.46 -48.12
N VAL I 76 3.15 -1.31 -49.16
CA VAL I 76 4.37 -2.11 -49.28
C VAL I 76 5.50 -1.48 -48.47
N VAL I 77 5.48 -0.15 -48.32
CA VAL I 77 6.46 0.54 -47.51
C VAL I 77 6.40 0.04 -46.07
N THR I 78 5.21 -0.27 -45.56
CA THR I 78 5.08 -0.76 -44.20
C THR I 78 5.75 -2.11 -44.02
N ALA I 79 5.49 -3.04 -44.93
CA ALA I 79 6.14 -4.35 -44.88
C ALA I 79 7.65 -4.22 -44.99
N ASN I 80 8.12 -3.39 -45.93
CA ASN I 80 9.55 -3.17 -46.09
C ASN I 80 10.19 -2.64 -44.81
N ARG I 81 9.55 -1.65 -44.18
CA ARG I 81 10.09 -1.05 -42.98
C ARG I 81 10.06 -2.00 -41.78
N MET I 82 9.06 -2.89 -41.71
CA MET I 82 9.09 -3.94 -40.70
C MET I 82 10.25 -4.89 -40.93
N LEU I 83 10.33 -5.45 -42.13
CA LEU I 83 11.33 -6.46 -42.45
C LEU I 83 12.74 -5.93 -42.22
N LYS I 84 13.07 -4.78 -42.81
CA LYS I 84 14.42 -4.27 -42.70
C LYS I 84 14.77 -3.92 -41.26
N GLN I 85 13.81 -3.39 -40.49
CA GLN I 85 14.06 -3.05 -39.11
C GLN I 85 14.34 -4.28 -38.26
N MET I 86 13.71 -5.41 -38.58
CA MET I 86 14.02 -6.65 -37.86
C MET I 86 15.36 -7.23 -38.27
N LEU I 87 15.59 -7.35 -39.58
CA LEU I 87 16.82 -7.97 -40.06
C LEU I 87 18.05 -7.16 -39.66
N PHE I 88 17.93 -5.84 -39.63
CA PHE I 88 19.02 -5.02 -39.10
C PHE I 88 19.28 -5.29 -37.63
N ARG I 89 18.21 -5.54 -36.87
CA ARG I 89 18.38 -5.84 -35.46
C ARG I 89 19.09 -7.16 -35.24
N TYR I 90 18.91 -8.13 -36.13
CA TYR I 90 19.61 -9.41 -36.01
C TYR I 90 20.98 -9.42 -36.68
N GLN I 91 21.39 -8.31 -37.29
CA GLN I 91 22.78 -8.12 -37.75
C GLN I 91 23.21 -9.17 -38.76
N GLY I 92 22.27 -9.75 -39.49
CA GLY I 92 22.56 -10.69 -40.56
C GLY I 92 22.45 -12.15 -40.18
N TYR I 93 22.28 -12.46 -38.89
CA TYR I 93 22.16 -13.84 -38.47
C TYR I 93 20.87 -14.50 -38.97
N ILE I 94 19.89 -13.73 -39.42
CA ILE I 94 18.70 -14.25 -40.07
C ILE I 94 18.98 -14.20 -41.57
N GLY I 95 19.16 -15.37 -42.17
CA GLY I 95 19.50 -15.45 -43.58
C GLY I 95 18.30 -15.39 -44.49
N ALA I 96 17.56 -14.29 -44.41
CA ALA I 96 16.34 -14.08 -45.19
C ALA I 96 16.61 -13.00 -46.24
N ALA I 97 16.81 -13.43 -47.47
CA ALA I 97 16.91 -12.54 -48.62
C ALA I 97 15.63 -12.64 -49.43
N LEU I 98 15.02 -11.49 -49.73
CA LEU I 98 13.62 -11.45 -50.14
C LEU I 98 13.44 -10.58 -51.38
N VAL I 99 12.34 -10.85 -52.08
CA VAL I 99 11.85 -10.01 -53.17
C VAL I 99 10.38 -9.75 -52.87
N LEU I 100 10.07 -8.53 -52.44
CA LEU I 100 8.74 -8.15 -51.98
C LEU I 100 8.08 -7.24 -53.01
N GLY I 101 6.81 -7.51 -53.29
CA GLY I 101 6.08 -6.73 -54.28
C GLY I 101 4.58 -6.71 -54.07
N GLY I 102 3.96 -5.57 -54.31
CA GLY I 102 2.52 -5.44 -54.14
C GLY I 102 1.99 -4.24 -54.87
N VAL I 103 0.68 -4.02 -54.70
CA VAL I 103 -0.03 -2.92 -55.35
C VAL I 103 -0.96 -2.29 -54.32
N ASP I 104 -0.82 -0.98 -54.12
CA ASP I 104 -1.65 -0.23 -53.18
C ASP I 104 -2.20 1.02 -53.86
N VAL I 105 -2.80 1.92 -53.09
CA VAL I 105 -3.41 3.13 -53.65
C VAL I 105 -2.40 3.96 -54.42
N THR I 106 -1.14 3.95 -54.00
CA THR I 106 -0.11 4.72 -54.69
C THR I 106 0.39 4.04 -55.97
N GLY I 107 0.17 2.73 -56.11
CA GLY I 107 0.53 2.02 -57.32
C GLY I 107 1.38 0.81 -57.02
N PRO I 108 1.94 0.19 -58.06
CA PRO I 108 2.79 -0.98 -57.86
C PRO I 108 4.17 -0.62 -57.35
N HIS I 109 4.61 -1.35 -56.33
CA HIS I 109 5.94 -1.20 -55.77
C HIS I 109 6.61 -2.56 -55.68
N LEU I 110 7.93 -2.56 -55.84
CA LEU I 110 8.73 -3.78 -55.81
C LEU I 110 10.01 -3.46 -55.05
N TYR I 111 10.40 -4.35 -54.15
CA TYR I 111 11.57 -4.17 -53.31
C TYR I 111 12.39 -5.45 -53.29
N SER I 112 13.70 -5.28 -53.08
CA SER I 112 14.60 -6.36 -52.74
C SER I 112 15.21 -6.05 -51.38
N ILE I 113 15.21 -7.03 -50.48
CA ILE I 113 15.64 -6.87 -49.10
C ILE I 113 16.72 -7.90 -48.83
N TYR I 114 17.80 -7.46 -48.17
CA TYR I 114 18.97 -8.27 -47.87
C TYR I 114 19.04 -8.55 -46.36
N PRO I 115 19.70 -9.62 -45.94
CA PRO I 115 19.55 -10.07 -44.53
C PRO I 115 20.17 -9.13 -43.50
N HIS I 116 20.96 -8.14 -43.91
CA HIS I 116 21.49 -7.15 -42.97
C HIS I 116 20.61 -5.92 -42.82
N GLY I 117 19.56 -5.79 -43.63
CA GLY I 117 18.63 -4.69 -43.53
C GLY I 117 18.77 -3.62 -44.59
N SER I 118 19.46 -3.90 -45.69
CA SER I 118 19.50 -3.00 -46.83
C SER I 118 18.32 -3.28 -47.76
N THR I 119 17.83 -2.22 -48.41
CA THR I 119 16.69 -2.32 -49.29
C THR I 119 16.93 -1.53 -50.56
N ASP I 120 16.35 -2.05 -51.65
CA ASP I 120 16.41 -1.45 -52.97
C ASP I 120 15.03 -1.59 -53.59
N LYS I 121 14.43 -0.48 -53.99
CA LYS I 121 13.20 -0.49 -54.77
C LYS I 121 13.55 -0.16 -56.21
N LEU I 122 13.18 -1.06 -57.13
CA LEU I 122 13.64 -1.02 -58.50
C LEU I 122 12.55 -1.59 -59.40
N PRO I 123 12.60 -1.31 -60.70
CA PRO I 123 11.60 -1.89 -61.61
C PRO I 123 11.82 -3.37 -61.89
N TYR I 124 12.97 -3.94 -61.55
CA TYR I 124 13.18 -5.38 -61.68
C TYR I 124 14.34 -5.78 -60.78
N VAL I 125 14.14 -6.87 -60.04
CA VAL I 125 15.12 -7.36 -59.07
C VAL I 125 15.18 -8.88 -59.18
N THR I 126 16.36 -9.43 -58.91
CA THR I 126 16.59 -10.86 -58.88
C THR I 126 17.31 -11.20 -57.60
N MET I 127 17.26 -12.49 -57.22
CA MET I 127 17.87 -12.92 -55.98
C MET I 127 17.99 -14.43 -55.97
N GLY I 128 18.90 -14.92 -55.13
CA GLY I 128 19.19 -16.34 -55.02
C GLY I 128 20.55 -16.70 -55.58
N SER I 129 20.65 -17.91 -56.14
CA SER I 129 21.89 -18.38 -56.75
C SER I 129 21.89 -18.13 -58.25
N GLY I 130 20.72 -18.19 -58.89
CA GLY I 130 20.58 -17.89 -60.30
C GLY I 130 20.27 -16.43 -60.56
N SER I 131 20.71 -15.56 -59.66
CA SER I 131 20.47 -14.13 -59.83
C SER I 131 21.08 -13.60 -61.11
N LEU I 132 22.31 -14.02 -61.42
CA LEU I 132 23.04 -13.42 -62.52
C LEU I 132 22.44 -13.83 -63.86
N ALA I 133 21.98 -15.07 -63.97
CA ALA I 133 21.35 -15.52 -65.20
C ALA I 133 20.02 -14.80 -65.43
N ALA I 134 19.23 -14.64 -64.36
CA ALA I 134 17.99 -13.89 -64.47
C ALA I 134 18.23 -12.44 -64.90
N MET I 135 19.20 -11.78 -64.27
CA MET I 135 19.46 -10.39 -64.63
C MET I 135 20.10 -10.26 -65.99
N ALA I 136 20.82 -11.28 -66.46
CA ALA I 136 21.30 -11.30 -67.84
C ALA I 136 20.16 -11.25 -68.84
N VAL I 137 18.99 -11.79 -68.48
CA VAL I 137 17.82 -11.72 -69.33
C VAL I 137 17.10 -10.40 -69.16
N PHE I 138 16.96 -9.94 -67.91
CA PHE I 138 16.27 -8.68 -67.66
C PHE I 138 16.98 -7.51 -68.32
N GLU I 139 18.31 -7.48 -68.26
CA GLU I 139 19.05 -6.37 -68.85
C GLU I 139 18.91 -6.33 -70.37
N ASP I 140 18.74 -7.49 -71.01
CA ASP I 140 18.65 -7.57 -72.46
C ASP I 140 17.24 -7.38 -72.98
N LYS I 141 16.21 -7.78 -72.23
CA LYS I 141 14.84 -7.86 -72.74
C LYS I 141 13.83 -7.01 -71.99
N PHE I 142 14.24 -6.26 -70.96
CA PHE I 142 13.27 -5.47 -70.20
C PHE I 142 12.95 -4.17 -70.90
N ARG I 143 11.70 -3.73 -70.74
CA ARG I 143 11.21 -2.47 -71.28
C ARG I 143 10.24 -1.89 -70.26
N PRO I 144 10.13 -0.57 -70.16
CA PRO I 144 9.12 -0.01 -69.26
C PRO I 144 7.72 -0.08 -69.86
N ASP I 145 6.72 -0.13 -68.97
CA ASP I 145 5.31 -0.06 -69.35
C ASP I 145 4.94 -1.22 -70.29
N MET I 146 5.21 -2.43 -69.82
CA MET I 146 4.92 -3.65 -70.56
C MET I 146 3.52 -4.17 -70.22
N GLU I 147 3.07 -5.14 -71.00
CA GLU I 147 1.80 -5.79 -70.78
C GLU I 147 1.97 -6.97 -69.82
N GLU I 148 0.85 -7.61 -69.50
CA GLU I 148 0.86 -8.70 -68.52
C GLU I 148 1.58 -9.93 -69.08
N GLU I 149 1.26 -10.32 -70.30
CA GLU I 149 1.82 -11.56 -70.86
C GLU I 149 3.28 -11.39 -71.24
N GLU I 150 3.67 -10.21 -71.71
CA GLU I 150 5.08 -9.93 -71.97
C GLU I 150 5.89 -10.06 -70.68
N ALA I 151 5.42 -9.45 -69.59
CA ALA I 151 6.09 -9.56 -68.31
C ALA I 151 6.15 -11.01 -67.83
N LYS I 152 5.06 -11.76 -67.98
CA LYS I 152 5.07 -13.16 -67.56
C LYS I 152 6.08 -13.98 -68.36
N ASN I 153 6.16 -13.74 -69.67
CA ASN I 153 7.14 -14.42 -70.50
C ASN I 153 8.55 -14.07 -70.07
N LEU I 154 8.80 -12.78 -69.79
CA LEU I 154 10.12 -12.34 -69.35
C LEU I 154 10.53 -13.04 -68.05
N VAL I 155 9.62 -13.08 -67.07
CA VAL I 155 9.96 -13.69 -65.80
C VAL I 155 10.18 -15.20 -65.96
N SER I 156 9.35 -15.86 -66.78
CA SER I 156 9.55 -17.28 -67.02
C SER I 156 10.91 -17.54 -67.67
N GLU I 157 11.29 -16.71 -68.64
CA GLU I 157 12.62 -16.80 -69.23
C GLU I 157 13.72 -16.62 -68.20
N ALA I 158 13.58 -15.66 -67.29
CA ALA I 158 14.59 -15.44 -66.26
C ALA I 158 14.73 -16.65 -65.34
N ILE I 159 13.62 -17.19 -64.85
CA ILE I 159 13.70 -18.33 -63.95
C ILE I 159 14.24 -19.55 -64.69
N ALA I 160 13.89 -19.72 -65.97
CA ALA I 160 14.42 -20.84 -66.73
C ALA I 160 15.92 -20.70 -66.96
N ALA I 161 16.38 -19.47 -67.19
CA ALA I 161 17.81 -19.22 -67.27
C ALA I 161 18.51 -19.58 -65.97
N GLY I 162 17.92 -19.23 -64.83
CA GLY I 162 18.49 -19.62 -63.56
C GLY I 162 18.46 -21.11 -63.33
N ILE I 163 17.45 -21.81 -63.87
CA ILE I 163 17.35 -23.25 -63.70
C ILE I 163 18.42 -23.96 -64.52
N PHE I 164 18.44 -23.73 -65.83
CA PHE I 164 19.30 -24.48 -66.74
C PHE I 164 20.75 -24.02 -66.74
N ASN I 165 21.14 -23.14 -65.82
CA ASN I 165 22.53 -22.73 -65.69
C ASN I 165 23.01 -22.68 -64.24
N ASP I 166 22.16 -23.01 -63.27
CA ASP I 166 22.54 -23.12 -61.87
C ASP I 166 22.14 -24.50 -61.34
N LEU I 167 22.95 -25.00 -60.42
CA LEU I 167 22.76 -26.34 -59.87
C LEU I 167 21.75 -26.39 -58.73
N GLY I 168 21.55 -25.28 -58.01
CA GLY I 168 20.64 -25.24 -56.89
C GLY I 168 19.21 -24.90 -57.22
N SER I 169 18.84 -24.87 -58.50
CA SER I 169 17.52 -24.45 -58.95
C SER I 169 16.99 -25.45 -59.98
N GLY I 170 15.68 -25.68 -59.96
CA GLY I 170 15.10 -26.53 -60.98
C GLY I 170 13.66 -26.92 -60.66
N SER I 171 13.16 -27.79 -61.54
CA SER I 171 11.98 -28.63 -61.35
C SER I 171 10.62 -27.98 -61.53
N ASN I 172 10.53 -26.65 -61.66
CA ASN I 172 9.30 -25.93 -62.01
C ASN I 172 9.51 -24.42 -62.02
N ILE I 173 8.50 -23.71 -62.52
CA ILE I 173 8.43 -22.25 -62.50
C ILE I 173 7.04 -21.86 -62.00
N ASP I 174 6.99 -21.18 -60.87
CA ASP I 174 5.76 -20.60 -60.35
C ASP I 174 5.76 -19.10 -60.61
N LEU I 175 4.55 -18.52 -60.64
CA LEU I 175 4.40 -17.07 -60.80
C LEU I 175 3.28 -16.57 -59.91
N CYS I 176 3.27 -15.25 -59.75
CA CYS I 176 2.16 -14.55 -59.10
C CYS I 176 2.00 -13.21 -59.82
N VAL I 177 0.79 -12.92 -60.29
CA VAL I 177 0.48 -11.66 -60.95
C VAL I 177 -0.46 -10.88 -60.04
N ILE I 178 -0.12 -9.62 -59.80
CA ILE I 178 -0.84 -8.75 -58.89
C ILE I 178 -1.21 -7.47 -59.62
N SER I 179 -2.46 -7.06 -59.50
CA SER I 179 -2.92 -5.80 -60.06
C SER I 179 -3.98 -5.22 -59.15
N LYS I 180 -4.39 -4.00 -59.46
CA LYS I 180 -5.38 -3.31 -58.63
C LYS I 180 -6.72 -4.03 -58.58
N ASN I 181 -7.03 -4.85 -59.58
CA ASN I 181 -8.35 -5.46 -59.73
C ASN I 181 -8.28 -6.97 -59.90
N LYS I 182 -7.17 -7.61 -59.53
CA LYS I 182 -7.01 -9.03 -59.78
C LYS I 182 -5.74 -9.53 -59.08
N LEU I 183 -5.74 -10.81 -58.75
CA LEU I 183 -4.54 -11.50 -58.29
C LEU I 183 -4.60 -12.93 -58.78
N ASP I 184 -3.52 -13.38 -59.42
CA ASP I 184 -3.44 -14.70 -60.04
C ASP I 184 -2.16 -15.38 -59.58
N PHE I 185 -2.28 -16.31 -58.63
CA PHE I 185 -1.15 -17.11 -58.17
C PHE I 185 -1.12 -18.40 -58.97
N LEU I 186 -0.06 -18.58 -59.76
CA LEU I 186 0.02 -19.62 -60.78
C LEU I 186 1.03 -20.66 -60.33
N ARG I 187 0.53 -21.78 -59.83
CA ARG I 187 1.36 -22.84 -59.27
C ARG I 187 0.92 -24.21 -59.77
N PRO I 188 1.61 -24.83 -60.76
CA PRO I 188 2.73 -24.38 -61.61
C PRO I 188 2.27 -23.61 -62.84
N TYR I 189 3.21 -22.86 -63.42
CA TYR I 189 3.00 -22.12 -64.67
C TYR I 189 3.58 -22.85 -65.87
N THR I 190 4.83 -23.32 -65.75
CA THR I 190 5.45 -24.17 -66.75
C THR I 190 6.17 -25.31 -66.03
N VAL I 191 6.27 -26.44 -66.74
CA VAL I 191 6.96 -27.62 -66.22
C VAL I 191 8.06 -27.98 -67.22
N PRO I 192 9.19 -27.27 -67.22
CA PRO I 192 10.22 -27.53 -68.23
C PRO I 192 11.00 -28.81 -68.01
N ASN I 193 10.86 -29.47 -66.86
CA ASN I 193 11.60 -30.68 -66.54
C ASN I 193 10.63 -31.75 -66.06
N LYS I 194 10.75 -32.95 -66.65
CA LYS I 194 9.92 -34.08 -66.30
C LYS I 194 10.80 -35.32 -66.22
N LYS I 195 10.63 -36.10 -65.15
CA LYS I 195 11.41 -37.32 -64.99
C LYS I 195 11.12 -38.28 -66.13
N GLY I 196 12.10 -39.14 -66.42
CA GLY I 196 11.97 -40.08 -67.52
C GLY I 196 11.11 -41.28 -67.14
N THR I 197 10.36 -41.76 -68.12
CA THR I 197 9.53 -42.94 -67.92
C THR I 197 10.42 -44.17 -67.73
N ARG I 198 10.12 -44.96 -66.70
CA ARG I 198 10.96 -46.09 -66.34
C ARG I 198 10.60 -47.31 -67.15
N LEU I 199 11.62 -48.07 -67.56
CA LEU I 199 11.43 -49.20 -68.45
C LEU I 199 11.13 -50.47 -67.68
N GLY I 200 12.03 -50.86 -66.78
CA GLY I 200 11.84 -52.05 -65.99
C GLY I 200 10.92 -51.82 -64.81
N ARG I 201 10.55 -52.93 -64.16
CA ARG I 201 9.68 -52.92 -63.00
C ARG I 201 10.32 -53.72 -61.88
N TYR I 202 10.20 -53.21 -60.67
CA TYR I 202 10.84 -53.79 -59.49
C TYR I 202 9.84 -53.97 -58.35
N ARG I 203 8.55 -54.11 -58.69
CA ARG I 203 7.50 -54.30 -57.70
C ARG I 203 7.74 -55.59 -56.93
N CYS I 204 7.95 -55.48 -55.63
CA CYS I 204 8.22 -56.64 -54.79
C CYS I 204 6.90 -57.27 -54.37
N GLU I 205 6.77 -58.56 -54.59
CA GLU I 205 5.56 -59.29 -54.26
C GLU I 205 5.61 -59.78 -52.81
N LYS I 206 4.43 -60.07 -52.27
CA LYS I 206 4.29 -60.51 -50.88
C LYS I 206 5.08 -61.79 -50.67
N GLY I 207 6.12 -61.73 -49.84
CA GLY I 207 6.90 -62.88 -49.45
C GLY I 207 8.40 -62.69 -49.62
N THR I 208 8.81 -61.78 -50.51
CA THR I 208 10.23 -61.54 -50.73
C THR I 208 10.92 -60.97 -49.49
N THR I 209 10.18 -60.28 -48.63
CA THR I 209 10.73 -59.71 -47.41
C THR I 209 10.51 -60.68 -46.27
N ALA I 210 11.57 -60.96 -45.51
CA ALA I 210 11.50 -61.86 -44.37
C ALA I 210 11.14 -61.08 -43.11
N VAL I 211 10.31 -61.71 -42.27
CA VAL I 211 9.78 -61.09 -41.07
C VAL I 211 10.07 -62.01 -39.89
N LEU I 212 10.42 -61.41 -38.74
CA LEU I 212 10.64 -62.11 -37.49
C LEU I 212 9.47 -61.98 -36.53
N THR I 213 8.81 -60.83 -36.53
CA THR I 213 7.82 -60.47 -35.53
C THR I 213 6.64 -59.80 -36.22
N GLU I 214 5.44 -60.05 -35.70
CA GLU I 214 4.22 -59.46 -36.23
C GLU I 214 3.29 -59.11 -35.08
N LYS I 215 2.56 -58.01 -35.23
CA LYS I 215 1.54 -57.60 -34.29
C LYS I 215 0.45 -56.84 -35.03
N ILE I 216 -0.79 -57.04 -34.59
CA ILE I 216 -1.94 -56.30 -35.08
C ILE I 216 -2.57 -55.60 -33.89
N THR I 217 -3.22 -54.47 -34.16
CA THR I 217 -3.80 -53.63 -33.12
C THR I 217 -5.03 -52.95 -33.70
N PRO I 218 -6.19 -53.59 -33.62
CA PRO I 218 -7.38 -53.01 -34.23
C PRO I 218 -7.76 -51.67 -33.63
N LEU I 219 -8.53 -50.91 -34.42
CA LEU I 219 -8.99 -49.58 -34.04
C LEU I 219 -10.42 -49.41 -34.54
N GLU I 220 -11.00 -48.26 -34.24
CA GLU I 220 -12.29 -47.88 -34.80
C GLU I 220 -12.47 -46.37 -34.82
N SER J 1 31.43 -35.56 -37.94
CA SER J 1 30.25 -34.72 -37.91
C SER J 1 29.48 -34.89 -36.60
N ILE J 2 28.38 -34.16 -36.46
CA ILE J 2 27.62 -34.18 -35.22
C ILE J 2 26.63 -35.34 -35.21
N MET J 3 25.67 -35.32 -36.14
CA MET J 3 24.60 -36.31 -36.12
C MET J 3 25.10 -37.72 -36.37
N SER J 4 26.28 -37.86 -36.98
CA SER J 4 26.91 -39.17 -37.15
C SER J 4 27.53 -39.71 -35.86
N TYR J 5 27.38 -39.01 -34.74
CA TYR J 5 27.95 -39.47 -33.48
C TYR J 5 27.14 -40.63 -32.90
N ASN J 6 25.84 -40.66 -33.15
CA ASN J 6 24.96 -41.74 -32.73
C ASN J 6 24.38 -42.55 -33.88
N GLY J 7 24.18 -41.93 -35.03
CA GLY J 7 23.61 -42.61 -36.17
C GLY J 7 22.10 -42.56 -36.18
N GLY J 8 21.52 -43.26 -37.15
CA GLY J 8 20.08 -43.35 -37.27
C GLY J 8 19.66 -43.43 -38.72
N ALA J 9 18.39 -43.76 -38.91
CA ALA J 9 17.76 -43.80 -40.22
C ALA J 9 16.26 -43.90 -40.03
N VAL J 10 15.52 -43.05 -40.74
CA VAL J 10 14.06 -43.03 -40.66
C VAL J 10 13.50 -42.77 -42.06
N MET J 11 12.40 -43.44 -42.37
CA MET J 11 11.74 -43.34 -43.67
C MET J 11 10.24 -43.36 -43.46
N ALA J 12 9.52 -42.67 -44.34
CA ALA J 12 8.06 -42.77 -44.41
C ALA J 12 7.64 -42.82 -45.87
N MET J 13 6.50 -43.48 -46.10
CA MET J 13 6.05 -43.77 -47.46
C MET J 13 4.54 -43.91 -47.43
N LYS J 14 3.86 -43.29 -48.39
CA LYS J 14 2.41 -43.38 -48.47
C LYS J 14 1.97 -44.48 -49.43
N GLY J 15 0.69 -44.85 -49.30
CA GLY J 15 0.01 -45.74 -50.23
C GLY J 15 -1.19 -45.06 -50.84
N LYS J 16 -2.36 -45.68 -50.72
CA LYS J 16 -3.60 -45.16 -51.27
C LYS J 16 -4.49 -44.55 -50.20
N ASN J 17 -4.84 -45.33 -49.19
CA ASN J 17 -5.49 -44.85 -47.97
C ASN J 17 -4.75 -45.38 -46.76
N CYS J 18 -3.43 -45.28 -46.81
CA CYS J 18 -2.57 -45.85 -45.79
C CYS J 18 -1.21 -45.18 -45.89
N VAL J 19 -0.35 -45.49 -44.94
CA VAL J 19 0.98 -44.89 -44.86
C VAL J 19 1.85 -45.79 -44.01
N ALA J 20 3.16 -45.69 -44.18
CA ALA J 20 4.13 -46.51 -43.48
C ALA J 20 5.21 -45.63 -42.88
N ILE J 21 5.98 -46.22 -41.98
CA ILE J 21 7.11 -45.53 -41.37
C ILE J 21 8.04 -46.60 -40.82
N ALA J 22 9.34 -46.34 -40.92
CA ALA J 22 10.35 -47.36 -40.64
C ALA J 22 11.57 -46.70 -40.01
N ALA J 23 12.30 -47.49 -39.24
CA ALA J 23 13.51 -47.01 -38.58
C ALA J 23 14.41 -48.20 -38.25
N ASP J 24 15.69 -47.89 -38.05
CA ASP J 24 16.62 -48.88 -37.53
C ASP J 24 16.61 -48.85 -36.00
N ARG J 25 17.18 -49.91 -35.41
CA ARG J 25 17.01 -50.20 -34.00
C ARG J 25 18.32 -50.13 -33.20
N ARG J 26 19.36 -49.54 -33.77
CA ARG J 26 20.67 -49.54 -33.16
C ARG J 26 20.81 -48.31 -32.28
N PHE J 27 21.45 -48.42 -31.13
CA PHE J 27 22.02 -47.27 -30.38
C PHE J 27 23.50 -47.55 -30.23
N GLY J 28 24.36 -46.62 -30.61
CA GLY J 28 25.80 -46.79 -30.39
C GLY J 28 26.51 -45.47 -30.35
N ILE J 29 27.67 -45.39 -29.70
CA ILE J 29 28.52 -44.17 -29.67
C ILE J 29 29.30 -44.21 -30.99
N GLN J 30 29.99 -43.13 -31.36
CA GLN J 30 30.76 -43.04 -32.63
C GLN J 30 30.78 -44.40 -33.36
N ALA J 31 31.55 -45.39 -32.90
CA ALA J 31 31.84 -46.66 -33.60
C ALA J 31 31.52 -47.91 -32.76
N GLN J 32 30.94 -47.77 -31.57
CA GLN J 32 30.65 -48.90 -30.64
C GLN J 32 29.15 -49.01 -30.46
N MET J 33 28.58 -50.20 -30.65
CA MET J 33 27.14 -50.45 -30.45
C MET J 33 26.95 -50.87 -28.99
N VAL J 34 25.98 -50.24 -28.33
CA VAL J 34 25.61 -50.40 -26.94
C VAL J 34 24.32 -51.20 -26.78
N THR J 35 23.36 -51.01 -27.69
CA THR J 35 22.01 -51.51 -27.48
C THR J 35 21.31 -51.63 -28.83
N THR J 36 20.46 -52.65 -28.97
CA THR J 36 19.84 -53.02 -30.23
C THR J 36 18.32 -52.90 -30.22
N ASP J 37 17.74 -52.32 -29.18
CA ASP J 37 16.29 -52.14 -29.07
C ASP J 37 15.96 -50.70 -28.72
N PHE J 38 16.60 -49.77 -29.41
CA PHE J 38 16.44 -48.34 -29.16
C PHE J 38 15.22 -47.81 -29.90
N GLN J 39 14.41 -47.03 -29.21
CA GLN J 39 13.20 -46.46 -29.77
C GLN J 39 13.52 -45.17 -30.51
N LYS J 40 13.05 -45.07 -31.75
CA LYS J 40 13.18 -43.85 -32.54
C LYS J 40 11.87 -43.45 -33.21
N ILE J 41 10.83 -44.26 -33.11
CA ILE J 41 9.48 -43.91 -33.54
C ILE J 41 8.59 -43.81 -32.31
N PHE J 42 7.81 -42.74 -32.22
CA PHE J 42 7.01 -42.43 -31.06
C PHE J 42 5.57 -42.18 -31.51
N PRO J 43 4.57 -42.82 -30.91
CA PRO J 43 3.19 -42.48 -31.27
C PRO J 43 2.76 -41.14 -30.71
N MET J 44 2.03 -40.38 -31.52
CA MET J 44 1.46 -39.10 -31.14
C MET J 44 -0.06 -39.12 -31.31
N GLY J 45 -0.64 -40.31 -31.17
CA GLY J 45 -2.07 -40.50 -31.38
C GLY J 45 -2.31 -41.75 -32.21
N ASP J 46 -3.56 -42.18 -32.30
CA ASP J 46 -3.91 -43.29 -33.16
C ASP J 46 -3.99 -42.80 -34.60
N ARG J 47 -3.35 -43.53 -35.51
CA ARG J 47 -3.23 -43.15 -36.91
C ARG J 47 -2.32 -41.94 -37.10
N LEU J 48 -1.34 -41.75 -36.20
CA LEU J 48 -0.36 -40.68 -36.35
C LEU J 48 0.89 -41.06 -35.54
N TYR J 49 2.03 -41.09 -36.21
CA TYR J 49 3.32 -41.41 -35.61
C TYR J 49 4.34 -40.36 -36.00
N ILE J 50 5.45 -40.33 -35.27
CA ILE J 50 6.58 -39.47 -35.57
C ILE J 50 7.87 -40.26 -35.37
N GLY J 51 8.86 -39.95 -36.19
CA GLY J 51 10.14 -40.61 -36.13
C GLY J 51 11.26 -39.60 -36.05
N LEU J 52 12.32 -39.98 -35.34
CA LEU J 52 13.42 -39.08 -35.02
C LEU J 52 14.76 -39.79 -35.25
N ALA J 53 15.61 -39.17 -36.06
CA ALA J 53 16.98 -39.59 -36.27
C ALA J 53 17.91 -38.42 -35.98
N GLY J 54 18.99 -38.70 -35.25
CA GLY J 54 19.96 -37.67 -34.96
C GLY J 54 20.75 -38.00 -33.71
N LEU J 55 20.82 -37.04 -32.79
CA LEU J 55 21.50 -37.24 -31.51
C LEU J 55 20.47 -37.70 -30.49
N ALA J 56 20.74 -38.84 -29.86
CA ALA J 56 19.73 -39.53 -29.07
C ALA J 56 19.19 -38.67 -27.93
N THR J 57 20.06 -37.90 -27.27
CA THR J 57 19.63 -36.94 -26.26
C THR J 57 18.52 -36.05 -26.82
N ASP J 58 18.73 -35.49 -28.00
CA ASP J 58 17.74 -34.63 -28.61
C ASP J 58 16.50 -35.40 -29.05
N VAL J 59 16.67 -36.67 -29.44
CA VAL J 59 15.51 -37.49 -29.78
C VAL J 59 14.58 -37.61 -28.59
N GLN J 60 15.10 -38.07 -27.45
CA GLN J 60 14.26 -38.23 -26.26
C GLN J 60 13.72 -36.89 -25.78
N THR J 61 14.56 -35.85 -25.78
CA THR J 61 14.10 -34.54 -25.31
C THR J 61 12.97 -34.00 -26.17
N VAL J 62 13.11 -34.05 -27.49
CA VAL J 62 12.08 -33.57 -28.39
C VAL J 62 10.81 -34.37 -28.24
N ALA J 63 10.92 -35.70 -28.16
CA ALA J 63 9.73 -36.53 -27.99
C ALA J 63 8.98 -36.20 -26.71
N GLN J 64 9.70 -36.08 -25.59
CA GLN J 64 9.06 -35.78 -24.32
C GLN J 64 8.45 -34.39 -24.30
N ARG J 65 9.18 -33.38 -24.74
CA ARG J 65 8.67 -32.02 -24.79
C ARG J 65 7.54 -31.84 -25.78
N LEU J 66 7.46 -32.69 -26.81
CA LEU J 66 6.34 -32.66 -27.73
C LEU J 66 5.11 -33.36 -27.17
N LYS J 67 5.30 -34.46 -26.45
CA LYS J 67 4.17 -35.11 -25.80
C LYS J 67 3.57 -34.24 -24.71
N PHE J 68 4.42 -33.48 -24.00
CA PHE J 68 3.96 -32.43 -23.10
C PHE J 68 2.93 -31.51 -23.77
N ARG J 69 3.34 -30.86 -24.85
CA ARG J 69 2.50 -29.92 -25.57
C ARG J 69 1.27 -30.59 -26.15
N LEU J 70 1.43 -31.80 -26.70
CA LEU J 70 0.30 -32.51 -27.28
C LEU J 70 -0.76 -32.85 -26.23
N ASN J 71 -0.33 -33.32 -25.05
CA ASN J 71 -1.29 -33.65 -24.01
C ASN J 71 -2.02 -32.40 -23.55
N LEU J 72 -1.30 -31.30 -23.33
CA LEU J 72 -1.98 -30.06 -22.96
C LEU J 72 -2.94 -29.61 -24.06
N TYR J 73 -2.52 -29.72 -25.32
CA TYR J 73 -3.38 -29.37 -26.45
C TYR J 73 -4.68 -30.15 -26.43
N GLU J 74 -4.59 -31.48 -26.53
CA GLU J 74 -5.79 -32.30 -26.59
C GLU J 74 -6.56 -32.34 -25.29
N LEU J 75 -6.03 -31.80 -24.19
CA LEU J 75 -6.84 -31.58 -23.00
C LEU J 75 -7.62 -30.28 -23.10
N LYS J 76 -6.95 -29.16 -23.38
CA LYS J 76 -7.65 -27.91 -23.65
C LYS J 76 -8.62 -28.08 -24.81
N GLU J 77 -8.09 -28.44 -25.98
CA GLU J 77 -8.95 -28.92 -27.06
C GLU J 77 -9.70 -30.17 -26.62
N GLY J 78 -10.75 -30.48 -27.36
CA GLY J 78 -11.53 -31.69 -27.16
C GLY J 78 -11.47 -32.60 -28.36
N ARG J 79 -10.28 -32.71 -28.96
CA ARG J 79 -10.11 -33.41 -30.22
C ARG J 79 -8.67 -33.86 -30.33
N GLN J 80 -8.47 -34.96 -31.06
CA GLN J 80 -7.13 -35.40 -31.38
C GLN J 80 -6.56 -34.53 -32.50
N ILE J 81 -5.25 -34.51 -32.59
CA ILE J 81 -4.54 -33.52 -33.38
C ILE J 81 -4.49 -33.96 -34.84
N LYS J 82 -4.54 -32.98 -35.74
CA LYS J 82 -4.30 -33.22 -37.16
C LYS J 82 -2.80 -33.23 -37.46
N PRO J 83 -2.36 -33.94 -38.52
CA PRO J 83 -0.92 -33.99 -38.78
C PRO J 83 -0.32 -32.67 -39.22
N TYR J 84 -1.08 -31.90 -40.02
CA TYR J 84 -0.65 -30.57 -40.44
C TYR J 84 -0.30 -29.68 -39.26
N THR J 85 -1.00 -29.86 -38.14
CA THR J 85 -0.81 -29.02 -36.97
C THR J 85 0.34 -29.52 -36.09
N LEU J 86 0.51 -30.84 -36.00
CA LEU J 86 1.68 -31.39 -35.33
C LEU J 86 2.95 -30.93 -36.03
N MET J 87 2.93 -30.90 -37.36
CA MET J 87 4.06 -30.38 -38.13
C MET J 87 4.44 -28.97 -37.69
N SER J 88 3.46 -28.06 -37.57
CA SER J 88 3.74 -26.70 -37.16
C SER J 88 4.16 -26.61 -35.70
N MET J 89 3.58 -27.43 -34.83
CA MET J 89 4.02 -27.49 -33.45
C MET J 89 5.49 -27.86 -33.36
N VAL J 90 5.91 -28.87 -34.12
CA VAL J 90 7.31 -29.28 -34.11
C VAL J 90 8.19 -28.18 -34.69
N ALA J 91 7.73 -27.53 -35.76
CA ALA J 91 8.48 -26.44 -36.37
C ALA J 91 8.72 -25.32 -35.36
N ASN J 92 7.69 -24.96 -34.59
CA ASN J 92 7.84 -23.94 -33.55
C ASN J 92 8.79 -24.41 -32.45
N LEU J 93 8.63 -25.66 -32.01
CA LEU J 93 9.49 -26.21 -30.96
C LEU J 93 10.96 -26.15 -31.36
N LEU J 94 11.26 -26.41 -32.63
CA LEU J 94 12.62 -26.40 -33.11
C LEU J 94 13.14 -25.01 -33.41
N TYR J 95 12.30 -24.12 -33.94
CA TYR J 95 12.73 -22.75 -34.22
C TYR J 95 12.89 -21.91 -32.96
N GLU J 96 12.31 -22.33 -31.83
CA GLU J 96 12.61 -21.66 -30.57
C GLU J 96 14.07 -21.80 -30.19
N LYS J 97 14.78 -22.78 -30.75
CA LYS J 97 16.21 -22.99 -30.51
C LYS J 97 17.01 -22.70 -31.77
N ARG J 98 16.66 -21.62 -32.48
CA ARG J 98 17.30 -21.26 -33.73
C ARG J 98 18.81 -21.08 -33.60
N PHE J 99 19.29 -20.77 -32.40
CA PHE J 99 20.72 -20.64 -32.12
C PHE J 99 21.21 -21.61 -31.05
N GLY J 100 20.33 -22.50 -30.57
CA GLY J 100 20.69 -23.57 -29.66
C GLY J 100 20.14 -24.90 -30.12
N PRO J 101 20.22 -25.17 -31.44
CA PRO J 101 19.31 -26.14 -32.07
C PRO J 101 19.43 -27.55 -31.52
N TYR J 102 18.27 -28.19 -31.38
CA TYR J 102 18.22 -29.63 -31.20
C TYR J 102 18.70 -30.29 -32.48
N TYR J 103 19.56 -31.30 -32.35
CA TYR J 103 20.12 -31.99 -33.51
C TYR J 103 19.23 -33.19 -33.85
N THR J 104 18.08 -32.87 -34.44
CA THR J 104 17.14 -33.86 -34.95
C THR J 104 16.58 -33.36 -36.27
N GLU J 105 16.08 -34.32 -37.07
CA GLU J 105 15.41 -34.02 -38.33
C GLU J 105 14.20 -34.94 -38.43
N PRO J 106 13.08 -34.56 -37.80
CA PRO J 106 11.97 -35.51 -37.65
C PRO J 106 11.33 -35.91 -38.96
N VAL J 107 10.51 -36.96 -38.86
CA VAL J 107 9.70 -37.49 -39.95
C VAL J 107 8.35 -37.85 -39.35
N ILE J 108 7.28 -37.36 -39.98
CA ILE J 108 5.92 -37.53 -39.49
C ILE J 108 5.15 -38.36 -40.51
N ALA J 109 4.25 -39.20 -40.02
CA ALA J 109 3.37 -40.00 -40.85
C ALA J 109 2.08 -40.27 -40.10
N GLY J 110 0.95 -40.03 -40.75
CA GLY J 110 -0.32 -40.25 -40.09
C GLY J 110 -1.47 -40.18 -41.05
N LEU J 111 -2.67 -40.33 -40.49
CA LEU J 111 -3.93 -40.20 -41.21
C LEU J 111 -4.82 -39.23 -40.45
N ASP J 112 -5.48 -38.34 -41.18
CA ASP J 112 -6.38 -37.39 -40.56
C ASP J 112 -7.54 -38.15 -39.93
N PRO J 113 -7.87 -37.91 -38.65
CA PRO J 113 -8.80 -38.81 -37.95
C PRO J 113 -10.27 -38.62 -38.31
N LYS J 114 -10.59 -37.86 -39.36
CA LYS J 114 -11.95 -37.78 -39.88
C LYS J 114 -12.06 -38.34 -41.28
N THR J 115 -11.26 -37.87 -42.23
CA THR J 115 -11.30 -38.34 -43.62
C THR J 115 -10.23 -39.39 -43.92
N PHE J 116 -9.23 -39.55 -43.05
CA PHE J 116 -8.28 -40.65 -43.13
C PHE J 116 -7.46 -40.63 -44.43
N LYS J 117 -7.17 -39.42 -44.94
CA LYS J 117 -6.25 -39.32 -46.08
C LYS J 117 -4.81 -39.25 -45.56
N PRO J 118 -3.85 -39.92 -46.18
CA PRO J 118 -2.52 -40.00 -45.58
C PRO J 118 -1.76 -38.68 -45.65
N PHE J 119 -0.74 -38.58 -44.78
CA PHE J 119 0.10 -37.40 -44.66
C PHE J 119 1.51 -37.86 -44.32
N ILE J 120 2.50 -37.23 -44.95
CA ILE J 120 3.90 -37.45 -44.58
C ILE J 120 4.65 -36.13 -44.73
N CYS J 121 5.59 -35.90 -43.80
CA CYS J 121 6.33 -34.65 -43.73
C CYS J 121 7.75 -34.89 -43.28
N SER J 122 8.60 -33.91 -43.55
CA SER J 122 9.98 -33.89 -43.07
C SER J 122 10.32 -32.47 -42.62
N LEU J 123 11.21 -32.38 -41.64
CA LEU J 123 11.68 -31.10 -41.12
C LEU J 123 13.17 -31.14 -40.92
N ASP J 124 13.79 -29.97 -40.95
CA ASP J 124 15.20 -29.80 -40.64
C ASP J 124 15.35 -29.52 -39.14
N LEU J 125 16.57 -29.23 -38.71
CA LEU J 125 16.83 -29.05 -37.30
C LEU J 125 16.40 -27.70 -36.76
N ILE J 126 15.93 -26.78 -37.62
CA ILE J 126 15.37 -25.51 -37.20
C ILE J 126 13.95 -25.31 -37.70
N GLY J 127 13.33 -26.34 -38.28
CA GLY J 127 11.90 -26.34 -38.50
C GLY J 127 11.41 -25.71 -39.79
N CYS J 128 11.90 -26.20 -40.93
CA CYS J 128 11.30 -25.92 -42.23
C CYS J 128 10.56 -27.18 -42.68
N PRO J 129 9.24 -27.21 -42.73
CA PRO J 129 8.56 -28.45 -43.11
C PRO J 129 8.70 -28.72 -44.60
N MET J 130 8.37 -29.97 -44.97
CA MET J 130 8.53 -30.45 -46.34
C MET J 130 7.46 -31.53 -46.54
N VAL J 131 6.33 -31.12 -47.10
CA VAL J 131 5.18 -32.00 -47.26
C VAL J 131 5.24 -32.54 -48.68
N THR J 132 5.87 -33.69 -48.83
CA THR J 132 5.91 -34.40 -50.09
C THR J 132 4.67 -35.27 -50.22
N ASP J 133 4.54 -35.93 -51.38
CA ASP J 133 3.45 -36.87 -51.63
C ASP J 133 3.93 -38.25 -52.02
N ASP J 134 5.26 -38.50 -52.00
CA ASP J 134 5.82 -39.80 -52.35
C ASP J 134 6.52 -40.45 -51.16
N PHE J 135 7.49 -39.77 -50.56
CA PHE J 135 8.31 -40.36 -49.51
C PHE J 135 9.22 -39.29 -48.93
N VAL J 136 9.67 -39.54 -47.69
CA VAL J 136 10.60 -38.64 -47.00
C VAL J 136 11.59 -39.50 -46.23
N VAL J 137 12.81 -38.96 -46.06
CA VAL J 137 13.90 -39.64 -45.37
C VAL J 137 14.64 -38.65 -44.49
N SER J 138 15.29 -39.18 -43.46
CA SER J 138 16.18 -38.40 -42.62
C SER J 138 17.13 -39.36 -41.91
N GLY J 139 18.39 -38.95 -41.80
CA GLY J 139 19.39 -39.71 -41.09
C GLY J 139 20.73 -39.60 -41.78
N THR J 140 21.56 -40.63 -41.56
CA THR J 140 22.90 -40.70 -42.10
C THR J 140 22.99 -41.37 -43.46
N CYS J 141 21.96 -42.13 -43.85
CA CYS J 141 21.92 -42.84 -45.13
C CYS J 141 20.87 -42.24 -46.06
N ALA J 142 20.78 -40.92 -46.09
CA ALA J 142 19.69 -40.25 -46.79
C ALA J 142 19.78 -40.46 -48.30
N GLU J 143 20.98 -40.33 -48.87
CA GLU J 143 21.16 -40.54 -50.30
C GLU J 143 20.83 -41.97 -50.70
N GLN J 144 21.26 -42.93 -49.89
CA GLN J 144 21.05 -44.33 -50.19
C GLN J 144 19.56 -44.68 -50.20
N MET J 145 18.77 -44.01 -49.37
CA MET J 145 17.33 -44.24 -49.32
C MET J 145 16.58 -43.46 -50.39
N TYR J 146 17.04 -42.25 -50.72
CA TYR J 146 16.52 -41.55 -51.88
C TYR J 146 16.65 -42.42 -53.13
N GLY J 147 17.82 -43.03 -53.32
CA GLY J 147 18.06 -43.83 -54.50
C GLY J 147 17.14 -45.04 -54.60
N MET J 148 16.76 -45.63 -53.47
CA MET J 148 15.87 -46.77 -53.47
C MET J 148 14.41 -46.35 -53.66
N CYS J 149 13.96 -45.32 -52.93
CA CYS J 149 12.57 -44.90 -53.03
C CYS J 149 12.25 -44.26 -54.36
N GLU J 150 13.22 -43.62 -55.02
CA GLU J 150 12.97 -43.08 -56.35
C GLU J 150 12.65 -44.18 -57.34
N SER J 151 13.29 -45.33 -57.20
CA SER J 151 13.17 -46.42 -58.17
C SER J 151 12.05 -47.39 -57.85
N LEU J 152 11.78 -47.65 -56.57
CA LEU J 152 10.78 -48.64 -56.18
C LEU J 152 9.39 -48.06 -55.95
N TRP J 153 9.28 -46.80 -55.54
CA TRP J 153 7.98 -46.24 -55.21
C TRP J 153 7.06 -46.17 -56.42
N GLU J 154 5.78 -46.47 -56.19
CA GLU J 154 4.72 -46.36 -57.17
C GLU J 154 3.57 -45.56 -56.57
N PRO J 155 2.70 -44.98 -57.41
CA PRO J 155 1.71 -44.04 -56.85
C PRO J 155 0.69 -44.68 -55.93
N ASN J 156 0.01 -45.73 -56.39
CA ASN J 156 -1.04 -46.40 -55.63
C ASN J 156 -0.53 -47.76 -55.19
N MET J 157 -0.54 -48.02 -53.89
CA MET J 157 0.05 -49.23 -53.33
C MET J 157 -0.78 -49.67 -52.14
N ASP J 158 -1.33 -50.89 -52.22
CA ASP J 158 -1.99 -51.50 -51.08
C ASP J 158 -0.93 -51.83 -50.02
N PRO J 159 -1.35 -52.10 -48.77
CA PRO J 159 -0.35 -52.26 -47.70
C PRO J 159 0.60 -53.44 -47.90
N ASP J 160 0.14 -54.54 -48.50
CA ASP J 160 0.99 -55.70 -48.71
C ASP J 160 2.20 -55.37 -49.58
N HIS J 161 2.04 -54.43 -50.51
CA HIS J 161 3.14 -53.99 -51.37
C HIS J 161 3.92 -52.84 -50.77
N LEU J 162 3.23 -51.93 -50.07
CA LEU J 162 3.89 -50.83 -49.39
C LEU J 162 4.90 -51.33 -48.36
N PHE J 163 4.54 -52.37 -47.61
CA PHE J 163 5.45 -52.96 -46.64
C PHE J 163 6.70 -53.49 -47.33
N GLU J 164 6.54 -54.25 -48.41
CA GLU J 164 7.68 -54.75 -49.16
C GLU J 164 8.56 -53.63 -49.67
N THR J 165 7.97 -52.56 -50.17
CA THR J 165 8.74 -51.43 -50.70
C THR J 165 9.57 -50.77 -49.61
N ILE J 166 8.91 -50.32 -48.53
CA ILE J 166 9.59 -49.64 -47.45
C ILE J 166 10.55 -50.54 -46.69
N SER J 167 10.42 -51.85 -46.80
CA SER J 167 11.37 -52.76 -46.19
C SER J 167 12.60 -52.98 -47.07
N GLN J 168 12.39 -53.19 -48.37
CA GLN J 168 13.50 -53.42 -49.28
C GLN J 168 14.31 -52.17 -49.54
N ALA J 169 13.75 -50.99 -49.31
CA ALA J 169 14.55 -49.79 -49.33
C ALA J 169 15.44 -49.66 -48.10
N MET J 170 14.84 -49.77 -46.91
CA MET J 170 15.57 -49.65 -45.65
C MET J 170 16.68 -50.68 -45.53
N LEU J 171 16.39 -51.95 -45.83
CA LEU J 171 17.39 -52.99 -45.65
C LEU J 171 18.61 -52.74 -46.53
N ASN J 172 18.38 -52.54 -47.83
CA ASN J 172 19.47 -52.33 -48.76
C ASN J 172 20.16 -50.99 -48.60
N ALA J 173 19.53 -50.03 -47.92
CA ALA J 173 20.22 -48.79 -47.58
C ALA J 173 21.12 -48.94 -46.36
N VAL J 174 20.57 -49.44 -45.25
CA VAL J 174 21.37 -49.61 -44.04
C VAL J 174 22.44 -50.67 -44.21
N ASP J 175 22.31 -51.56 -45.20
CA ASP J 175 23.39 -52.49 -45.49
C ASP J 175 24.57 -51.86 -46.24
N ARG J 176 24.52 -50.55 -46.49
CA ARG J 176 25.64 -49.81 -47.03
C ARG J 176 26.02 -48.61 -46.16
N ASP J 177 25.40 -48.46 -44.99
CA ASP J 177 25.78 -47.47 -43.99
C ASP J 177 26.35 -48.19 -42.78
N ALA J 178 27.51 -47.72 -42.31
CA ALA J 178 28.22 -48.44 -41.26
C ALA J 178 27.57 -48.25 -39.90
N VAL J 179 26.97 -47.08 -39.66
CA VAL J 179 26.44 -46.70 -38.36
C VAL J 179 24.92 -46.70 -38.36
N SER J 180 24.32 -47.56 -39.19
CA SER J 180 22.88 -47.74 -39.20
C SER J 180 22.56 -49.20 -39.48
N GLY J 181 21.69 -49.77 -38.65
CA GLY J 181 21.26 -51.14 -38.83
C GLY J 181 21.00 -51.88 -37.54
N MET J 182 21.54 -53.10 -37.43
CA MET J 182 21.30 -53.99 -36.29
C MET J 182 19.81 -54.15 -36.04
N GLY J 183 19.03 -54.24 -37.11
CA GLY J 183 17.59 -54.40 -37.04
C GLY J 183 16.85 -53.28 -37.74
N VAL J 184 15.64 -53.59 -38.20
CA VAL J 184 14.76 -52.63 -38.85
C VAL J 184 13.33 -52.94 -38.42
N ILE J 185 12.58 -51.89 -38.07
CA ILE J 185 11.22 -52.01 -37.59
C ILE J 185 10.33 -51.16 -38.50
N VAL J 186 9.12 -51.64 -38.75
CA VAL J 186 8.19 -51.01 -39.68
C VAL J 186 6.82 -50.94 -39.03
N HIS J 187 6.13 -49.83 -39.24
CA HIS J 187 4.75 -49.64 -38.81
C HIS J 187 3.90 -49.34 -40.04
N ILE J 188 2.84 -50.11 -40.21
CA ILE J 188 1.81 -49.85 -41.21
C ILE J 188 0.55 -49.47 -40.46
N ILE J 189 -0.06 -48.35 -40.83
CA ILE J 189 -1.23 -47.82 -40.15
C ILE J 189 -2.34 -47.60 -41.18
N GLU J 190 -3.52 -48.14 -40.91
CA GLU J 190 -4.70 -47.93 -41.73
C GLU J 190 -5.83 -47.40 -40.85
N LYS J 191 -6.99 -47.18 -41.48
CA LYS J 191 -8.18 -46.74 -40.78
C LYS J 191 -8.59 -47.74 -39.70
N ASP J 192 -8.33 -49.03 -39.91
CA ASP J 192 -8.90 -50.10 -39.11
C ASP J 192 -7.88 -50.87 -38.28
N LYS J 193 -6.59 -50.74 -38.57
CA LYS J 193 -5.58 -51.54 -37.90
C LYS J 193 -4.22 -50.87 -38.04
N ILE J 194 -3.36 -51.08 -37.05
CA ILE J 194 -1.97 -50.69 -37.11
C ILE J 194 -1.13 -51.96 -37.00
N THR J 195 -0.34 -52.24 -38.03
CA THR J 195 0.50 -53.43 -38.09
C THR J 195 1.94 -53.03 -37.82
N THR J 196 2.66 -53.90 -37.11
CA THR J 196 4.02 -53.62 -36.67
C THR J 196 4.86 -54.87 -36.82
N ARG J 197 6.04 -54.70 -37.41
CA ARG J 197 6.91 -55.83 -37.75
C ARG J 197 8.36 -55.46 -37.50
N THR J 198 9.13 -56.42 -37.00
CA THR J 198 10.57 -56.38 -37.05
C THR J 198 11.05 -57.35 -38.12
N LEU J 199 12.13 -56.96 -38.80
CA LEU J 199 12.58 -57.64 -40.01
C LEU J 199 13.90 -58.38 -39.79
N LYS J 200 14.11 -59.40 -40.62
CA LYS J 200 15.37 -60.12 -40.67
C LYS J 200 16.40 -59.24 -41.36
N ALA J 201 17.34 -58.73 -40.57
CA ALA J 201 18.37 -57.81 -41.05
C ALA J 201 19.74 -58.26 -40.59
N ARG J 202 20.77 -57.75 -41.26
CA ARG J 202 22.14 -58.05 -40.88
C ARG J 202 22.51 -57.33 -39.60
N MET J 203 23.37 -57.97 -38.81
CA MET J 203 23.79 -57.45 -37.52
C MET J 203 25.31 -57.26 -37.50
N ASP J 204 25.85 -56.71 -38.59
CA ASP J 204 27.28 -56.44 -38.69
C ASP J 204 27.54 -54.94 -38.72
N MET K 1 41.68 -43.72 -16.68
CA MET K 1 40.25 -44.04 -16.87
C MET K 1 39.78 -45.04 -15.81
N GLU K 2 38.46 -45.10 -15.62
CA GLU K 2 37.83 -45.92 -14.61
C GLU K 2 36.89 -46.92 -15.28
N TYR K 3 36.62 -48.02 -14.58
CA TYR K 3 35.90 -49.16 -15.13
C TYR K 3 34.64 -49.43 -14.31
N LEU K 4 33.52 -49.59 -15.03
CA LEU K 4 32.28 -50.09 -14.46
C LEU K 4 31.76 -51.23 -15.31
N ILE K 5 31.10 -52.18 -14.66
CA ILE K 5 30.50 -53.34 -15.30
C ILE K 5 29.18 -53.64 -14.62
N GLY K 6 28.18 -53.97 -15.43
CA GLY K 6 26.87 -54.35 -14.94
C GLY K 6 26.28 -55.52 -15.69
N ILE K 7 25.64 -56.44 -14.96
CA ILE K 7 25.03 -57.63 -15.53
C ILE K 7 23.63 -57.76 -14.93
N GLN K 8 22.67 -58.14 -15.77
CA GLN K 8 21.28 -58.30 -15.38
C GLN K 8 20.88 -59.76 -15.57
N GLY K 9 20.16 -60.29 -14.58
CA GLY K 9 19.65 -61.64 -14.62
C GLY K 9 18.15 -61.68 -14.41
N PRO K 10 17.60 -62.89 -14.30
CA PRO K 10 16.14 -63.00 -14.17
C PRO K 10 15.59 -62.45 -12.86
N ASP K 11 16.40 -62.47 -11.78
CA ASP K 11 15.92 -62.08 -10.46
C ASP K 11 16.96 -61.27 -9.70
N TYR K 12 17.88 -60.62 -10.41
CA TYR K 12 18.96 -59.91 -9.74
C TYR K 12 19.65 -58.98 -10.73
N VAL K 13 20.48 -58.09 -10.19
CA VAL K 13 21.34 -57.22 -10.98
C VAL K 13 22.71 -57.21 -10.30
N LEU K 14 23.72 -57.72 -10.98
CA LEU K 14 25.09 -57.68 -10.50
C LEU K 14 25.80 -56.47 -11.08
N VAL K 15 26.65 -55.85 -10.26
CA VAL K 15 27.41 -54.67 -10.66
C VAL K 15 28.76 -54.73 -9.97
N ALA K 16 29.78 -54.21 -10.64
CA ALA K 16 31.12 -54.12 -10.09
C ALA K 16 31.72 -52.77 -10.45
N SER K 17 32.87 -52.49 -9.85
CA SER K 17 33.60 -51.26 -10.11
C SER K 17 34.99 -51.39 -9.53
N ASP K 18 35.92 -50.67 -10.13
CA ASP K 18 37.28 -50.59 -9.59
C ASP K 18 37.30 -49.64 -8.40
N ARG K 19 38.37 -49.74 -7.63
CA ARG K 19 38.51 -49.05 -6.36
C ARG K 19 39.74 -48.14 -6.39
N VAL K 20 39.90 -47.39 -7.47
CA VAL K 20 41.14 -46.65 -7.73
C VAL K 20 40.79 -45.20 -8.05
N ALA K 21 41.46 -44.29 -7.35
CA ALA K 21 41.48 -42.87 -7.68
C ALA K 21 42.93 -42.49 -7.98
N ALA K 22 43.14 -41.73 -9.06
CA ALA K 22 44.46 -41.57 -9.64
C ALA K 22 44.77 -40.12 -9.94
N SER K 23 45.96 -39.69 -9.53
CA SER K 23 46.59 -38.47 -10.01
C SER K 23 47.29 -38.77 -11.32
N ASN K 24 48.20 -37.88 -11.75
CA ASN K 24 48.86 -37.98 -13.04
C ASN K 24 49.39 -39.38 -13.35
N ILE K 25 50.20 -39.96 -12.45
CA ILE K 25 50.77 -41.29 -12.67
C ILE K 25 50.55 -42.21 -11.47
N VAL K 26 50.39 -41.63 -10.27
CA VAL K 26 50.33 -42.42 -9.05
C VAL K 26 48.88 -42.68 -8.68
N GLN K 27 48.63 -43.83 -8.05
CA GLN K 27 47.34 -44.12 -7.45
C GLN K 27 47.28 -43.48 -6.07
N MET K 28 46.32 -42.59 -5.87
CA MET K 28 46.14 -41.94 -4.58
C MET K 28 45.39 -42.79 -3.59
N LYS K 29 44.49 -43.66 -4.06
CA LYS K 29 43.65 -44.44 -3.18
C LYS K 29 43.35 -45.78 -3.85
N ASP K 30 43.35 -46.84 -3.04
CA ASP K 30 42.96 -48.17 -3.48
C ASP K 30 41.72 -48.68 -2.76
N ASP K 31 41.17 -47.92 -1.81
CA ASP K 31 39.97 -48.27 -1.07
C ASP K 31 38.77 -47.48 -1.55
N HIS K 32 38.79 -47.02 -2.79
CA HIS K 32 37.77 -46.10 -3.30
C HIS K 32 36.50 -46.85 -3.65
N ASP K 33 35.38 -46.12 -3.61
CA ASP K 33 34.07 -46.66 -3.95
C ASP K 33 33.33 -45.67 -4.82
N LYS K 34 32.86 -46.14 -5.97
CA LYS K 34 32.16 -45.31 -6.94
C LYS K 34 30.65 -45.50 -6.91
N MET K 35 30.15 -46.43 -6.10
CA MET K 35 28.73 -46.65 -5.99
C MET K 35 28.08 -45.59 -5.11
N PHE K 36 26.80 -45.31 -5.39
CA PHE K 36 26.01 -44.39 -4.60
C PHE K 36 24.64 -45.00 -4.41
N LYS K 37 24.25 -45.17 -3.15
CA LYS K 37 22.99 -45.84 -2.79
C LYS K 37 21.88 -44.80 -2.80
N MET K 38 21.04 -44.84 -3.84
CA MET K 38 19.92 -43.92 -3.92
C MET K 38 18.77 -44.39 -3.03
N SER K 39 18.61 -45.70 -2.88
CA SER K 39 17.47 -46.28 -2.19
C SER K 39 17.89 -47.65 -1.67
N GLU K 40 16.90 -48.41 -1.19
CA GLU K 40 17.17 -49.77 -0.71
C GLU K 40 17.34 -50.75 -1.87
N LYS K 41 16.78 -50.44 -3.04
CA LYS K 41 16.85 -51.30 -4.21
C LYS K 41 17.24 -50.52 -5.45
N ILE K 42 18.06 -49.48 -5.30
CA ILE K 42 18.62 -48.73 -6.41
C ILE K 42 20.07 -48.41 -6.09
N LEU K 43 20.95 -48.57 -7.08
CA LEU K 43 22.33 -48.11 -7.03
C LEU K 43 22.60 -47.18 -8.20
N LEU K 44 23.62 -46.34 -8.03
CA LEU K 44 24.13 -45.49 -9.10
C LEU K 44 25.65 -45.57 -9.07
N LEU K 45 26.24 -45.91 -10.20
CA LEU K 45 27.69 -45.95 -10.38
C LEU K 45 28.06 -44.87 -11.38
N CYS K 46 29.06 -44.06 -11.04
CA CYS K 46 29.37 -42.85 -11.80
C CYS K 46 30.85 -42.76 -12.08
N VAL K 47 31.17 -42.31 -13.30
CA VAL K 47 32.53 -42.09 -13.76
C VAL K 47 32.55 -40.82 -14.59
N GLY K 48 33.65 -40.08 -14.51
CA GLY K 48 33.81 -38.87 -15.31
C GLY K 48 34.87 -37.97 -14.72
N GLU K 49 34.63 -36.67 -14.86
CA GLU K 49 35.55 -35.69 -14.32
C GLU K 49 35.55 -35.76 -12.79
N ALA K 50 36.50 -35.04 -12.19
CA ALA K 50 36.81 -35.23 -10.78
C ALA K 50 35.66 -34.79 -9.88
N GLY K 51 35.20 -33.56 -10.03
CA GLY K 51 34.19 -33.02 -9.14
C GLY K 51 32.76 -33.29 -9.57
N ASP K 52 32.54 -33.41 -10.88
CA ASP K 52 31.18 -33.56 -11.40
C ASP K 52 30.51 -34.83 -10.90
N THR K 53 31.27 -35.91 -10.73
CA THR K 53 30.71 -37.18 -10.28
C THR K 53 30.02 -37.04 -8.93
N VAL K 54 30.75 -36.60 -7.92
CA VAL K 54 30.19 -36.55 -6.57
C VAL K 54 29.09 -35.51 -6.47
N GLN K 55 29.28 -34.33 -7.07
CA GLN K 55 28.24 -33.31 -7.04
C GLN K 55 26.94 -33.84 -7.64
N PHE K 56 27.01 -34.38 -8.85
CA PHE K 56 25.83 -34.89 -9.54
C PHE K 56 25.17 -36.01 -8.74
N ALA K 57 25.96 -36.99 -8.32
CA ALA K 57 25.40 -38.14 -7.63
C ALA K 57 24.79 -37.77 -6.28
N GLU K 58 25.44 -36.88 -5.54
CA GLU K 58 24.87 -36.41 -4.29
C GLU K 58 23.56 -35.67 -4.52
N TYR K 59 23.50 -34.82 -5.55
CA TYR K 59 22.25 -34.15 -5.88
C TYR K 59 21.14 -35.16 -6.15
N ILE K 60 21.43 -36.18 -6.96
CA ILE K 60 20.39 -37.15 -7.31
C ILE K 60 19.97 -37.96 -6.10
N GLN K 61 20.91 -38.39 -5.25
CA GLN K 61 20.48 -39.21 -4.11
C GLN K 61 19.66 -38.39 -3.13
N LYS K 62 20.03 -37.13 -2.87
CA LYS K 62 19.17 -36.31 -2.03
C LYS K 62 17.79 -36.06 -2.63
N ASN K 63 17.70 -35.78 -3.93
CA ASN K 63 16.40 -35.55 -4.53
C ASN K 63 15.58 -36.83 -4.67
N VAL K 64 16.22 -37.99 -4.57
CA VAL K 64 15.51 -39.27 -4.60
C VAL K 64 15.03 -39.66 -3.21
N GLN K 65 15.84 -39.37 -2.18
CA GLN K 65 15.41 -39.63 -0.81
C GLN K 65 14.31 -38.69 -0.38
N LEU K 66 14.35 -37.44 -0.86
CA LEU K 66 13.29 -36.49 -0.57
C LEU K 66 11.94 -36.99 -1.08
N TYR K 67 11.93 -37.71 -2.20
CA TYR K 67 10.71 -38.36 -2.67
C TYR K 67 10.17 -39.32 -1.61
N LYS K 68 11.04 -40.16 -1.05
CA LYS K 68 10.62 -41.11 -0.03
C LYS K 68 10.09 -40.41 1.20
N MET K 69 10.73 -39.30 1.61
CA MET K 69 10.24 -38.57 2.78
C MET K 69 8.87 -37.96 2.51
N ARG K 70 8.73 -37.23 1.41
CA ARG K 70 7.49 -36.53 1.11
C ARG K 70 6.32 -37.50 0.91
N ASN K 71 6.55 -38.60 0.20
CA ASN K 71 5.47 -39.42 -0.31
C ASN K 71 5.30 -40.76 0.39
N GLY K 72 6.30 -41.25 1.11
CA GLY K 72 6.18 -42.48 1.87
C GLY K 72 6.49 -43.74 1.10
N TYR K 73 6.90 -43.63 -0.16
CA TYR K 73 7.30 -44.79 -0.95
C TYR K 73 8.42 -44.41 -1.89
N GLU K 74 9.06 -45.43 -2.44
CA GLU K 74 10.27 -45.26 -3.23
C GLU K 74 9.92 -44.84 -4.65
N LEU K 75 10.95 -44.40 -5.37
CA LEU K 75 10.87 -44.27 -6.81
C LEU K 75 11.24 -45.59 -7.47
N SER K 76 10.60 -45.86 -8.61
CA SER K 76 11.01 -46.98 -9.43
C SER K 76 12.40 -46.70 -10.00
N PRO K 77 13.13 -47.73 -10.42
CA PRO K 77 14.39 -47.47 -11.14
C PRO K 77 14.19 -46.84 -12.50
N THR K 78 13.11 -47.16 -13.18
CA THR K 78 12.78 -46.53 -14.45
C THR K 78 12.49 -45.04 -14.31
N ALA K 79 12.02 -44.61 -13.15
CA ALA K 79 11.75 -43.19 -12.92
C ALA K 79 12.97 -42.44 -12.42
N ALA K 80 13.76 -43.06 -11.54
CA ALA K 80 15.03 -42.47 -11.13
C ALA K 80 15.97 -42.32 -12.31
N ALA K 81 15.96 -43.28 -13.24
CA ALA K 81 16.78 -43.18 -14.45
C ALA K 81 16.43 -41.94 -15.25
N ASN K 82 15.14 -41.68 -15.44
CA ASN K 82 14.70 -40.54 -16.23
C ASN K 82 14.85 -39.22 -15.48
N PHE K 83 14.75 -39.23 -14.15
CA PHE K 83 15.11 -38.05 -13.36
C PHE K 83 16.58 -37.70 -13.54
N THR K 84 17.45 -38.70 -13.39
CA THR K 84 18.88 -38.51 -13.63
C THR K 84 19.15 -37.99 -15.04
N ARG K 85 18.47 -38.55 -16.04
CA ARG K 85 18.67 -38.17 -17.44
C ARG K 85 18.09 -36.81 -17.78
N ARG K 86 17.04 -36.38 -17.09
CA ARG K 86 16.49 -35.04 -17.24
C ARG K 86 17.43 -33.99 -16.66
N ASN K 87 17.98 -34.26 -15.48
CA ASN K 87 18.91 -33.33 -14.87
C ASN K 87 20.28 -33.32 -15.54
N LEU K 88 20.71 -34.44 -16.12
CA LEU K 88 21.94 -34.45 -16.91
C LEU K 88 21.80 -33.71 -18.22
N ALA K 89 20.58 -33.58 -18.74
CA ALA K 89 20.34 -33.01 -20.05
C ALA K 89 19.98 -31.53 -20.00
N ASP K 90 19.30 -31.10 -18.93
CA ASP K 90 19.08 -29.67 -18.75
C ASP K 90 20.39 -28.91 -18.61
N CYS K 91 21.42 -29.56 -18.03
CA CYS K 91 22.70 -28.93 -17.79
C CYS K 91 23.65 -28.99 -18.98
N LEU K 92 23.24 -29.56 -20.11
CA LEU K 92 24.20 -29.89 -21.16
C LEU K 92 24.57 -28.69 -22.01
N ARG K 93 23.60 -27.84 -22.33
CA ARG K 93 23.82 -26.61 -23.08
C ARG K 93 23.89 -25.39 -22.16
N SER K 94 24.51 -25.55 -21.00
CA SER K 94 24.53 -24.57 -19.92
C SER K 94 25.97 -24.22 -19.57
N ARG K 95 26.11 -23.35 -18.56
CA ARG K 95 27.43 -22.96 -18.08
C ARG K 95 28.02 -23.93 -17.06
N THR K 96 27.25 -24.91 -16.61
CA THR K 96 27.73 -25.94 -15.68
C THR K 96 27.35 -27.32 -16.22
N PRO K 97 28.01 -27.77 -17.28
CA PRO K 97 27.74 -29.13 -17.78
C PRO K 97 28.55 -30.19 -17.04
N TYR K 98 27.86 -31.26 -16.67
CA TYR K 98 28.48 -32.40 -16.00
C TYR K 98 28.96 -33.39 -17.04
N HIS K 99 30.25 -33.73 -17.00
CA HIS K 99 30.82 -34.77 -17.84
C HIS K 99 30.89 -36.03 -16.98
N VAL K 100 29.86 -36.86 -17.08
CA VAL K 100 29.74 -38.06 -16.24
C VAL K 100 29.15 -39.19 -17.07
N ASN K 101 29.80 -40.34 -17.00
CA ASN K 101 29.29 -41.59 -17.55
C ASN K 101 28.88 -42.49 -16.39
N LEU K 102 27.66 -43.02 -16.44
CA LEU K 102 27.10 -43.69 -15.27
C LEU K 102 26.21 -44.86 -15.68
N LEU K 103 26.09 -45.81 -14.74
CA LEU K 103 25.09 -46.87 -14.79
C LEU K 103 24.06 -46.64 -13.70
N LEU K 104 22.92 -47.32 -13.84
CA LEU K 104 21.92 -47.37 -12.79
C LEU K 104 21.35 -48.78 -12.75
N ALA K 105 21.19 -49.30 -11.54
CA ALA K 105 20.74 -50.67 -11.32
C ALA K 105 19.69 -50.68 -10.22
N GLY K 106 18.68 -51.52 -10.38
CA GLY K 106 17.64 -51.57 -9.37
C GLY K 106 16.75 -52.78 -9.54
N TYR K 107 15.82 -52.91 -8.59
CA TYR K 107 14.83 -53.97 -8.59
C TYR K 107 13.50 -53.39 -8.13
N ASP K 108 12.44 -53.73 -8.85
CA ASP K 108 11.08 -53.40 -8.47
C ASP K 108 10.24 -54.66 -8.39
N GLU K 109 9.29 -54.68 -7.45
CA GLU K 109 8.47 -55.86 -7.24
C GLU K 109 7.65 -56.21 -8.47
N HIS K 110 7.23 -55.21 -9.25
CA HIS K 110 6.38 -55.43 -10.42
C HIS K 110 7.20 -55.73 -11.67
N GLU K 111 8.14 -54.85 -12.01
CA GLU K 111 8.85 -54.95 -13.28
C GLU K 111 10.07 -55.86 -13.22
N GLY K 112 10.60 -56.14 -12.04
CA GLY K 112 11.78 -56.98 -11.91
C GLY K 112 13.07 -56.18 -12.02
N PRO K 113 14.18 -56.84 -12.31
CA PRO K 113 15.46 -56.13 -12.38
C PRO K 113 15.55 -55.20 -13.58
N ALA K 114 16.45 -54.23 -13.46
CA ALA K 114 16.64 -53.22 -14.49
C ALA K 114 18.06 -52.69 -14.42
N LEU K 115 18.67 -52.48 -15.58
CA LEU K 115 20.01 -51.89 -15.70
C LEU K 115 19.96 -50.87 -16.82
N TYR K 116 20.45 -49.66 -16.55
CA TYR K 116 20.38 -48.55 -17.49
C TYR K 116 21.77 -47.99 -17.75
N TYR K 117 22.10 -47.83 -19.03
CA TYR K 117 23.35 -47.24 -19.48
C TYR K 117 23.10 -45.78 -19.84
N MET K 118 24.09 -44.93 -19.53
CA MET K 118 24.04 -43.52 -19.92
C MET K 118 25.43 -43.03 -20.25
N ASP K 119 25.48 -42.09 -21.18
CA ASP K 119 26.70 -41.38 -21.57
C ASP K 119 26.65 -39.96 -21.03
N TYR K 120 27.74 -39.22 -21.23
CA TYR K 120 27.82 -37.85 -20.76
C TYR K 120 26.93 -36.90 -21.56
N LEU K 121 26.33 -37.37 -22.65
CA LEU K 121 25.34 -36.60 -23.40
C LEU K 121 23.90 -36.94 -23.03
N ALA K 122 23.71 -37.76 -22.00
CA ALA K 122 22.37 -38.05 -21.46
C ALA K 122 21.49 -38.74 -22.50
N ALA K 123 21.94 -39.93 -22.91
CA ALA K 123 21.17 -40.82 -23.79
C ALA K 123 20.91 -42.10 -23.01
N LEU K 124 19.67 -42.30 -22.60
CA LEU K 124 19.29 -43.43 -21.75
C LEU K 124 19.02 -44.67 -22.59
N ALA K 125 19.51 -45.81 -22.10
CA ALA K 125 19.33 -47.08 -22.79
C ALA K 125 19.47 -48.20 -21.76
N LYS K 126 18.46 -49.06 -21.69
CA LYS K 126 18.49 -50.22 -20.81
C LYS K 126 18.97 -51.44 -21.60
N ALA K 127 19.85 -52.22 -20.99
CA ALA K 127 20.50 -53.34 -21.63
C ALA K 127 20.55 -54.50 -20.65
N PRO K 128 20.81 -55.73 -21.13
CA PRO K 128 21.05 -56.84 -20.20
C PRO K 128 22.42 -56.83 -19.58
N PHE K 129 23.41 -56.19 -20.21
CA PHE K 129 24.71 -55.97 -19.61
C PHE K 129 25.28 -54.70 -20.23
N ALA K 130 26.27 -54.13 -19.56
CA ALA K 130 26.79 -52.83 -19.94
C ALA K 130 28.07 -52.57 -19.18
N ALA K 131 28.95 -51.77 -19.79
CA ALA K 131 30.22 -51.42 -19.18
C ALA K 131 30.61 -50.01 -19.61
N HIS K 132 31.46 -49.38 -18.82
CA HIS K 132 32.07 -48.10 -19.14
C HIS K 132 33.59 -48.17 -19.02
N GLY K 133 34.24 -47.26 -19.74
CA GLY K 133 35.68 -47.11 -19.68
C GLY K 133 36.36 -47.75 -20.89
N TYR K 134 37.69 -47.69 -20.84
CA TYR K 134 38.49 -48.35 -21.87
C TYR K 134 38.50 -49.86 -21.72
N GLY K 135 38.02 -50.39 -20.59
CA GLY K 135 37.88 -51.83 -20.43
C GLY K 135 36.66 -52.43 -21.08
N ALA K 136 35.65 -51.60 -21.38
CA ALA K 136 34.48 -52.08 -22.09
C ALA K 136 34.85 -52.69 -23.44
N PHE K 137 35.76 -52.02 -24.17
CA PHE K 137 36.18 -52.51 -25.47
C PHE K 137 36.70 -53.94 -25.41
N LEU K 138 37.33 -54.32 -24.29
CA LEU K 138 37.83 -55.66 -24.12
C LEU K 138 36.78 -56.63 -23.56
N THR K 139 35.98 -56.18 -22.60
CA THR K 139 35.14 -57.09 -21.82
C THR K 139 33.69 -57.14 -22.28
N LEU K 140 33.32 -56.44 -23.36
CA LEU K 140 31.97 -56.59 -23.91
C LEU K 140 31.85 -57.77 -24.85
N SER K 141 32.90 -58.10 -25.59
CA SER K 141 32.92 -59.31 -26.40
C SER K 141 32.72 -60.57 -25.56
N ILE K 142 33.31 -60.63 -24.37
CA ILE K 142 33.16 -61.82 -23.53
C ILE K 142 31.73 -61.94 -23.04
N LEU K 143 31.10 -60.81 -22.73
CA LEU K 143 29.71 -60.82 -22.29
C LEU K 143 28.79 -61.26 -23.42
N ASP K 144 28.96 -60.68 -24.60
CA ASP K 144 28.19 -61.13 -25.77
C ASP K 144 28.44 -62.60 -26.07
N ARG K 145 29.64 -63.10 -25.76
CA ARG K 145 29.96 -64.49 -26.02
C ARG K 145 29.24 -65.43 -25.05
N TYR K 146 29.32 -65.15 -23.74
CA TYR K 146 28.96 -66.12 -22.72
C TYR K 146 27.72 -65.78 -21.91
N TYR K 147 27.03 -64.68 -22.19
CA TYR K 147 25.84 -64.32 -21.44
C TYR K 147 24.60 -64.98 -22.03
N THR K 148 23.73 -65.44 -21.14
CA THR K 148 22.42 -65.96 -21.47
C THR K 148 21.37 -65.29 -20.58
N PRO K 149 20.13 -65.12 -21.05
CA PRO K 149 19.14 -64.41 -20.22
C PRO K 149 18.81 -65.12 -18.92
N THR K 150 18.84 -66.45 -18.89
CA THR K 150 18.60 -67.23 -17.68
C THR K 150 19.88 -67.49 -16.89
N ILE K 151 20.88 -66.61 -17.01
CA ILE K 151 22.12 -66.78 -16.27
C ILE K 151 21.85 -66.66 -14.77
N SER K 152 22.52 -67.51 -14.00
CA SER K 152 22.38 -67.52 -12.55
C SER K 152 23.45 -66.64 -11.90
N ARG K 153 23.24 -66.35 -10.61
CA ARG K 153 24.17 -65.53 -9.85
C ARG K 153 25.58 -66.11 -9.82
N GLU K 154 25.71 -67.40 -9.51
CA GLU K 154 27.01 -68.02 -9.38
C GLU K 154 27.77 -68.04 -10.70
N ARG K 155 27.06 -68.19 -11.82
CA ARG K 155 27.69 -68.12 -13.13
C ARG K 155 27.95 -66.69 -13.55
N ALA K 156 27.10 -65.76 -13.13
CA ALA K 156 27.34 -64.34 -13.41
C ALA K 156 28.64 -63.87 -12.78
N VAL K 157 28.91 -64.30 -11.54
CA VAL K 157 30.15 -63.88 -10.90
C VAL K 157 31.36 -64.50 -11.59
N GLU K 158 31.22 -65.73 -12.12
CA GLU K 158 32.31 -66.32 -12.90
C GLU K 158 32.56 -65.57 -14.21
N LEU K 159 31.49 -65.17 -14.90
CA LEU K 159 31.66 -64.38 -16.11
C LEU K 159 32.32 -63.05 -15.81
N LEU K 160 31.91 -62.40 -14.72
CA LEU K 160 32.57 -61.17 -14.28
C LEU K 160 34.05 -61.40 -14.00
N ARG K 161 34.38 -62.47 -13.27
CA ARG K 161 35.77 -62.76 -12.95
C ARG K 161 36.59 -62.96 -14.22
N LYS K 162 36.03 -63.63 -15.23
CA LYS K 162 36.74 -63.77 -16.50
C LYS K 162 36.94 -62.41 -17.17
N CYS K 163 35.89 -61.58 -17.16
CA CYS K 163 35.98 -60.25 -17.74
C CYS K 163 37.10 -59.42 -17.10
N LEU K 164 37.30 -59.58 -15.79
CA LEU K 164 38.34 -58.83 -15.09
C LEU K 164 39.73 -59.46 -15.24
N GLU K 165 39.81 -60.79 -15.34
CA GLU K 165 41.06 -61.44 -15.72
C GLU K 165 41.55 -60.96 -17.08
N GLU K 166 40.63 -60.73 -18.02
CA GLU K 166 41.04 -60.20 -19.31
C GLU K 166 41.62 -58.80 -19.18
N LEU K 167 41.07 -57.98 -18.30
CA LEU K 167 41.66 -56.67 -18.01
C LEU K 167 43.07 -56.83 -17.46
N GLN K 168 43.23 -57.72 -16.48
CA GLN K 168 44.55 -57.94 -15.89
C GLN K 168 45.56 -58.46 -16.90
N LYS K 169 45.10 -59.17 -17.93
CA LYS K 169 46.00 -59.65 -18.97
C LYS K 169 46.35 -58.56 -19.98
N ARG K 170 45.34 -58.02 -20.66
CA ARG K 170 45.58 -57.16 -21.83
C ARG K 170 45.61 -55.68 -21.50
N PHE K 171 44.84 -55.22 -20.51
CA PHE K 171 44.61 -53.79 -20.36
C PHE K 171 45.88 -53.08 -19.93
N ILE K 172 46.11 -51.90 -20.49
CA ILE K 172 47.36 -51.19 -20.31
C ILE K 172 47.52 -50.60 -18.91
N LEU K 173 46.45 -50.58 -18.11
CA LEU K 173 46.45 -50.04 -16.76
C LEU K 173 46.35 -51.16 -15.74
N ASN K 174 46.48 -50.79 -14.47
CA ASN K 174 46.66 -51.78 -13.40
C ASN K 174 45.34 -52.42 -12.97
N LEU K 175 44.43 -51.60 -12.40
CA LEU K 175 43.13 -52.02 -11.89
C LEU K 175 43.24 -53.28 -11.03
N PRO K 176 43.86 -53.21 -9.85
CA PRO K 176 44.17 -54.44 -9.11
C PRO K 176 42.99 -55.07 -8.38
N THR K 177 42.09 -54.25 -7.84
CA THR K 177 40.99 -54.74 -7.02
C THR K 177 39.70 -54.06 -7.44
N PHE K 178 38.59 -54.73 -7.13
CA PHE K 178 37.26 -54.35 -7.60
C PHE K 178 36.23 -54.53 -6.51
N SER K 179 35.28 -53.60 -6.45
CA SER K 179 34.07 -53.77 -5.66
C SER K 179 33.07 -54.63 -6.42
N VAL K 180 32.28 -55.39 -5.68
CA VAL K 180 31.24 -56.23 -6.26
C VAL K 180 30.00 -56.10 -5.40
N ARG K 181 28.84 -55.97 -6.03
CA ARG K 181 27.60 -55.74 -5.31
C ARG K 181 26.44 -56.31 -6.13
N ILE K 182 25.39 -56.72 -5.43
CA ILE K 182 24.25 -57.41 -6.02
C ILE K 182 22.96 -56.88 -5.42
N ILE K 183 21.91 -56.91 -6.24
CA ILE K 183 20.59 -56.45 -5.88
C ILE K 183 19.60 -57.57 -6.17
N ASP K 184 18.58 -57.68 -5.33
CA ASP K 184 17.55 -58.70 -5.49
C ASP K 184 16.33 -58.22 -4.72
N LYS K 185 15.31 -59.08 -4.59
CA LYS K 185 14.09 -58.74 -3.87
C LYS K 185 14.35 -58.35 -2.42
N ASN K 186 15.46 -58.80 -1.84
CA ASN K 186 15.79 -58.52 -0.44
C ASN K 186 16.79 -57.39 -0.27
N GLY K 187 16.96 -56.54 -1.29
CA GLY K 187 17.77 -55.35 -1.18
C GLY K 187 19.16 -55.48 -1.75
N ILE K 188 20.09 -54.67 -1.25
CA ILE K 188 21.46 -54.61 -1.72
C ILE K 188 22.33 -55.44 -0.78
N HIS K 189 23.30 -56.16 -1.35
CA HIS K 189 24.21 -57.01 -0.59
C HIS K 189 25.63 -56.77 -1.10
N ASP K 190 26.55 -56.50 -0.18
CA ASP K 190 27.95 -56.26 -0.53
C ASP K 190 28.68 -57.60 -0.57
N LEU K 191 28.81 -58.16 -1.76
CA LEU K 191 29.54 -59.40 -1.94
C LEU K 191 31.03 -59.18 -1.67
N ASP K 192 31.76 -60.28 -1.57
CA ASP K 192 33.19 -60.22 -1.37
C ASP K 192 33.87 -59.61 -2.59
N ASN K 193 34.97 -58.91 -2.35
CA ASN K 193 35.62 -58.13 -3.39
C ASN K 193 36.54 -59.01 -4.23
N ILE K 194 36.47 -58.83 -5.54
CA ILE K 194 37.28 -59.59 -6.48
C ILE K 194 38.61 -58.85 -6.60
N SER K 195 39.64 -59.38 -5.95
CA SER K 195 40.98 -58.80 -5.95
C SER K 195 41.92 -59.70 -6.76
N PHE K 196 43.12 -59.17 -7.00
CA PHE K 196 44.15 -59.85 -7.76
C PHE K 196 45.49 -59.60 -7.09
N PRO K 197 46.16 -60.63 -6.53
CA PRO K 197 47.46 -60.36 -5.86
C PRO K 197 48.55 -59.96 -6.85
N LYS K 198 48.48 -58.70 -7.31
CA LYS K 198 49.52 -58.19 -8.19
C LYS K 198 50.83 -58.00 -7.42
N GLN K 199 50.80 -57.17 -6.37
CA GLN K 199 51.98 -56.91 -5.57
C GLN K 199 52.20 -58.01 -4.54
N THR L 1 57.43 -27.63 -4.82
CA THR L 1 56.67 -27.79 -3.55
C THR L 1 56.54 -29.26 -3.19
N THR L 2 56.56 -29.56 -1.90
CA THR L 2 56.42 -30.93 -1.41
C THR L 2 55.73 -30.90 -0.07
N THR L 3 54.62 -31.63 0.03
CA THR L 3 53.92 -31.84 1.29
C THR L 3 53.62 -33.32 1.45
N LEU L 4 53.42 -33.75 2.69
CA LEU L 4 52.98 -35.11 2.96
C LEU L 4 52.21 -35.14 4.26
N ALA L 5 51.36 -36.14 4.40
CA ALA L 5 50.61 -36.33 5.62
C ALA L 5 50.12 -37.77 5.70
N PHE L 6 50.30 -38.39 6.85
CA PHE L 6 49.79 -39.73 7.11
C PHE L 6 49.24 -39.77 8.53
N LYS L 7 48.16 -40.53 8.70
CA LYS L 7 47.53 -40.72 10.00
C LYS L 7 47.82 -42.14 10.48
N PHE L 8 48.14 -42.27 11.76
CA PHE L 8 48.54 -43.55 12.33
C PHE L 8 47.93 -43.61 13.73
N ARG L 9 48.47 -44.50 14.58
CA ARG L 9 47.96 -44.70 15.93
C ARG L 9 47.78 -43.37 16.69
N HIS L 10 48.86 -42.59 16.80
CA HIS L 10 48.89 -41.41 17.65
C HIS L 10 48.62 -40.12 16.88
N GLY L 11 47.79 -40.17 15.83
CA GLY L 11 47.35 -38.98 15.14
C GLY L 11 47.91 -38.82 13.73
N VAL L 12 48.01 -37.57 13.29
CA VAL L 12 48.39 -37.24 11.91
C VAL L 12 49.66 -36.41 11.95
N ILE L 13 50.59 -36.74 11.07
CA ILE L 13 51.81 -35.97 10.87
C ILE L 13 51.63 -35.13 9.63
N VAL L 14 52.23 -33.94 9.64
CA VAL L 14 52.18 -33.03 8.49
C VAL L 14 53.57 -32.43 8.34
N ALA L 15 54.10 -32.49 7.12
CA ALA L 15 55.43 -31.96 6.82
C ALA L 15 55.33 -31.19 5.50
N ALA L 16 56.30 -30.30 5.28
CA ALA L 16 56.26 -29.45 4.11
C ALA L 16 57.62 -28.82 3.88
N ASP L 17 57.84 -28.36 2.66
CA ASP L 17 59.01 -27.58 2.30
C ASP L 17 58.85 -26.16 2.83
N SER L 18 59.78 -25.29 2.47
CA SER L 18 59.69 -23.87 2.78
C SER L 18 60.04 -22.99 1.59
N ARG L 19 60.14 -23.54 0.39
CA ARG L 19 60.57 -22.81 -0.79
C ARG L 19 59.38 -22.27 -1.56
N ALA L 20 59.54 -21.05 -2.09
CA ALA L 20 58.69 -20.51 -3.12
C ALA L 20 59.55 -20.20 -4.34
N THR L 21 58.91 -20.15 -5.50
CA THR L 21 59.64 -20.06 -6.75
C THR L 21 58.77 -19.41 -7.81
N ALA L 22 59.40 -18.57 -8.64
CA ALA L 22 58.77 -17.94 -9.80
C ALA L 22 59.64 -18.28 -11.00
N GLY L 23 59.36 -19.42 -11.61
CA GLY L 23 60.20 -19.93 -12.69
C GLY L 23 61.47 -20.56 -12.16
N ALA L 24 62.60 -19.94 -12.47
CA ALA L 24 63.90 -20.40 -11.98
C ALA L 24 64.38 -19.63 -10.76
N TYR L 25 63.83 -18.44 -10.50
CA TYR L 25 64.26 -17.63 -9.38
C TYR L 25 63.60 -18.10 -8.09
N ILE L 26 64.38 -18.11 -7.01
CA ILE L 26 63.92 -18.53 -5.69
C ILE L 26 63.56 -17.27 -4.93
N ALA L 27 62.26 -16.99 -4.82
CA ALA L 27 61.81 -15.77 -4.16
C ALA L 27 61.94 -15.87 -2.65
N SER L 28 61.52 -17.00 -2.07
CA SER L 28 61.47 -17.18 -0.63
C SER L 28 61.87 -18.60 -0.28
N GLN L 29 62.57 -18.73 0.86
CA GLN L 29 62.92 -20.01 1.45
C GLN L 29 62.43 -20.14 2.89
N THR L 30 61.53 -19.24 3.32
CA THR L 30 61.01 -19.22 4.68
C THR L 30 59.49 -19.26 4.68
N VAL L 31 58.90 -19.97 3.73
CA VAL L 31 57.46 -19.99 3.57
C VAL L 31 56.84 -21.03 4.48
N LYS L 32 55.73 -20.64 5.12
CA LYS L 32 54.97 -21.52 6.00
C LYS L 32 53.85 -22.12 5.16
N LYS L 33 54.08 -23.31 4.64
CA LYS L 33 53.13 -23.97 3.76
C LYS L 33 52.09 -24.79 4.52
N VAL L 34 52.24 -24.95 5.83
CA VAL L 34 51.21 -25.56 6.67
C VAL L 34 50.42 -24.43 7.32
N ILE L 35 49.13 -24.37 7.01
CA ILE L 35 48.28 -23.25 7.39
C ILE L 35 47.50 -23.64 8.63
N GLU L 36 47.70 -22.90 9.71
CA GLU L 36 46.98 -23.14 10.96
C GLU L 36 45.58 -22.54 10.80
N ILE L 37 44.67 -23.36 10.28
CA ILE L 37 43.29 -22.94 10.05
C ILE L 37 42.63 -22.59 11.38
N ASN L 38 42.72 -23.50 12.33
CA ASN L 38 42.15 -23.35 13.67
C ASN L 38 43.11 -23.99 14.66
N PRO L 39 42.84 -23.91 15.97
CA PRO L 39 43.65 -24.69 16.92
C PRO L 39 43.44 -26.19 16.83
N TYR L 40 42.45 -26.66 16.06
CA TYR L 40 42.13 -28.07 15.94
C TYR L 40 42.13 -28.56 14.50
N LEU L 41 42.61 -27.75 13.55
CA LEU L 41 42.66 -28.14 12.15
C LEU L 41 43.92 -27.58 11.52
N LEU L 42 44.43 -28.30 10.52
CA LEU L 42 45.63 -27.90 9.80
C LEU L 42 45.37 -28.03 8.30
N GLY L 43 46.04 -27.17 7.53
CA GLY L 43 46.00 -27.21 6.09
C GLY L 43 47.40 -27.28 5.51
N THR L 44 47.43 -27.37 4.18
CA THR L 44 48.68 -27.38 3.42
C THR L 44 48.55 -26.44 2.23
N MET L 45 49.68 -26.17 1.58
CA MET L 45 49.75 -25.26 0.45
C MET L 45 50.44 -25.98 -0.70
N ALA L 46 49.78 -26.02 -1.85
CA ALA L 46 50.38 -26.56 -3.07
C ALA L 46 49.57 -26.06 -4.25
N GLY L 47 50.23 -25.38 -5.18
CA GLY L 47 49.58 -24.76 -6.31
C GLY L 47 49.56 -23.25 -6.17
N GLY L 48 48.36 -22.68 -6.05
CA GLY L 48 48.24 -21.26 -5.80
C GLY L 48 48.33 -20.94 -4.32
N ALA L 49 49.45 -20.36 -3.91
CA ALA L 49 49.61 -19.97 -2.51
C ALA L 49 48.55 -18.99 -2.07
N ALA L 50 48.23 -18.02 -2.93
CA ALA L 50 47.19 -17.00 -2.69
C ALA L 50 45.82 -17.70 -2.67
N ASP L 51 45.61 -18.73 -3.49
CA ASP L 51 44.36 -19.52 -3.48
C ASP L 51 44.32 -20.38 -2.20
N CYS L 52 45.41 -21.02 -1.81
CA CYS L 52 45.47 -21.89 -0.61
C CYS L 52 45.12 -21.06 0.63
N SER L 53 45.76 -19.92 0.79
CA SER L 53 45.66 -19.04 1.96
C SER L 53 44.28 -18.40 2.06
N PHE L 54 43.82 -17.78 0.97
CA PHE L 54 42.54 -17.07 0.99
C PHE L 54 41.39 -18.01 1.31
N TRP L 55 41.28 -19.11 0.58
CA TRP L 55 40.13 -19.99 0.76
C TRP L 55 40.18 -20.77 2.06
N GLU L 56 41.36 -21.07 2.61
CA GLU L 56 41.42 -21.69 3.92
C GLU L 56 41.20 -20.72 5.07
N ARG L 57 41.57 -19.45 4.92
CA ARG L 57 41.14 -18.44 5.87
C ARG L 57 39.63 -18.26 5.84
N LEU L 58 39.05 -18.29 4.64
CA LEU L 58 37.59 -18.28 4.52
C LEU L 58 36.96 -19.51 5.16
N LEU L 59 37.62 -20.66 5.06
CA LEU L 59 37.16 -21.85 5.76
C LEU L 59 37.17 -21.66 7.27
N ALA L 60 38.26 -21.08 7.80
CA ALA L 60 38.32 -20.77 9.22
C ALA L 60 37.18 -19.85 9.66
N ARG L 61 36.88 -18.85 8.83
CA ARG L 61 35.81 -17.91 9.14
C ARG L 61 34.46 -18.62 9.29
N GLN L 62 34.22 -19.68 8.51
CA GLN L 62 32.99 -20.44 8.62
C GLN L 62 33.03 -21.45 9.76
N CYS L 63 34.19 -22.06 10.00
CA CYS L 63 34.33 -22.99 11.12
C CYS L 63 34.03 -22.30 12.45
N ARG L 64 34.56 -21.10 12.65
CA ARG L 64 34.32 -20.37 13.90
C ARG L 64 32.84 -20.03 14.07
N ILE L 65 32.18 -19.58 13.00
CA ILE L 65 30.76 -19.26 13.07
C ILE L 65 29.95 -20.52 13.34
N TYR L 66 30.32 -21.64 12.74
CA TYR L 66 29.71 -22.92 13.07
C TYR L 66 29.80 -23.21 14.56
N GLU L 67 31.01 -23.09 15.12
CA GLU L 67 31.20 -23.38 16.54
C GLU L 67 30.38 -22.45 17.42
N LEU L 68 30.24 -21.18 17.02
CA LEU L 68 29.46 -20.24 17.81
C LEU L 68 27.97 -20.56 17.74
N ARG L 69 27.44 -20.76 16.52
CA ARG L 69 26.02 -21.06 16.37
C ARG L 69 25.63 -22.36 17.06
N ASN L 70 26.46 -23.40 16.94
CA ASN L 70 26.10 -24.74 17.37
C ASN L 70 26.78 -25.19 18.66
N LYS L 71 27.81 -24.50 19.12
CA LYS L 71 28.51 -24.83 20.37
C LYS L 71 29.11 -26.23 20.28
N GLU L 72 29.66 -26.54 19.11
CA GLU L 72 30.33 -27.81 18.85
C GLU L 72 31.38 -27.57 17.78
N ARG L 73 32.56 -28.15 17.95
CA ARG L 73 33.62 -28.00 16.97
C ARG L 73 33.31 -28.83 15.74
N ILE L 74 33.54 -28.23 14.56
CA ILE L 74 33.18 -28.86 13.30
C ILE L 74 33.96 -30.15 13.08
N SER L 75 33.43 -31.00 12.21
CA SER L 75 34.13 -32.21 11.79
C SER L 75 35.15 -31.89 10.71
N VAL L 76 35.96 -32.90 10.39
CA VAL L 76 36.96 -32.75 9.32
C VAL L 76 36.31 -32.95 7.96
N ALA L 77 35.38 -33.90 7.86
CA ALA L 77 34.65 -34.11 6.63
C ALA L 77 33.83 -32.89 6.24
N ALA L 78 33.14 -32.29 7.20
CA ALA L 78 32.38 -31.08 6.92
C ALA L 78 33.29 -29.94 6.51
N ALA L 79 34.41 -29.76 7.22
CA ALA L 79 35.38 -28.73 6.88
C ALA L 79 35.94 -28.93 5.48
N SER L 80 36.10 -30.18 5.05
CA SER L 80 36.58 -30.46 3.71
C SER L 80 35.53 -30.21 2.64
N LYS L 81 34.28 -30.59 2.90
CA LYS L 81 33.24 -30.40 1.90
C LYS L 81 32.84 -28.95 1.74
N LEU L 82 32.92 -28.14 2.81
CA LEU L 82 32.80 -26.69 2.67
C LEU L 82 33.78 -26.17 1.63
N LEU L 83 35.07 -26.46 1.80
CA LEU L 83 36.09 -25.99 0.89
C LEU L 83 35.88 -26.50 -0.52
N ALA L 84 35.52 -27.78 -0.66
CA ALA L 84 35.28 -28.35 -1.97
C ALA L 84 34.13 -27.67 -2.70
N ASN L 85 32.99 -27.50 -2.02
CA ASN L 85 31.85 -26.85 -2.63
C ASN L 85 32.08 -25.36 -2.86
N MET L 86 33.00 -24.74 -2.11
CA MET L 86 33.34 -23.35 -2.37
C MET L 86 34.19 -23.22 -3.63
N VAL L 87 35.21 -24.06 -3.78
CA VAL L 87 36.07 -23.97 -4.95
C VAL L 87 35.50 -24.64 -6.18
N TYR L 88 34.39 -25.36 -6.06
CA TYR L 88 33.71 -25.90 -7.24
C TYR L 88 32.92 -24.85 -8.01
N GLN L 89 32.53 -23.75 -7.36
CA GLN L 89 31.83 -22.68 -8.06
C GLN L 89 32.76 -21.82 -8.91
N TYR L 90 34.06 -22.09 -8.90
CA TYR L 90 35.04 -21.40 -9.74
C TYR L 90 35.82 -22.41 -10.57
N LYS L 91 35.11 -23.43 -11.05
CA LYS L 91 35.73 -24.50 -11.83
C LYS L 91 35.93 -24.04 -13.26
N GLY L 92 37.17 -24.13 -13.74
CA GLY L 92 37.53 -23.67 -15.07
C GLY L 92 37.95 -22.23 -15.14
N MET L 93 37.74 -21.44 -14.09
CA MET L 93 38.14 -20.04 -14.10
C MET L 93 39.63 -19.85 -13.88
N GLY L 94 40.32 -20.85 -13.33
CA GLY L 94 41.77 -20.86 -13.28
C GLY L 94 42.38 -20.92 -11.90
N LEU L 95 41.64 -21.38 -10.90
CA LEU L 95 42.20 -21.61 -9.59
C LEU L 95 43.06 -22.87 -9.60
N SER L 96 44.13 -22.84 -8.80
CA SER L 96 45.04 -23.97 -8.64
C SER L 96 45.22 -24.19 -7.15
N MET L 97 44.67 -25.29 -6.63
CA MET L 97 44.77 -25.62 -5.22
C MET L 97 44.91 -27.12 -5.05
N GLY L 98 45.86 -27.52 -4.22
CA GLY L 98 45.94 -28.86 -3.70
C GLY L 98 46.28 -28.79 -2.23
N THR L 99 45.41 -29.29 -1.36
CA THR L 99 45.54 -29.08 0.06
C THR L 99 44.90 -30.24 0.81
N MET L 100 45.56 -30.65 1.89
CA MET L 100 45.02 -31.66 2.80
C MET L 100 44.45 -31.00 4.04
N ILE L 101 43.33 -31.53 4.51
CA ILE L 101 42.69 -31.09 5.75
C ILE L 101 42.91 -32.18 6.79
N CYS L 102 43.54 -31.81 7.90
CA CYS L 102 43.98 -32.75 8.92
C CYS L 102 43.39 -32.33 10.26
N GLY L 103 42.95 -33.32 11.03
CA GLY L 103 42.33 -33.01 12.30
C GLY L 103 41.73 -34.23 12.95
N TRP L 104 41.36 -34.06 14.23
CA TRP L 104 40.77 -35.09 15.05
C TRP L 104 39.35 -34.68 15.42
N ASP L 105 38.41 -35.61 15.31
CA ASP L 105 37.01 -35.38 15.64
C ASP L 105 36.49 -36.61 16.37
N LYS L 106 35.17 -36.66 16.59
CA LYS L 106 34.56 -37.77 17.31
C LYS L 106 34.74 -39.11 16.57
N ARG L 107 35.08 -39.09 15.29
CA ARG L 107 35.29 -40.31 14.52
C ARG L 107 36.72 -40.81 14.58
N GLY L 108 37.67 -39.95 14.94
CA GLY L 108 39.07 -40.31 15.03
C GLY L 108 39.95 -39.37 14.23
N PRO L 109 41.22 -39.72 14.08
CA PRO L 109 42.09 -38.93 13.21
C PRO L 109 41.58 -38.93 11.78
N GLY L 110 41.53 -37.73 11.20
CA GLY L 110 40.97 -37.56 9.86
C GLY L 110 41.95 -36.87 8.94
N LEU L 111 41.95 -37.29 7.69
CA LEU L 111 42.80 -36.71 6.66
C LEU L 111 42.04 -36.73 5.35
N TYR L 112 41.95 -35.56 4.71
CA TYR L 112 41.15 -35.38 3.50
C TYR L 112 41.92 -34.52 2.52
N TYR L 113 42.03 -34.99 1.29
CA TYR L 113 42.70 -34.26 0.21
C TYR L 113 41.64 -33.59 -0.65
N VAL L 114 41.82 -32.29 -0.91
CA VAL L 114 40.87 -31.50 -1.67
C VAL L 114 41.63 -30.76 -2.77
N ASP L 115 41.09 -30.80 -3.99
CA ASP L 115 41.69 -30.17 -5.15
C ASP L 115 40.68 -29.22 -5.76
N SER L 116 41.19 -28.18 -6.43
CA SER L 116 40.32 -27.18 -7.04
C SER L 116 39.51 -27.77 -8.19
N GLU L 117 39.99 -28.85 -8.79
CA GLU L 117 39.21 -29.54 -9.81
C GLU L 117 37.89 -30.04 -9.24
N GLY L 118 37.91 -30.53 -8.01
CA GLY L 118 36.72 -30.98 -7.31
C GLY L 118 36.87 -32.30 -6.58
N ASN L 119 38.07 -32.88 -6.61
CA ASN L 119 38.33 -34.10 -5.86
C ASN L 119 38.13 -33.86 -4.37
N ARG L 120 37.69 -34.91 -3.67
CA ARG L 120 37.64 -34.91 -2.22
C ARG L 120 37.73 -36.36 -1.77
N ILE L 121 38.88 -36.73 -1.23
CA ILE L 121 39.22 -38.12 -0.95
C ILE L 121 39.69 -38.22 0.49
N SER L 122 39.31 -39.30 1.16
CA SER L 122 39.84 -39.65 2.48
C SER L 122 40.89 -40.74 2.33
N GLY L 123 41.96 -40.63 3.11
CA GLY L 123 43.02 -41.62 3.01
C GLY L 123 43.95 -41.56 4.21
N ALA L 124 44.91 -42.49 4.20
CA ALA L 124 45.93 -42.59 5.24
C ALA L 124 47.30 -42.13 4.77
N THR L 125 47.46 -41.77 3.50
CA THR L 125 48.73 -41.31 2.97
C THR L 125 48.44 -40.40 1.78
N PHE L 126 49.05 -39.22 1.78
CA PHE L 126 48.93 -38.28 0.68
C PHE L 126 50.20 -37.47 0.58
N SER L 127 50.52 -37.07 -0.65
CA SER L 127 51.59 -36.12 -0.90
C SER L 127 51.20 -35.30 -2.12
N VAL L 128 51.50 -33.99 -2.07
CA VAL L 128 51.10 -33.06 -3.10
C VAL L 128 52.27 -32.17 -3.45
N GLY L 129 52.35 -31.81 -4.72
CA GLY L 129 53.40 -30.96 -5.25
C GLY L 129 54.19 -31.64 -6.34
N SER L 130 55.28 -30.97 -6.74
CA SER L 130 56.17 -31.54 -7.74
C SER L 130 57.00 -32.68 -7.16
N GLY L 131 57.36 -32.58 -5.88
CA GLY L 131 58.18 -33.59 -5.24
C GLY L 131 57.39 -34.68 -4.54
N SER L 132 56.10 -34.79 -4.86
CA SER L 132 55.26 -35.78 -4.22
C SER L 132 55.68 -37.20 -4.61
N VAL L 133 56.09 -37.40 -5.85
CA VAL L 133 56.44 -38.72 -6.33
C VAL L 133 57.72 -39.22 -5.66
N TYR L 134 58.61 -38.31 -5.28
CA TYR L 134 59.84 -38.68 -4.61
C TYR L 134 59.65 -38.94 -3.13
N ALA L 135 58.58 -38.44 -2.53
CA ALA L 135 58.23 -38.71 -1.14
C ALA L 135 57.38 -39.96 -0.98
N TYR L 136 56.53 -40.25 -1.96
CA TYR L 136 55.66 -41.43 -1.89
C TYR L 136 56.46 -42.72 -1.70
N GLY L 137 57.58 -42.86 -2.40
CA GLY L 137 58.36 -44.07 -2.29
C GLY L 137 58.89 -44.34 -0.90
N VAL L 138 59.62 -43.37 -0.35
CA VAL L 138 60.17 -43.50 0.99
C VAL L 138 59.05 -43.69 2.00
N MET L 139 58.00 -42.86 1.91
CA MET L 139 56.92 -42.94 2.88
C MET L 139 56.06 -44.19 2.72
N ASP L 140 56.18 -44.90 1.59
CA ASP L 140 55.43 -46.14 1.40
C ASP L 140 56.23 -47.33 1.92
N ARG L 141 57.53 -47.38 1.63
CA ARG L 141 58.36 -48.44 2.19
C ARG L 141 58.48 -48.32 3.70
N GLY L 142 58.41 -47.10 4.25
CA GLY L 142 58.59 -46.88 5.67
C GLY L 142 57.33 -46.77 6.51
N TYR L 143 56.15 -47.04 5.96
CA TYR L 143 54.90 -46.81 6.68
C TYR L 143 54.53 -48.00 7.56
N SER L 144 53.85 -47.69 8.65
CA SER L 144 53.16 -48.69 9.46
C SER L 144 52.21 -47.94 10.39
N TYR L 145 50.95 -48.38 10.41
CA TYR L 145 49.98 -47.76 11.30
C TYR L 145 50.38 -47.89 12.77
N ASP L 146 51.15 -48.92 13.12
CA ASP L 146 51.63 -49.14 14.46
C ASP L 146 53.00 -48.49 14.70
N LEU L 147 53.35 -47.47 13.92
CA LEU L 147 54.60 -46.76 14.12
C LEU L 147 54.60 -46.06 15.48
N GLU L 148 55.81 -45.76 15.95
CA GLU L 148 56.01 -44.90 17.11
C GLU L 148 56.14 -43.45 16.66
N VAL L 149 56.04 -42.54 17.63
CA VAL L 149 55.95 -41.12 17.32
C VAL L 149 57.27 -40.61 16.74
N GLU L 150 58.38 -40.92 17.39
CA GLU L 150 59.68 -40.48 16.88
C GLU L 150 59.99 -41.11 15.54
N GLN L 151 59.58 -42.37 15.32
CA GLN L 151 59.77 -43.01 14.04
C GLN L 151 58.98 -42.30 12.94
N ALA L 152 57.73 -41.92 13.22
CA ALA L 152 56.95 -41.14 12.28
C ALA L 152 57.59 -39.80 11.97
N TYR L 153 58.09 -39.09 12.99
CA TYR L 153 58.81 -37.85 12.77
C TYR L 153 59.99 -38.05 11.83
N ASP L 154 60.82 -39.07 12.11
CA ASP L 154 61.96 -39.36 11.26
C ASP L 154 61.53 -39.69 9.83
N LEU L 155 60.45 -40.45 9.67
CA LEU L 155 59.98 -40.82 8.34
C LEU L 155 59.58 -39.59 7.54
N ALA L 156 58.73 -38.73 8.12
CA ALA L 156 58.32 -37.52 7.43
C ALA L 156 59.52 -36.64 7.09
N ARG L 157 60.42 -36.45 8.05
CA ARG L 157 61.60 -35.62 7.83
C ARG L 157 62.45 -36.13 6.69
N ARG L 158 62.72 -37.44 6.68
CA ARG L 158 63.58 -38.01 5.66
C ARG L 158 62.90 -38.05 4.30
N ALA L 159 61.58 -38.25 4.25
CA ALA L 159 60.89 -38.20 2.98
C ALA L 159 60.95 -36.81 2.37
N ILE L 160 60.72 -35.77 3.16
CA ILE L 160 60.85 -34.41 2.64
C ILE L 160 62.28 -34.14 2.21
N TYR L 161 63.25 -34.65 2.97
CA TYR L 161 64.66 -34.48 2.61
C TYR L 161 64.96 -35.09 1.25
N GLN L 162 64.58 -36.36 1.05
CA GLN L 162 64.81 -37.02 -0.21
C GLN L 162 64.04 -36.39 -1.36
N ALA L 163 62.90 -35.77 -1.09
CA ALA L 163 62.19 -35.05 -2.14
C ALA L 163 62.91 -33.77 -2.52
N THR L 164 63.43 -33.04 -1.53
CA THR L 164 64.20 -31.84 -1.81
C THR L 164 65.49 -32.15 -2.55
N TYR L 165 66.07 -33.33 -2.32
CA TYR L 165 67.33 -33.68 -2.96
C TYR L 165 67.21 -33.71 -4.48
N ARG L 166 66.12 -34.28 -5.01
CA ARG L 166 65.94 -34.44 -6.45
C ARG L 166 65.25 -33.23 -7.06
N ASP L 167 64.04 -32.91 -6.60
CA ASP L 167 63.25 -31.85 -7.20
C ASP L 167 63.93 -30.50 -7.05
N ALA L 168 63.83 -29.69 -8.11
CA ALA L 168 64.47 -28.38 -8.15
C ALA L 168 63.65 -27.30 -7.46
N TYR L 169 62.32 -27.40 -7.52
CA TYR L 169 61.42 -26.43 -6.91
C TYR L 169 61.03 -26.82 -5.49
N SER L 170 61.92 -27.52 -4.78
CA SER L 170 61.67 -27.99 -3.43
C SER L 170 62.96 -27.87 -2.64
N GLY L 171 62.89 -27.22 -1.48
CA GLY L 171 64.07 -27.03 -0.67
C GLY L 171 63.77 -26.13 0.51
N GLY L 172 64.84 -25.74 1.19
CA GLY L 172 64.76 -24.86 2.33
C GLY L 172 64.80 -25.60 3.65
N ALA L 173 63.74 -25.46 4.43
CA ALA L 173 63.59 -26.13 5.72
C ALA L 173 62.50 -27.19 5.61
N VAL L 174 62.32 -27.94 6.70
CA VAL L 174 61.26 -28.93 6.84
C VAL L 174 60.49 -28.59 8.10
N ASN L 175 59.26 -28.09 7.94
CA ASN L 175 58.41 -27.70 9.06
C ASN L 175 57.42 -28.83 9.32
N LEU L 176 57.53 -29.44 10.49
CA LEU L 176 56.80 -30.65 10.83
C LEU L 176 55.82 -30.37 11.96
N TYR L 177 54.61 -30.92 11.82
CA TYR L 177 53.54 -30.76 12.79
C TYR L 177 53.06 -32.13 13.24
N HIS L 178 52.27 -32.14 14.31
CA HIS L 178 51.68 -33.35 14.85
C HIS L 178 50.28 -33.06 15.34
N VAL L 179 49.28 -33.70 14.75
CA VAL L 179 47.90 -33.58 15.17
C VAL L 179 47.63 -34.60 16.27
N ARG L 180 46.93 -34.16 17.31
CA ARG L 180 46.58 -35.02 18.43
C ARG L 180 45.12 -34.78 18.82
N GLU L 181 44.68 -35.39 19.91
CA GLU L 181 43.34 -35.16 20.43
C GLU L 181 43.24 -33.87 21.25
N ASP L 182 44.38 -33.35 21.72
CA ASP L 182 44.44 -32.08 22.45
C ASP L 182 44.85 -30.94 21.53
N GLY L 183 44.45 -31.02 20.26
CA GLY L 183 44.91 -30.09 19.25
C GLY L 183 46.18 -30.57 18.59
N TRP L 184 46.79 -29.67 17.82
CA TRP L 184 48.03 -29.94 17.13
C TRP L 184 49.20 -29.28 17.86
N ILE L 185 50.41 -29.67 17.47
CA ILE L 185 51.63 -29.17 18.08
C ILE L 185 52.73 -29.10 17.03
N ARG L 186 53.38 -27.95 16.94
CA ARG L 186 54.54 -27.82 16.07
C ARG L 186 55.74 -28.54 16.69
N VAL L 187 56.48 -29.27 15.86
CA VAL L 187 57.54 -30.15 16.34
C VAL L 187 58.91 -29.55 16.04
N SER L 188 59.15 -29.20 14.78
CA SER L 188 60.50 -28.88 14.33
C SER L 188 60.45 -27.93 13.15
N SER L 189 61.60 -27.33 12.86
CA SER L 189 61.85 -26.58 11.63
C SER L 189 63.34 -26.76 11.34
N ASP L 190 63.65 -27.74 10.49
CA ASP L 190 65.00 -28.25 10.30
C ASP L 190 65.47 -27.93 8.90
N ASN L 191 66.60 -27.22 8.80
CA ASN L 191 67.18 -26.91 7.50
C ASN L 191 67.68 -28.19 6.84
N VAL L 192 67.54 -28.26 5.52
CA VAL L 192 67.95 -29.44 4.79
C VAL L 192 69.47 -29.60 4.82
N ALA L 193 70.20 -28.50 4.96
CA ALA L 193 71.66 -28.59 5.03
C ALA L 193 72.11 -29.22 6.35
N ASP L 194 71.30 -29.07 7.40
CA ASP L 194 71.58 -29.77 8.65
C ASP L 194 71.37 -31.26 8.49
N LEU L 195 70.18 -31.66 8.03
CA LEU L 195 69.87 -33.08 7.86
C LEU L 195 70.77 -33.77 6.86
N HIS L 196 71.32 -33.04 5.89
CA HIS L 196 72.30 -33.61 4.97
C HIS L 196 73.47 -34.23 5.73
N GLU L 197 73.99 -33.52 6.74
CA GLU L 197 75.12 -34.02 7.52
C GLU L 197 74.74 -35.30 8.27
N LYS L 198 73.62 -35.28 8.98
CA LYS L 198 73.27 -36.41 9.83
C LYS L 198 72.86 -37.63 9.02
N TYR L 199 72.26 -37.45 7.85
CA TYR L 199 71.83 -38.56 7.01
C TYR L 199 72.86 -38.96 5.97
N SER L 200 73.98 -38.24 5.89
CA SER L 200 75.16 -38.72 5.17
C SER L 200 76.08 -39.49 6.11
N GLY L 201 76.49 -38.87 7.20
CA GLY L 201 77.32 -39.51 8.20
C GLY L 201 77.29 -38.79 9.54
N ARG M 1 46.79 -5.65 -30.96
CA ARG M 1 45.51 -5.25 -30.32
C ARG M 1 45.76 -4.72 -28.91
N PHE M 2 44.74 -4.10 -28.33
CA PHE M 2 44.86 -3.43 -27.05
C PHE M 2 45.20 -4.41 -25.93
N SER M 3 46.41 -4.27 -25.36
CA SER M 3 46.83 -4.99 -24.16
C SER M 3 46.78 -4.01 -22.99
N PRO M 4 46.14 -4.33 -21.86
CA PRO M 4 45.94 -3.31 -20.83
C PRO M 4 47.08 -3.13 -19.84
N TYR M 5 48.23 -3.76 -20.07
CA TYR M 5 49.36 -3.73 -19.17
C TYR M 5 50.59 -3.16 -19.88
N VAL M 6 51.48 -2.59 -19.07
CA VAL M 6 52.78 -2.13 -19.55
C VAL M 6 53.69 -2.02 -18.34
N PHE M 7 54.96 -2.37 -18.53
CA PHE M 7 55.95 -2.38 -17.45
C PHE M 7 56.69 -1.06 -17.45
N ASN M 8 56.52 -0.30 -16.36
CA ASN M 8 57.11 1.03 -16.22
C ASN M 8 58.36 1.01 -15.34
N GLY M 9 59.12 -0.08 -15.39
CA GLY M 9 60.29 -0.23 -14.56
C GLY M 9 59.96 -0.23 -13.08
N GLY M 10 60.98 0.07 -12.29
CA GLY M 10 60.83 0.21 -10.85
C GLY M 10 61.63 -0.82 -10.07
N THR M 11 62.16 -0.39 -8.92
CA THR M 11 62.90 -1.26 -8.03
C THR M 11 62.68 -0.77 -6.61
N ILE M 12 62.44 -1.70 -5.69
CA ILE M 12 62.11 -1.36 -4.31
C ILE M 12 62.82 -2.34 -3.38
N LEU M 13 63.10 -1.87 -2.17
CA LEU M 13 63.85 -2.64 -1.20
C LEU M 13 63.41 -2.22 0.19
N ALA M 14 63.46 -3.16 1.13
CA ALA M 14 63.11 -2.89 2.52
C ALA M 14 63.95 -3.76 3.43
N ILE M 15 64.40 -3.17 4.55
CA ILE M 15 65.14 -3.89 5.58
C ILE M 15 64.51 -3.55 6.93
N ALA M 16 64.44 -4.55 7.79
CA ALA M 16 63.88 -4.40 9.13
C ALA M 16 65.00 -4.48 10.16
N GLY M 17 64.79 -3.76 11.27
CA GLY M 17 65.68 -3.82 12.41
C GLY M 17 64.93 -3.95 13.71
N GLU M 18 65.66 -3.89 14.82
CA GLU M 18 65.02 -4.02 16.13
C GLU M 18 64.33 -2.74 16.56
N ASP M 19 64.70 -1.59 15.99
CA ASP M 19 64.10 -0.31 16.36
C ASP M 19 63.85 0.59 15.16
N PHE M 20 63.87 0.05 13.95
CA PHE M 20 63.74 0.89 12.75
C PHE M 20 63.26 0.03 11.59
N ALA M 21 63.08 0.68 10.45
CA ALA M 21 62.70 0.02 9.21
C ALA M 21 62.94 0.99 8.07
N ILE M 22 63.58 0.48 7.01
CA ILE M 22 63.92 1.27 5.83
C ILE M 22 63.08 0.75 4.67
N VAL M 23 62.64 1.66 3.80
CA VAL M 23 62.01 1.30 2.54
C VAL M 23 62.58 2.25 1.49
N ALA M 24 63.26 1.68 0.49
CA ALA M 24 63.99 2.45 -0.51
C ALA M 24 63.47 2.13 -1.91
N SER M 25 63.85 2.98 -2.86
CA SER M 25 63.36 2.86 -4.22
C SER M 25 64.17 3.77 -5.13
N ASP M 26 64.15 3.47 -6.42
CA ASP M 26 64.66 4.38 -7.42
C ASP M 26 63.55 5.32 -7.87
N THR M 27 63.91 6.33 -8.66
CA THR M 27 62.99 7.38 -9.06
C THR M 27 62.78 7.47 -10.57
N ARG M 28 63.23 6.49 -11.33
CA ARG M 28 63.07 6.51 -12.78
C ARG M 28 61.75 5.84 -13.17
N LEU M 29 61.10 6.42 -14.18
CA LEU M 29 59.92 5.87 -14.80
C LEU M 29 60.18 5.71 -16.29
N SER M 30 59.86 4.55 -16.83
CA SER M 30 60.25 4.17 -18.18
C SER M 30 59.05 3.69 -18.97
N GLU M 31 59.27 3.55 -20.28
CA GLU M 31 58.24 3.06 -21.20
C GLU M 31 58.99 2.44 -22.38
N GLY M 32 59.07 1.11 -22.37
CA GLY M 32 59.89 0.44 -23.38
C GLY M 32 61.34 0.81 -23.20
N PHE M 33 61.95 1.30 -24.28
CA PHE M 33 63.34 1.74 -24.27
C PHE M 33 63.50 3.22 -23.92
N SER M 34 62.41 3.94 -23.68
CA SER M 34 62.44 5.37 -23.40
C SER M 34 62.31 5.61 -21.90
N ILE M 35 62.57 6.87 -21.51
CA ILE M 35 62.49 7.32 -20.13
C ILE M 35 61.44 8.40 -20.04
N HIS M 36 60.46 8.20 -19.16
CA HIS M 36 59.41 9.20 -18.98
C HIS M 36 59.90 10.38 -18.15
N THR M 37 60.29 10.11 -16.90
CA THR M 37 60.80 11.13 -16.01
C THR M 37 61.81 10.50 -15.05
N ARG M 38 62.65 11.35 -14.47
CA ARG M 38 63.66 10.93 -13.51
C ARG M 38 63.34 11.38 -12.10
N ASP M 39 62.10 11.80 -11.82
CA ASP M 39 61.63 12.11 -10.48
C ASP M 39 60.23 11.50 -10.35
N SER M 40 60.20 10.26 -9.87
CA SER M 40 58.93 9.53 -9.74
C SER M 40 59.15 8.43 -8.69
N PRO M 41 59.17 8.79 -7.41
CA PRO M 41 59.48 7.80 -6.39
C PRO M 41 58.35 6.81 -6.17
N LYS M 42 58.74 5.59 -5.82
CA LYS M 42 57.83 4.48 -5.63
C LYS M 42 57.43 4.26 -4.17
N CYS M 43 57.78 5.18 -3.28
CA CYS M 43 57.52 5.05 -1.85
C CYS M 43 56.44 6.05 -1.44
N TYR M 44 55.58 5.61 -0.52
CA TYR M 44 54.41 6.38 -0.12
C TYR M 44 54.22 6.22 1.38
N LYS M 45 54.12 7.34 2.10
CA LYS M 45 53.86 7.30 3.53
C LYS M 45 52.37 7.12 3.78
N LEU M 46 52.03 6.11 4.58
CA LEU M 46 50.65 5.81 4.94
C LEU M 46 50.30 6.37 6.31
N THR M 47 51.08 6.00 7.33
CA THR M 47 50.88 6.45 8.70
C THR M 47 52.22 6.91 9.26
N ASP M 48 52.24 7.26 10.55
CA ASP M 48 53.49 7.64 11.19
C ASP M 48 54.42 6.45 11.42
N LYS M 49 53.89 5.23 11.33
CA LYS M 49 54.65 4.00 11.59
C LYS M 49 54.84 3.12 10.38
N THR M 50 54.25 3.45 9.23
CA THR M 50 54.14 2.52 8.11
C THR M 50 54.47 3.21 6.79
N VAL M 51 55.16 2.48 5.93
CA VAL M 51 55.52 2.92 4.59
C VAL M 51 55.34 1.75 3.64
N ILE M 52 54.98 2.06 2.39
CA ILE M 52 54.76 1.05 1.36
C ILE M 52 55.55 1.41 0.11
N GLY M 53 56.03 0.39 -0.58
CA GLY M 53 56.64 0.53 -1.88
C GLY M 53 55.78 -0.16 -2.93
N CYS M 54 55.82 0.37 -4.15
CA CYS M 54 54.97 -0.11 -5.23
C CYS M 54 55.77 -0.08 -6.52
N SER M 55 55.77 -1.18 -7.27
CA SER M 55 56.55 -1.28 -8.49
C SER M 55 55.80 -2.15 -9.48
N GLY M 56 55.91 -1.79 -10.76
CA GLY M 56 55.25 -2.51 -11.83
C GLY M 56 54.55 -1.60 -12.81
N PHE M 57 53.28 -1.89 -13.10
CA PHE M 57 52.46 -1.00 -13.90
C PHE M 57 52.05 0.20 -13.07
N HIS M 58 52.25 1.40 -13.62
CA HIS M 58 52.14 2.62 -12.84
C HIS M 58 50.69 3.05 -12.59
N GLY M 59 49.77 2.76 -13.52
CA GLY M 59 48.38 3.04 -13.27
C GLY M 59 47.82 2.30 -12.07
N ASP M 60 48.17 1.01 -11.93
CA ASP M 60 47.75 0.26 -10.76
C ASP M 60 48.45 0.76 -9.51
N CYS M 61 49.72 1.16 -9.62
CA CYS M 61 50.42 1.77 -8.50
C CYS M 61 49.71 3.03 -8.01
N LEU M 62 49.16 3.82 -8.92
CA LEU M 62 48.44 5.01 -8.51
C LEU M 62 47.06 4.69 -7.95
N THR M 63 46.34 3.75 -8.55
CA THR M 63 45.00 3.40 -8.07
C THR M 63 45.04 2.76 -6.69
N LEU M 64 45.95 1.81 -6.49
CA LEU M 64 45.96 1.00 -5.27
C LEU M 64 46.31 1.85 -4.06
N THR M 65 47.25 2.78 -4.20
CA THR M 65 47.61 3.64 -3.08
C THR M 65 46.45 4.54 -2.66
N LYS M 66 45.72 5.09 -3.63
CA LYS M 66 44.52 5.84 -3.31
C LYS M 66 43.48 4.98 -2.60
N ILE M 67 43.29 3.74 -3.06
CA ILE M 67 42.37 2.84 -2.38
C ILE M 67 42.78 2.63 -0.93
N ILE M 68 44.08 2.43 -0.71
CA ILE M 68 44.60 2.22 0.64
C ILE M 68 44.38 3.46 1.50
N GLU M 69 44.67 4.64 0.95
CA GLU M 69 44.47 5.88 1.68
C GLU M 69 43.00 6.10 2.02
N ALA M 70 42.09 5.66 1.15
CA ALA M 70 40.67 5.80 1.43
C ALA M 70 40.17 4.77 2.43
N ARG M 71 40.81 3.62 2.52
CA ARG M 71 40.46 2.62 3.51
C ARG M 71 41.00 2.95 4.90
N LEU M 72 42.17 3.57 4.98
CA LEU M 72 42.70 4.00 6.27
C LEU M 72 41.77 4.97 6.97
N LYS M 73 41.24 5.96 6.24
CA LYS M 73 40.35 6.94 6.82
C LYS M 73 39.07 6.29 7.34
N MET M 74 38.54 5.32 6.59
CA MET M 74 37.36 4.59 7.04
C MET M 74 37.63 3.78 8.29
N TYR M 75 38.80 3.14 8.37
CA TYR M 75 39.18 2.43 9.59
C TYR M 75 39.21 3.40 10.76
N LYS M 76 39.83 4.56 10.57
CA LYS M 76 39.94 5.51 11.67
C LYS M 76 38.57 6.04 12.09
N HIS M 77 37.67 6.22 11.12
CA HIS M 77 36.32 6.66 11.45
C HIS M 77 35.57 5.60 12.25
N SER M 78 35.67 4.34 11.85
CA SER M 78 34.86 3.29 12.48
C SER M 78 35.45 2.85 13.82
N ASN M 79 36.77 2.84 13.95
CA ASN M 79 37.46 2.27 15.09
C ASN M 79 38.20 3.30 15.95
N ASN M 80 38.25 4.56 15.52
CA ASN M 80 38.83 5.64 16.31
C ASN M 80 40.30 5.38 16.66
N LYS M 81 41.02 4.75 15.75
CA LYS M 81 42.46 4.54 15.90
C LYS M 81 43.07 4.40 14.52
N ALA M 82 44.38 4.61 14.45
CA ALA M 82 45.13 4.37 13.22
C ALA M 82 45.46 2.89 13.12
N MET M 83 45.77 2.46 11.90
CA MET M 83 45.99 1.05 11.65
C MET M 83 47.41 0.64 11.99
N THR M 84 47.60 -0.66 12.13
CA THR M 84 48.91 -1.27 12.33
C THR M 84 49.46 -1.75 11.01
N THR M 85 50.73 -2.17 11.01
CA THR M 85 51.35 -2.67 9.79
C THR M 85 50.73 -3.98 9.34
N GLY M 86 50.47 -4.90 10.26
CA GLY M 86 49.84 -6.16 9.93
C GLY M 86 48.42 -6.06 9.47
N ALA M 87 47.65 -5.12 10.02
CA ALA M 87 46.30 -4.90 9.54
C ALA M 87 46.26 -4.34 8.14
N ILE M 88 47.15 -3.39 7.83
CA ILE M 88 47.26 -2.88 6.47
C ILE M 88 47.66 -3.98 5.51
N ALA M 89 48.60 -4.83 5.94
CA ALA M 89 49.04 -5.93 5.09
C ALA M 89 47.91 -6.91 4.80
N ALA M 90 47.17 -7.30 5.84
CA ALA M 90 46.09 -8.25 5.66
C ALA M 90 44.93 -7.64 4.86
N MET M 91 44.73 -6.33 4.96
CA MET M 91 43.72 -5.67 4.15
C MET M 91 44.14 -5.64 2.68
N LEU M 92 45.40 -5.30 2.41
CA LEU M 92 45.90 -5.31 1.05
C LEU M 92 45.83 -6.70 0.44
N SER M 93 46.04 -7.74 1.26
CA SER M 93 45.87 -9.11 0.78
C SER M 93 44.47 -9.38 0.22
N THR M 94 43.43 -8.74 0.78
CA THR M 94 42.08 -8.88 0.25
C THR M 94 41.81 -7.96 -0.91
N ILE M 95 42.36 -6.74 -0.86
CA ILE M 95 42.21 -5.80 -1.97
C ILE M 95 42.82 -6.38 -3.24
N LEU M 96 43.90 -7.15 -3.11
CA LEU M 96 44.54 -7.73 -4.27
C LEU M 96 43.78 -8.95 -4.80
N TYR M 97 43.24 -9.79 -3.91
CA TYR M 97 42.46 -10.93 -4.34
C TYR M 97 41.08 -10.53 -4.84
N SER M 98 40.65 -9.29 -4.58
CA SER M 98 39.45 -8.77 -5.22
C SER M 98 39.56 -8.75 -6.74
N ARG M 99 40.78 -8.75 -7.28
CA ARG M 99 41.05 -8.73 -8.71
C ARG M 99 41.78 -9.99 -9.16
N ARG M 100 41.38 -11.14 -8.63
CA ARG M 100 42.11 -12.39 -8.90
C ARG M 100 42.10 -12.75 -10.38
N PHE M 101 41.12 -12.27 -11.14
CA PHE M 101 40.98 -12.57 -12.55
C PHE M 101 41.26 -11.36 -13.44
N PHE M 102 41.79 -10.28 -12.88
CA PHE M 102 42.26 -9.13 -13.63
C PHE M 102 43.23 -8.38 -12.72
N PRO M 103 44.38 -8.96 -12.39
CA PRO M 103 45.13 -8.52 -11.21
C PRO M 103 45.77 -7.15 -11.38
N TYR M 104 46.09 -6.57 -10.23
CA TYR M 104 46.97 -5.41 -10.16
C TYR M 104 48.39 -5.89 -10.41
N TYR M 105 48.97 -5.52 -11.55
CA TYR M 105 50.36 -5.86 -11.85
C TYR M 105 51.23 -4.91 -11.04
N VAL M 106 51.38 -5.24 -9.75
CA VAL M 106 52.10 -4.42 -8.79
C VAL M 106 52.85 -5.35 -7.86
N TYR M 107 54.12 -5.04 -7.60
CA TYR M 107 54.96 -5.75 -6.65
C TYR M 107 55.12 -4.85 -5.43
N ASN M 108 54.58 -5.27 -4.30
CA ASN M 108 54.44 -4.43 -3.12
C ASN M 108 55.37 -4.88 -2.01
N ILE M 109 55.84 -3.91 -1.23
CA ILE M 109 56.62 -4.16 -0.03
C ILE M 109 56.20 -3.13 1.01
N ILE M 110 55.76 -3.60 2.16
CA ILE M 110 55.39 -2.77 3.29
C ILE M 110 56.54 -2.79 4.28
N GLY M 111 56.79 -1.64 4.91
CA GLY M 111 57.80 -1.55 5.93
C GLY M 111 57.39 -0.59 7.02
N GLY M 112 57.45 -1.03 8.27
CA GLY M 112 57.03 -0.20 9.37
C GLY M 112 57.51 -0.70 10.72
N LEU M 113 56.64 -0.58 11.73
CA LEU M 113 56.98 -0.91 13.10
C LEU M 113 55.89 -1.78 13.71
N ASP M 114 56.31 -2.84 14.39
CA ASP M 114 55.38 -3.70 15.11
C ASP M 114 54.81 -2.94 16.31
N GLU M 115 53.94 -3.62 17.05
CA GLU M 115 53.22 -2.99 18.16
C GLU M 115 54.04 -2.93 19.44
N GLU M 116 55.28 -3.42 19.42
CA GLU M 116 56.24 -3.18 20.50
C GLU M 116 57.50 -2.48 20.00
N GLY M 117 57.44 -1.86 18.82
CA GLY M 117 58.53 -1.05 18.30
C GLY M 117 59.52 -1.79 17.42
N LYS M 118 59.39 -3.09 17.26
CA LYS M 118 60.30 -3.84 16.40
C LYS M 118 59.95 -3.59 14.94
N GLY M 119 60.93 -3.82 14.08
CA GLY M 119 60.74 -3.65 12.66
C GLY M 119 59.86 -4.75 12.08
N ALA M 120 59.32 -4.47 10.90
CA ALA M 120 58.40 -5.39 10.23
C ALA M 120 58.43 -5.11 8.74
N VAL M 121 58.58 -6.17 7.94
CA VAL M 121 58.63 -6.08 6.49
C VAL M 121 57.71 -7.15 5.93
N TYR M 122 56.75 -6.73 5.11
CA TYR M 122 55.78 -7.64 4.49
C TYR M 122 55.91 -7.51 2.98
N SER M 123 56.10 -8.64 2.31
CA SER M 123 56.27 -8.69 0.87
C SER M 123 55.11 -9.44 0.23
N PHE M 124 54.62 -8.91 -0.89
CA PHE M 124 53.39 -9.38 -1.53
C PHE M 124 53.65 -9.87 -2.95
N ASP M 125 52.74 -10.71 -3.42
CA ASP M 125 52.59 -11.04 -4.82
C ASP M 125 51.48 -10.18 -5.42
N PRO M 126 51.30 -10.21 -6.75
CA PRO M 126 50.21 -9.44 -7.35
C PRO M 126 48.81 -9.91 -6.96
N VAL M 127 48.66 -11.04 -6.28
CA VAL M 127 47.35 -11.60 -5.95
C VAL M 127 47.17 -11.84 -4.46
N GLY M 128 48.09 -11.33 -3.64
CA GLY M 128 47.84 -11.13 -2.22
C GLY M 128 48.45 -12.13 -1.26
N SER M 129 49.36 -12.99 -1.71
CA SER M 129 50.05 -13.91 -0.79
C SER M 129 51.20 -13.15 -0.14
N TYR M 130 51.11 -12.93 1.18
CA TYR M 130 52.04 -12.08 1.89
C TYR M 130 52.83 -12.88 2.91
N GLN M 131 53.96 -12.30 3.34
CA GLN M 131 54.99 -13.06 4.05
C GLN M 131 55.81 -12.06 4.84
N ARG M 132 55.80 -12.19 6.17
CA ARG M 132 56.68 -11.35 6.97
C ARG M 132 58.12 -11.80 6.81
N ASP M 133 59.02 -10.82 6.64
CA ASP M 133 60.42 -11.09 6.37
C ASP M 133 61.27 -10.08 7.14
N SER M 134 62.58 -10.29 7.08
CA SER M 134 63.54 -9.34 7.61
C SER M 134 64.05 -8.38 6.54
N PHE M 135 64.20 -8.87 5.31
CA PHE M 135 64.60 -8.02 4.20
C PHE M 135 64.03 -8.64 2.92
N LYS M 136 63.61 -7.79 1.99
CA LYS M 136 63.10 -8.24 0.71
C LYS M 136 63.33 -7.17 -0.33
N ALA M 137 63.64 -7.62 -1.54
CA ALA M 137 63.75 -6.77 -2.71
C ALA M 137 62.62 -7.07 -3.68
N GLY M 138 62.24 -6.07 -4.46
CA GLY M 138 61.18 -6.21 -5.43
C GLY M 138 61.36 -5.29 -6.62
N GLY M 139 60.96 -5.77 -7.80
CA GLY M 139 60.98 -4.96 -9.01
C GLY M 139 61.79 -5.64 -10.11
N SER M 140 62.54 -4.84 -10.86
CA SER M 140 63.27 -5.33 -12.02
C SER M 140 64.62 -5.92 -11.64
N ALA M 141 65.25 -5.41 -10.59
CA ALA M 141 66.55 -5.88 -10.15
C ALA M 141 66.46 -6.77 -8.90
N SER M 142 65.26 -7.28 -8.60
CA SER M 142 65.08 -8.11 -7.41
C SER M 142 65.99 -9.34 -7.44
N ALA M 143 66.23 -9.88 -8.62
CA ALA M 143 67.15 -11.02 -8.76
C ALA M 143 68.59 -10.64 -8.44
N MET M 144 68.93 -9.34 -8.46
CA MET M 144 70.29 -8.89 -8.29
C MET M 144 70.61 -8.48 -6.86
N LEU M 145 69.62 -8.04 -6.09
CA LEU M 145 69.83 -7.49 -4.76
C LEU M 145 69.78 -8.54 -3.66
N GLN M 146 68.90 -9.53 -3.78
CA GLN M 146 68.66 -10.45 -2.67
C GLN M 146 69.84 -11.34 -2.31
N PRO M 147 70.70 -11.78 -3.23
CA PRO M 147 71.88 -12.56 -2.79
C PRO M 147 72.78 -11.81 -1.83
N LEU M 148 73.09 -10.55 -2.12
CA LEU M 148 74.00 -9.81 -1.27
C LEU M 148 73.36 -9.49 0.08
N LEU M 149 72.04 -9.37 0.13
CA LEU M 149 71.35 -9.22 1.41
C LEU M 149 71.37 -10.54 2.19
N ASP M 150 71.12 -11.66 1.50
CA ASP M 150 71.24 -12.96 2.13
C ASP M 150 72.62 -13.16 2.73
N ASN M 151 73.65 -12.65 2.07
CA ASN M 151 75.02 -12.78 2.58
C ASN M 151 75.29 -11.83 3.73
N GLN M 152 75.09 -10.53 3.53
CA GLN M 152 75.55 -9.53 4.48
C GLN M 152 74.55 -9.22 5.59
N VAL M 153 73.33 -9.80 5.55
CA VAL M 153 72.35 -9.65 6.60
C VAL M 153 72.00 -11.00 7.23
N GLY M 154 71.83 -12.03 6.41
CA GLY M 154 71.56 -13.37 6.90
C GLY M 154 72.79 -14.18 7.23
N PHE M 155 73.97 -13.75 6.80
CA PHE M 155 75.24 -14.42 7.12
C PHE M 155 75.23 -15.85 6.60
N LYS M 156 74.89 -16.00 5.32
CA LYS M 156 74.70 -17.28 4.68
C LYS M 156 75.94 -17.65 3.87
N ASN M 157 76.33 -18.92 3.96
CA ASN M 157 77.54 -19.43 3.33
C ASN M 157 78.80 -18.72 3.84
N MET M 158 78.74 -18.21 5.07
CA MET M 158 79.87 -17.56 5.73
C MET M 158 80.04 -18.19 7.10
N GLN M 159 81.17 -18.86 7.31
CA GLN M 159 81.46 -19.55 8.55
C GLN M 159 82.32 -18.69 9.46
N ASN M 160 82.28 -19.00 10.75
CA ASN M 160 83.15 -18.38 11.75
C ASN M 160 83.03 -16.87 11.72
N VAL M 161 81.79 -16.39 11.59
CA VAL M 161 81.51 -14.97 11.40
C VAL M 161 80.81 -14.44 12.64
N GLU M 162 80.93 -13.12 12.83
CA GLU M 162 80.26 -12.45 13.94
C GLU M 162 78.82 -12.14 13.53
N HIS M 163 77.87 -12.83 14.16
CA HIS M 163 76.45 -12.63 13.86
C HIS M 163 75.92 -11.40 14.59
N VAL M 164 76.46 -10.25 14.20
CA VAL M 164 76.15 -8.97 14.84
C VAL M 164 74.80 -8.48 14.32
N PRO M 165 73.95 -7.87 15.15
CA PRO M 165 72.71 -7.32 14.62
C PRO M 165 72.94 -6.07 13.80
N LEU M 166 72.10 -5.88 12.79
CA LEU M 166 72.28 -4.79 11.85
C LEU M 166 71.81 -3.48 12.47
N SER M 167 72.74 -2.54 12.61
CA SER M 167 72.41 -1.19 13.05
C SER M 167 72.01 -0.33 11.86
N LEU M 168 71.44 0.84 12.15
CA LEU M 168 70.89 1.69 11.10
C LEU M 168 71.98 2.24 10.19
N ASP M 169 73.10 2.68 10.75
CA ASP M 169 74.15 3.28 9.95
C ASP M 169 74.78 2.26 9.01
N ARG M 170 74.88 1.01 9.44
CA ARG M 170 75.32 -0.07 8.55
C ARG M 170 74.29 -0.40 7.49
N ALA M 171 73.01 -0.45 7.87
CA ALA M 171 71.96 -0.79 6.91
C ALA M 171 71.87 0.26 5.81
N MET M 172 72.06 1.53 6.14
CA MET M 172 71.93 2.58 5.13
C MET M 172 73.07 2.52 4.12
N ARG M 173 74.30 2.33 4.61
CA ARG M 173 75.43 2.12 3.71
C ARG M 173 75.22 0.90 2.83
N LEU M 174 74.69 -0.18 3.40
CA LEU M 174 74.40 -1.38 2.61
C LEU M 174 73.35 -1.10 1.54
N VAL M 175 72.30 -0.35 1.90
CA VAL M 175 71.22 -0.05 0.95
C VAL M 175 71.76 0.77 -0.20
N LYS M 176 72.65 1.72 0.09
CA LYS M 176 73.23 2.53 -0.97
C LYS M 176 74.16 1.70 -1.86
N ASP M 177 74.90 0.78 -1.25
CA ASP M 177 75.83 -0.06 -2.01
C ASP M 177 75.14 -0.97 -3.00
N VAL M 178 73.92 -1.43 -2.71
CA VAL M 178 73.24 -2.34 -3.63
C VAL M 178 72.63 -1.61 -4.82
N PHE M 179 72.09 -0.40 -4.62
CA PHE M 179 71.59 0.36 -5.76
C PHE M 179 72.73 0.92 -6.61
N ILE M 180 73.86 1.26 -5.98
CA ILE M 180 75.02 1.71 -6.75
C ILE M 180 75.48 0.64 -7.72
N SER M 181 75.27 -0.64 -7.38
CA SER M 181 75.65 -1.75 -8.24
C SER M 181 74.54 -2.17 -9.19
N ALA M 182 73.28 -2.03 -8.79
CA ALA M 182 72.17 -2.34 -9.67
C ALA M 182 71.98 -1.29 -10.76
N ALA M 183 72.45 -0.07 -10.53
CA ALA M 183 72.46 0.94 -11.59
C ALA M 183 73.55 0.71 -12.63
N GLU M 184 74.40 -0.29 -12.44
CA GLU M 184 75.48 -0.60 -13.37
C GLU M 184 75.18 -1.75 -14.32
N ARG M 185 74.16 -2.56 -14.02
CA ARG M 185 73.84 -3.74 -14.82
C ARG M 185 72.38 -3.79 -15.22
N ASP M 186 71.51 -3.18 -14.43
CA ASP M 186 70.09 -3.05 -14.76
C ASP M 186 69.84 -1.70 -15.41
N VAL M 187 69.13 -1.71 -16.53
CA VAL M 187 68.89 -0.48 -17.30
C VAL M 187 67.69 0.30 -16.80
N TYR M 188 66.79 -0.31 -16.03
CA TYR M 188 65.65 0.38 -15.45
C TYR M 188 66.00 1.11 -14.17
N THR M 189 67.00 0.64 -13.43
CA THR M 189 67.47 1.35 -12.24
C THR M 189 68.21 2.60 -12.68
N GLY M 190 67.83 3.74 -12.10
CA GLY M 190 68.09 5.03 -12.72
C GLY M 190 68.77 6.10 -11.91
N ASP M 191 68.07 7.22 -11.74
CA ASP M 191 68.68 8.52 -11.49
C ASP M 191 68.95 8.80 -10.03
N ALA M 192 67.97 8.59 -9.15
CA ALA M 192 68.09 8.92 -7.74
C ALA M 192 67.63 7.74 -6.90
N LEU M 193 68.04 7.76 -5.64
CA LEU M 193 67.69 6.73 -4.66
C LEU M 193 67.00 7.43 -3.49
N ARG M 194 65.69 7.23 -3.39
CA ARG M 194 64.95 7.69 -2.22
C ARG M 194 64.98 6.62 -1.13
N ILE M 195 65.20 7.05 0.09
CA ILE M 195 65.25 6.18 1.26
C ILE M 195 64.37 6.80 2.34
N CYS M 196 63.37 6.04 2.79
CA CYS M 196 62.46 6.47 3.85
C CYS M 196 62.73 5.62 5.08
N ILE M 197 63.31 6.23 6.11
CA ILE M 197 63.61 5.55 7.36
C ILE M 197 62.44 5.76 8.31
N VAL M 198 62.04 4.68 8.98
CA VAL M 198 60.94 4.69 9.94
C VAL M 198 61.51 4.41 11.32
N THR M 199 61.21 5.27 12.28
CA THR M 199 61.68 5.13 13.65
C THR M 199 60.57 5.54 14.60
N LYS M 200 60.83 5.36 15.90
CA LYS M 200 59.85 5.76 16.91
C LYS M 200 59.61 7.26 16.91
N GLU M 201 60.56 8.04 16.40
CA GLU M 201 60.42 9.49 16.38
C GLU M 201 59.67 10.01 15.17
N GLY M 202 59.55 9.22 14.11
CA GLY M 202 58.79 9.62 12.93
C GLY M 202 59.35 8.95 11.69
N ILE M 203 59.22 9.67 10.57
CA ILE M 203 59.63 9.18 9.26
C ILE M 203 60.49 10.25 8.61
N ARG M 204 61.69 9.88 8.19
CA ARG M 204 62.60 10.73 7.45
C ARG M 204 62.60 10.37 5.98
N GLU M 205 63.27 11.20 5.19
CA GLU M 205 63.50 10.94 3.78
C GLU M 205 64.91 11.39 3.42
N GLU M 206 65.52 10.69 2.47
CA GLU M 206 66.84 11.03 1.99
C GLU M 206 66.91 10.74 0.50
N THR M 207 67.49 11.68 -0.26
CA THR M 207 67.69 11.53 -1.68
C THR M 207 69.19 11.43 -1.96
N VAL M 208 69.56 10.44 -2.77
CA VAL M 208 70.95 10.21 -3.15
C VAL M 208 70.99 9.97 -4.65
N SER M 209 71.97 10.57 -5.31
CA SER M 209 72.02 10.53 -6.76
C SER M 209 72.66 9.24 -7.25
N LEU M 210 72.24 8.82 -8.45
CA LEU M 210 72.80 7.69 -9.16
C LEU M 210 73.14 8.16 -10.57
N ARG M 211 73.73 7.28 -11.36
CA ARG M 211 74.15 7.65 -12.71
C ARG M 211 72.94 7.67 -13.64
N LYS M 212 72.91 8.68 -14.51
CA LYS M 212 71.75 8.95 -15.36
C LYS M 212 71.71 8.10 -16.62
N ASP M 213 72.68 7.23 -16.84
CA ASP M 213 72.72 6.40 -18.04
C ASP M 213 71.57 5.40 -18.04
N THR N 1 37.01 2.43 -27.87
CA THR N 1 37.83 2.51 -29.10
C THR N 1 38.91 1.43 -29.08
N GLN N 2 38.70 0.39 -29.90
CA GLN N 2 39.64 -0.72 -30.00
C GLN N 2 40.68 -0.52 -31.08
N ASN N 3 40.37 0.26 -32.12
CA ASN N 3 41.37 0.69 -33.09
C ASN N 3 41.14 2.16 -33.48
N PRO N 4 42.19 2.99 -33.57
CA PRO N 4 41.98 4.38 -33.98
C PRO N 4 41.80 4.51 -35.48
N MET N 5 41.04 5.54 -35.88
CA MET N 5 40.74 5.77 -37.29
C MET N 5 41.35 7.08 -37.81
N VAL N 6 41.02 8.21 -37.18
CA VAL N 6 41.63 9.50 -37.50
C VAL N 6 42.44 9.92 -36.29
N THR N 7 43.73 10.17 -36.50
CA THR N 7 44.69 10.30 -35.42
C THR N 7 45.43 11.63 -35.48
N GLY N 8 45.92 12.06 -34.33
CA GLY N 8 46.79 13.22 -34.23
C GLY N 8 48.12 12.83 -33.61
N THR N 9 49.19 13.41 -34.11
CA THR N 9 50.55 13.08 -33.69
C THR N 9 50.98 14.01 -32.55
N SER N 10 52.29 14.06 -32.29
CA SER N 10 52.89 14.56 -31.05
C SER N 10 52.30 15.88 -30.57
N VAL N 11 52.28 16.04 -29.25
CA VAL N 11 52.03 17.30 -28.56
C VAL N 11 53.22 17.57 -27.65
N LEU N 12 53.64 18.83 -27.56
CA LEU N 12 54.77 19.23 -26.76
C LEU N 12 54.32 20.10 -25.59
N GLY N 13 55.19 20.19 -24.58
CA GLY N 13 54.95 21.01 -23.42
C GLY N 13 56.23 21.34 -22.69
N VAL N 14 56.35 22.57 -22.18
CA VAL N 14 57.52 22.97 -21.40
C VAL N 14 57.13 24.16 -20.53
N LYS N 15 57.62 24.15 -19.31
CA LYS N 15 57.39 25.22 -18.36
C LYS N 15 58.35 26.38 -18.60
N PHE N 16 58.00 27.53 -18.02
CA PHE N 16 58.91 28.66 -17.97
C PHE N 16 58.58 29.47 -16.72
N GLU N 17 59.29 30.58 -16.54
CA GLU N 17 59.08 31.44 -15.38
C GLU N 17 57.72 32.13 -15.51
N GLY N 18 56.73 31.58 -14.83
CA GLY N 18 55.42 32.20 -14.78
C GLY N 18 54.45 31.73 -15.84
N GLY N 19 54.55 30.47 -16.23
CA GLY N 19 53.60 29.93 -17.17
C GLY N 19 54.06 28.63 -17.78
N VAL N 20 53.26 28.16 -18.75
CA VAL N 20 53.50 26.94 -19.49
C VAL N 20 53.13 27.21 -20.95
N VAL N 21 53.73 26.46 -21.87
CA VAL N 21 53.40 26.58 -23.29
C VAL N 21 53.25 25.17 -23.87
N ILE N 22 52.25 25.01 -24.74
CA ILE N 22 51.93 23.76 -25.41
C ILE N 22 51.85 24.04 -26.91
N ALA N 23 52.27 23.07 -27.72
CA ALA N 23 52.22 23.17 -29.17
C ALA N 23 51.75 21.85 -29.77
N ALA N 24 51.05 21.95 -30.91
CA ALA N 24 50.52 20.79 -31.59
C ALA N 24 50.16 21.17 -33.01
N ASP N 25 50.34 20.22 -33.92
CA ASP N 25 49.99 20.44 -35.31
C ASP N 25 48.48 20.40 -35.52
N MET N 26 48.05 20.93 -36.66
CA MET N 26 46.64 21.10 -37.00
C MET N 26 46.16 20.04 -37.99
N LEU N 27 46.65 18.81 -37.87
CA LEU N 27 46.35 17.74 -38.81
C LEU N 27 45.69 16.57 -38.10
N GLY N 28 44.73 15.97 -38.79
CA GLY N 28 44.17 14.68 -38.40
C GLY N 28 44.32 13.70 -39.54
N SER N 29 45.18 12.70 -39.36
CA SER N 29 45.53 11.76 -40.42
C SER N 29 44.66 10.52 -40.36
N TYR N 30 44.18 10.09 -41.53
CA TYR N 30 43.37 8.88 -41.69
C TYR N 30 44.29 7.82 -42.29
N GLY N 31 44.99 7.10 -41.42
CA GLY N 31 46.06 6.22 -41.85
C GLY N 31 47.29 7.03 -42.23
N SER N 32 47.77 6.83 -43.45
CA SER N 32 48.88 7.62 -43.99
C SER N 32 48.38 8.80 -44.83
N LEU N 33 47.10 9.14 -44.76
CA LEU N 33 46.49 10.19 -45.57
C LEU N 33 46.26 11.42 -44.71
N ALA N 34 46.70 12.57 -45.20
CA ALA N 34 46.46 13.86 -44.55
C ALA N 34 45.11 14.38 -45.01
N ARG N 35 44.07 14.06 -44.24
CA ARG N 35 42.69 14.25 -44.68
C ARG N 35 42.07 15.53 -44.16
N PHE N 36 42.32 15.90 -42.90
CA PHE N 36 41.78 17.12 -42.30
C PHE N 36 42.95 17.93 -41.78
N ARG N 37 43.07 19.18 -42.26
CA ARG N 37 44.30 19.94 -42.16
C ARG N 37 44.15 21.27 -41.44
N ASN N 38 42.98 21.57 -40.87
CA ASN N 38 42.80 22.78 -40.06
C ASN N 38 41.97 22.48 -38.82
N ILE N 39 42.21 21.32 -38.21
CA ILE N 39 41.57 20.95 -36.95
C ILE N 39 42.46 21.42 -35.81
N SER N 40 41.83 21.87 -34.72
CA SER N 40 42.55 22.31 -33.53
C SER N 40 42.49 21.21 -32.50
N ARG N 41 43.67 20.74 -32.07
CA ARG N 41 43.78 19.72 -31.05
C ARG N 41 44.17 20.29 -29.70
N ILE N 42 44.20 21.61 -29.55
CA ILE N 42 44.41 22.28 -28.28
C ILE N 42 43.07 22.79 -27.80
N MET N 43 42.84 22.72 -26.50
CA MET N 43 41.54 23.01 -25.88
C MET N 43 41.66 24.19 -24.95
N ARG N 44 40.63 25.05 -24.96
CA ARG N 44 40.56 26.22 -24.10
C ARG N 44 39.73 25.85 -22.87
N VAL N 45 40.39 25.18 -21.92
CA VAL N 45 39.82 24.92 -20.60
C VAL N 45 39.95 26.24 -19.85
N ASN N 46 39.37 26.32 -18.65
CA ASN N 46 39.30 27.55 -17.86
C ASN N 46 40.64 28.26 -17.76
N ASN N 47 40.61 29.55 -17.40
CA ASN N 47 41.75 30.46 -17.56
C ASN N 47 43.01 30.01 -16.83
N SER N 48 42.93 28.98 -15.97
CA SER N 48 44.10 28.41 -15.32
C SER N 48 44.58 27.11 -15.95
N THR N 49 43.95 26.63 -17.02
CA THR N 49 44.27 25.31 -17.55
C THR N 49 44.01 25.27 -19.05
N MET N 50 44.81 24.45 -19.74
CA MET N 50 44.60 24.13 -21.15
C MET N 50 44.98 22.67 -21.35
N LEU N 51 44.65 22.14 -22.53
CA LEU N 51 44.78 20.72 -22.81
C LEU N 51 45.06 20.49 -24.29
N GLY N 52 45.99 19.58 -24.56
CA GLY N 52 46.21 19.10 -25.92
C GLY N 52 46.34 17.60 -25.92
N ALA N 53 45.93 16.99 -27.03
CA ALA N 53 45.81 15.54 -27.12
C ALA N 53 46.34 15.02 -28.44
N SER N 54 46.94 13.84 -28.38
CA SER N 54 47.31 13.05 -29.54
C SER N 54 46.50 11.76 -29.56
N GLY N 55 46.22 11.27 -30.76
CA GLY N 55 45.46 10.05 -30.94
C GLY N 55 44.10 10.27 -31.56
N ASP N 56 43.15 9.39 -31.26
CA ASP N 56 41.83 9.44 -31.88
C ASP N 56 41.13 10.77 -31.58
N TYR N 57 40.76 11.48 -32.64
CA TYR N 57 40.19 12.81 -32.50
C TYR N 57 38.76 12.77 -31.96
N ALA N 58 38.01 11.70 -32.25
CA ALA N 58 36.65 11.59 -31.74
C ALA N 58 36.62 11.49 -30.22
N ASP N 59 37.53 10.70 -29.64
CA ASP N 59 37.63 10.63 -28.19
C ASP N 59 38.05 11.96 -27.59
N PHE N 60 38.94 12.69 -28.28
CA PHE N 60 39.28 14.03 -27.83
C PHE N 60 38.09 14.95 -27.85
N GLN N 61 37.21 14.84 -28.85
CA GLN N 61 35.98 15.61 -28.86
C GLN N 61 35.05 15.21 -27.72
N TYR N 62 34.98 13.91 -27.41
CA TYR N 62 34.18 13.47 -26.27
C TYR N 62 34.68 14.12 -24.98
N LEU N 63 35.99 14.12 -24.77
CA LEU N 63 36.53 14.74 -23.56
C LEU N 63 36.34 16.25 -23.57
N LYS N 64 36.49 16.86 -24.74
CA LYS N 64 36.19 18.28 -24.93
C LYS N 64 34.76 18.60 -24.53
N GLN N 65 33.84 17.70 -24.83
CA GLN N 65 32.42 17.89 -24.51
C GLN N 65 32.15 17.70 -23.03
N VAL N 66 32.79 16.71 -22.40
CA VAL N 66 32.53 16.43 -21.00
C VAL N 66 33.17 17.48 -20.09
N LEU N 67 34.44 17.80 -20.32
CA LEU N 67 35.14 18.79 -19.51
C LEU N 67 34.48 20.17 -19.63
N GLY N 68 34.01 20.51 -20.83
CA GLY N 68 33.30 21.76 -21.00
C GLY N 68 32.10 21.88 -20.09
N GLN N 69 31.29 20.83 -20.02
CA GLN N 69 30.12 20.87 -19.15
C GLN N 69 30.49 20.85 -17.68
N MET N 70 31.54 20.12 -17.32
CA MET N 70 32.07 20.18 -15.96
C MET N 70 32.42 21.62 -15.57
N VAL N 71 33.19 22.30 -16.42
CA VAL N 71 33.63 23.65 -16.12
C VAL N 71 32.44 24.61 -16.08
N ILE N 72 31.48 24.43 -16.99
CA ILE N 72 30.27 25.25 -16.98
C ILE N 72 29.53 25.08 -15.65
N ASP N 73 29.24 23.84 -15.27
CA ASP N 73 28.55 23.57 -14.02
C ASP N 73 29.30 24.09 -12.82
N GLU N 74 30.63 24.11 -12.88
CA GLU N 74 31.41 24.75 -11.81
C GLU N 74 31.17 26.25 -11.79
N GLU N 75 31.15 26.88 -12.97
CA GLU N 75 30.92 28.32 -13.06
C GLU N 75 29.52 28.73 -12.61
N LEU N 76 28.52 27.87 -12.79
CA LEU N 76 27.15 28.27 -12.49
C LEU N 76 26.89 28.43 -11.01
N LEU N 77 27.71 27.82 -10.16
CA LEU N 77 27.44 27.87 -8.72
C LEU N 77 27.82 29.23 -8.14
N GLY N 78 28.88 29.84 -8.66
CA GLY N 78 29.29 31.16 -8.22
C GLY N 78 29.64 31.21 -6.75
N ASP N 79 30.72 30.52 -6.35
CA ASP N 79 31.09 30.43 -4.94
C ASP N 79 32.59 30.57 -4.71
N GLY N 80 33.37 30.92 -5.72
CA GLY N 80 34.78 31.15 -5.53
C GLY N 80 35.64 29.92 -5.54
N HIS N 81 35.20 28.87 -6.24
CA HIS N 81 35.95 27.62 -6.35
C HIS N 81 36.03 27.23 -7.82
N SER N 82 37.19 26.74 -8.22
CA SER N 82 37.44 26.37 -9.60
C SER N 82 38.39 25.19 -9.62
N TYR N 83 38.28 24.38 -10.66
CA TYR N 83 39.11 23.18 -10.77
C TYR N 83 40.53 23.57 -11.14
N SER N 84 41.48 23.24 -10.27
CA SER N 84 42.88 23.47 -10.57
C SER N 84 43.33 22.54 -11.70
N PRO N 85 44.49 22.79 -12.29
CA PRO N 85 44.99 21.86 -13.32
C PRO N 85 45.25 20.47 -12.78
N ARG N 86 45.73 20.36 -11.55
CA ARG N 86 45.94 19.08 -10.90
C ARG N 86 44.65 18.28 -10.76
N ALA N 87 43.52 18.96 -10.52
CA ALA N 87 42.23 18.30 -10.46
C ALA N 87 41.82 17.73 -11.81
N ILE N 88 42.00 18.49 -12.89
CA ILE N 88 41.72 17.99 -14.22
C ILE N 88 42.62 16.79 -14.53
N HIS N 89 43.88 16.87 -14.14
CA HIS N 89 44.83 15.78 -14.31
C HIS N 89 44.37 14.51 -13.62
N SER N 90 44.00 14.62 -12.34
CA SER N 90 43.51 13.46 -11.60
C SER N 90 42.22 12.91 -12.21
N TRP N 91 41.30 13.79 -12.59
CA TRP N 91 40.04 13.34 -13.17
C TRP N 91 40.27 12.59 -14.48
N LEU N 92 41.20 13.06 -15.31
CA LEU N 92 41.48 12.36 -16.56
C LEU N 92 42.17 11.03 -16.31
N THR N 93 43.09 10.98 -15.34
CA THR N 93 43.72 9.70 -15.00
C THR N 93 42.67 8.69 -14.57
N ARG N 94 41.73 9.09 -13.72
CA ARG N 94 40.62 8.21 -13.35
C ARG N 94 39.77 7.81 -14.54
N ALA N 95 39.38 8.77 -15.38
CA ALA N 95 38.52 8.51 -16.52
C ALA N 95 39.12 7.53 -17.50
N MET N 96 40.44 7.57 -17.68
CA MET N 96 41.10 6.65 -18.59
C MET N 96 41.43 5.31 -17.96
N TYR N 97 41.78 5.28 -16.67
CA TYR N 97 41.94 4.00 -16.00
C TYR N 97 40.63 3.21 -15.96
N SER N 98 39.51 3.89 -15.72
CA SER N 98 38.23 3.20 -15.64
C SER N 98 37.82 2.62 -16.98
N ARG N 99 38.18 3.29 -18.08
CA ARG N 99 37.88 2.77 -19.41
C ARG N 99 38.83 1.64 -19.77
N ARG N 100 40.10 1.77 -19.40
CA ARG N 100 41.05 0.67 -19.52
C ARG N 100 40.55 -0.59 -18.81
N SER N 101 39.98 -0.43 -17.61
CA SER N 101 39.54 -1.58 -16.83
C SER N 101 38.29 -2.24 -17.39
N LYS N 102 37.57 -1.58 -18.29
CA LYS N 102 36.45 -2.18 -19.02
C LYS N 102 36.85 -2.64 -20.42
N MET N 103 38.10 -2.44 -20.82
CA MET N 103 38.58 -2.81 -22.15
C MET N 103 37.83 -2.06 -23.25
N ASN N 104 37.33 -0.87 -22.95
CA ASN N 104 36.78 0.08 -23.92
C ASN N 104 37.56 1.38 -23.77
N PRO N 105 38.85 1.37 -24.08
CA PRO N 105 39.71 2.51 -23.73
C PRO N 105 39.38 3.76 -24.51
N LEU N 106 40.03 4.85 -24.09
CA LEU N 106 40.04 6.11 -24.81
C LEU N 106 41.41 6.25 -25.45
N TRP N 107 41.46 6.16 -26.78
CA TRP N 107 42.72 6.05 -27.50
C TRP N 107 43.35 7.42 -27.66
N ASN N 108 43.77 7.99 -26.52
CA ASN N 108 44.36 9.31 -26.47
C ASN N 108 45.59 9.31 -25.57
N THR N 109 46.46 10.29 -25.82
CA THR N 109 47.58 10.59 -24.94
C THR N 109 47.73 12.11 -24.98
N MET N 110 47.63 12.76 -23.82
CA MET N 110 47.39 14.18 -23.75
C MET N 110 48.34 14.87 -22.80
N VAL N 111 48.38 16.20 -22.91
CA VAL N 111 49.29 17.07 -22.20
C VAL N 111 48.46 18.19 -21.58
N ILE N 112 48.51 18.30 -20.26
CA ILE N 112 47.76 19.29 -19.50
C ILE N 112 48.72 20.36 -19.03
N GLY N 113 48.38 21.62 -19.30
CA GLY N 113 49.16 22.74 -18.82
C GLY N 113 48.28 23.67 -18.01
N GLY N 114 48.89 24.34 -17.04
CA GLY N 114 48.14 25.23 -16.19
C GLY N 114 49.02 26.12 -15.36
N TYR N 115 48.37 27.07 -14.70
CA TYR N 115 49.04 28.02 -13.81
C TYR N 115 48.05 28.46 -12.75
N ALA N 116 48.38 28.18 -11.48
CA ALA N 116 47.53 28.57 -10.37
C ALA N 116 48.36 28.80 -9.13
N ASP N 117 48.09 29.90 -8.44
CA ASP N 117 48.71 30.21 -7.14
C ASP N 117 50.22 30.34 -7.26
N GLY N 118 50.72 30.80 -8.40
CA GLY N 118 52.11 31.14 -8.58
C GLY N 118 52.99 30.02 -9.12
N GLU N 119 52.56 28.76 -9.00
CA GLU N 119 53.31 27.62 -9.51
C GLU N 119 52.73 27.12 -10.82
N SER N 120 53.60 26.57 -11.65
CA SER N 120 53.22 26.03 -12.95
C SER N 120 52.93 24.54 -12.84
N PHE N 121 52.17 24.02 -13.80
CA PHE N 121 51.79 22.62 -13.83
C PHE N 121 51.90 22.10 -15.26
N LEU N 122 52.51 20.94 -15.41
CA LEU N 122 52.55 20.24 -16.68
C LEU N 122 52.41 18.76 -16.41
N GLY N 123 51.43 18.14 -17.07
CA GLY N 123 51.01 16.79 -16.73
C GLY N 123 50.80 15.93 -17.95
N TYR N 124 50.81 14.63 -17.71
CA TYR N 124 50.73 13.61 -18.74
C TYR N 124 49.71 12.57 -18.31
N VAL N 125 48.93 12.06 -19.26
CA VAL N 125 48.05 10.93 -19.01
C VAL N 125 48.01 10.10 -20.30
N ASP N 126 48.06 8.78 -20.14
CA ASP N 126 48.05 7.84 -21.25
C ASP N 126 46.72 7.10 -21.30
N MET N 127 46.57 6.26 -22.33
CA MET N 127 45.38 5.43 -22.52
C MET N 127 45.09 4.55 -21.31
N LEU N 128 46.13 4.16 -20.59
CA LEU N 128 46.05 3.15 -19.55
C LEU N 128 45.90 3.72 -18.15
N GLY N 129 46.07 5.03 -17.98
CA GLY N 129 46.08 5.65 -16.68
C GLY N 129 47.45 5.90 -16.10
N VAL N 130 48.49 5.86 -16.92
CA VAL N 130 49.84 6.21 -16.50
C VAL N 130 49.97 7.72 -16.57
N ALA N 131 50.27 8.34 -15.44
CA ALA N 131 50.35 9.79 -15.34
C ALA N 131 51.56 10.18 -14.50
N TYR N 132 52.15 11.32 -14.82
CA TYR N 132 53.30 11.84 -14.10
C TYR N 132 53.38 13.35 -14.32
N GLU N 133 54.42 13.97 -13.78
CA GLU N 133 54.63 15.40 -13.86
C GLU N 133 56.09 15.66 -14.19
N ALA N 134 56.33 16.56 -15.13
CA ALA N 134 57.68 16.91 -15.55
C ALA N 134 57.71 18.35 -16.00
N PRO N 135 58.89 18.97 -16.08
CA PRO N 135 59.01 20.28 -16.72
C PRO N 135 59.07 20.25 -18.24
N SER N 136 58.87 19.08 -18.85
CA SER N 136 59.01 18.93 -20.29
C SER N 136 58.32 17.64 -20.70
N LEU N 137 57.46 17.71 -21.70
CA LEU N 137 56.73 16.56 -22.20
C LEU N 137 56.79 16.49 -23.71
N ALA N 138 56.55 15.29 -24.24
CA ALA N 138 56.42 15.09 -25.66
C ALA N 138 55.79 13.72 -25.90
N THR N 139 54.68 13.69 -26.63
CA THR N 139 53.94 12.46 -26.90
C THR N 139 54.30 11.92 -28.28
N GLY N 140 54.21 10.61 -28.43
CA GLY N 140 54.47 10.00 -29.72
C GLY N 140 55.95 10.00 -30.05
N TYR N 141 56.25 10.29 -31.32
CA TYR N 141 57.64 10.39 -31.75
C TYR N 141 58.35 11.62 -31.20
N GLY N 142 57.59 12.56 -30.62
CA GLY N 142 58.21 13.62 -29.85
C GLY N 142 59.12 13.09 -28.75
N ALA N 143 58.72 12.00 -28.11
CA ALA N 143 59.52 11.43 -27.03
C ALA N 143 60.89 10.98 -27.50
N TYR N 144 61.03 10.58 -28.77
CA TYR N 144 62.34 10.24 -29.31
C TYR N 144 63.05 11.48 -29.86
N LEU N 145 62.34 12.37 -30.56
CA LEU N 145 62.99 13.43 -31.32
C LEU N 145 63.20 14.72 -30.54
N ALA N 146 62.17 15.21 -29.86
CA ALA N 146 62.17 16.55 -29.27
C ALA N 146 62.68 16.56 -27.83
N GLN N 147 62.16 15.66 -27.00
CA GLN N 147 62.44 15.59 -25.56
C GLN N 147 63.94 15.59 -25.26
N PRO N 148 64.79 14.94 -26.07
CA PRO N 148 66.24 15.13 -25.89
C PRO N 148 66.69 16.59 -25.97
N LEU N 149 66.02 17.42 -26.77
CA LEU N 149 66.40 18.82 -26.88
C LEU N 149 65.91 19.61 -25.67
N LEU N 150 64.70 19.30 -25.19
CA LEU N 150 64.16 20.00 -24.03
C LEU N 150 64.97 19.69 -22.79
N ARG N 151 65.25 18.40 -22.57
CA ARG N 151 65.98 17.98 -21.37
C ARG N 151 67.39 18.57 -21.34
N GLU N 152 68.10 18.52 -22.47
CA GLU N 152 69.46 19.04 -22.51
C GLU N 152 69.54 20.51 -22.11
N VAL N 153 68.52 21.29 -22.46
CA VAL N 153 68.47 22.68 -22.01
C VAL N 153 68.08 22.77 -20.54
N LEU N 154 67.16 21.92 -20.08
CA LEU N 154 66.70 22.02 -18.70
C LEU N 154 67.64 21.39 -17.67
N GLU N 155 68.75 20.80 -18.10
CA GLU N 155 69.84 20.43 -17.19
C GLU N 155 70.93 21.48 -17.12
N LYS N 156 71.09 22.31 -18.15
CA LYS N 156 72.01 23.42 -18.12
C LYS N 156 71.36 24.73 -17.70
N GLN N 157 70.02 24.78 -17.65
CA GLN N 157 69.29 25.99 -17.28
C GLN N 157 67.89 25.57 -16.87
N PRO N 158 67.69 25.08 -15.64
CA PRO N 158 66.36 24.53 -15.28
C PRO N 158 65.24 25.54 -15.33
N VAL N 159 65.53 26.83 -15.22
CA VAL N 159 64.51 27.88 -15.21
C VAL N 159 64.61 28.65 -16.52
N LEU N 160 63.50 28.73 -17.25
CA LEU N 160 63.44 29.33 -18.56
C LEU N 160 62.54 30.56 -18.54
N SER N 161 62.65 31.36 -19.60
CA SER N 161 61.75 32.46 -19.88
C SER N 161 60.75 32.06 -20.95
N GLN N 162 59.71 32.87 -21.08
CA GLN N 162 58.71 32.65 -22.14
C GLN N 162 59.35 32.65 -23.52
N THR N 163 60.30 33.55 -23.76
CA THR N 163 60.92 33.68 -25.07
C THR N 163 61.78 32.46 -25.41
N GLU N 164 62.66 32.05 -24.49
CA GLU N 164 63.49 30.88 -24.72
C GLU N 164 62.65 29.63 -24.89
N ALA N 165 61.59 29.49 -24.07
CA ALA N 165 60.71 28.34 -24.20
C ALA N 165 60.02 28.31 -25.55
N ARG N 166 59.56 29.46 -26.03
CA ARG N 166 58.94 29.51 -27.35
C ARG N 166 59.94 29.14 -28.45
N ASP N 167 61.16 29.67 -28.39
CA ASP N 167 62.19 29.32 -29.36
C ASP N 167 62.45 27.82 -29.36
N LEU N 168 62.58 27.23 -28.17
CA LEU N 168 62.84 25.80 -28.05
C LEU N 168 61.71 24.98 -28.63
N VAL N 169 60.46 25.37 -28.34
CA VAL N 169 59.29 24.70 -28.90
C VAL N 169 59.33 24.74 -30.43
N GLU N 170 59.57 25.92 -31.00
CA GLU N 170 59.58 26.02 -32.46
C GLU N 170 60.72 25.20 -33.08
N ARG N 171 61.87 25.13 -32.41
CA ARG N 171 62.95 24.26 -32.90
C ARG N 171 62.51 22.80 -32.90
N CYS N 172 61.87 22.37 -31.82
CA CYS N 172 61.39 20.99 -31.74
C CYS N 172 60.37 20.67 -32.82
N MET N 173 59.46 21.62 -33.11
CA MET N 173 58.50 21.40 -34.19
C MET N 173 59.18 21.38 -35.56
N ARG N 174 60.21 22.21 -35.74
CA ARG N 174 61.00 22.14 -36.96
C ARG N 174 61.61 20.76 -37.16
N VAL N 175 62.12 20.15 -36.09
CA VAL N 175 62.66 18.80 -36.20
C VAL N 175 61.57 17.77 -36.48
N LEU N 176 60.40 17.91 -35.83
CA LEU N 176 59.32 16.96 -36.05
C LEU N 176 58.78 17.01 -37.47
N TYR N 177 58.70 18.20 -38.07
CA TYR N 177 58.30 18.27 -39.47
C TYR N 177 59.30 17.60 -40.39
N TYR N 178 60.58 17.59 -40.02
CA TYR N 178 61.59 16.92 -40.82
C TYR N 178 61.47 15.41 -40.74
N ARG N 179 61.47 14.86 -39.52
CA ARG N 179 61.68 13.43 -39.33
C ARG N 179 60.44 12.63 -38.98
N ASP N 180 59.29 13.27 -38.77
CA ASP N 180 58.02 12.56 -38.62
C ASP N 180 57.25 12.66 -39.94
N ALA N 181 56.59 11.57 -40.29
CA ALA N 181 55.89 11.46 -41.57
C ALA N 181 54.43 11.85 -41.50
N ARG N 182 53.83 11.79 -40.31
CA ARG N 182 52.44 12.19 -40.10
C ARG N 182 52.32 13.61 -39.58
N SER N 183 53.26 14.48 -39.94
CA SER N 183 53.33 15.84 -39.46
C SER N 183 52.83 16.81 -40.54
N TYR N 184 52.85 18.10 -40.21
CA TYR N 184 52.29 19.15 -41.04
C TYR N 184 52.88 20.48 -40.58
N ASN N 185 53.23 21.34 -41.54
CA ASN N 185 53.86 22.62 -41.21
C ASN N 185 52.82 23.72 -41.00
N ARG N 186 51.80 23.42 -40.19
CA ARG N 186 50.89 24.44 -39.68
C ARG N 186 50.44 23.97 -38.31
N PHE N 187 50.80 24.72 -37.28
CA PHE N 187 50.58 24.30 -35.90
C PHE N 187 50.11 25.48 -35.07
N GLN N 188 49.65 25.16 -33.87
CA GLN N 188 49.18 26.13 -32.89
C GLN N 188 50.10 26.12 -31.67
N ILE N 189 50.12 27.26 -30.98
CA ILE N 189 50.77 27.37 -29.68
C ILE N 189 49.77 28.00 -28.72
N ALA N 190 49.72 27.46 -27.50
CA ALA N 190 48.89 27.99 -26.44
C ALA N 190 49.76 28.22 -25.20
N THR N 191 49.43 29.25 -24.44
CA THR N 191 50.24 29.68 -23.32
C THR N 191 49.34 30.07 -22.16
N VAL N 192 49.82 29.84 -20.94
CA VAL N 192 49.14 30.25 -19.71
C VAL N 192 50.05 31.18 -18.94
N THR N 193 49.47 32.28 -18.46
CA THR N 193 50.10 33.16 -17.49
C THR N 193 49.01 33.61 -16.53
N GLU N 194 49.30 34.62 -15.73
CA GLU N 194 48.24 35.26 -14.95
C GLU N 194 47.18 35.87 -15.86
N LYS N 195 47.56 36.28 -17.08
CA LYS N 195 46.59 36.79 -18.03
C LYS N 195 45.60 35.72 -18.47
N GLY N 196 46.00 34.45 -18.43
CA GLY N 196 45.14 33.33 -18.79
C GLY N 196 45.58 32.59 -20.03
N VAL N 197 44.65 31.90 -20.69
CA VAL N 197 44.96 31.03 -21.81
C VAL N 197 44.87 31.85 -23.10
N GLU N 198 45.99 31.93 -23.82
CA GLU N 198 46.10 32.69 -25.06
C GLU N 198 46.62 31.75 -26.14
N ILE N 199 45.75 31.42 -27.10
CA ILE N 199 46.09 30.53 -28.20
C ILE N 199 46.52 31.36 -29.39
N GLU N 200 47.54 30.90 -30.09
CA GLU N 200 48.03 31.53 -31.31
C GLU N 200 47.54 30.76 -32.53
N GLY N 201 47.55 31.45 -33.67
CA GLY N 201 46.92 30.96 -34.86
C GLY N 201 47.78 29.95 -35.61
N PRO N 202 47.47 29.71 -36.89
CA PRO N 202 48.29 28.76 -37.66
C PRO N 202 49.70 29.29 -37.92
N LEU N 203 50.68 28.62 -37.34
CA LEU N 203 52.08 29.02 -37.41
C LEU N 203 52.86 27.99 -38.23
N SER N 204 53.85 28.48 -38.98
CA SER N 204 54.66 27.64 -39.84
C SER N 204 56.13 27.83 -39.52
N THR N 205 56.90 26.77 -39.73
CA THR N 205 58.35 26.79 -39.59
C THR N 205 59.00 26.89 -40.96
N GLU N 206 60.07 27.68 -41.04
CA GLU N 206 60.88 27.78 -42.25
C GLU N 206 61.89 26.65 -42.25
N THR N 207 61.98 25.93 -43.37
CA THR N 207 62.77 24.72 -43.48
C THR N 207 63.91 24.94 -44.47
N ASN N 208 65.04 24.29 -44.20
CA ASN N 208 66.24 24.40 -45.02
C ASN N 208 66.46 23.07 -45.74
N TRP N 209 66.76 23.16 -47.03
CA TRP N 209 66.97 21.99 -47.88
C TRP N 209 68.26 22.14 -48.66
N ASP N 210 69.34 22.52 -47.99
CA ASP N 210 70.64 22.65 -48.63
C ASP N 210 71.35 21.32 -48.79
N ILE N 211 71.05 20.33 -47.95
CA ILE N 211 71.66 19.02 -48.06
C ILE N 211 71.22 18.25 -49.29
N ALA N 212 70.21 18.74 -50.02
CA ALA N 212 69.76 18.05 -51.22
C ALA N 212 70.76 18.16 -52.37
N HIS N 213 71.68 19.13 -52.32
CA HIS N 213 72.68 19.33 -53.36
C HIS N 213 74.00 18.64 -53.04
N MET N 214 73.96 17.51 -52.32
CA MET N 214 75.14 16.78 -51.90
C MET N 214 75.17 15.37 -52.47
N ILE N 215 74.83 15.23 -53.76
CA ILE N 215 74.93 13.93 -54.41
C ILE N 215 76.38 13.53 -54.56
N SER N 216 77.17 14.36 -55.24
CA SER N 216 78.62 14.19 -55.31
C SER N 216 79.34 14.81 -54.12
N GLY N 217 78.65 15.57 -53.29
CA GLY N 217 79.27 16.23 -52.14
C GLY N 217 79.31 15.36 -50.91
N LYS O 1 6.00 33.23 42.77
CA LYS O 1 5.69 33.32 41.34
C LYS O 1 4.70 32.20 40.97
N ARG O 2 4.77 31.70 39.73
CA ARG O 2 3.73 30.77 39.26
C ARG O 2 4.05 29.34 39.68
N ALA O 3 5.29 28.89 39.44
CA ALA O 3 5.71 27.58 39.94
C ALA O 3 5.58 27.50 41.45
N ALA O 4 5.82 28.61 42.15
CA ALA O 4 5.59 28.65 43.59
C ALA O 4 4.13 28.33 43.91
N LEU O 5 3.19 28.91 43.15
CA LEU O 5 1.78 28.63 43.39
C LEU O 5 1.46 27.17 43.11
N ILE O 6 1.96 26.63 42.00
CA ILE O 6 1.68 25.25 41.64
C ILE O 6 2.18 24.29 42.72
N GLN O 7 3.42 24.50 43.19
CA GLN O 7 3.99 23.57 44.16
C GLN O 7 3.37 23.76 45.54
N ASN O 8 3.10 25.01 45.95
CA ASN O 8 2.37 25.26 47.18
C ASN O 8 0.97 24.68 47.16
N LEU O 9 0.39 24.49 45.98
CA LEU O 9 -0.93 23.88 45.83
C LEU O 9 -0.86 22.36 45.78
N ARG O 10 0.22 21.79 45.23
CA ARG O 10 0.34 20.35 45.12
C ARG O 10 0.87 19.70 46.39
N ASP O 11 1.76 20.38 47.12
CA ASP O 11 2.24 19.83 48.38
C ASP O 11 1.18 19.85 49.47
N SER O 12 0.14 20.68 49.31
CA SER O 12 -0.96 20.68 50.27
C SER O 12 -1.87 19.47 50.09
N TYR O 13 -1.96 18.94 48.86
CA TYR O 13 -2.79 17.78 48.54
C TYR O 13 -1.91 16.74 47.87
N THR O 14 -1.50 15.73 48.63
CA THR O 14 -0.52 14.74 48.22
C THR O 14 -1.17 13.37 48.08
N GLU O 15 -0.38 12.42 47.62
CA GLU O 15 -0.85 11.04 47.48
C GLU O 15 -1.20 10.43 48.83
N THR O 16 -0.55 10.86 49.92
CA THR O 16 -0.89 10.38 51.23
C THR O 16 -2.28 10.83 51.65
N SER O 17 -2.67 12.05 51.27
CA SER O 17 -4.00 12.57 51.59
C SER O 17 -5.11 11.76 50.93
N SER O 18 -4.79 10.99 49.88
CA SER O 18 -5.76 10.10 49.24
C SER O 18 -5.65 8.67 49.72
N PHE O 19 -4.43 8.19 49.99
CA PHE O 19 -4.28 6.86 50.55
C PHE O 19 -4.88 6.76 51.95
N ALA O 20 -4.85 7.85 52.73
CA ALA O 20 -5.51 7.83 54.03
C ALA O 20 -7.02 7.68 53.88
N VAL O 21 -7.60 8.39 52.91
CA VAL O 21 -9.03 8.23 52.61
C VAL O 21 -9.34 6.78 52.23
N ILE O 22 -8.50 6.20 51.37
CA ILE O 22 -8.71 4.82 50.93
C ILE O 22 -8.63 3.87 52.12
N GLU O 23 -7.65 4.09 53.01
CA GLU O 23 -7.52 3.26 54.20
C GLU O 23 -8.77 3.33 55.06
N GLU O 24 -9.23 4.56 55.37
CA GLU O 24 -10.40 4.71 56.22
C GLU O 24 -11.63 4.08 55.58
N TRP O 25 -11.76 4.22 54.25
CA TRP O 25 -12.89 3.60 53.55
C TRP O 25 -12.83 2.09 53.67
N ALA O 26 -11.67 1.50 53.40
CA ALA O 26 -11.53 0.05 53.51
C ALA O 26 -11.74 -0.45 54.93
N ALA O 27 -11.48 0.38 55.94
CA ALA O 27 -11.50 -0.06 57.33
C ALA O 27 -12.84 0.15 58.01
N GLY O 28 -13.33 1.39 58.10
CA GLY O 28 -14.45 1.72 58.96
C GLY O 28 -15.74 2.12 58.25
N THR O 29 -15.60 2.80 57.12
CA THR O 29 -16.76 3.28 56.38
C THR O 29 -17.65 2.12 55.94
N LEU O 30 -17.05 1.02 55.50
CA LEU O 30 -17.84 -0.12 55.05
C LEU O 30 -18.56 -0.79 56.22
N GLN O 31 -17.94 -0.87 57.39
CA GLN O 31 -18.63 -1.43 58.55
C GLN O 31 -19.77 -0.53 58.99
N GLU O 32 -19.61 0.80 58.87
CA GLU O 32 -20.72 1.70 59.16
C GLU O 32 -21.86 1.51 58.15
N ILE O 33 -21.51 1.33 56.88
CA ILE O 33 -22.50 1.05 55.85
C ILE O 33 -23.26 -0.23 56.17
N GLU O 34 -22.55 -1.24 56.67
CA GLU O 34 -23.21 -2.49 57.07
C GLU O 34 -24.12 -2.28 58.28
N GLY O 35 -23.66 -1.52 59.28
CA GLY O 35 -24.47 -1.30 60.46
C GLY O 35 -25.72 -0.50 60.20
N ILE O 36 -25.71 0.39 59.21
CA ILE O 36 -26.92 1.14 58.88
C ILE O 36 -27.93 0.23 58.20
N ALA O 37 -27.47 -0.63 57.29
CA ALA O 37 -28.38 -1.59 56.66
C ALA O 37 -28.97 -2.55 57.70
N LYS O 38 -28.17 -2.97 58.67
CA LYS O 38 -28.66 -3.81 59.74
C LYS O 38 -29.81 -3.15 60.48
N ALA O 39 -29.61 -1.90 60.92
CA ALA O 39 -30.64 -1.21 61.70
C ALA O 39 -31.86 -0.90 60.85
N ALA O 40 -31.66 -0.62 59.56
CA ALA O 40 -32.80 -0.41 58.67
C ALA O 40 -33.62 -1.67 58.50
N ALA O 41 -32.97 -2.84 58.40
CA ALA O 41 -33.70 -4.10 58.35
C ALA O 41 -34.45 -4.36 59.66
N GLU O 42 -33.81 -4.05 60.80
CA GLU O 42 -34.49 -4.19 62.09
C GLU O 42 -35.76 -3.33 62.14
N ALA O 43 -35.64 -2.06 61.78
CA ALA O 43 -36.80 -1.17 61.83
C ALA O 43 -37.86 -1.58 60.83
N HIS O 44 -37.45 -2.09 59.66
CA HIS O 44 -38.40 -2.58 58.68
C HIS O 44 -39.19 -3.76 59.22
N GLY O 45 -38.49 -4.73 59.81
CA GLY O 45 -39.18 -5.85 60.46
C GLY O 45 -40.08 -5.40 61.59
N VAL O 46 -39.71 -4.32 62.28
CA VAL O 46 -40.56 -3.79 63.35
C VAL O 46 -41.84 -3.22 62.77
N ILE O 47 -41.72 -2.42 61.71
CA ILE O 47 -42.90 -1.76 61.14
C ILE O 47 -43.84 -2.76 60.49
N ARG O 48 -43.30 -3.79 59.82
CA ARG O 48 -44.16 -4.81 59.21
C ARG O 48 -45.04 -5.50 60.24
N ASN O 49 -44.45 -5.92 61.36
CA ASN O 49 -45.16 -6.69 62.38
C ASN O 49 -45.88 -5.76 63.37
N SER O 50 -46.72 -4.88 62.83
CA SER O 50 -47.47 -3.95 63.66
C SER O 50 -48.62 -3.38 62.84
N THR O 51 -49.67 -2.93 63.54
CA THR O 51 -50.84 -2.33 62.92
C THR O 51 -50.97 -0.90 63.40
N TYR O 52 -51.39 -0.02 62.48
CA TYR O 52 -51.41 1.42 62.72
C TYR O 52 -52.82 1.91 63.01
N GLY O 53 -52.89 3.04 63.70
CA GLY O 53 -54.14 3.72 63.98
C GLY O 53 -53.95 5.22 63.96
N ARG O 54 -54.82 5.96 64.65
CA ARG O 54 -54.70 7.40 64.70
C ARG O 54 -53.47 7.82 65.51
N ALA O 55 -53.13 7.04 66.55
CA ALA O 55 -52.06 7.43 67.45
C ALA O 55 -50.71 7.49 66.76
N GLN O 56 -50.52 6.75 65.67
CA GLN O 56 -49.26 6.83 64.93
C GLN O 56 -49.13 8.16 64.20
N ALA O 57 -50.25 8.75 63.77
CA ALA O 57 -50.20 10.03 63.07
C ALA O 57 -49.93 11.21 63.98
N GLU O 58 -49.95 11.01 65.31
CA GLU O 58 -49.76 12.09 66.27
C GLU O 58 -48.31 12.22 66.74
N LYS O 59 -47.42 11.31 66.34
CA LYS O 59 -46.01 11.43 66.68
C LYS O 59 -45.22 10.48 65.80
N SER O 60 -43.94 10.88 65.48
CA SER O 60 -43.12 10.09 64.59
C SER O 60 -42.26 9.11 65.40
N PRO O 61 -41.74 8.04 64.80
CA PRO O 61 -40.89 7.12 65.57
C PRO O 61 -39.50 7.70 65.77
N GLU O 62 -38.94 7.44 66.96
CA GLU O 62 -37.54 7.75 67.21
C GLU O 62 -36.59 6.77 66.53
N GLN O 63 -37.10 5.68 65.96
CA GLN O 63 -36.24 4.63 65.43
C GLN O 63 -35.78 4.95 64.01
N LEU O 64 -36.66 5.55 63.19
CA LEU O 64 -36.35 5.75 61.78
C LEU O 64 -35.57 7.03 61.55
N LEU O 65 -35.88 8.07 62.33
CA LEU O 65 -35.14 9.32 62.19
C LEU O 65 -33.67 9.13 62.51
N GLY O 66 -33.35 8.24 63.43
CA GLY O 66 -31.97 7.93 63.76
C GLY O 66 -31.24 7.29 62.59
N VAL O 67 -31.87 6.30 61.98
CA VAL O 67 -31.29 5.63 60.81
C VAL O 67 -31.07 6.62 59.69
N LEU O 68 -32.06 7.47 59.42
CA LEU O 68 -31.94 8.42 58.33
C LEU O 68 -30.87 9.47 58.61
N GLN O 69 -30.79 9.96 59.85
CA GLN O 69 -29.75 10.91 60.22
C GLN O 69 -28.37 10.29 60.11
N ARG O 70 -28.26 9.01 60.46
CA ARG O 70 -26.96 8.32 60.37
C ARG O 70 -26.55 8.14 58.92
N TYR O 71 -27.50 7.78 58.03
CA TYR O 71 -27.22 7.73 56.61
C TYR O 71 -26.79 9.09 56.06
N GLN O 72 -27.45 10.15 56.51
CA GLN O 72 -27.07 11.51 56.11
C GLN O 72 -25.64 11.84 56.54
N ASP O 73 -25.30 11.56 57.80
CA ASP O 73 -23.94 11.81 58.29
C ASP O 73 -22.91 10.95 57.58
N LEU O 74 -23.27 9.73 57.18
CA LEU O 74 -22.40 8.92 56.35
C LEU O 74 -22.13 9.60 55.02
N CYS O 75 -23.19 9.96 54.30
CA CYS O 75 -23.04 10.48 52.95
C CYS O 75 -22.29 11.80 52.94
N HIS O 76 -22.47 12.63 53.97
CA HIS O 76 -21.69 13.87 54.06
C HIS O 76 -20.19 13.58 54.09
N ASN O 77 -19.76 12.66 54.95
CA ASN O 77 -18.34 12.34 55.06
C ASN O 77 -17.83 11.68 53.79
N VAL O 78 -18.63 10.83 53.15
CA VAL O 78 -18.18 10.18 51.92
C VAL O 78 -18.00 11.22 50.81
N TYR O 79 -18.90 12.20 50.71
CA TYR O 79 -18.74 13.27 49.73
C TYR O 79 -17.48 14.08 50.01
N CYS O 80 -17.30 14.51 51.26
CA CYS O 80 -16.15 15.34 51.60
C CYS O 80 -14.83 14.58 51.47
N GLN O 81 -14.86 13.26 51.57
CA GLN O 81 -13.65 12.47 51.36
C GLN O 81 -13.37 12.26 49.88
N ALA O 82 -14.41 11.99 49.08
CA ALA O 82 -14.23 11.85 47.64
C ALA O 82 -13.66 13.11 47.03
N GLU O 83 -14.10 14.28 47.51
CA GLU O 83 -13.59 15.52 46.92
C GLU O 83 -12.11 15.74 47.19
N THR O 84 -11.55 15.13 48.22
CA THR O 84 -10.11 15.20 48.44
C THR O 84 -9.34 14.49 47.34
N ILE O 85 -9.75 13.27 47.00
CA ILE O 85 -9.16 12.54 45.88
C ILE O 85 -9.35 13.32 44.60
N ARG O 86 -10.56 13.87 44.41
CA ARG O 86 -10.85 14.68 43.23
C ARG O 86 -9.85 15.82 43.09
N THR O 87 -9.60 16.55 44.18
CA THR O 87 -8.64 17.65 44.14
C THR O 87 -7.24 17.15 43.85
N VAL O 88 -6.81 16.06 44.51
CA VAL O 88 -5.46 15.53 44.32
C VAL O 88 -5.22 15.20 42.86
N ILE O 89 -6.21 14.60 42.20
CA ILE O 89 -6.03 14.26 40.79
C ILE O 89 -6.16 15.51 39.91
N ALA O 90 -7.07 16.42 40.25
CA ALA O 90 -7.37 17.55 39.37
C ALA O 90 -6.28 18.62 39.39
N ILE O 91 -5.46 18.69 40.44
CA ILE O 91 -4.37 19.67 40.46
C ILE O 91 -3.10 19.09 39.85
N ARG O 92 -3.22 17.95 39.15
CA ARG O 92 -2.09 17.31 38.49
C ARG O 92 -2.38 16.97 37.03
N ILE O 93 -3.46 17.51 36.47
CA ILE O 93 -3.73 17.37 35.03
C ILE O 93 -2.62 18.14 34.31
N PRO O 94 -1.88 17.54 33.39
CA PRO O 94 -0.78 18.28 32.75
C PRO O 94 -1.30 19.17 31.62
N GLU O 95 -0.39 19.93 31.03
CA GLU O 95 -0.77 20.88 29.99
C GLU O 95 -1.35 20.17 28.78
N HIS O 96 -2.34 20.80 28.16
CA HIS O 96 -3.08 20.19 27.08
C HIS O 96 -2.18 19.89 25.88
N LYS O 97 -2.37 18.72 25.29
CA LYS O 97 -1.65 18.32 24.09
C LYS O 97 -2.54 17.41 23.26
N GLU O 98 -2.21 17.28 21.98
CA GLU O 98 -2.88 16.35 21.10
C GLU O 98 -2.26 14.96 21.12
N ALA O 99 -1.31 14.70 22.02
CA ALA O 99 -0.64 13.42 22.09
C ALA O 99 -0.10 13.23 23.51
N ASP O 100 0.31 11.99 23.80
CA ASP O 100 0.91 11.66 25.09
C ASP O 100 -0.11 11.81 26.22
N ASN O 101 -1.32 11.28 26.01
CA ASN O 101 -2.44 11.45 26.92
C ASN O 101 -3.01 10.10 27.37
N LEU O 102 -2.11 9.17 27.70
CA LEU O 102 -2.55 7.85 28.17
C LEU O 102 -2.72 7.81 29.68
N GLY O 103 -2.07 8.71 30.41
CA GLY O 103 -2.29 8.85 31.84
C GLY O 103 -3.40 9.84 32.13
N VAL O 104 -3.58 10.80 31.23
CA VAL O 104 -4.70 11.72 31.33
C VAL O 104 -6.01 10.94 31.19
N ALA O 105 -6.02 9.90 30.37
CA ALA O 105 -7.17 9.02 30.28
C ALA O 105 -7.45 8.30 31.59
N VAL O 106 -6.42 7.86 32.30
CA VAL O 106 -6.62 7.24 33.61
C VAL O 106 -7.20 8.24 34.59
N GLN O 107 -6.65 9.46 34.60
CA GLN O 107 -7.19 10.51 35.45
C GLN O 107 -8.67 10.74 35.19
N HIS O 108 -9.03 10.95 33.92
CA HIS O 108 -10.43 11.19 33.57
C HIS O 108 -11.30 9.96 33.73
N ALA O 109 -10.72 8.76 33.83
CA ALA O 109 -11.47 7.55 34.09
C ALA O 109 -11.80 7.37 35.56
N VAL O 110 -10.85 7.65 36.45
CA VAL O 110 -11.13 7.57 37.88
C VAL O 110 -11.97 8.74 38.35
N LEU O 111 -11.81 9.93 37.78
CA LEU O 111 -12.69 11.03 38.11
C LEU O 111 -14.13 10.76 37.69
N LYS O 112 -14.35 9.93 36.66
CA LYS O 112 -15.71 9.55 36.30
C LYS O 112 -16.33 8.62 37.33
N ILE O 113 -15.54 7.71 37.92
CA ILE O 113 -16.07 6.88 38.99
C ILE O 113 -16.38 7.74 40.21
N ILE O 114 -15.52 8.71 40.52
CA ILE O 114 -15.77 9.58 41.66
C ILE O 114 -17.01 10.44 41.40
N ASP O 115 -17.22 10.83 40.15
CA ASP O 115 -18.42 11.59 39.79
C ASP O 115 -19.68 10.74 39.88
N GLU O 116 -19.58 9.47 39.47
CA GLU O 116 -20.68 8.53 39.64
C GLU O 116 -21.00 8.29 41.09
N LEU O 117 -19.99 8.36 41.96
CA LEU O 117 -20.25 8.21 43.40
C LEU O 117 -20.88 9.47 43.98
N GLU O 118 -20.15 10.59 43.98
CA GLU O 118 -20.47 11.67 44.90
C GLU O 118 -21.67 12.50 44.46
N ILE O 119 -21.66 13.03 43.22
CA ILE O 119 -22.72 13.93 42.81
C ILE O 119 -24.06 13.20 42.64
N LYS O 120 -24.03 11.91 42.37
CA LYS O 120 -25.22 11.18 41.91
C LYS O 120 -25.66 10.09 42.87
N THR O 121 -24.76 9.21 43.31
CA THR O 121 -25.19 8.07 44.11
C THR O 121 -25.45 8.45 45.57
N LEU O 122 -24.93 9.60 46.01
CA LEU O 122 -25.29 10.18 47.31
C LEU O 122 -26.48 11.12 47.22
N GLY O 123 -27.04 11.34 46.04
CA GLY O 123 -28.15 12.26 45.87
C GLY O 123 -27.83 13.68 46.26
N SER O 124 -26.56 14.07 46.24
CA SER O 124 -26.16 15.44 46.55
C SER O 124 -26.48 16.38 45.39
N PRO O 136 -31.40 5.19 44.51
CA PRO O 136 -32.57 4.88 45.32
C PRO O 136 -32.97 6.03 46.25
N ILE O 137 -32.01 6.55 47.01
CA ILE O 137 -32.24 7.67 47.91
C ILE O 137 -30.89 8.26 48.26
N GLY O 138 -30.87 9.51 48.71
CA GLY O 138 -29.64 10.22 49.01
C GLY O 138 -29.63 10.76 50.43
N MET O 139 -28.76 11.74 50.65
CA MET O 139 -28.57 12.28 51.99
C MET O 139 -29.79 13.05 52.46
N TYR O 140 -30.43 13.79 51.56
CA TYR O 140 -31.62 14.58 51.91
C TYR O 140 -32.88 13.75 51.82
N ALA O 141 -32.86 12.60 52.49
CA ALA O 141 -34.00 11.69 52.53
C ALA O 141 -34.87 11.90 53.76
N LEU O 142 -34.31 12.47 54.83
CA LEU O 142 -35.08 12.69 56.04
C LEU O 142 -36.18 13.73 55.81
N ARG O 143 -35.86 14.80 55.09
CA ARG O 143 -36.87 15.78 54.72
C ARG O 143 -37.90 15.17 53.77
N GLU O 144 -37.45 14.31 52.85
CA GLU O 144 -38.33 13.65 51.91
C GLU O 144 -39.30 12.71 52.63
N TYR O 145 -38.87 12.13 53.75
CA TYR O 145 -39.74 11.34 54.60
C TYR O 145 -40.73 12.19 55.37
N LEU O 146 -40.23 13.25 56.02
CA LEU O 146 -41.06 14.10 56.85
C LEU O 146 -42.13 14.85 56.07
N SER O 147 -41.84 15.33 54.87
CA SER O 147 -42.84 16.03 54.08
C SER O 147 -44.00 15.12 53.71
N ALA O 148 -43.70 13.90 53.26
CA ALA O 148 -44.76 12.96 52.91
C ALA O 148 -45.58 12.57 54.13
N ARG O 149 -44.90 12.26 55.24
CA ARG O 149 -45.64 11.85 56.43
C ARG O 149 -46.49 13.00 56.96
N SER O 150 -46.03 14.25 56.79
CA SER O 150 -46.85 15.39 57.17
C SER O 150 -48.07 15.53 56.27
N THR O 151 -47.89 15.33 54.96
CA THR O 151 -49.02 15.35 54.04
C THR O 151 -50.08 14.34 54.43
N VAL O 152 -49.66 13.15 54.86
CA VAL O 152 -50.63 12.13 55.26
C VAL O 152 -51.23 12.47 56.62
N GLU O 153 -50.41 12.98 57.55
CA GLU O 153 -50.87 13.27 58.89
C GLU O 153 -51.92 14.38 58.91
N ASP O 154 -51.71 15.45 58.14
CA ASP O 154 -52.68 16.54 58.15
C ASP O 154 -54.02 16.14 57.56
N LYS O 155 -54.04 15.14 56.68
CA LYS O 155 -55.30 14.60 56.18
C LYS O 155 -55.94 13.64 57.17
N LEU O 156 -55.12 12.87 57.91
CA LEU O 156 -55.68 11.93 58.87
C LEU O 156 -56.21 12.63 60.12
N LEU O 157 -55.60 13.75 60.50
CA LEU O 157 -55.97 14.47 61.70
C LEU O 157 -56.98 15.57 61.41
N GLY O 158 -56.63 16.50 60.53
CA GLY O 158 -57.52 17.58 60.17
C GLY O 158 -57.61 18.64 61.25
N GLY O 169 -61.02 17.93 58.89
CA GLY O 169 -61.80 16.74 59.17
C GLY O 169 -61.00 15.46 58.98
N GLY O 170 -61.00 14.62 60.01
CA GLY O 170 -60.29 13.35 59.96
C GLY O 170 -60.79 12.43 58.87
N SER O 171 -59.97 12.22 57.85
CA SER O 171 -60.35 11.35 56.75
C SER O 171 -60.49 9.91 57.23
N GLN O 172 -61.63 9.30 56.93
CA GLN O 172 -61.91 7.92 57.31
C GLN O 172 -61.49 6.92 56.24
N SER O 173 -60.57 7.30 55.36
CA SER O 173 -60.10 6.40 54.31
C SER O 173 -59.10 5.41 54.91
N PRO O 174 -59.26 4.10 54.75
CA PRO O 174 -58.29 3.18 55.37
C PRO O 174 -56.99 3.09 54.58
N SER O 175 -57.05 3.22 53.26
CA SER O 175 -55.84 3.15 52.44
C SER O 175 -54.87 4.27 52.79
N LEU O 176 -55.38 5.42 53.27
CA LEU O 176 -54.50 6.47 53.76
C LEU O 176 -53.72 6.02 54.99
N LEU O 177 -54.41 5.37 55.93
CA LEU O 177 -53.75 4.90 57.14
C LEU O 177 -52.76 3.78 56.83
N LEU O 178 -53.04 2.98 55.81
CA LEU O 178 -52.07 1.99 55.36
C LEU O 178 -50.90 2.64 54.63
N GLU O 179 -51.15 3.73 53.91
CA GLU O 179 -50.08 4.44 53.23
C GLU O 179 -49.12 5.08 54.22
N LEU O 180 -49.64 5.49 55.38
CA LEU O 180 -48.77 5.91 56.48
C LEU O 180 -47.76 4.81 56.83
N ARG O 181 -48.26 3.62 57.14
CA ARG O 181 -47.42 2.47 57.46
C ARG O 181 -46.46 2.13 56.32
N GLN O 182 -46.88 2.32 55.08
CA GLN O 182 -46.02 2.02 53.95
C GLN O 182 -44.94 3.06 53.75
N ILE O 183 -45.24 4.34 54.03
CA ILE O 183 -44.20 5.36 54.02
C ILE O 183 -43.16 5.05 55.09
N ASP O 184 -43.60 4.60 56.27
CA ASP O 184 -42.66 4.34 57.34
C ASP O 184 -41.75 3.14 57.06
N ALA O 185 -42.11 2.28 56.09
CA ALA O 185 -41.32 1.09 55.77
C ALA O 185 -40.51 1.22 54.49
N ASP O 186 -41.07 1.88 53.48
CA ASP O 186 -40.39 1.99 52.19
C ASP O 186 -39.10 2.78 52.33
N PHE O 187 -39.04 3.73 53.25
CA PHE O 187 -37.81 4.50 53.43
C PHE O 187 -36.72 3.68 54.10
N MET O 188 -37.07 2.83 55.06
CA MET O 188 -36.10 1.89 55.61
C MET O 188 -35.58 0.96 54.52
N LEU O 189 -36.48 0.46 53.68
CA LEU O 189 -36.09 -0.35 52.54
C LEU O 189 -35.12 0.41 51.63
N LYS O 190 -35.43 1.68 51.36
CA LYS O 190 -34.58 2.52 50.51
C LYS O 190 -33.18 2.66 51.09
N VAL O 191 -33.08 2.94 52.38
CA VAL O 191 -31.77 3.04 53.02
C VAL O 191 -31.03 1.71 52.94
N GLU O 192 -31.75 0.60 53.16
CA GLU O 192 -31.12 -0.72 53.10
C GLU O 192 -30.54 -1.01 51.72
N LEU O 193 -31.24 -0.61 50.66
CA LEU O 193 -30.72 -0.80 49.31
C LEU O 193 -29.57 0.14 49.00
N ALA O 194 -29.71 1.41 49.39
CA ALA O 194 -28.70 2.41 49.08
C ALA O 194 -27.38 2.09 49.76
N THR O 195 -27.44 1.51 50.96
CA THR O 195 -26.21 1.14 51.65
C THR O 195 -25.45 0.05 50.90
N THR O 196 -26.17 -0.95 50.39
CA THR O 196 -25.54 -1.99 49.59
C THR O 196 -24.90 -1.40 48.34
N HIS O 197 -25.66 -0.59 47.60
CA HIS O 197 -25.12 0.03 46.38
C HIS O 197 -23.90 0.88 46.68
N LEU O 198 -23.94 1.63 47.78
CA LEU O 198 -22.82 2.49 48.15
C LEU O 198 -21.59 1.69 48.54
N SER O 199 -21.78 0.58 49.25
CA SER O 199 -20.65 -0.30 49.55
C SER O 199 -20.01 -0.83 48.28
N THR O 200 -20.84 -1.26 47.31
CA THR O 200 -20.32 -1.69 46.02
C THR O 200 -19.48 -0.60 45.36
N MET O 201 -20.01 0.62 45.31
CA MET O 201 -19.29 1.70 44.62
C MET O 201 -17.99 2.07 45.34
N VAL O 202 -17.99 2.06 46.66
CA VAL O 202 -16.76 2.37 47.40
C VAL O 202 -15.71 1.28 47.16
N ARG O 203 -16.12 0.01 47.21
CA ARG O 203 -15.20 -1.08 46.89
C ARG O 203 -14.66 -0.99 45.48
N ALA O 204 -15.45 -0.45 44.54
CA ALA O 204 -14.94 -0.21 43.19
C ALA O 204 -13.89 0.90 43.17
N VAL O 205 -14.17 2.01 43.86
CA VAL O 205 -13.24 3.15 43.85
C VAL O 205 -11.91 2.77 44.49
N ILE O 206 -11.94 1.92 45.52
CA ILE O 206 -10.69 1.50 46.17
C ILE O 206 -9.77 0.82 45.16
N ASN O 207 -10.28 -0.17 44.44
CA ASN O 207 -9.50 -0.83 43.40
C ASN O 207 -9.05 0.15 42.33
N ALA O 208 -9.96 1.02 41.88
CA ALA O 208 -9.62 1.96 40.81
C ALA O 208 -8.49 2.88 41.21
N TYR O 209 -8.40 3.26 42.49
CA TYR O 209 -7.27 4.07 42.94
C TYR O 209 -6.01 3.24 43.09
N LEU O 210 -6.12 2.08 43.73
CA LEU O 210 -4.92 1.32 44.08
C LEU O 210 -4.24 0.71 42.88
N LEU O 211 -4.96 0.51 41.76
CA LEU O 211 -4.34 -0.03 40.56
C LEU O 211 -3.79 1.05 39.62
N ASN O 212 -4.01 2.33 39.91
CA ASN O 212 -3.71 3.41 38.97
C ASN O 212 -3.07 4.64 39.61
N TRP O 213 -2.78 4.60 40.91
CA TRP O 213 -2.26 5.76 41.62
C TRP O 213 -0.93 6.27 41.06
N LYS O 214 -0.20 5.47 40.28
CA LYS O 214 1.09 5.95 39.77
C LYS O 214 0.92 6.90 38.59
N LYS O 215 0.00 6.62 37.68
CA LYS O 215 -0.30 7.55 36.60
C LYS O 215 -1.34 8.59 37.01
N LEU O 216 -2.05 8.39 38.12
CA LEU O 216 -2.87 9.46 38.65
C LEU O 216 -2.04 10.63 39.20
N ILE O 217 -0.75 10.40 39.49
CA ILE O 217 0.11 11.42 40.08
C ILE O 217 1.07 11.96 39.01
N GLN O 218 1.91 11.08 38.46
CA GLN O 218 2.85 11.42 37.39
C GLN O 218 2.38 10.76 36.10
N PRO O 219 1.48 11.38 35.33
CA PRO O 219 0.97 10.73 34.12
C PRO O 219 1.91 10.79 32.93
N ARG O 220 2.96 11.60 32.96
CA ARG O 220 3.86 11.78 31.83
C ARG O 220 5.30 11.64 32.29
N THR O 221 6.09 10.91 31.51
CA THR O 221 7.50 10.65 31.82
C THR O 221 8.29 10.78 30.54
N GLY O 222 9.35 11.59 30.58
CA GLY O 222 10.05 12.01 29.38
C GLY O 222 11.53 11.69 29.37
N ASN O 223 11.92 10.51 29.87
CA ASN O 223 13.31 10.06 29.80
C ASN O 223 13.61 9.70 28.34
N LEU O 224 13.87 10.74 27.55
CA LEU O 224 13.95 10.62 26.09
C LEU O 224 15.39 10.35 25.69
N SER O 225 15.69 9.09 25.40
CA SER O 225 17.05 8.65 25.14
C SER O 225 17.42 8.69 23.66
N TYR O 226 16.44 8.78 22.75
CA TYR O 226 16.71 8.75 21.32
C TYR O 226 16.91 10.15 20.74
N TYR O 227 17.43 11.08 21.54
CA TYR O 227 17.79 12.42 21.11
C TYR O 227 19.19 12.76 21.59
N THR O 228 19.98 13.37 20.72
CA THR O 228 21.31 13.86 21.06
C THR O 228 21.37 15.37 20.91
N LYS P 1 -8.69 52.37 12.73
CA LYS P 1 -9.35 51.42 11.84
C LYS P 1 -9.63 50.12 12.60
N ARG P 2 -9.72 48.99 11.90
CA ARG P 2 -10.16 47.74 12.52
C ARG P 2 -9.14 47.24 13.54
N ALA P 3 -7.88 47.15 13.12
CA ALA P 3 -6.81 46.71 14.03
C ALA P 3 -6.70 47.61 15.25
N ALA P 4 -7.02 48.90 15.11
CA ALA P 4 -7.08 49.77 16.27
C ALA P 4 -8.14 49.31 17.26
N LEU P 5 -9.30 48.88 16.77
CA LEU P 5 -10.33 48.36 17.67
C LEU P 5 -9.88 47.07 18.34
N ILE P 6 -9.26 46.17 17.56
CA ILE P 6 -8.76 44.91 18.13
C ILE P 6 -7.75 45.20 19.24
N GLN P 7 -6.85 46.14 19.01
CA GLN P 7 -5.82 46.43 20.00
C GLN P 7 -6.38 47.18 21.20
N ASN P 8 -7.36 48.08 20.99
CA ASN P 8 -8.02 48.72 22.12
C ASN P 8 -8.72 47.69 23.00
N LEU P 9 -9.28 46.64 22.38
CA LEU P 9 -9.85 45.56 23.18
C LEU P 9 -8.77 44.79 23.93
N ARG P 10 -7.74 44.32 23.22
CA ARG P 10 -6.77 43.42 23.82
C ARG P 10 -5.83 44.12 24.79
N ASP P 11 -5.76 45.46 24.77
CA ASP P 11 -4.96 46.19 25.75
C ASP P 11 -5.71 46.43 27.06
N SER P 12 -7.03 46.32 27.07
CA SER P 12 -7.83 46.51 28.27
C SER P 12 -7.98 45.23 29.08
N TYR P 13 -7.79 44.07 28.46
CA TYR P 13 -7.93 42.77 29.13
C TYR P 13 -6.69 41.96 28.74
N THR P 14 -5.75 41.86 29.66
CA THR P 14 -4.43 41.30 29.40
C THR P 14 -4.17 40.10 30.30
N GLU P 15 -3.02 39.46 30.07
CA GLU P 15 -2.58 38.37 30.93
C GLU P 15 -2.40 38.83 32.36
N THR P 16 -2.04 40.10 32.56
CA THR P 16 -1.94 40.65 33.91
C THR P 16 -3.29 40.67 34.61
N SER P 17 -4.34 41.08 33.89
CA SER P 17 -5.68 41.16 34.46
C SER P 17 -6.17 39.80 34.96
N SER P 18 -5.72 38.71 34.33
CA SER P 18 -6.13 37.36 34.69
C SER P 18 -5.21 36.74 35.73
N PHE P 19 -3.91 37.03 35.65
CA PHE P 19 -2.99 36.55 36.66
C PHE P 19 -3.29 37.16 38.02
N ALA P 20 -3.75 38.41 38.04
CA ALA P 20 -4.22 39.00 39.29
C ALA P 20 -5.35 38.20 39.91
N VAL P 21 -6.32 37.78 39.09
CA VAL P 21 -7.44 36.99 39.57
C VAL P 21 -6.97 35.63 40.08
N ILE P 22 -6.05 34.99 39.36
CA ILE P 22 -5.54 33.70 39.78
C ILE P 22 -4.82 33.83 41.13
N GLU P 23 -4.00 34.89 41.29
CA GLU P 23 -3.30 35.10 42.54
C GLU P 23 -4.27 35.34 43.69
N GLU P 24 -5.30 36.17 43.46
CA GLU P 24 -6.29 36.41 44.50
C GLU P 24 -7.03 35.13 44.88
N TRP P 25 -7.35 34.30 43.89
CA TRP P 25 -8.00 33.02 44.16
C TRP P 25 -7.12 32.14 45.03
N ALA P 26 -5.86 31.99 44.66
CA ALA P 26 -4.93 31.18 45.43
C ALA P 26 -4.59 31.79 46.80
N ALA P 27 -4.88 33.08 47.01
CA ALA P 27 -4.53 33.76 48.25
C ALA P 27 -5.66 33.80 49.25
N GLY P 28 -6.80 34.41 48.91
CA GLY P 28 -7.83 34.73 49.90
C GLY P 28 -9.17 34.05 49.69
N THR P 29 -9.51 33.78 48.43
CA THR P 29 -10.80 33.17 48.11
C THR P 29 -10.93 31.79 48.73
N LEU P 30 -9.86 30.99 48.68
CA LEU P 30 -9.91 29.65 49.24
C LEU P 30 -10.10 29.69 50.75
N GLN P 31 -9.42 30.61 51.43
CA GLN P 31 -9.62 30.76 52.86
C GLN P 31 -11.04 31.20 53.19
N GLU P 32 -11.64 32.08 52.39
CA GLU P 32 -13.03 32.44 52.64
C GLU P 32 -13.96 31.25 52.44
N ILE P 33 -13.72 30.45 51.39
CA ILE P 33 -14.51 29.24 51.16
C ILE P 33 -14.41 28.31 52.36
N GLU P 34 -13.20 28.07 52.86
CA GLU P 34 -13.01 27.20 54.02
C GLU P 34 -13.71 27.77 55.25
N GLY P 35 -13.64 29.09 55.45
CA GLY P 35 -14.33 29.69 56.58
C GLY P 35 -15.83 29.49 56.54
N ILE P 36 -16.41 29.64 55.34
CA ILE P 36 -17.85 29.36 55.21
C ILE P 36 -18.12 27.90 55.50
N ALA P 37 -17.24 27.00 55.06
CA ALA P 37 -17.43 25.58 55.33
C ALA P 37 -17.37 25.29 56.82
N LYS P 38 -16.55 26.04 57.56
CA LYS P 38 -16.52 25.90 59.02
C LYS P 38 -17.82 26.38 59.63
N ALA P 39 -18.25 27.60 59.29
CA ALA P 39 -19.43 28.20 59.90
C ALA P 39 -20.70 27.41 59.62
N ALA P 40 -20.83 26.87 58.41
CA ALA P 40 -22.00 26.05 58.08
C ALA P 40 -22.07 24.81 58.95
N ALA P 41 -20.94 24.14 59.16
CA ALA P 41 -20.93 22.96 60.01
C ALA P 41 -21.20 23.32 61.47
N GLU P 42 -20.69 24.47 61.92
CA GLU P 42 -21.03 24.96 63.26
C GLU P 42 -22.54 25.11 63.42
N ALA P 43 -23.18 25.82 62.48
CA ALA P 43 -24.62 26.01 62.56
C ALA P 43 -25.37 24.69 62.47
N HIS P 44 -24.88 23.75 61.65
CA HIS P 44 -25.53 22.45 61.56
C HIS P 44 -25.47 21.70 62.89
N GLY P 45 -24.29 21.66 63.50
CA GLY P 45 -24.17 21.05 64.81
C GLY P 45 -25.02 21.71 65.86
N VAL P 46 -25.17 23.04 65.77
CA VAL P 46 -26.07 23.76 66.69
C VAL P 46 -27.51 23.27 66.50
N ILE P 47 -28.01 23.33 65.26
CA ILE P 47 -29.41 23.01 65.01
C ILE P 47 -29.70 21.54 65.28
N ARG P 48 -28.69 20.67 65.18
CA ARG P 48 -28.89 19.28 65.56
C ARG P 48 -29.12 19.15 67.06
N ASN P 49 -28.50 20.03 67.85
CA ASN P 49 -28.70 20.08 69.30
C ASN P 49 -29.78 21.11 69.63
N SER P 50 -31.02 20.79 69.23
CA SER P 50 -32.14 21.70 69.39
C SER P 50 -33.40 20.90 69.67
N THR P 51 -34.49 21.64 69.91
CA THR P 51 -35.81 21.03 70.07
C THR P 51 -36.82 22.11 69.65
N TYR P 52 -37.35 21.98 68.46
CA TYR P 52 -38.15 23.03 67.85
C TYR P 52 -39.59 22.98 68.36
N GLY P 53 -40.22 24.15 68.33
CA GLY P 53 -41.59 24.31 68.76
C GLY P 53 -42.27 25.41 67.98
N ARG P 54 -43.43 25.88 68.45
CA ARG P 54 -44.09 26.99 67.79
C ARG P 54 -43.27 28.28 67.90
N ALA P 55 -42.42 28.39 68.93
CA ALA P 55 -41.64 29.61 69.11
C ALA P 55 -40.60 29.78 68.02
N GLN P 56 -40.06 28.69 67.50
CA GLN P 56 -39.05 28.74 66.44
C GLN P 56 -39.65 29.05 65.06
N ALA P 57 -40.96 29.27 64.96
CA ALA P 57 -41.58 29.65 63.70
C ALA P 57 -41.78 31.16 63.55
N GLU P 58 -41.91 31.89 64.66
CA GLU P 58 -42.08 33.34 64.62
C GLU P 58 -40.77 34.10 64.65
N LYS P 59 -39.64 33.44 64.38
CA LYS P 59 -38.34 34.11 64.42
C LYS P 59 -37.40 33.37 63.49
N SER P 60 -36.88 34.07 62.50
CA SER P 60 -35.90 33.49 61.59
C SER P 60 -34.52 33.50 62.24
N PRO P 61 -33.72 32.41 62.14
CA PRO P 61 -32.38 32.48 62.72
C PRO P 61 -31.42 33.30 61.89
N GLU P 62 -30.96 34.43 62.43
CA GLU P 62 -30.01 35.30 61.74
C GLU P 62 -28.69 34.59 61.45
N GLN P 63 -28.33 33.61 62.28
CA GLN P 63 -27.11 32.84 62.09
C GLN P 63 -27.08 32.15 60.73
N LEU P 64 -28.24 31.81 60.18
CA LEU P 64 -28.32 31.16 58.88
C LEU P 64 -28.28 32.16 57.74
N LEU P 65 -29.03 33.26 57.89
CA LEU P 65 -29.03 34.31 56.87
C LEU P 65 -27.64 34.89 56.69
N GLY P 66 -26.85 35.00 57.76
CA GLY P 66 -25.49 35.48 57.62
C GLY P 66 -24.66 34.59 56.71
N VAL P 67 -24.68 33.29 56.98
CA VAL P 67 -23.87 32.35 56.20
C VAL P 67 -24.34 32.32 54.75
N LEU P 68 -25.65 32.37 54.54
CA LEU P 68 -26.16 32.31 53.17
C LEU P 68 -25.83 33.58 52.39
N GLN P 69 -25.90 34.75 53.04
CA GLN P 69 -25.49 35.98 52.39
C GLN P 69 -24.00 35.98 52.08
N ARG P 70 -23.20 35.40 52.98
CA ARG P 70 -21.76 35.28 52.77
C ARG P 70 -21.45 34.41 51.56
N TYR P 71 -22.13 33.25 51.46
CA TYR P 71 -21.99 32.39 50.29
C TYR P 71 -22.44 33.10 49.01
N GLN P 72 -23.52 33.87 49.08
CA GLN P 72 -23.98 34.65 47.94
C GLN P 72 -22.92 35.62 47.45
N ASP P 73 -22.36 36.42 48.37
CA ASP P 73 -21.30 37.36 48.01
C ASP P 73 -20.10 36.64 47.41
N LEU P 74 -19.72 35.50 47.99
CA LEU P 74 -18.60 34.73 47.47
C LEU P 74 -18.86 34.30 46.03
N CYS P 75 -20.03 33.72 45.78
CA CYS P 75 -20.34 33.23 44.44
C CYS P 75 -20.35 34.37 43.43
N HIS P 76 -20.93 35.51 43.80
CA HIS P 76 -20.95 36.67 42.92
C HIS P 76 -19.54 37.13 42.58
N ASN P 77 -18.68 37.27 43.60
CA ASN P 77 -17.31 37.72 43.37
C ASN P 77 -16.49 36.72 42.56
N VAL P 78 -16.76 35.42 42.69
CA VAL P 78 -16.04 34.45 41.88
C VAL P 78 -16.49 34.49 40.43
N TYR P 79 -17.81 34.60 40.22
CA TYR P 79 -18.34 34.68 38.86
C TYR P 79 -17.80 35.89 38.11
N CYS P 80 -17.84 37.06 38.75
CA CYS P 80 -17.55 38.29 38.02
C CYS P 80 -16.10 38.37 37.58
N GLN P 81 -15.18 37.70 38.28
CA GLN P 81 -13.78 37.67 37.90
C GLN P 81 -13.38 36.37 37.18
N ALA P 82 -14.26 35.38 37.14
CA ALA P 82 -14.12 34.33 36.13
C ALA P 82 -14.44 34.87 34.74
N GLU P 83 -15.42 35.77 34.66
CA GLU P 83 -15.71 36.42 33.38
C GLU P 83 -14.52 37.23 32.87
N THR P 84 -13.67 37.73 33.77
CA THR P 84 -12.46 38.42 33.35
C THR P 84 -11.55 37.49 32.56
N ILE P 85 -11.26 36.31 33.09
CA ILE P 85 -10.43 35.34 32.39
C ILE P 85 -11.10 34.91 31.09
N ARG P 86 -12.42 34.76 31.12
CA ARG P 86 -13.15 34.39 29.92
C ARG P 86 -12.96 35.43 28.82
N THR P 87 -13.11 36.71 29.15
CA THR P 87 -12.92 37.76 28.15
C THR P 87 -11.48 37.79 27.65
N VAL P 88 -10.52 37.66 28.56
CA VAL P 88 -9.11 37.58 28.19
C VAL P 88 -8.89 36.52 27.13
N ILE P 89 -9.43 35.32 27.34
CA ILE P 89 -9.20 34.24 26.38
C ILE P 89 -10.03 34.46 25.11
N ALA P 90 -11.22 35.03 25.24
CA ALA P 90 -12.16 35.08 24.13
C ALA P 90 -11.87 36.20 23.15
N ILE P 91 -11.11 37.23 23.54
CA ILE P 91 -10.75 38.29 22.60
C ILE P 91 -9.43 37.96 21.91
N ARG P 92 -9.01 36.69 21.94
CA ARG P 92 -7.79 36.24 21.29
C ARG P 92 -7.96 34.95 20.49
N ILE P 93 -9.16 34.38 20.45
CA ILE P 93 -9.44 33.22 19.62
C ILE P 93 -9.15 33.61 18.17
N PRO P 94 -8.12 33.05 17.50
CA PRO P 94 -7.75 33.58 16.19
C PRO P 94 -8.73 33.21 15.09
N GLU P 95 -8.46 33.68 13.87
CA GLU P 95 -9.39 33.48 12.76
C GLU P 95 -9.57 32.00 12.47
N HIS P 96 -10.71 31.68 11.87
CA HIS P 96 -11.14 30.31 11.69
C HIS P 96 -10.37 29.63 10.57
N LYS P 97 -9.75 28.50 10.88
CA LYS P 97 -9.01 27.71 9.91
C LYS P 97 -9.18 26.24 10.23
N GLU P 98 -8.94 25.40 9.22
CA GLU P 98 -9.00 23.94 9.37
C GLU P 98 -7.64 23.34 9.71
N ALA P 99 -6.74 24.12 10.27
CA ALA P 99 -5.41 23.63 10.61
C ALA P 99 -4.73 24.66 11.51
N ASP P 100 -3.71 24.19 12.23
CA ASP P 100 -2.97 25.02 13.17
C ASP P 100 -3.86 25.46 14.34
N ASN P 101 -4.71 24.53 14.81
CA ASN P 101 -5.66 24.78 15.88
C ASN P 101 -5.29 24.04 17.16
N LEU P 102 -4.00 23.90 17.43
CA LEU P 102 -3.54 23.22 18.63
C LEU P 102 -3.55 24.11 19.86
N GLY P 103 -3.61 25.43 19.68
CA GLY P 103 -3.78 26.35 20.79
C GLY P 103 -5.22 26.76 20.97
N VAL P 104 -5.98 26.77 19.87
CA VAL P 104 -7.42 26.99 19.95
C VAL P 104 -8.06 25.88 20.78
N ALA P 105 -7.53 24.66 20.67
CA ALA P 105 -8.01 23.56 21.50
C ALA P 105 -7.76 23.82 22.98
N VAL P 106 -6.60 24.37 23.33
CA VAL P 106 -6.31 24.73 24.72
C VAL P 106 -7.28 25.81 25.19
N GLN P 107 -7.51 26.81 24.35
CA GLN P 107 -8.44 27.89 24.68
C GLN P 107 -9.81 27.33 25.01
N HIS P 108 -10.37 26.55 24.09
CA HIS P 108 -11.69 25.97 24.33
C HIS P 108 -11.69 25.04 25.54
N ALA P 109 -10.61 24.28 25.74
CA ALA P 109 -10.57 23.34 26.85
C ALA P 109 -10.59 24.06 28.20
N VAL P 110 -9.93 25.22 28.29
CA VAL P 110 -9.99 25.98 29.54
C VAL P 110 -11.33 26.70 29.69
N LEU P 111 -11.92 27.16 28.59
CA LEU P 111 -13.25 27.76 28.67
C LEU P 111 -14.32 26.77 29.07
N LYS P 112 -14.17 25.48 28.75
CA LYS P 112 -15.11 24.48 29.28
C LYS P 112 -15.03 24.41 30.81
N ILE P 113 -13.81 24.40 31.36
CA ILE P 113 -13.65 24.38 32.81
C ILE P 113 -14.24 25.64 33.42
N ILE P 114 -14.10 26.77 32.74
CA ILE P 114 -14.68 28.01 33.24
C ILE P 114 -16.21 27.95 33.18
N ASP P 115 -16.77 27.31 32.15
CA ASP P 115 -18.21 27.07 32.11
C ASP P 115 -18.68 26.24 33.29
N GLU P 116 -17.94 25.19 33.62
CA GLU P 116 -18.29 24.36 34.78
C GLU P 116 -18.27 25.19 36.06
N LEU P 117 -17.22 25.97 36.26
CA LEU P 117 -17.16 26.85 37.43
C LEU P 117 -18.33 27.83 37.46
N GLU P 118 -18.64 28.43 36.31
CA GLU P 118 -19.60 29.53 36.27
C GLU P 118 -21.04 29.03 36.44
N ILE P 119 -21.50 28.21 35.50
CA ILE P 119 -22.95 28.11 35.26
C ILE P 119 -23.68 27.13 36.15
N LYS P 120 -22.98 26.21 36.81
CA LYS P 120 -23.61 25.17 37.62
C LYS P 120 -23.16 25.20 39.07
N THR P 121 -21.87 25.43 39.32
CA THR P 121 -21.36 25.50 40.68
C THR P 121 -21.62 26.85 41.34
N LEU P 122 -22.32 27.76 40.67
CA LEU P 122 -22.72 29.04 41.25
C LEU P 122 -24.19 29.35 40.99
N GLY P 123 -24.95 28.41 40.45
CA GLY P 123 -26.39 28.59 40.28
C GLY P 123 -26.81 29.78 39.45
N SER P 124 -25.90 30.30 38.62
CA SER P 124 -26.20 31.48 37.81
C SER P 124 -27.31 31.20 36.81
N PRO P 136 -24.67 21.72 43.79
CA PRO P 136 -25.80 21.31 44.63
C PRO P 136 -26.76 22.48 44.88
N ILE P 137 -26.27 23.55 45.53
CA ILE P 137 -26.99 24.81 45.62
C ILE P 137 -25.97 25.90 45.30
N GLY P 138 -26.48 27.03 44.84
CA GLY P 138 -25.63 28.12 44.38
C GLY P 138 -25.96 29.48 44.96
N MET P 139 -25.94 30.48 44.09
CA MET P 139 -25.97 31.87 44.54
C MET P 139 -27.31 32.22 45.18
N TYR P 140 -28.40 31.80 44.55
CA TYR P 140 -29.74 32.12 45.04
C TYR P 140 -30.27 31.06 46.00
N ALA P 141 -29.47 30.77 47.03
CA ALA P 141 -29.85 29.79 48.05
C ALA P 141 -30.66 30.41 49.17
N LEU P 142 -30.49 31.70 49.44
CA LEU P 142 -31.22 32.36 50.52
C LEU P 142 -32.71 32.46 50.23
N ARG P 143 -33.07 32.81 48.99
CA ARG P 143 -34.48 32.83 48.60
C ARG P 143 -35.06 31.42 48.56
N GLU P 144 -34.26 30.45 48.10
CA GLU P 144 -34.66 29.05 48.11
C GLU P 144 -34.89 28.55 49.53
N TYR P 145 -34.17 29.11 50.51
CA TYR P 145 -34.37 28.74 51.91
C TYR P 145 -35.63 29.39 52.48
N LEU P 146 -35.77 30.70 52.28
CA LEU P 146 -36.86 31.43 52.90
C LEU P 146 -38.21 31.11 52.29
N SER P 147 -38.26 30.79 50.99
CA SER P 147 -39.53 30.38 50.39
C SER P 147 -40.08 29.12 51.07
N ALA P 148 -39.25 28.10 51.19
CA ALA P 148 -39.67 26.86 51.84
C ALA P 148 -40.03 27.10 53.30
N ARG P 149 -39.17 27.80 54.03
CA ARG P 149 -39.42 28.00 55.45
C ARG P 149 -40.70 28.80 55.68
N SER P 150 -40.98 29.77 54.80
CA SER P 150 -42.25 30.48 54.87
C SER P 150 -43.42 29.57 54.57
N THR P 151 -43.28 28.69 53.57
CA THR P 151 -44.36 27.77 53.24
C THR P 151 -44.68 26.86 54.42
N VAL P 152 -43.68 26.52 55.22
CA VAL P 152 -43.91 25.71 56.41
C VAL P 152 -44.46 26.54 57.58
N GLU P 153 -43.97 27.76 57.75
CA GLU P 153 -44.45 28.61 58.84
C GLU P 153 -45.92 28.98 58.67
N ASP P 154 -46.34 29.25 57.43
CA ASP P 154 -47.72 29.64 57.18
C ASP P 154 -48.71 28.58 57.62
N LYS P 155 -48.31 27.30 57.60
CA LYS P 155 -49.14 26.21 58.10
C LYS P 155 -48.92 25.93 59.58
N LEU P 156 -47.70 26.08 60.09
CA LEU P 156 -47.48 25.88 61.51
C LEU P 156 -48.17 26.93 62.37
N LEU P 157 -48.30 28.17 61.89
CA LEU P 157 -48.89 29.24 62.66
C LEU P 157 -50.41 29.36 62.46
N GLY P 158 -50.85 29.44 61.21
CA GLY P 158 -52.26 29.63 60.92
C GLY P 158 -52.76 31.00 61.34
N GLY P 169 -56.11 28.39 61.51
CA GLY P 169 -55.65 27.63 62.65
C GLY P 169 -54.39 26.86 62.37
N GLY P 170 -53.58 26.64 63.42
CA GLY P 170 -52.32 25.96 63.26
C GLY P 170 -52.47 24.49 62.92
N SER P 171 -51.37 23.91 62.46
CA SER P 171 -51.28 22.48 62.17
C SER P 171 -50.64 21.79 63.36
N GLN P 172 -51.13 20.60 63.69
CA GLN P 172 -50.64 19.82 64.81
C GLN P 172 -49.78 18.64 64.38
N SER P 173 -49.57 18.44 63.09
CA SER P 173 -48.67 17.42 62.60
C SER P 173 -47.25 17.70 63.09
N PRO P 174 -46.57 16.77 63.81
CA PRO P 174 -45.24 17.09 64.31
C PRO P 174 -44.15 16.89 63.27
N SER P 175 -44.44 16.08 62.24
CA SER P 175 -43.51 15.92 61.14
C SER P 175 -43.26 17.24 60.43
N LEU P 176 -44.27 18.12 60.40
CA LEU P 176 -44.08 19.49 59.94
C LEU P 176 -43.07 20.23 60.81
N LEU P 177 -43.22 20.13 62.13
CA LEU P 177 -42.35 20.83 63.05
C LEU P 177 -40.90 20.35 62.93
N LEU P 178 -40.72 19.05 62.68
CA LEU P 178 -39.38 18.54 62.44
C LEU P 178 -38.88 18.84 61.03
N GLU P 179 -39.79 19.03 60.07
CA GLU P 179 -39.38 19.48 58.75
C GLU P 179 -38.79 20.88 58.81
N LEU P 180 -39.29 21.71 59.72
CA LEU P 180 -38.65 23.02 59.94
C LEU P 180 -37.19 22.88 60.35
N ARG P 181 -36.95 22.12 61.43
CA ARG P 181 -35.61 21.76 61.87
C ARG P 181 -34.76 21.22 60.73
N GLN P 182 -35.32 20.31 59.93
CA GLN P 182 -34.56 19.66 58.89
C GLN P 182 -34.24 20.60 57.75
N ILE P 183 -35.12 21.54 57.42
CA ILE P 183 -34.79 22.56 56.43
C ILE P 183 -33.61 23.38 56.92
N ASP P 184 -33.69 23.86 58.16
CA ASP P 184 -32.63 24.71 58.71
C ASP P 184 -31.30 23.97 58.76
N ALA P 185 -31.32 22.67 58.99
CA ALA P 185 -30.08 21.88 59.01
C ALA P 185 -29.60 21.56 57.61
N ASP P 186 -30.53 21.19 56.71
CA ASP P 186 -30.15 20.77 55.38
C ASP P 186 -29.45 21.88 54.63
N PHE P 187 -29.98 23.11 54.70
CA PHE P 187 -29.35 24.19 53.93
C PHE P 187 -27.93 24.50 54.41
N MET P 188 -27.66 24.38 55.71
CA MET P 188 -26.29 24.51 56.16
C MET P 188 -25.43 23.39 55.60
N LEU P 189 -25.96 22.16 55.55
CA LEU P 189 -25.22 21.07 54.93
C LEU P 189 -24.98 21.34 53.43
N LYS P 190 -25.97 21.93 52.75
CA LYS P 190 -25.82 22.30 51.35
C LYS P 190 -24.63 23.23 51.16
N VAL P 191 -24.55 24.27 51.99
CA VAL P 191 -23.43 25.21 51.89
C VAL P 191 -22.12 24.52 52.22
N GLU P 192 -22.11 23.68 53.25
CA GLU P 192 -20.91 22.96 53.65
C GLU P 192 -20.34 22.11 52.51
N LEU P 193 -21.22 21.48 51.72
CA LEU P 193 -20.76 20.68 50.60
C LEU P 193 -20.42 21.50 49.37
N ALA P 194 -21.19 22.57 49.10
CA ALA P 194 -20.93 23.40 47.93
C ALA P 194 -19.60 24.11 48.04
N THR P 195 -19.24 24.57 49.24
CA THR P 195 -17.93 25.15 49.45
C THR P 195 -16.81 24.15 49.18
N THR P 196 -16.98 22.91 49.67
CA THR P 196 -16.01 21.86 49.43
C THR P 196 -15.82 21.62 47.93
N HIS P 197 -16.91 21.62 47.17
CA HIS P 197 -16.79 21.37 45.73
C HIS P 197 -16.18 22.57 45.01
N LEU P 198 -16.58 23.78 45.39
CA LEU P 198 -16.08 25.00 44.75
C LEU P 198 -14.58 25.17 44.97
N SER P 199 -14.07 24.75 46.14
CA SER P 199 -12.63 24.78 46.36
C SER P 199 -11.88 23.96 45.33
N THR P 200 -12.34 22.73 45.07
CA THR P 200 -11.73 21.89 44.06
C THR P 200 -11.84 22.52 42.68
N MET P 201 -13.01 23.04 42.34
CA MET P 201 -13.21 23.64 41.02
C MET P 201 -12.34 24.87 40.80
N VAL P 202 -11.96 25.58 41.86
CA VAL P 202 -11.07 26.72 41.72
C VAL P 202 -9.62 26.27 41.64
N ARG P 203 -9.23 25.31 42.50
CA ARG P 203 -7.89 24.76 42.47
C ARG P 203 -7.55 24.11 41.14
N ALA P 204 -8.55 23.61 40.41
CA ALA P 204 -8.31 23.10 39.07
C ALA P 204 -8.09 24.19 38.04
N VAL P 205 -8.85 25.29 38.12
CA VAL P 205 -8.69 26.38 37.18
C VAL P 205 -7.33 27.04 37.35
N ILE P 206 -6.83 27.12 38.59
CA ILE P 206 -5.53 27.74 38.83
C ILE P 206 -4.44 26.99 38.04
N ASN P 207 -4.40 25.67 38.21
CA ASN P 207 -3.42 24.86 37.49
C ASN P 207 -3.63 24.94 35.99
N ALA P 208 -4.88 24.85 35.54
CA ALA P 208 -5.16 24.86 34.11
C ALA P 208 -4.70 26.16 33.46
N TYR P 209 -4.80 27.28 34.19
CA TYR P 209 -4.29 28.54 33.68
C TYR P 209 -2.76 28.55 33.68
N LEU P 210 -2.16 28.19 34.82
CA LEU P 210 -0.72 28.37 34.97
C LEU P 210 0.06 27.45 34.02
N LEU P 211 -0.52 26.32 33.62
CA LEU P 211 0.17 25.41 32.71
C LEU P 211 -0.06 25.72 31.24
N ASN P 212 -0.94 26.67 30.89
CA ASN P 212 -1.35 26.86 29.51
C ASN P 212 -1.46 28.32 29.06
N TRP P 213 -1.16 29.29 29.93
CA TRP P 213 -1.34 30.69 29.55
C TRP P 213 -0.42 31.14 28.42
N LYS P 214 0.60 30.36 28.05
CA LYS P 214 1.34 30.66 26.83
C LYS P 214 0.52 30.45 25.57
N LYS P 215 -0.28 29.38 25.53
CA LYS P 215 -1.10 29.09 24.36
C LYS P 215 -2.48 29.73 24.43
N LEU P 216 -2.94 30.09 25.64
CA LEU P 216 -4.19 30.83 25.74
C LEU P 216 -4.07 32.25 25.20
N ILE P 217 -2.85 32.78 25.03
CA ILE P 217 -2.61 34.17 24.70
C ILE P 217 -2.11 34.32 23.26
N GLN P 218 -0.97 33.70 22.94
CA GLN P 218 -0.46 33.61 21.58
C GLN P 218 -0.56 32.16 21.11
N PRO P 219 -1.78 31.69 20.74
CA PRO P 219 -1.93 30.28 20.37
C PRO P 219 -1.13 29.90 19.14
N ARG P 220 -1.25 30.70 18.08
CA ARG P 220 -0.52 30.49 16.84
C ARG P 220 0.77 31.31 16.85
N THR P 221 1.81 30.75 16.26
CA THR P 221 3.13 31.38 16.20
C THR P 221 3.60 31.35 14.76
N GLY P 222 3.69 32.53 14.13
CA GLY P 222 4.20 32.60 12.77
C GLY P 222 5.70 32.74 12.74
N ASN P 223 6.39 31.60 12.58
CA ASN P 223 7.84 31.55 12.43
C ASN P 223 8.14 30.34 11.54
N LEU P 224 8.09 30.55 10.23
CA LEU P 224 8.18 29.49 9.24
C LEU P 224 9.41 29.79 8.37
N SER P 225 10.54 29.19 8.71
CA SER P 225 11.80 29.47 8.05
C SER P 225 11.97 28.74 6.73
N TYR P 226 11.06 27.82 6.37
CA TYR P 226 11.21 27.03 5.15
C TYR P 226 10.55 27.69 3.94
N TYR P 227 10.15 28.95 4.05
CA TYR P 227 9.81 29.78 2.91
C TYR P 227 10.99 30.68 2.56
N THR P 228 10.91 31.31 1.39
CA THR P 228 11.91 32.29 1.00
C THR P 228 11.74 33.58 1.79
N LYS Q 1 -35.58 40.08 -13.12
CA LYS Q 1 -34.76 38.89 -13.31
C LYS Q 1 -34.37 38.31 -11.95
N ARG Q 2 -33.97 37.03 -11.96
CA ARG Q 2 -33.58 36.36 -10.73
C ARG Q 2 -32.34 37.01 -10.12
N ALA Q 3 -31.33 37.25 -10.95
CA ALA Q 3 -30.08 37.81 -10.46
C ALA Q 3 -30.22 39.24 -9.94
N ALA Q 4 -31.25 39.96 -10.39
CA ALA Q 4 -31.51 41.29 -9.84
C ALA Q 4 -32.04 41.21 -8.42
N LEU Q 5 -32.87 40.21 -8.13
CA LEU Q 5 -33.33 40.00 -6.77
C LEU Q 5 -32.17 39.72 -5.82
N ILE Q 6 -31.09 39.13 -6.32
CA ILE Q 6 -29.93 38.87 -5.50
C ILE Q 6 -29.26 40.19 -5.10
N GLN Q 7 -28.91 41.01 -6.09
CA GLN Q 7 -28.14 42.21 -5.79
C GLN Q 7 -28.98 43.28 -5.10
N ASN Q 8 -30.29 43.31 -5.36
CA ASN Q 8 -31.13 44.24 -4.62
C ASN Q 8 -31.25 43.87 -3.15
N LEU Q 9 -30.97 42.61 -2.80
CA LEU Q 9 -30.83 42.22 -1.40
C LEU Q 9 -29.43 42.57 -0.89
N ARG Q 10 -28.40 42.15 -1.61
CA ARG Q 10 -27.03 42.26 -1.12
C ARG Q 10 -26.53 43.70 -1.09
N ASP Q 11 -27.20 44.62 -1.78
CA ASP Q 11 -26.78 46.02 -1.76
C ASP Q 11 -27.39 46.79 -0.59
N SER Q 12 -28.54 46.34 -0.08
CA SER Q 12 -29.15 46.99 1.07
C SER Q 12 -28.50 46.57 2.38
N TYR Q 13 -27.85 45.40 2.40
CA TYR Q 13 -27.18 44.87 3.59
C TYR Q 13 -25.73 44.56 3.20
N THR Q 14 -24.87 45.56 3.36
CA THR Q 14 -23.46 45.47 2.98
C THR Q 14 -22.59 45.34 4.22
N GLU Q 15 -21.29 45.15 3.99
CA GLU Q 15 -20.33 45.05 5.09
C GLU Q 15 -20.30 46.31 5.94
N THR Q 16 -20.60 47.46 5.33
CA THR Q 16 -20.64 48.71 6.10
C THR Q 16 -21.77 48.69 7.12
N SER Q 17 -22.91 48.10 6.77
CA SER Q 17 -24.06 48.08 7.65
C SER Q 17 -23.81 47.26 8.91
N SER Q 18 -22.87 46.33 8.86
CA SER Q 18 -22.49 45.53 10.03
C SER Q 18 -21.26 46.08 10.73
N PHE Q 19 -20.33 46.68 10.00
CA PHE Q 19 -19.21 47.33 10.63
C PHE Q 19 -19.64 48.55 11.45
N ALA Q 20 -20.72 49.22 11.03
CA ALA Q 20 -21.29 50.28 11.87
C ALA Q 20 -21.77 49.73 13.20
N VAL Q 21 -22.46 48.57 13.17
CA VAL Q 21 -22.88 47.91 14.40
C VAL Q 21 -21.67 47.60 15.27
N ILE Q 22 -20.61 47.04 14.67
CA ILE Q 22 -19.43 46.66 15.43
C ILE Q 22 -18.80 47.89 16.07
N GLU Q 23 -18.73 48.99 15.33
CA GLU Q 23 -18.14 50.22 15.86
C GLU Q 23 -18.96 50.76 17.02
N GLU Q 24 -20.28 50.81 16.87
CA GLU Q 24 -21.12 51.35 17.94
C GLU Q 24 -21.06 50.45 19.17
N TRP Q 25 -20.98 49.13 18.97
CA TRP Q 25 -20.81 48.21 20.09
C TRP Q 25 -19.50 48.50 20.82
N ALA Q 26 -18.40 48.64 20.08
CA ALA Q 26 -17.12 48.94 20.70
C ALA Q 26 -17.14 50.27 21.43
N ALA Q 27 -17.92 51.24 20.94
CA ALA Q 27 -17.87 52.60 21.50
C ALA Q 27 -18.80 52.79 22.69
N GLY Q 28 -20.11 52.60 22.48
CA GLY Q 28 -21.11 53.05 23.45
C GLY Q 28 -21.86 51.97 24.20
N THR Q 29 -22.12 50.84 23.55
CA THR Q 29 -22.90 49.78 24.18
C THR Q 29 -22.16 49.18 25.36
N LEU Q 30 -20.84 49.06 25.26
CA LEU Q 30 -20.05 48.55 26.38
C LEU Q 30 -20.14 49.49 27.58
N GLN Q 31 -20.08 50.80 27.33
CA GLN Q 31 -20.22 51.76 28.42
C GLN Q 31 -21.62 51.72 29.02
N GLU Q 32 -22.65 51.50 28.19
CA GLU Q 32 -24.00 51.36 28.72
C GLU Q 32 -24.12 50.12 29.60
N ILE Q 33 -23.52 49.01 29.17
CA ILE Q 33 -23.48 47.79 29.98
C ILE Q 33 -22.83 48.08 31.33
N GLU Q 34 -21.67 48.74 31.30
CA GLU Q 34 -20.97 49.14 32.51
C GLU Q 34 -21.86 49.99 33.42
N GLY Q 35 -22.60 50.94 32.84
CA GLY Q 35 -23.47 51.79 33.63
C GLY Q 35 -24.63 51.04 34.28
N ILE Q 36 -25.20 50.07 33.57
CA ILE Q 36 -26.29 49.30 34.17
C ILE Q 36 -25.76 48.42 35.27
N ALA Q 37 -24.56 47.85 35.10
CA ALA Q 37 -23.93 47.09 36.18
C ALA Q 37 -23.68 47.99 37.39
N LYS Q 38 -23.19 49.21 37.15
CA LYS Q 38 -23.01 50.20 38.21
C LYS Q 38 -24.31 50.47 38.96
N ALA Q 39 -25.40 50.71 38.23
CA ALA Q 39 -26.65 51.05 38.88
C ALA Q 39 -27.23 49.86 39.64
N ALA Q 40 -27.08 48.65 39.10
CA ALA Q 40 -27.55 47.46 39.79
C ALA Q 40 -26.75 47.21 41.05
N ALA Q 41 -25.43 47.43 41.02
CA ALA Q 41 -24.63 47.32 42.24
C ALA Q 41 -25.07 48.35 43.27
N GLU Q 42 -25.33 49.58 42.82
CA GLU Q 42 -25.83 50.61 43.74
C GLU Q 42 -27.11 50.17 44.44
N ALA Q 43 -28.12 49.77 43.67
CA ALA Q 43 -29.41 49.40 44.26
C ALA Q 43 -29.27 48.15 45.14
N HIS Q 44 -28.43 47.21 44.73
CA HIS Q 44 -28.26 45.98 45.50
C HIS Q 44 -27.56 46.25 46.83
N GLY Q 45 -26.54 47.12 46.83
CA GLY Q 45 -25.95 47.56 48.07
C GLY Q 45 -26.89 48.37 48.94
N VAL Q 46 -27.84 49.07 48.33
CA VAL Q 46 -28.80 49.84 49.11
C VAL Q 46 -29.83 48.95 49.79
N ILE Q 47 -30.37 47.97 49.09
CA ILE Q 47 -31.44 47.15 49.65
C ILE Q 47 -30.90 46.11 50.64
N ARG Q 48 -29.65 45.68 50.47
CA ARG Q 48 -29.04 44.84 51.50
C ARG Q 48 -28.94 45.58 52.83
N ASN Q 49 -28.65 46.87 52.79
CA ASN Q 49 -28.42 47.67 53.99
C ASN Q 49 -29.71 48.32 54.47
N SER Q 50 -30.76 47.50 54.65
CA SER Q 50 -32.07 48.03 55.01
C SER Q 50 -32.81 46.98 55.83
N THR Q 51 -34.07 47.27 56.13
CA THR Q 51 -34.93 46.35 56.88
C THR Q 51 -36.37 46.63 56.47
N TYR Q 52 -37.03 45.64 55.87
CA TYR Q 52 -38.35 45.84 55.30
C TYR Q 52 -39.44 45.65 56.34
N GLY Q 53 -40.53 46.40 56.15
CA GLY Q 53 -41.75 46.22 56.92
C GLY Q 53 -42.93 46.02 56.01
N ARG Q 54 -44.09 45.79 56.63
CA ARG Q 54 -45.32 45.57 55.88
C ARG Q 54 -45.71 46.78 55.03
N ALA Q 55 -45.22 47.98 55.38
CA ALA Q 55 -45.44 49.14 54.54
C ALA Q 55 -44.81 48.98 53.17
N GLN Q 56 -43.72 48.21 53.07
CA GLN Q 56 -42.99 48.09 51.82
C GLN Q 56 -43.78 47.36 50.75
N ALA Q 57 -44.72 46.50 51.14
CA ALA Q 57 -45.51 45.75 50.17
C ALA Q 57 -46.54 46.59 49.43
N GLU Q 58 -46.78 47.83 49.87
CA GLU Q 58 -47.76 48.71 49.26
C GLU Q 58 -47.15 49.69 48.27
N LYS Q 59 -45.93 49.43 47.81
CA LYS Q 59 -45.31 50.28 46.78
C LYS Q 59 -44.11 49.52 46.20
N SER Q 60 -43.97 49.56 44.88
CA SER Q 60 -42.85 48.95 44.20
C SER Q 60 -41.71 49.97 44.05
N PRO Q 61 -40.47 49.63 44.43
CA PRO Q 61 -39.40 50.65 44.33
C PRO Q 61 -39.06 50.96 42.88
N GLU Q 62 -39.04 52.26 42.56
CA GLU Q 62 -38.75 52.69 41.19
C GLU Q 62 -37.29 52.55 40.84
N GLN Q 63 -36.39 52.55 41.83
CA GLN Q 63 -34.97 52.35 41.57
C GLN Q 63 -34.71 51.02 40.87
N LEU Q 64 -35.57 50.03 41.11
CA LEU Q 64 -35.44 48.73 40.46
C LEU Q 64 -36.08 48.75 39.09
N LEU Q 65 -37.23 49.40 38.97
CA LEU Q 65 -37.96 49.43 37.71
C LEU Q 65 -37.18 50.15 36.62
N GLY Q 66 -36.52 51.26 36.97
CA GLY Q 66 -35.73 51.99 36.00
C GLY Q 66 -34.57 51.17 35.47
N VAL Q 67 -33.91 50.46 36.39
CA VAL Q 67 -32.77 49.62 36.01
C VAL Q 67 -33.23 48.48 35.10
N LEU Q 68 -34.36 47.84 35.43
CA LEU Q 68 -34.84 46.75 34.61
C LEU Q 68 -35.31 47.23 33.24
N GLN Q 69 -35.96 48.40 33.18
CA GLN Q 69 -36.34 48.98 31.90
C GLN Q 69 -35.11 49.30 31.05
N ARG Q 70 -34.06 49.81 31.69
CA ARG Q 70 -32.81 50.13 31.00
C ARG Q 70 -32.16 48.88 30.41
N TYR Q 71 -32.05 47.82 31.21
CA TYR Q 71 -31.52 46.56 30.70
C TYR Q 71 -32.38 45.99 29.58
N GLN Q 72 -33.70 46.09 29.73
CA GLN Q 72 -34.64 45.67 28.68
C GLN Q 72 -34.37 46.38 27.35
N ASP Q 73 -34.25 47.71 27.39
CA ASP Q 73 -33.96 48.47 26.18
C ASP Q 73 -32.61 48.09 25.57
N LEU Q 74 -31.58 47.94 26.40
CA LEU Q 74 -30.28 47.51 25.92
C LEU Q 74 -30.37 46.18 25.17
N CYS Q 75 -31.00 45.18 25.81
CA CYS Q 75 -31.09 43.86 25.21
C CYS Q 75 -31.88 43.90 23.91
N HIS Q 76 -32.93 44.72 23.85
CA HIS Q 76 -33.70 44.88 22.61
C HIS Q 76 -32.82 45.41 21.48
N ASN Q 77 -32.07 46.48 21.75
CA ASN Q 77 -31.18 47.03 20.73
C ASN Q 77 -30.11 46.02 20.30
N VAL Q 78 -29.54 45.27 21.25
CA VAL Q 78 -28.52 44.29 20.92
C VAL Q 78 -29.09 43.20 20.03
N TYR Q 79 -30.31 42.74 20.33
CA TYR Q 79 -30.96 41.75 19.48
C TYR Q 79 -31.14 42.27 18.06
N CYS Q 80 -31.60 43.51 17.93
CA CYS Q 80 -31.80 44.08 16.60
C CYS Q 80 -30.50 44.14 15.80
N GLN Q 81 -29.42 44.62 16.41
CA GLN Q 81 -28.17 44.75 15.66
C GLN Q 81 -27.55 43.38 15.37
N ALA Q 82 -27.68 42.44 16.31
CA ALA Q 82 -27.25 41.06 16.04
C ALA Q 82 -27.98 40.48 14.85
N GLU Q 83 -29.30 40.70 14.73
CA GLU Q 83 -30.01 40.25 13.55
C GLU Q 83 -29.58 40.98 12.29
N THR Q 84 -29.17 42.24 12.39
CA THR Q 84 -28.59 42.90 11.22
C THR Q 84 -27.35 42.17 10.72
N ILE Q 85 -26.43 41.84 11.62
CA ILE Q 85 -25.23 41.10 11.21
C ILE Q 85 -25.62 39.74 10.66
N ARG Q 86 -26.60 39.09 11.28
CA ARG Q 86 -27.07 37.79 10.82
C ARG Q 86 -27.57 37.85 9.39
N THR Q 87 -28.37 38.87 9.08
CA THR Q 87 -28.86 39.05 7.72
C THR Q 87 -27.74 39.29 6.74
N VAL Q 88 -26.78 40.15 7.11
CA VAL Q 88 -25.63 40.41 6.24
C VAL Q 88 -24.90 39.12 5.90
N ILE Q 89 -24.65 38.27 6.89
CA ILE Q 89 -23.93 37.03 6.61
C ILE Q 89 -24.81 36.07 5.82
N ALA Q 90 -26.11 36.00 6.16
CA ALA Q 90 -26.94 34.92 5.68
C ALA Q 90 -27.45 35.14 4.26
N ILE Q 91 -27.47 36.38 3.76
CA ILE Q 91 -27.84 36.60 2.36
C ILE Q 91 -26.68 36.35 1.40
N ARG Q 92 -25.52 35.91 1.91
CA ARG Q 92 -24.32 35.72 1.09
C ARG Q 92 -23.80 34.30 1.13
N ILE Q 93 -24.48 33.37 1.81
CA ILE Q 93 -24.08 31.98 1.82
C ILE Q 93 -24.21 31.45 0.39
N PRO Q 94 -23.17 30.86 -0.21
CA PRO Q 94 -23.23 30.55 -1.65
C PRO Q 94 -23.97 29.25 -1.92
N GLU Q 95 -24.00 28.83 -3.18
CA GLU Q 95 -24.67 27.60 -3.57
C GLU Q 95 -24.08 26.41 -2.82
N HIS Q 96 -24.86 25.33 -2.77
CA HIS Q 96 -24.53 24.17 -1.96
C HIS Q 96 -23.66 23.21 -2.75
N LYS Q 97 -22.58 22.75 -2.11
CA LYS Q 97 -21.63 21.84 -2.74
C LYS Q 97 -21.13 20.85 -1.70
N GLU Q 98 -20.27 19.93 -2.15
CA GLU Q 98 -19.61 18.96 -1.28
C GLU Q 98 -18.16 19.35 -0.99
N ALA Q 99 -17.62 20.37 -1.65
CA ALA Q 99 -16.24 20.76 -1.47
C ALA Q 99 -16.14 22.27 -1.63
N ASP Q 100 -14.99 22.82 -1.26
CA ASP Q 100 -14.78 24.26 -1.18
C ASP Q 100 -15.75 24.88 -0.17
N ASN Q 101 -15.64 24.40 1.07
CA ASN Q 101 -16.54 24.77 2.16
C ASN Q 101 -15.74 25.28 3.35
N LEU Q 102 -14.64 26.00 3.08
CA LEU Q 102 -13.81 26.55 4.15
C LEU Q 102 -14.28 27.91 4.62
N GLY Q 103 -15.03 28.65 3.79
CA GLY Q 103 -15.58 29.93 4.18
C GLY Q 103 -17.00 29.81 4.70
N VAL Q 104 -17.75 28.83 4.19
CA VAL Q 104 -19.05 28.52 4.75
C VAL Q 104 -18.90 28.06 6.20
N ALA Q 105 -17.80 27.37 6.50
CA ALA Q 105 -17.48 27.03 7.88
C ALA Q 105 -17.34 28.27 8.74
N VAL Q 106 -16.65 29.30 8.25
CA VAL Q 106 -16.50 30.53 9.02
C VAL Q 106 -17.85 31.22 9.18
N GLN Q 107 -18.66 31.21 8.13
CA GLN Q 107 -20.00 31.79 8.19
C GLN Q 107 -20.81 31.15 9.31
N HIS Q 108 -20.92 29.82 9.29
CA HIS Q 108 -21.66 29.12 10.34
C HIS Q 108 -21.01 29.30 11.71
N ALA Q 109 -19.69 29.45 11.77
CA ALA Q 109 -19.03 29.67 13.05
C ALA Q 109 -19.45 31.00 13.67
N VAL Q 110 -19.49 32.06 12.88
CA VAL Q 110 -19.91 33.36 13.42
C VAL Q 110 -21.42 33.39 13.65
N LEU Q 111 -22.21 32.68 12.84
CA LEU Q 111 -23.63 32.59 13.11
C LEU Q 111 -23.89 31.83 14.40
N LYS Q 112 -23.04 30.88 14.75
CA LYS Q 112 -23.16 30.22 16.05
C LYS Q 112 -22.96 31.23 17.17
N ILE Q 113 -21.98 32.13 17.04
CA ILE Q 113 -21.75 33.13 18.06
C ILE Q 113 -22.95 34.06 18.17
N ILE Q 114 -23.51 34.46 17.03
CA ILE Q 114 -24.66 35.37 17.04
C ILE Q 114 -25.87 34.68 17.66
N ASP Q 115 -26.07 33.41 17.36
CA ASP Q 115 -27.15 32.65 17.97
C ASP Q 115 -26.94 32.52 19.48
N GLU Q 116 -25.70 32.27 19.90
CA GLU Q 116 -25.37 32.18 21.32
C GLU Q 116 -25.66 33.50 22.03
N LEU Q 117 -25.41 34.62 21.36
CA LEU Q 117 -25.69 35.93 21.95
C LEU Q 117 -27.18 36.21 21.98
N GLU Q 118 -27.89 35.83 20.92
CA GLU Q 118 -29.32 36.13 20.82
C GLU Q 118 -30.13 35.32 21.83
N ILE Q 119 -29.93 34.00 21.88
CA ILE Q 119 -30.88 33.10 22.50
C ILE Q 119 -30.52 32.89 23.97
N LYS Q 120 -29.32 32.38 24.23
CA LYS Q 120 -28.93 31.99 25.58
C LYS Q 120 -28.65 33.17 26.50
N THR Q 121 -28.58 34.40 25.97
CA THR Q 121 -28.04 35.52 26.71
C THR Q 121 -28.98 36.72 26.80
N LEU Q 122 -29.96 36.84 25.92
CA LEU Q 122 -30.95 37.91 25.95
C LEU Q 122 -32.35 37.42 26.32
N GLY Q 123 -32.51 36.14 26.66
CA GLY Q 123 -33.80 35.62 27.04
C GLY Q 123 -34.84 35.67 25.94
N SER Q 124 -34.42 35.89 24.70
CA SER Q 124 -35.33 36.04 23.56
C SER Q 124 -35.29 34.80 22.68
N PRO Q 136 -28.03 34.90 33.14
CA PRO Q 136 -29.01 34.54 34.16
C PRO Q 136 -30.45 34.90 33.78
N ILE Q 137 -30.69 36.16 33.45
CA ILE Q 137 -31.99 36.64 33.00
C ILE Q 137 -31.76 37.63 31.87
N GLY Q 138 -32.75 37.74 30.98
CA GLY Q 138 -32.62 38.52 29.77
C GLY Q 138 -33.58 39.69 29.63
N MET Q 139 -34.46 39.61 28.64
CA MET Q 139 -35.20 40.77 28.16
C MET Q 139 -36.37 41.11 29.07
N TYR Q 140 -37.05 40.11 29.60
CA TYR Q 140 -38.32 40.27 30.30
C TYR Q 140 -38.19 40.03 31.80
N ALA Q 141 -37.08 40.52 32.38
CA ALA Q 141 -36.86 40.37 33.81
C ALA Q 141 -37.91 41.13 34.62
N LEU Q 142 -38.42 42.23 34.05
CA LEU Q 142 -39.28 43.13 34.82
C LEU Q 142 -40.61 42.48 35.16
N ARG Q 143 -41.26 41.83 34.19
CA ARG Q 143 -42.56 41.23 34.45
C ARG Q 143 -42.40 40.03 35.39
N GLU Q 144 -41.30 39.29 35.27
CA GLU Q 144 -41.01 38.21 36.20
C GLU Q 144 -40.84 38.71 37.62
N TYR Q 145 -40.05 39.77 37.79
CA TYR Q 145 -39.94 40.45 39.08
C TYR Q 145 -41.32 40.83 39.61
N LEU Q 146 -42.16 41.41 38.75
CA LEU Q 146 -43.47 41.87 39.19
C LEU Q 146 -44.37 40.71 39.60
N SER Q 147 -44.29 39.58 38.90
CA SER Q 147 -45.08 38.41 39.30
C SER Q 147 -44.61 37.87 40.64
N ALA Q 148 -43.30 37.65 40.77
CA ALA Q 148 -42.75 37.11 42.02
C ALA Q 148 -43.05 38.03 43.19
N ARG Q 149 -43.14 39.34 42.95
CA ARG Q 149 -43.47 40.28 44.00
C ARG Q 149 -44.97 40.39 44.26
N SER Q 150 -45.80 40.29 43.22
CA SER Q 150 -47.24 40.34 43.40
C SER Q 150 -47.73 39.17 44.24
N THR Q 151 -47.17 37.98 44.02
CA THR Q 151 -47.53 36.83 44.84
C THR Q 151 -47.31 37.12 46.32
N VAL Q 152 -46.11 37.57 46.68
CA VAL Q 152 -45.79 37.83 48.07
C VAL Q 152 -46.60 39.01 48.61
N GLU Q 153 -46.89 40.01 47.77
CA GLU Q 153 -47.67 41.15 48.22
C GLU Q 153 -49.09 40.74 48.58
N ASP Q 154 -49.74 39.98 47.69
CA ASP Q 154 -51.09 39.50 47.97
C ASP Q 154 -51.11 38.55 49.15
N LYS Q 155 -50.05 37.77 49.34
CA LYS Q 155 -49.95 36.87 50.49
C LYS Q 155 -49.66 37.61 51.79
N LEU Q 156 -49.09 38.82 51.72
CA LEU Q 156 -48.84 39.63 52.90
C LEU Q 156 -50.00 40.55 53.28
N LEU Q 157 -50.78 41.00 52.31
CA LEU Q 157 -51.80 42.02 52.53
C LEU Q 157 -53.21 41.48 52.64
N GLY Q 158 -53.44 40.22 52.32
CA GLY Q 158 -54.78 39.63 52.40
C GLY Q 158 -55.52 39.71 51.08
N GLY Q 169 -56.07 41.21 57.27
CA GLY Q 169 -55.74 39.90 57.76
C GLY Q 169 -54.83 39.13 56.82
N GLY Q 170 -53.55 39.51 56.80
CA GLY Q 170 -52.58 38.90 55.92
C GLY Q 170 -51.91 37.68 56.50
N SER Q 171 -50.58 37.63 56.40
CA SER Q 171 -49.78 36.48 56.81
C SER Q 171 -48.86 36.88 57.94
N GLN Q 172 -48.76 36.02 58.95
CA GLN Q 172 -47.90 36.24 60.11
C GLN Q 172 -46.53 35.60 59.95
N SER Q 173 -46.14 35.27 58.73
CA SER Q 173 -44.86 34.60 58.52
C SER Q 173 -43.72 35.61 58.61
N PRO Q 174 -42.65 35.33 59.38
CA PRO Q 174 -41.52 36.26 59.38
C PRO Q 174 -40.63 36.13 58.16
N SER Q 175 -40.60 34.95 57.52
CA SER Q 175 -39.70 34.73 56.40
C SER Q 175 -40.25 35.26 55.09
N LEU Q 176 -41.56 35.51 55.00
CA LEU Q 176 -42.15 36.02 53.77
C LEU Q 176 -41.68 37.45 53.50
N LEU Q 177 -41.61 38.27 54.54
CA LEU Q 177 -41.10 39.63 54.40
C LEU Q 177 -39.66 39.64 53.91
N LEU Q 178 -38.83 38.78 54.50
CA LEU Q 178 -37.44 38.66 54.06
C LEU Q 178 -37.36 38.09 52.65
N GLU Q 179 -38.30 37.24 52.26
CA GLU Q 179 -38.34 36.75 50.89
C GLU Q 179 -38.60 37.88 49.91
N LEU Q 180 -39.51 38.78 50.25
CA LEU Q 180 -39.72 39.98 49.44
C LEU Q 180 -38.45 40.82 49.36
N ARG Q 181 -37.85 41.10 50.53
CA ARG Q 181 -36.61 41.87 50.59
C ARG Q 181 -35.50 41.25 49.76
N GLN Q 182 -35.44 39.93 49.68
CA GLN Q 182 -34.38 39.24 48.96
C GLN Q 182 -34.69 39.08 47.49
N ILE Q 183 -35.97 39.01 47.11
CA ILE Q 183 -36.34 39.15 45.70
C ILE Q 183 -35.81 40.47 45.16
N ASP Q 184 -36.10 41.56 45.89
CA ASP Q 184 -35.73 42.90 45.43
C ASP Q 184 -34.23 43.07 45.24
N ALA Q 185 -33.40 42.25 45.90
CA ALA Q 185 -31.95 42.33 45.79
C ALA Q 185 -31.37 41.30 44.83
N ASP Q 186 -31.90 40.08 44.83
CA ASP Q 186 -31.46 39.05 43.91
C ASP Q 186 -31.70 39.45 42.47
N PHE Q 187 -32.74 40.24 42.21
CA PHE Q 187 -32.94 40.68 40.83
C PHE Q 187 -31.89 41.69 40.38
N MET Q 188 -31.44 42.57 41.27
CA MET Q 188 -30.34 43.47 40.92
C MET Q 188 -29.04 42.70 40.73
N LEU Q 189 -28.82 41.70 41.59
CA LEU Q 189 -27.69 40.79 41.40
C LEU Q 189 -27.75 40.14 40.02
N LYS Q 190 -28.94 39.70 39.61
CA LYS Q 190 -29.11 39.06 38.31
C LYS Q 190 -28.78 40.02 37.18
N VAL Q 191 -29.27 41.26 37.27
CA VAL Q 191 -28.98 42.25 36.24
C VAL Q 191 -27.48 42.51 36.15
N GLU Q 192 -26.81 42.62 37.30
CA GLU Q 192 -25.37 42.82 37.33
C GLU Q 192 -24.63 41.69 36.62
N LEU Q 193 -24.92 40.45 37.02
CA LEU Q 193 -24.27 39.29 36.40
C LEU Q 193 -24.54 39.22 34.91
N ALA Q 194 -25.79 39.46 34.49
CA ALA Q 194 -26.14 39.39 33.08
C ALA Q 194 -25.40 40.45 32.28
N THR Q 195 -25.26 41.66 32.82
CA THR Q 195 -24.46 42.68 32.16
C THR Q 195 -23.01 42.23 32.00
N THR Q 196 -22.42 41.74 33.11
CA THR Q 196 -21.04 41.27 33.09
C THR Q 196 -20.85 40.17 32.05
N HIS Q 197 -21.86 39.33 31.85
CA HIS Q 197 -21.77 38.23 30.90
C HIS Q 197 -21.96 38.69 29.47
N LEU Q 198 -22.86 39.65 29.24
CA LEU Q 198 -23.14 40.11 27.89
C LEU Q 198 -21.99 40.94 27.32
N SER Q 199 -21.29 41.68 28.18
CA SER Q 199 -20.10 42.39 27.73
C SER Q 199 -19.11 41.46 27.07
N THR Q 200 -18.89 40.29 27.67
CA THR Q 200 -17.92 39.32 27.15
C THR Q 200 -18.33 38.82 25.76
N MET Q 201 -19.60 38.47 25.58
CA MET Q 201 -20.06 37.99 24.28
C MET Q 201 -19.99 39.07 23.21
N VAL Q 202 -20.29 40.32 23.55
CA VAL Q 202 -20.13 41.40 22.58
C VAL Q 202 -18.67 41.54 22.18
N ARG Q 203 -17.77 41.53 23.16
CA ARG Q 203 -16.34 41.64 22.88
C ARG Q 203 -15.83 40.47 22.06
N ALA Q 204 -16.43 39.30 22.20
CA ALA Q 204 -16.04 38.14 21.38
C ALA Q 204 -16.56 38.27 19.95
N VAL Q 205 -17.80 38.73 19.79
CA VAL Q 205 -18.35 38.92 18.45
C VAL Q 205 -17.54 39.95 17.68
N ILE Q 206 -17.05 40.98 18.38
CA ILE Q 206 -16.24 42.00 17.71
C ILE Q 206 -14.98 41.38 17.11
N ASN Q 207 -14.26 40.59 17.91
CA ASN Q 207 -13.04 39.97 17.42
C ASN Q 207 -13.34 39.03 16.26
N ALA Q 208 -14.40 38.22 16.39
CA ALA Q 208 -14.76 37.28 15.33
C ALA Q 208 -15.01 38.01 14.02
N TYR Q 209 -15.87 39.04 14.05
CA TYR Q 209 -16.15 39.81 12.84
C TYR Q 209 -14.89 40.44 12.27
N LEU Q 210 -14.13 41.16 13.11
CA LEU Q 210 -12.98 41.89 12.60
C LEU Q 210 -11.91 40.97 12.03
N LEU Q 211 -11.86 39.71 12.49
CA LEU Q 211 -10.89 38.76 11.95
C LEU Q 211 -11.40 37.95 10.78
N ASN Q 212 -12.73 37.86 10.56
CA ASN Q 212 -13.29 36.97 9.55
C ASN Q 212 -14.18 37.65 8.50
N TRP Q 213 -14.30 38.98 8.51
CA TRP Q 213 -15.21 39.66 7.61
C TRP Q 213 -14.87 39.44 6.14
N LYS Q 214 -13.62 39.09 5.82
CA LYS Q 214 -13.27 38.85 4.42
C LYS Q 214 -13.93 37.60 3.90
N LYS Q 215 -13.88 36.51 4.66
CA LYS Q 215 -14.53 35.26 4.28
C LYS Q 215 -16.03 35.28 4.55
N LEU Q 216 -16.52 36.22 5.36
CA LEU Q 216 -17.97 36.34 5.55
C LEU Q 216 -18.68 36.99 4.36
N ILE Q 217 -17.95 37.60 3.41
CA ILE Q 217 -18.56 38.22 2.24
C ILE Q 217 -18.42 37.31 1.03
N GLN Q 218 -17.18 37.05 0.60
CA GLN Q 218 -16.89 36.18 -0.54
C GLN Q 218 -16.13 34.97 0.00
N PRO Q 219 -16.85 33.97 0.53
CA PRO Q 219 -16.16 32.79 1.05
C PRO Q 219 -15.57 31.89 -0.03
N ARG Q 220 -16.01 32.04 -1.27
CA ARG Q 220 -15.72 31.09 -2.34
C ARG Q 220 -15.23 31.83 -3.58
N THR Q 221 -14.28 32.74 -3.38
CA THR Q 221 -13.65 33.42 -4.51
C THR Q 221 -12.70 32.51 -5.26
N GLY Q 222 -12.30 31.40 -4.66
CA GLY Q 222 -11.43 30.44 -5.32
C GLY Q 222 -11.97 29.91 -6.63
N ASN Q 223 -11.30 30.27 -7.72
CA ASN Q 223 -11.64 29.76 -9.04
C ASN Q 223 -10.37 29.23 -9.72
N LEU Q 224 -10.46 28.91 -11.00
CA LEU Q 224 -9.30 28.42 -11.74
C LEU Q 224 -8.41 29.59 -12.14
N SER Q 225 -7.25 29.24 -12.70
CA SER Q 225 -6.27 30.23 -13.11
C SER Q 225 -5.26 29.62 -14.07
N LYS R 1 -52.22 5.40 -15.54
CA LYS R 1 -50.88 4.86 -15.40
C LYS R 1 -50.13 5.60 -14.30
N ARG R 2 -48.99 5.03 -13.88
CA ARG R 2 -48.21 5.60 -12.79
C ARG R 2 -47.52 6.89 -13.24
N ALA R 3 -46.86 6.85 -14.40
CA ALA R 3 -46.24 8.04 -14.95
C ALA R 3 -47.25 9.15 -15.19
N ALA R 4 -48.48 8.81 -15.54
CA ALA R 4 -49.53 9.82 -15.64
C ALA R 4 -49.76 10.52 -14.32
N LEU R 5 -49.80 9.76 -13.21
CA LEU R 5 -49.95 10.36 -11.90
C LEU R 5 -48.77 11.24 -11.53
N ILE R 6 -47.55 10.78 -11.81
CA ILE R 6 -46.36 11.58 -11.53
C ILE R 6 -46.43 12.90 -12.30
N GLN R 7 -46.75 12.83 -13.59
CA GLN R 7 -46.71 14.01 -14.42
C GLN R 7 -47.85 14.97 -14.07
N ASN R 8 -49.02 14.46 -13.68
CA ASN R 8 -50.10 15.34 -13.27
C ASN R 8 -49.80 15.98 -11.91
N LEU R 9 -49.08 15.27 -11.04
CA LEU R 9 -48.58 15.90 -9.82
C LEU R 9 -47.65 17.06 -10.17
N ARG R 10 -46.70 16.83 -11.06
CA ARG R 10 -45.64 17.81 -11.28
C ARG R 10 -46.08 18.96 -12.18
N ASP R 11 -47.14 18.75 -12.97
CA ASP R 11 -47.64 19.84 -13.81
C ASP R 11 -48.39 20.88 -13.00
N SER R 12 -49.03 20.47 -11.90
CA SER R 12 -49.84 21.41 -11.13
C SER R 12 -48.98 22.37 -10.33
N TYR R 13 -47.86 21.89 -9.80
CA TYR R 13 -46.93 22.67 -8.98
C TYR R 13 -45.56 22.56 -9.62
N THR R 14 -45.20 23.59 -10.39
CA THR R 14 -43.97 23.65 -11.16
C THR R 14 -43.04 24.70 -10.55
N GLU R 15 -41.94 25.00 -11.25
CA GLU R 15 -41.02 26.02 -10.79
C GLU R 15 -41.68 27.39 -10.68
N THR R 16 -42.52 27.74 -11.64
CA THR R 16 -43.09 29.09 -11.67
C THR R 16 -43.98 29.34 -10.46
N SER R 17 -44.63 28.29 -9.97
CA SER R 17 -45.41 28.41 -8.73
C SER R 17 -44.53 28.85 -7.57
N SER R 18 -43.27 28.41 -7.55
CA SER R 18 -42.35 28.78 -6.49
C SER R 18 -41.67 30.12 -6.74
N PHE R 19 -41.34 30.43 -7.99
CA PHE R 19 -40.78 31.73 -8.31
C PHE R 19 -41.78 32.85 -8.04
N ALA R 20 -43.07 32.60 -8.26
CA ALA R 20 -44.09 33.57 -7.86
C ALA R 20 -44.02 33.86 -6.37
N VAL R 21 -43.93 32.82 -5.54
CA VAL R 21 -43.80 32.99 -4.11
C VAL R 21 -42.57 33.79 -3.75
N ILE R 22 -41.43 33.47 -4.35
CA ILE R 22 -40.19 34.15 -4.01
C ILE R 22 -40.25 35.61 -4.42
N GLU R 23 -40.78 35.88 -5.61
CA GLU R 23 -40.86 37.25 -6.11
C GLU R 23 -41.84 38.08 -5.29
N GLU R 24 -42.91 37.46 -4.78
CA GLU R 24 -43.84 38.18 -3.93
C GLU R 24 -43.25 38.41 -2.54
N TRP R 25 -42.48 37.45 -2.03
CA TRP R 25 -41.82 37.64 -0.75
C TRP R 25 -40.80 38.76 -0.81
N ALA R 26 -40.07 38.85 -1.93
CA ALA R 26 -39.05 39.88 -2.07
C ALA R 26 -39.64 41.29 -2.16
N ALA R 27 -40.94 41.40 -2.45
CA ALA R 27 -41.56 42.70 -2.71
C ALA R 27 -42.54 43.12 -1.63
N GLY R 28 -43.55 42.30 -1.33
CA GLY R 28 -44.66 42.72 -0.49
C GLY R 28 -44.60 42.22 0.94
N THR R 29 -44.17 40.98 1.12
CA THR R 29 -44.15 40.39 2.45
C THR R 29 -43.15 41.10 3.35
N LEU R 30 -41.99 41.45 2.81
CA LEU R 30 -41.00 42.17 3.60
C LEU R 30 -41.54 43.53 4.03
N GLN R 31 -42.13 44.28 3.10
CA GLN R 31 -42.72 45.59 3.41
C GLN R 31 -43.78 45.46 4.48
N GLU R 32 -44.64 44.44 4.39
CA GLU R 32 -45.60 44.16 5.45
C GLU R 32 -44.91 43.90 6.78
N ILE R 33 -43.79 43.17 6.76
CA ILE R 33 -43.07 42.85 7.99
C ILE R 33 -42.56 44.12 8.66
N GLU R 34 -41.88 44.99 7.90
CA GLU R 34 -41.40 46.23 8.52
C GLU R 34 -42.55 47.13 8.93
N GLY R 35 -43.66 47.11 8.20
CA GLY R 35 -44.82 47.88 8.63
C GLY R 35 -45.35 47.44 9.98
N ILE R 36 -45.48 46.11 10.17
CA ILE R 36 -45.92 45.59 11.46
C ILE R 36 -44.90 45.95 12.54
N ALA R 37 -43.61 45.89 12.22
CA ALA R 37 -42.58 46.22 13.20
C ALA R 37 -42.68 47.68 13.64
N LYS R 38 -42.86 48.59 12.68
CA LYS R 38 -43.04 49.99 13.03
C LYS R 38 -44.31 50.22 13.83
N ALA R 39 -45.40 49.52 13.49
CA ALA R 39 -46.62 49.65 14.27
C ALA R 39 -46.41 49.20 15.71
N ALA R 40 -45.74 48.07 15.92
CA ALA R 40 -45.48 47.58 17.27
C ALA R 40 -44.54 48.50 18.05
N ALA R 41 -43.49 49.02 17.40
CA ALA R 41 -42.60 49.95 18.09
C ALA R 41 -43.30 51.27 18.39
N GLU R 42 -44.29 51.63 17.58
CA GLU R 42 -45.10 52.82 17.86
C GLU R 42 -46.05 52.57 19.02
N ALA R 43 -46.55 51.34 19.15
CA ALA R 43 -47.46 51.00 20.24
C ALA R 43 -46.74 50.85 21.57
N HIS R 44 -45.49 50.38 21.54
CA HIS R 44 -44.71 50.26 22.77
C HIS R 44 -44.58 51.59 23.50
N GLY R 45 -44.21 52.64 22.78
CA GLY R 45 -43.97 53.93 23.41
C GLY R 45 -45.21 54.54 24.04
N VAL R 46 -46.40 54.21 23.52
CA VAL R 46 -47.64 54.74 24.09
C VAL R 46 -47.86 54.16 25.48
N ILE R 47 -47.79 52.83 25.60
CA ILE R 47 -47.99 52.21 26.90
C ILE R 47 -46.85 52.58 27.85
N ARG R 48 -45.64 52.75 27.31
CA ARG R 48 -44.54 53.21 28.14
C ARG R 48 -44.83 54.59 28.74
N ASN R 49 -45.39 55.49 27.93
CA ASN R 49 -45.74 56.84 28.37
C ASN R 49 -47.18 56.91 28.86
N SER R 50 -47.52 56.03 29.80
CA SER R 50 -48.88 55.99 30.33
C SER R 50 -48.86 55.29 31.68
N THR R 51 -49.51 55.90 32.67
CA THR R 51 -49.70 55.31 33.99
C THR R 51 -51.02 54.56 34.00
N TYR R 52 -50.98 53.31 34.45
CA TYR R 52 -52.15 52.44 34.43
C TYR R 52 -52.86 52.46 35.78
N GLY R 53 -54.18 52.28 35.72
CA GLY R 53 -55.03 52.09 36.87
C GLY R 53 -55.98 50.93 36.63
N ARG R 54 -56.99 50.84 37.49
CA ARG R 54 -57.99 49.78 37.35
C ARG R 54 -58.88 50.01 36.13
N ALA R 55 -58.99 51.26 35.65
CA ALA R 55 -59.79 51.53 34.48
C ALA R 55 -59.25 50.84 33.23
N GLN R 56 -57.95 50.55 33.21
CA GLN R 56 -57.35 49.85 32.08
C GLN R 56 -57.55 48.34 32.14
N ALA R 57 -58.04 47.80 33.26
CA ALA R 57 -58.39 46.40 33.37
C ALA R 57 -59.82 46.12 32.93
N GLU R 58 -60.69 47.13 32.94
CA GLU R 58 -62.06 47.00 32.47
C GLU R 58 -62.20 47.29 30.98
N LYS R 59 -61.10 47.25 30.23
CA LYS R 59 -61.10 47.60 28.82
C LYS R 59 -59.81 47.11 28.18
N SER R 60 -59.91 46.41 27.06
CA SER R 60 -58.75 45.92 26.34
C SER R 60 -58.46 46.84 25.16
N PRO R 61 -57.23 47.32 24.95
CA PRO R 61 -57.01 48.31 23.89
C PRO R 61 -57.02 47.67 22.51
N GLU R 62 -57.78 48.27 21.59
CA GLU R 62 -57.89 47.77 20.24
C GLU R 62 -56.59 47.89 19.46
N GLN R 63 -55.74 48.85 19.82
CA GLN R 63 -54.57 49.21 19.02
C GLN R 63 -53.47 48.15 19.11
N LEU R 64 -53.55 47.23 20.07
CA LEU R 64 -52.64 46.09 20.17
C LEU R 64 -53.24 44.85 19.52
N LEU R 65 -54.55 44.65 19.70
CA LEU R 65 -55.24 43.54 19.04
C LEU R 65 -55.11 43.65 17.53
N GLY R 66 -55.16 44.87 16.99
CA GLY R 66 -54.96 45.05 15.57
C GLY R 66 -53.59 44.61 15.08
N VAL R 67 -52.53 44.96 15.81
CA VAL R 67 -51.19 44.58 15.42
C VAL R 67 -51.01 43.06 15.51
N LEU R 68 -51.55 42.46 16.57
CA LEU R 68 -51.43 41.01 16.73
C LEU R 68 -52.19 40.28 15.63
N GLN R 69 -53.38 40.78 15.27
CA GLN R 69 -54.13 40.17 14.18
C GLN R 69 -53.41 40.33 12.85
N ARG R 70 -52.78 41.48 12.62
CA ARG R 70 -52.00 41.67 11.40
C ARG R 70 -50.85 40.69 11.32
N TYR R 71 -50.10 40.52 12.42
CA TYR R 71 -49.03 39.54 12.46
C TYR R 71 -49.55 38.12 12.22
N GLN R 72 -50.71 37.78 12.80
CA GLN R 72 -51.32 36.47 12.58
C GLN R 72 -51.63 36.24 11.10
N ASP R 73 -52.31 37.20 10.48
CA ASP R 73 -52.66 37.07 9.07
C ASP R 73 -51.44 37.05 8.17
N LEU R 74 -50.33 37.65 8.60
CA LEU R 74 -49.09 37.55 7.85
C LEU R 74 -48.52 36.13 7.96
N CYS R 75 -48.38 35.64 9.20
CA CYS R 75 -47.79 34.32 9.43
C CYS R 75 -48.57 33.22 8.71
N HIS R 76 -49.90 33.33 8.67
CA HIS R 76 -50.71 32.35 7.96
C HIS R 76 -50.29 32.23 6.50
N ASN R 77 -50.17 33.37 5.81
CA ASN R 77 -49.81 33.36 4.40
C ASN R 77 -48.36 32.97 4.18
N VAL R 78 -47.47 33.32 5.10
CA VAL R 78 -46.09 32.86 4.99
C VAL R 78 -46.02 31.34 5.06
N TYR R 79 -46.74 30.73 6.02
CA TYR R 79 -46.77 29.28 6.11
C TYR R 79 -47.35 28.65 4.84
N CYS R 80 -48.50 29.15 4.38
CA CYS R 80 -49.15 28.59 3.20
C CYS R 80 -48.34 28.81 1.93
N GLN R 81 -47.49 29.83 1.89
CA GLN R 81 -46.64 30.07 0.73
C GLN R 81 -45.38 29.22 0.78
N ALA R 82 -44.86 28.96 1.97
CA ALA R 82 -43.69 28.09 2.10
C ALA R 82 -44.03 26.64 1.78
N GLU R 83 -45.24 26.20 2.16
CA GLU R 83 -45.65 24.85 1.83
C GLU R 83 -45.73 24.62 0.32
N THR R 84 -45.94 25.68 -0.47
CA THR R 84 -45.94 25.54 -1.92
C THR R 84 -44.55 25.15 -2.43
N ILE R 85 -43.52 25.84 -1.95
CA ILE R 85 -42.16 25.49 -2.34
C ILE R 85 -41.80 24.10 -1.84
N ARG R 86 -42.24 23.76 -0.63
CA ARG R 86 -42.01 22.41 -0.10
C ARG R 86 -42.64 21.36 -1.01
N THR R 87 -43.88 21.59 -1.44
CA THR R 87 -44.55 20.63 -2.31
C THR R 87 -43.94 20.59 -3.69
N VAL R 88 -43.32 21.68 -4.14
CA VAL R 88 -42.66 21.67 -5.44
C VAL R 88 -41.36 20.88 -5.38
N ILE R 89 -40.66 20.94 -4.26
CA ILE R 89 -39.38 20.23 -4.13
C ILE R 89 -39.60 18.76 -3.80
N ALA R 90 -40.51 18.45 -2.88
CA ALA R 90 -40.61 17.10 -2.34
C ALA R 90 -41.21 16.10 -3.32
N ILE R 91 -41.86 16.56 -4.38
CA ILE R 91 -42.41 15.68 -5.41
C ILE R 91 -41.43 15.49 -6.56
N ARG R 92 -40.15 15.80 -6.35
CA ARG R 92 -39.10 15.56 -7.33
C ARG R 92 -37.88 14.90 -6.72
N ILE R 93 -37.91 14.56 -5.44
CA ILE R 93 -36.86 13.76 -4.81
C ILE R 93 -36.82 12.42 -5.55
N PRO R 94 -35.76 12.09 -6.28
CA PRO R 94 -35.80 10.89 -7.12
C PRO R 94 -35.64 9.63 -6.28
N GLU R 95 -35.62 8.49 -6.97
CA GLU R 95 -35.57 7.20 -6.29
C GLU R 95 -34.29 7.06 -5.48
N HIS R 96 -34.39 6.30 -4.39
CA HIS R 96 -33.30 6.19 -3.43
C HIS R 96 -32.12 5.45 -4.05
N LYS R 97 -30.92 5.94 -3.79
CA LYS R 97 -29.69 5.33 -4.27
C LYS R 97 -28.57 5.63 -3.28
N GLU R 98 -27.52 4.82 -3.36
CA GLU R 98 -26.35 5.00 -2.52
C GLU R 98 -25.33 5.98 -3.10
N ALA R 99 -25.69 6.72 -4.15
CA ALA R 99 -24.75 7.61 -4.82
C ALA R 99 -25.53 8.47 -5.80
N ASP R 100 -24.85 9.48 -6.35
CA ASP R 100 -25.46 10.47 -7.23
C ASP R 100 -26.48 11.30 -6.46
N ASN R 101 -26.14 11.64 -5.22
CA ASN R 101 -27.05 12.28 -4.28
C ASN R 101 -26.54 13.68 -3.91
N LEU R 102 -26.03 14.41 -4.89
CA LEU R 102 -25.64 15.80 -4.66
C LEU R 102 -26.84 16.72 -4.67
N GLY R 103 -27.65 16.65 -5.73
CA GLY R 103 -28.87 17.44 -5.78
C GLY R 103 -29.88 17.00 -4.73
N VAL R 104 -29.84 15.73 -4.34
CA VAL R 104 -30.67 15.28 -3.22
C VAL R 104 -30.28 16.00 -1.94
N ALA R 105 -28.98 16.15 -1.69
CA ALA R 105 -28.51 16.93 -0.57
C ALA R 105 -28.88 18.40 -0.69
N VAL R 106 -28.85 18.96 -1.90
CA VAL R 106 -29.34 20.32 -2.11
C VAL R 106 -30.80 20.44 -1.70
N GLN R 107 -31.63 19.51 -2.18
CA GLN R 107 -33.04 19.49 -1.82
C GLN R 107 -33.24 19.44 -0.32
N HIS R 108 -32.56 18.50 0.35
CA HIS R 108 -32.73 18.37 1.78
C HIS R 108 -32.21 19.58 2.54
N ALA R 109 -31.17 20.25 2.04
CA ALA R 109 -30.68 21.45 2.70
C ALA R 109 -31.62 22.63 2.51
N VAL R 110 -32.32 22.69 1.38
CA VAL R 110 -33.28 23.75 1.15
C VAL R 110 -34.63 23.48 1.84
N LEU R 111 -34.89 22.22 2.20
CA LEU R 111 -36.00 21.91 3.10
C LEU R 111 -35.63 22.14 4.56
N LYS R 112 -34.36 21.94 4.91
CA LYS R 112 -33.79 22.21 6.22
C LYS R 112 -33.83 23.69 6.60
N ILE R 113 -34.13 24.57 5.65
CA ILE R 113 -34.31 26.00 5.94
C ILE R 113 -35.78 26.40 5.93
N ILE R 114 -36.63 25.73 5.14
CA ILE R 114 -38.05 26.03 5.17
C ILE R 114 -38.69 25.51 6.45
N ASP R 115 -38.23 24.35 6.95
CA ASP R 115 -38.73 23.91 8.25
C ASP R 115 -38.27 24.85 9.36
N GLU R 116 -37.05 25.40 9.23
CA GLU R 116 -36.58 26.40 10.17
C GLU R 116 -37.45 27.65 10.12
N LEU R 117 -37.90 28.04 8.92
CA LEU R 117 -38.84 29.15 8.80
C LEU R 117 -40.18 28.82 9.44
N GLU R 118 -40.64 27.58 9.32
CA GLU R 118 -41.99 27.22 9.74
C GLU R 118 -42.13 26.94 11.23
N ILE R 119 -41.08 26.40 11.88
CA ILE R 119 -41.22 25.89 13.24
C ILE R 119 -40.68 26.88 14.26
N LYS R 120 -39.37 27.14 14.20
CA LYS R 120 -38.70 27.91 15.24
C LYS R 120 -38.72 29.41 14.97
N THR R 121 -39.52 29.86 14.00
CA THR R 121 -39.69 31.29 13.73
C THR R 121 -41.13 31.68 13.43
N LEU R 122 -42.09 30.75 13.50
CA LEU R 122 -43.47 31.01 13.13
C LEU R 122 -44.49 30.44 14.11
N GLY R 123 -44.06 29.70 15.12
CA GLY R 123 -44.94 29.23 16.18
C GLY R 123 -45.85 28.08 15.83
N SER R 124 -46.06 27.77 14.55
CA SER R 124 -46.97 26.71 14.17
C SER R 124 -46.39 25.34 14.56
N PRO R 136 -39.25 33.91 19.83
CA PRO R 136 -39.84 34.81 20.81
C PRO R 136 -41.35 34.63 20.93
N ILE R 137 -42.04 34.74 19.79
CA ILE R 137 -43.49 34.56 19.72
C ILE R 137 -43.81 34.08 18.31
N GLY R 138 -45.05 33.69 18.08
CA GLY R 138 -45.47 33.18 16.78
C GLY R 138 -46.89 33.54 16.44
N MET R 139 -47.60 32.59 15.81
CA MET R 139 -48.86 32.90 15.16
C MET R 139 -49.97 33.14 16.19
N TYR R 140 -49.99 32.35 17.26
CA TYR R 140 -51.07 32.37 18.24
C TYR R 140 -50.74 33.25 19.42
N ALA R 141 -50.04 34.36 19.16
CA ALA R 141 -49.80 35.37 20.19
C ALA R 141 -51.11 35.95 20.71
N LEU R 142 -52.11 36.07 19.84
CA LEU R 142 -53.32 36.77 20.19
C LEU R 142 -54.15 36.04 21.24
N ARG R 143 -54.04 34.71 21.31
CA ARG R 143 -54.78 33.97 22.34
C ARG R 143 -54.05 34.01 23.67
N GLU R 144 -52.73 33.89 23.67
CA GLU R 144 -51.99 33.87 24.92
C GLU R 144 -51.88 35.26 25.55
N TYR R 145 -51.83 36.31 24.73
CA TYR R 145 -51.96 37.67 25.26
C TYR R 145 -53.24 37.82 26.09
N LEU R 146 -54.37 37.37 25.55
CA LEU R 146 -55.65 37.50 26.24
C LEU R 146 -55.73 36.57 27.45
N SER R 147 -55.26 35.33 27.34
CA SER R 147 -55.32 34.42 28.47
C SER R 147 -54.36 34.83 29.58
N ALA R 148 -53.33 35.60 29.27
CA ALA R 148 -52.44 36.13 30.30
C ALA R 148 -53.04 37.37 30.95
N ARG R 149 -53.63 38.25 30.14
CA ARG R 149 -54.16 39.50 30.70
C ARG R 149 -55.44 39.24 31.49
N SER R 150 -56.23 38.24 31.09
CA SER R 150 -57.42 37.87 31.84
C SER R 150 -57.09 37.43 33.25
N THR R 151 -55.95 36.76 33.43
CA THR R 151 -55.55 36.28 34.76
C THR R 151 -55.29 37.45 35.70
N VAL R 152 -54.97 38.63 35.16
CA VAL R 152 -54.79 39.82 35.97
C VAL R 152 -56.10 40.59 36.09
N GLU R 153 -56.91 40.58 35.03
CA GLU R 153 -58.15 41.34 35.04
C GLU R 153 -59.18 40.71 35.97
N ASP R 154 -59.15 39.39 36.14
CA ASP R 154 -60.04 38.74 37.08
C ASP R 154 -59.61 38.95 38.52
N LYS R 155 -58.32 39.24 38.75
CA LYS R 155 -57.82 39.50 40.10
C LYS R 155 -57.99 40.95 40.51
N LEU R 156 -57.76 41.90 39.59
CA LEU R 156 -57.91 43.31 39.91
C LEU R 156 -59.36 43.77 40.02
N LEU R 157 -60.32 42.89 39.72
CA LEU R 157 -61.74 43.25 39.71
C LEU R 157 -62.52 42.36 40.67
N GLY R 158 -62.18 41.07 40.72
CA GLY R 158 -62.83 40.13 41.63
C GLY R 158 -64.31 39.97 41.37
N GLY R 169 -63.75 41.13 46.76
CA GLY R 169 -63.53 42.32 45.96
C GLY R 169 -62.23 42.27 45.18
N GLY R 170 -61.70 43.44 44.85
CA GLY R 170 -60.48 43.54 44.09
C GLY R 170 -59.24 43.12 44.87
N SER R 171 -58.08 43.52 44.36
CA SER R 171 -56.78 43.24 45.00
C SER R 171 -56.02 44.55 45.13
N GLN R 172 -55.15 44.61 46.15
CA GLN R 172 -54.47 45.83 46.55
C GLN R 172 -52.96 45.71 46.44
N SER R 173 -52.48 45.18 45.29
CA SER R 173 -51.05 45.09 44.99
C SER R 173 -50.70 46.00 43.83
N PRO R 174 -49.71 46.91 43.94
CA PRO R 174 -49.41 47.79 42.80
C PRO R 174 -48.62 47.08 41.71
N SER R 175 -47.80 46.11 42.12
CA SER R 175 -47.02 45.33 41.17
C SER R 175 -47.92 44.61 40.17
N LEU R 176 -49.15 44.27 40.57
CA LEU R 176 -50.09 43.64 39.65
C LEU R 176 -50.54 44.62 38.56
N LEU R 177 -50.82 45.87 38.92
CA LEU R 177 -51.12 46.89 37.92
C LEU R 177 -49.94 47.09 36.98
N LEU R 178 -48.74 47.22 37.55
CA LEU R 178 -47.55 47.42 36.72
C LEU R 178 -47.28 46.21 35.83
N GLU R 179 -47.66 45.02 36.27
CA GLU R 179 -47.52 43.83 35.44
C GLU R 179 -48.56 43.81 34.33
N LEU R 180 -49.76 44.31 34.59
CA LEU R 180 -50.73 44.51 33.51
C LEU R 180 -50.14 45.41 32.42
N ARG R 181 -49.56 46.53 32.85
CA ARG R 181 -48.88 47.43 31.91
C ARG R 181 -47.76 46.71 31.15
N GLN R 182 -46.92 45.97 31.87
CA GLN R 182 -45.80 45.29 31.24
C GLN R 182 -46.26 44.17 30.31
N ILE R 183 -47.39 43.54 30.62
CA ILE R 183 -47.97 42.54 29.72
C ILE R 183 -48.39 43.22 28.43
N ASP R 184 -49.07 44.36 28.53
CA ASP R 184 -49.48 45.07 27.32
C ASP R 184 -48.28 45.52 26.49
N ALA R 185 -47.16 45.83 27.14
CA ALA R 185 -45.97 46.31 26.41
C ALA R 185 -45.15 45.16 25.81
N ASP R 186 -45.01 44.07 26.54
CA ASP R 186 -44.11 42.99 26.15
C ASP R 186 -44.55 42.33 24.86
N PHE R 187 -45.87 42.22 24.64
CA PHE R 187 -46.35 41.53 23.46
C PHE R 187 -46.22 42.38 22.20
N MET R 188 -45.99 43.68 22.35
CA MET R 188 -45.61 44.50 21.21
C MET R 188 -44.11 44.42 20.96
N LEU R 189 -43.32 44.38 22.04
CA LEU R 189 -41.89 44.13 21.91
C LEU R 189 -41.62 42.82 21.18
N LYS R 190 -42.31 41.76 21.60
CA LYS R 190 -42.15 40.45 20.99
C LYS R 190 -42.52 40.45 19.52
N VAL R 191 -43.58 41.18 19.15
CA VAL R 191 -43.96 41.28 17.74
C VAL R 191 -42.85 41.96 16.96
N GLU R 192 -42.30 43.05 17.49
CA GLU R 192 -41.20 43.73 16.80
C GLU R 192 -40.01 42.80 16.60
N LEU R 193 -39.60 42.08 17.65
CA LEU R 193 -38.46 41.19 17.55
C LEU R 193 -38.72 40.03 16.60
N ALA R 194 -39.92 39.45 16.65
CA ALA R 194 -40.23 38.31 15.80
C ALA R 194 -40.30 38.72 14.34
N THR R 195 -40.80 39.94 14.07
CA THR R 195 -40.74 40.46 12.71
C THR R 195 -39.31 40.67 12.24
N THR R 196 -38.46 41.22 13.12
CA THR R 196 -37.05 41.40 12.79
C THR R 196 -36.37 40.07 12.45
N HIS R 197 -36.81 38.99 13.12
CA HIS R 197 -36.21 37.67 12.87
C HIS R 197 -36.78 37.02 11.62
N LEU R 198 -38.09 37.16 11.41
CA LEU R 198 -38.74 36.56 10.25
C LEU R 198 -38.26 37.21 8.95
N SER R 199 -37.95 38.51 8.98
CA SER R 199 -37.37 39.15 7.81
C SER R 199 -36.03 38.50 7.44
N THR R 200 -35.18 38.25 8.42
CA THR R 200 -33.90 37.58 8.16
C THR R 200 -34.13 36.20 7.59
N MET R 201 -35.04 35.42 8.17
CA MET R 201 -35.27 34.07 7.65
C MET R 201 -35.81 34.09 6.22
N VAL R 202 -36.70 35.02 5.90
CA VAL R 202 -37.24 35.09 4.54
C VAL R 202 -36.15 35.49 3.55
N ARG R 203 -35.35 36.49 3.92
CA ARG R 203 -34.24 36.91 3.07
C ARG R 203 -33.21 35.79 2.88
N ALA R 204 -33.07 34.91 3.86
CA ALA R 204 -32.17 33.77 3.73
C ALA R 204 -32.76 32.63 2.90
N VAL R 205 -34.10 32.51 2.88
CA VAL R 205 -34.72 31.51 2.02
C VAL R 205 -34.67 31.93 0.56
N ILE R 206 -34.81 33.23 0.29
CA ILE R 206 -34.79 33.73 -1.08
C ILE R 206 -33.47 33.38 -1.76
N ASN R 207 -32.35 33.66 -1.08
CA ASN R 207 -31.04 33.38 -1.63
C ASN R 207 -30.82 31.89 -1.85
N ALA R 208 -31.25 31.07 -0.89
CA ALA R 208 -31.07 29.62 -1.02
C ALA R 208 -31.88 29.05 -2.17
N TYR R 209 -33.06 29.59 -2.44
CA TYR R 209 -33.81 29.14 -3.61
C TYR R 209 -33.14 29.60 -4.90
N LEU R 210 -32.74 30.88 -4.96
CA LEU R 210 -32.28 31.42 -6.22
C LEU R 210 -30.93 30.86 -6.64
N LEU R 211 -30.08 30.48 -5.68
CA LEU R 211 -28.78 29.93 -6.01
C LEU R 211 -28.79 28.41 -6.21
N ASN R 212 -29.95 27.74 -6.09
CA ASN R 212 -29.99 26.28 -6.15
C ASN R 212 -31.21 25.73 -6.89
N TRP R 213 -32.06 26.57 -7.46
CA TRP R 213 -33.27 26.07 -8.13
C TRP R 213 -32.99 25.09 -9.26
N LYS R 214 -31.81 25.11 -9.87
CA LYS R 214 -31.56 24.18 -10.98
C LYS R 214 -31.34 22.76 -10.49
N LYS R 215 -30.68 22.59 -9.35
CA LYS R 215 -30.57 21.28 -8.73
C LYS R 215 -31.80 20.91 -7.92
N LEU R 216 -32.63 21.88 -7.54
CA LEU R 216 -33.86 21.53 -6.83
C LEU R 216 -34.84 20.78 -7.74
N ILE R 217 -34.99 21.23 -8.99
CA ILE R 217 -35.93 20.59 -9.90
C ILE R 217 -35.31 19.33 -10.50
N GLN R 218 -34.19 19.49 -11.22
CA GLN R 218 -33.48 18.37 -11.82
C GLN R 218 -32.19 18.10 -11.05
N PRO R 219 -32.24 17.32 -9.96
CA PRO R 219 -31.00 17.05 -9.21
C PRO R 219 -30.02 16.19 -9.99
N ARG R 220 -30.49 15.05 -10.50
CA ARG R 220 -29.66 14.10 -11.24
C ARG R 220 -29.68 14.48 -12.71
N THR R 221 -28.51 14.75 -13.27
CA THR R 221 -28.35 15.24 -14.62
C THR R 221 -27.38 14.34 -15.39
N GLY R 222 -27.51 14.39 -16.71
CA GLY R 222 -26.52 13.81 -17.60
C GLY R 222 -26.49 12.29 -17.65
N ASN R 223 -26.15 11.78 -18.84
CA ASN R 223 -25.84 10.37 -19.04
C ASN R 223 -24.84 10.35 -20.18
N LEU R 224 -23.58 10.03 -19.88
CA LEU R 224 -22.48 10.34 -20.78
C LEU R 224 -22.29 9.23 -21.80
N SER R 225 -21.62 9.58 -22.90
CA SER R 225 -21.63 8.75 -24.10
C SER R 225 -20.79 7.49 -23.96
N TYR R 226 -19.86 7.44 -23.02
CA TYR R 226 -18.98 6.28 -22.90
C TYR R 226 -19.61 5.11 -22.17
N TYR R 227 -20.74 5.32 -21.49
CA TYR R 227 -21.53 4.21 -20.99
C TYR R 227 -22.37 3.55 -22.07
N THR R 228 -22.59 4.23 -23.19
CA THR R 228 -23.33 3.69 -24.34
C THR R 228 -24.81 3.49 -24.02
N LYS S 1 -46.69 -25.57 7.62
CA LYS S 1 -45.41 -25.22 7.03
C LYS S 1 -45.11 -23.74 7.21
N ARG S 2 -43.83 -23.38 7.14
CA ARG S 2 -43.39 -22.02 7.42
C ARG S 2 -43.57 -21.13 6.20
N ALA S 3 -43.03 -21.58 5.07
CA ALA S 3 -43.26 -20.89 3.80
C ALA S 3 -44.73 -20.77 3.46
N ALA S 4 -45.56 -21.73 3.88
CA ALA S 4 -47.00 -21.60 3.71
C ALA S 4 -47.54 -20.39 4.47
N LEU S 5 -47.07 -20.17 5.70
CA LEU S 5 -47.49 -19.01 6.46
C LEU S 5 -47.03 -17.72 5.81
N ILE S 6 -45.77 -17.67 5.38
CA ILE S 6 -45.26 -16.48 4.70
C ILE S 6 -46.06 -16.21 3.43
N GLN S 7 -46.47 -17.27 2.73
CA GLN S 7 -47.29 -17.13 1.54
C GLN S 7 -48.68 -16.62 1.86
N ASN S 8 -49.31 -17.15 2.92
CA ASN S 8 -50.62 -16.65 3.35
C ASN S 8 -50.56 -15.18 3.71
N LEU S 9 -49.43 -14.72 4.27
CA LEU S 9 -49.29 -13.30 4.56
C LEU S 9 -49.12 -12.48 3.28
N ARG S 10 -48.14 -12.86 2.44
CA ARG S 10 -47.81 -12.06 1.28
C ARG S 10 -48.88 -12.12 0.19
N ASP S 11 -49.84 -13.04 0.28
CA ASP S 11 -50.98 -13.04 -0.63
C ASP S 11 -52.11 -12.15 -0.16
N SER S 12 -52.20 -11.88 1.15
CA SER S 12 -53.28 -11.05 1.67
C SER S 12 -53.00 -9.57 1.44
N TYR S 13 -51.73 -9.18 1.44
CA TYR S 13 -51.32 -7.78 1.30
C TYR S 13 -50.31 -7.73 0.14
N THR S 14 -50.80 -7.35 -1.03
CA THR S 14 -50.01 -7.34 -2.26
C THR S 14 -49.84 -5.91 -2.77
N GLU S 15 -49.02 -5.80 -3.82
CA GLU S 15 -48.74 -4.50 -4.45
C GLU S 15 -50.01 -3.82 -4.94
N THR S 16 -51.01 -4.60 -5.37
CA THR S 16 -52.26 -4.01 -5.83
C THR S 16 -52.98 -3.28 -4.70
N SER S 17 -52.92 -3.82 -3.48
CA SER S 17 -53.57 -3.18 -2.35
C SER S 17 -52.89 -1.87 -1.99
N SER S 18 -51.57 -1.79 -2.17
CA SER S 18 -50.84 -0.57 -1.87
C SER S 18 -51.04 0.48 -2.97
N PHE S 19 -51.27 0.05 -4.21
CA PHE S 19 -51.52 0.98 -5.30
C PHE S 19 -52.95 1.48 -5.33
N ALA S 20 -53.91 0.66 -4.87
CA ALA S 20 -55.28 1.12 -4.69
C ALA S 20 -55.39 2.27 -3.71
N VAL S 21 -54.49 2.34 -2.73
CA VAL S 21 -54.46 3.46 -1.80
C VAL S 21 -53.90 4.70 -2.48
N ILE S 22 -52.86 4.54 -3.31
CA ILE S 22 -52.23 5.66 -3.96
C ILE S 22 -53.18 6.30 -4.97
N GLU S 23 -53.93 5.47 -5.70
CA GLU S 23 -54.93 6.01 -6.62
C GLU S 23 -55.96 6.86 -5.88
N GLU S 24 -56.52 6.32 -4.80
CA GLU S 24 -57.53 7.05 -4.04
C GLU S 24 -56.96 8.34 -3.47
N TRP S 25 -55.72 8.30 -2.99
CA TRP S 25 -55.08 9.50 -2.48
C TRP S 25 -54.97 10.56 -3.56
N ALA S 26 -54.43 10.18 -4.72
CA ALA S 26 -54.24 11.14 -5.81
C ALA S 26 -55.55 11.66 -6.35
N ALA S 27 -56.64 10.91 -6.22
CA ALA S 27 -57.92 11.31 -6.81
C ALA S 27 -58.82 12.08 -5.84
N GLY S 28 -59.20 11.47 -4.72
CA GLY S 28 -60.24 12.01 -3.87
C GLY S 28 -59.78 12.64 -2.57
N THR S 29 -58.75 12.05 -1.96
CA THR S 29 -58.29 12.50 -0.65
C THR S 29 -57.78 13.94 -0.72
N LEU S 30 -57.05 14.29 -1.77
CA LEU S 30 -56.49 15.63 -1.88
C LEU S 30 -57.58 16.67 -2.08
N GLN S 31 -58.60 16.34 -2.88
CA GLN S 31 -59.73 17.24 -3.04
C GLN S 31 -60.52 17.38 -1.75
N GLU S 32 -60.66 16.32 -0.98
CA GLU S 32 -61.29 16.42 0.33
C GLU S 32 -60.49 17.29 1.28
N ILE S 33 -59.16 17.15 1.25
CA ILE S 33 -58.26 18.01 2.01
C ILE S 33 -58.49 19.48 1.67
N GLU S 34 -58.48 19.81 0.38
CA GLU S 34 -58.69 21.18 -0.04
C GLU S 34 -60.09 21.69 0.29
N GLY S 35 -61.09 20.81 0.25
CA GLY S 35 -62.43 21.20 0.66
C GLY S 35 -62.52 21.55 2.13
N ILE S 36 -61.92 20.73 2.99
CA ILE S 36 -61.88 21.05 4.40
C ILE S 36 -61.13 22.35 4.63
N ALA S 37 -60.09 22.62 3.84
CA ALA S 37 -59.35 23.86 3.99
C ALA S 37 -60.19 25.08 3.64
N LYS S 38 -60.88 25.05 2.49
CA LYS S 38 -61.73 26.18 2.15
C LYS S 38 -62.87 26.34 3.15
N ALA S 39 -63.40 25.24 3.67
CA ALA S 39 -64.42 25.33 4.71
C ALA S 39 -63.89 25.98 5.98
N ALA S 40 -62.65 25.66 6.37
CA ALA S 40 -62.05 26.29 7.53
C ALA S 40 -61.86 27.78 7.32
N ALA S 41 -61.46 28.19 6.11
CA ALA S 41 -61.36 29.62 5.81
C ALA S 41 -62.74 30.29 5.87
N GLU S 42 -63.74 29.64 5.25
CA GLU S 42 -65.11 30.14 5.28
C GLU S 42 -65.60 30.37 6.70
N ALA S 43 -65.23 29.48 7.62
CA ALA S 43 -65.62 29.65 9.01
C ALA S 43 -64.80 30.71 9.73
N HIS S 44 -63.48 30.72 9.53
CA HIS S 44 -62.63 31.72 10.17
C HIS S 44 -63.05 33.14 9.84
N GLY S 45 -63.46 33.38 8.60
CA GLY S 45 -63.96 34.70 8.24
C GLY S 45 -65.17 35.14 9.03
N VAL S 46 -66.09 34.22 9.34
CA VAL S 46 -67.28 34.55 10.10
C VAL S 46 -66.91 35.04 11.49
N ILE S 47 -66.03 34.31 12.18
CA ILE S 47 -65.61 34.74 13.52
C ILE S 47 -64.83 36.05 13.45
N ARG S 48 -64.00 36.22 12.41
CA ARG S 48 -63.28 37.49 12.30
C ARG S 48 -64.24 38.66 12.03
N ASN S 49 -65.41 38.38 11.48
CA ASN S 49 -66.40 39.41 11.16
C ASN S 49 -67.58 39.40 12.14
N SER S 50 -67.31 39.23 13.43
CA SER S 50 -68.38 39.04 14.41
C SER S 50 -67.99 39.59 15.77
N THR S 51 -69.00 40.01 16.53
CA THR S 51 -68.87 40.38 17.93
C THR S 51 -69.48 39.26 18.78
N TYR S 52 -68.82 38.97 19.90
CA TYR S 52 -69.28 37.96 20.84
C TYR S 52 -69.77 38.61 22.12
N GLY S 53 -70.81 38.01 22.70
CA GLY S 53 -71.34 38.41 24.00
C GLY S 53 -71.48 37.21 24.91
N ARG S 54 -72.09 37.40 26.08
CA ARG S 54 -72.29 36.29 27.00
C ARG S 54 -73.22 35.22 26.42
N ALA S 55 -74.03 35.56 25.41
CA ALA S 55 -74.93 34.58 24.81
C ALA S 55 -74.17 33.53 24.02
N GLN S 56 -73.02 33.88 23.44
CA GLN S 56 -72.25 32.92 22.64
C GLN S 56 -71.59 31.84 23.48
N ALA S 57 -71.46 32.03 24.79
CA ALA S 57 -70.99 30.98 25.68
C ALA S 57 -72.06 29.97 26.02
N GLU S 58 -73.34 30.28 25.76
CA GLU S 58 -74.44 29.38 26.04
C GLU S 58 -74.71 28.41 24.88
N LYS S 59 -73.91 28.43 23.83
CA LYS S 59 -74.10 27.54 22.69
C LYS S 59 -72.84 27.54 21.85
N SER S 60 -72.52 26.38 21.26
CA SER S 60 -71.37 26.20 20.39
C SER S 60 -71.83 26.10 18.94
N PRO S 61 -71.27 26.85 17.99
CA PRO S 61 -71.75 26.74 16.60
C PRO S 61 -71.38 25.38 16.01
N GLU S 62 -72.37 24.73 15.40
CA GLU S 62 -72.13 23.45 14.75
C GLU S 62 -71.32 23.62 13.46
N GLN S 63 -71.12 24.84 12.98
CA GLN S 63 -70.31 25.05 11.79
C GLN S 63 -68.85 24.65 12.04
N LEU S 64 -68.34 24.86 13.26
CA LEU S 64 -66.97 24.50 13.57
C LEU S 64 -66.84 23.01 13.85
N LEU S 65 -67.83 22.45 14.56
CA LEU S 65 -67.80 21.04 14.87
C LEU S 65 -67.86 20.18 13.61
N GLY S 66 -68.57 20.65 12.59
CA GLY S 66 -68.60 19.93 11.33
C GLY S 66 -67.24 19.84 10.67
N VAL S 67 -66.52 20.96 10.62
CA VAL S 67 -65.18 20.95 10.02
C VAL S 67 -64.23 20.10 10.85
N LEU S 68 -64.31 20.21 12.17
CA LEU S 68 -63.46 19.39 13.03
C LEU S 68 -63.75 17.90 12.86
N GLN S 69 -65.00 17.52 12.70
CA GLN S 69 -65.35 16.12 12.50
C GLN S 69 -64.95 15.64 11.09
N ARG S 70 -65.02 16.51 10.10
CA ARG S 70 -64.51 16.16 8.77
C ARG S 70 -63.01 15.88 8.82
N TYR S 71 -62.26 16.77 9.50
CA TYR S 71 -60.82 16.54 9.66
C TYR S 71 -60.54 15.28 10.46
N GLN S 72 -61.36 15.01 11.48
CA GLN S 72 -61.30 13.75 12.22
C GLN S 72 -61.42 12.53 11.29
N ASP S 73 -62.46 12.52 10.45
CA ASP S 73 -62.67 11.41 9.54
C ASP S 73 -61.51 11.27 8.55
N LEU S 74 -61.05 12.39 8.00
CA LEU S 74 -59.94 12.37 7.06
C LEU S 74 -58.70 11.76 7.70
N CYS S 75 -58.35 12.23 8.91
CA CYS S 75 -57.21 11.69 9.63
C CYS S 75 -57.34 10.18 9.85
N HIS S 76 -58.51 9.71 10.27
CA HIS S 76 -58.71 8.28 10.47
C HIS S 76 -58.50 7.50 9.18
N ASN S 77 -59.12 7.96 8.09
CA ASN S 77 -59.00 7.25 6.82
C ASN S 77 -57.56 7.21 6.33
N VAL S 78 -56.84 8.32 6.46
CA VAL S 78 -55.46 8.35 5.99
C VAL S 78 -54.58 7.47 6.85
N TYR S 79 -54.83 7.43 8.16
CA TYR S 79 -54.04 6.56 9.04
C TYR S 79 -54.20 5.11 8.63
N CYS S 80 -55.45 4.65 8.43
CA CYS S 80 -55.65 3.26 8.02
C CYS S 80 -55.06 2.99 6.64
N GLN S 81 -55.25 3.91 5.70
CA GLN S 81 -54.71 3.75 4.36
C GLN S 81 -53.19 3.65 4.37
N ALA S 82 -52.53 4.39 5.25
CA ALA S 82 -51.07 4.34 5.34
C ALA S 82 -50.56 3.10 6.07
N GLU S 83 -51.29 2.65 7.11
CA GLU S 83 -50.92 1.39 7.74
C GLU S 83 -51.07 0.22 6.79
N THR S 84 -51.97 0.30 5.81
CA THR S 84 -52.02 -0.76 4.80
C THR S 84 -50.72 -0.82 3.99
N ILE S 85 -50.20 0.32 3.56
CA ILE S 85 -48.95 0.34 2.81
C ILE S 85 -47.80 -0.14 3.69
N ARG S 86 -47.78 0.30 4.95
CA ARG S 86 -46.78 -0.18 5.89
C ARG S 86 -46.81 -1.69 6.02
N THR S 87 -48.01 -2.26 6.17
CA THR S 87 -48.14 -3.71 6.27
C THR S 87 -47.71 -4.41 4.99
N VAL S 88 -47.90 -3.79 3.84
CA VAL S 88 -47.45 -4.39 2.59
C VAL S 88 -45.92 -4.41 2.54
N ILE S 89 -45.27 -3.35 3.02
CA ILE S 89 -43.81 -3.29 2.91
C ILE S 89 -43.15 -4.14 3.98
N ALA S 90 -43.73 -4.20 5.18
CA ALA S 90 -43.06 -4.80 6.33
C ALA S 90 -43.10 -6.32 6.34
N ILE S 91 -43.95 -6.95 5.52
CA ILE S 91 -44.02 -8.40 5.45
C ILE S 91 -43.12 -8.90 4.32
N ARG S 92 -42.21 -8.04 3.82
CA ARG S 92 -41.29 -8.40 2.76
C ARG S 92 -39.86 -7.99 3.06
N ILE S 93 -39.59 -7.38 4.21
CA ILE S 93 -38.22 -7.11 4.63
C ILE S 93 -37.53 -8.46 4.77
N PRO S 94 -36.47 -8.75 3.99
CA PRO S 94 -35.97 -10.13 3.94
C PRO S 94 -35.00 -10.47 5.05
N GLU S 95 -34.40 -11.66 4.97
CA GLU S 95 -33.38 -12.12 5.90
C GLU S 95 -32.37 -11.04 6.24
N HIS S 96 -32.01 -10.96 7.52
CA HIS S 96 -31.05 -9.96 7.97
C HIS S 96 -29.65 -10.34 7.47
N LYS S 97 -28.93 -9.36 6.94
CA LYS S 97 -27.60 -9.60 6.43
C LYS S 97 -26.77 -8.33 6.55
N GLU S 98 -25.46 -8.55 6.70
CA GLU S 98 -24.47 -7.47 6.69
C GLU S 98 -24.56 -6.62 5.44
N ALA S 99 -24.95 -7.21 4.31
CA ALA S 99 -24.78 -6.61 3.00
C ALA S 99 -25.93 -7.05 2.10
N ASP S 100 -25.89 -6.60 0.85
CA ASP S 100 -26.97 -6.83 -0.10
C ASP S 100 -28.24 -6.16 0.39
N ASN S 101 -28.09 -4.96 0.95
CA ASN S 101 -29.18 -4.23 1.57
C ASN S 101 -29.39 -2.89 0.87
N LEU S 102 -29.36 -2.91 -0.47
CA LEU S 102 -29.62 -1.72 -1.24
C LEU S 102 -31.11 -1.45 -1.43
N GLY S 103 -31.94 -2.49 -1.33
CA GLY S 103 -33.38 -2.35 -1.37
C GLY S 103 -33.99 -2.26 0.02
N VAL S 104 -33.30 -2.81 1.02
CA VAL S 104 -33.75 -2.69 2.40
C VAL S 104 -33.73 -1.23 2.84
N ALA S 105 -32.71 -0.48 2.42
CA ALA S 105 -32.67 0.94 2.70
C ALA S 105 -33.85 1.67 2.09
N VAL S 106 -34.29 1.26 0.90
CA VAL S 106 -35.45 1.84 0.27
C VAL S 106 -36.70 1.60 1.12
N GLN S 107 -36.85 0.37 1.60
CA GLN S 107 -37.98 0.03 2.46
C GLN S 107 -37.97 0.87 3.72
N HIS S 108 -36.81 0.99 4.36
CA HIS S 108 -36.72 1.80 5.57
C HIS S 108 -37.00 3.27 5.31
N ALA S 109 -36.57 3.80 4.16
CA ALA S 109 -36.84 5.19 3.84
C ALA S 109 -38.33 5.44 3.64
N VAL S 110 -39.01 4.57 2.89
CA VAL S 110 -40.43 4.77 2.66
C VAL S 110 -41.22 4.55 3.94
N LEU S 111 -40.80 3.59 4.77
CA LEU S 111 -41.45 3.39 6.07
C LEU S 111 -41.24 4.58 6.98
N LYS S 112 -40.06 5.22 6.91
CA LYS S 112 -39.81 6.44 7.67
C LYS S 112 -40.69 7.60 7.20
N ILE S 113 -40.87 7.73 5.89
CA ILE S 113 -41.76 8.79 5.38
C ILE S 113 -43.20 8.55 5.83
N ILE S 114 -43.64 7.29 5.81
CA ILE S 114 -44.99 6.97 6.25
C ILE S 114 -45.14 7.20 7.76
N ASP S 115 -44.11 6.86 8.53
CA ASP S 115 -44.13 7.13 9.97
C ASP S 115 -44.21 8.63 10.23
N GLU S 116 -43.50 9.43 9.41
CA GLU S 116 -43.65 10.87 9.48
C GLU S 116 -45.09 11.29 9.24
N LEU S 117 -45.67 10.84 8.11
CA LEU S 117 -47.06 11.16 7.78
C LEU S 117 -48.00 10.83 8.92
N GLU S 118 -47.78 9.71 9.61
CA GLU S 118 -48.64 9.36 10.73
C GLU S 118 -48.40 10.29 11.91
N ILE S 119 -47.21 10.23 12.51
CA ILE S 119 -47.02 10.80 13.84
C ILE S 119 -46.84 12.33 13.78
N LYS S 120 -46.08 12.83 12.82
CA LYS S 120 -45.75 14.25 12.75
C LYS S 120 -46.91 15.11 12.26
N THR S 121 -48.00 14.50 11.76
CA THR S 121 -49.09 15.26 11.16
C THR S 121 -50.46 14.92 11.74
N LEU S 122 -50.72 13.65 12.07
CA LEU S 122 -52.05 13.25 12.50
C LEU S 122 -52.24 13.30 14.01
N GLY S 123 -51.17 13.53 14.78
CA GLY S 123 -51.27 13.54 16.23
C GLY S 123 -51.39 12.19 16.88
N SER S 124 -51.61 11.11 16.12
CA SER S 124 -51.78 9.78 16.68
C SER S 124 -50.51 9.31 17.39
N PRO S 136 -49.10 21.14 14.11
CA PRO S 136 -50.10 22.22 14.13
C PRO S 136 -51.35 21.81 14.91
N ILE S 137 -52.02 20.76 14.43
CA ILE S 137 -53.11 20.13 15.16
C ILE S 137 -53.34 18.78 14.49
N GLY S 138 -53.86 17.82 15.25
CA GLY S 138 -54.00 16.45 14.80
C GLY S 138 -55.43 15.96 14.91
N MET S 139 -55.54 14.68 15.23
CA MET S 139 -56.80 13.97 15.06
C MET S 139 -57.84 14.40 16.08
N TYR S 140 -57.42 14.60 17.33
CA TYR S 140 -58.33 14.85 18.44
C TYR S 140 -58.45 16.34 18.76
N ALA S 141 -58.47 17.17 17.72
CA ALA S 141 -58.63 18.62 17.91
C ALA S 141 -59.99 18.96 18.48
N LEU S 142 -61.00 18.11 18.25
CA LEU S 142 -62.35 18.38 18.72
C LEU S 142 -62.42 18.32 20.24
N ARG S 143 -61.82 17.28 20.84
CA ARG S 143 -61.68 17.21 22.29
C ARG S 143 -60.97 18.45 22.84
N GLU S 144 -59.87 18.85 22.19
CA GLU S 144 -59.12 20.04 22.61
C GLU S 144 -59.99 21.29 22.60
N TYR S 145 -60.71 21.50 21.49
CA TYR S 145 -61.57 22.66 21.36
C TYR S 145 -62.65 22.68 22.43
N LEU S 146 -63.32 21.55 22.63
CA LEU S 146 -64.41 21.51 23.61
C LEU S 146 -63.92 21.69 25.03
N SER S 147 -62.76 21.13 25.38
CA SER S 147 -62.21 21.34 26.72
C SER S 147 -61.82 22.80 26.92
N ALA S 148 -61.04 23.35 25.98
CA ALA S 148 -60.55 24.72 26.13
C ALA S 148 -61.70 25.71 26.15
N ARG S 149 -62.83 25.39 25.50
CA ARG S 149 -63.96 26.29 25.53
C ARG S 149 -64.79 26.10 26.79
N SER S 150 -65.09 24.83 27.16
CA SER S 150 -65.81 24.53 28.39
C SER S 150 -65.15 25.11 29.63
N THR S 151 -63.85 25.42 29.58
CA THR S 151 -63.26 26.18 30.67
C THR S 151 -63.87 27.58 30.76
N VAL S 152 -63.82 28.32 29.65
CA VAL S 152 -64.22 29.73 29.67
C VAL S 152 -65.73 29.86 29.79
N GLU S 153 -66.49 28.92 29.23
CA GLU S 153 -67.95 28.99 29.32
C GLU S 153 -68.41 28.88 30.77
N ASP S 154 -67.66 28.15 31.60
CA ASP S 154 -67.97 28.11 33.03
C ASP S 154 -67.42 29.34 33.75
N LYS S 155 -66.24 29.82 33.35
CA LYS S 155 -65.73 31.04 33.97
C LYS S 155 -66.58 32.27 33.67
N LEU S 156 -67.38 32.26 32.61
CA LEU S 156 -68.18 33.41 32.21
C LEU S 156 -69.60 33.41 32.75
N LEU S 157 -70.10 32.26 33.22
CA LEU S 157 -71.50 32.11 33.61
C LEU S 157 -71.68 31.90 35.10
N GLY S 158 -71.00 30.92 35.69
CA GLY S 158 -71.15 30.62 37.10
C GLY S 158 -72.30 29.66 37.36
N GLY S 169 -71.09 35.89 40.24
CA GLY S 169 -71.33 34.78 39.34
C GLY S 169 -70.46 34.85 38.09
N GLY S 170 -70.84 35.70 37.16
CA GLY S 170 -70.08 35.86 35.94
C GLY S 170 -68.86 36.73 36.13
N SER S 171 -67.84 36.46 35.31
CA SER S 171 -66.58 37.19 35.38
C SER S 171 -66.64 38.42 34.49
N GLN S 172 -66.20 39.56 35.02
CA GLN S 172 -66.25 40.83 34.32
C GLN S 172 -65.05 41.06 33.42
N SER S 173 -64.21 40.05 33.21
CA SER S 173 -63.00 40.20 32.40
C SER S 173 -63.35 40.38 30.92
N PRO S 174 -63.10 41.53 30.30
CA PRO S 174 -63.41 41.64 28.87
C PRO S 174 -62.51 40.81 27.98
N SER S 175 -61.21 40.72 28.32
CA SER S 175 -60.28 39.95 27.50
C SER S 175 -60.66 38.48 27.43
N LEU S 176 -61.36 37.98 28.45
CA LEU S 176 -61.86 36.61 28.42
C LEU S 176 -62.88 36.41 27.31
N LEU S 177 -63.73 37.42 27.09
CA LEU S 177 -64.76 37.32 26.07
C LEU S 177 -64.15 37.27 24.67
N LEU S 178 -63.05 37.99 24.47
CA LEU S 178 -62.31 37.91 23.21
C LEU S 178 -61.50 36.63 23.10
N GLU S 179 -61.04 36.11 24.24
CA GLU S 179 -60.29 34.86 24.23
C GLU S 179 -61.19 33.69 23.82
N LEU S 180 -62.47 33.75 24.20
CA LEU S 180 -63.46 32.80 23.67
C LEU S 180 -63.52 32.85 22.14
N ARG S 181 -63.69 34.06 21.60
CA ARG S 181 -63.72 34.26 20.15
C ARG S 181 -62.47 33.71 19.48
N GLN S 182 -61.30 33.93 20.08
CA GLN S 182 -60.07 33.45 19.48
C GLN S 182 -59.89 31.96 19.64
N ILE S 183 -60.44 31.34 20.69
CA ILE S 183 -60.49 29.89 20.74
C ILE S 183 -61.29 29.37 19.56
N ASP S 184 -62.41 30.02 19.25
CA ASP S 184 -63.23 29.60 18.12
C ASP S 184 -62.48 29.77 16.80
N ALA S 185 -61.69 30.83 16.67
CA ALA S 185 -61.06 31.17 15.39
C ALA S 185 -59.78 30.37 15.14
N ASP S 186 -58.92 30.28 16.15
CA ASP S 186 -57.59 29.73 15.94
C ASP S 186 -57.65 28.24 15.63
N PHE S 187 -58.70 27.55 16.04
CA PHE S 187 -58.83 26.14 15.70
C PHE S 187 -59.16 25.96 14.23
N MET S 188 -60.02 26.81 13.68
CA MET S 188 -60.25 26.80 12.23
C MET S 188 -58.97 27.11 11.49
N LEU S 189 -58.20 28.07 11.98
CA LEU S 189 -56.90 28.36 11.38
C LEU S 189 -55.98 27.14 11.44
N LYS S 190 -55.94 26.45 12.58
CA LYS S 190 -55.13 25.25 12.73
C LYS S 190 -55.53 24.19 11.72
N VAL S 191 -56.84 24.00 11.52
CA VAL S 191 -57.30 23.05 10.51
C VAL S 191 -56.81 23.48 9.12
N GLU S 192 -56.96 24.77 8.80
CA GLU S 192 -56.55 25.27 7.50
C GLU S 192 -55.07 25.05 7.23
N LEU S 193 -54.23 25.08 8.27
CA LEU S 193 -52.80 24.84 8.08
C LEU S 193 -52.45 23.36 8.07
N ALA S 194 -53.08 22.57 8.94
CA ALA S 194 -52.77 21.15 9.01
C ALA S 194 -53.19 20.42 7.75
N THR S 195 -54.32 20.84 7.15
CA THR S 195 -54.70 20.30 5.85
C THR S 195 -53.68 20.65 4.76
N THR S 196 -53.21 21.89 4.74
CA THR S 196 -52.20 22.32 3.79
C THR S 196 -50.92 21.51 3.93
N HIS S 197 -50.58 21.11 5.15
CA HIS S 197 -49.37 20.32 5.37
C HIS S 197 -49.58 18.85 5.00
N LEU S 198 -50.75 18.31 5.34
CA LEU S 198 -51.07 16.92 5.02
C LEU S 198 -51.12 16.70 3.52
N SER S 199 -51.59 17.71 2.76
CA SER S 199 -51.55 17.59 1.30
C SER S 199 -50.13 17.38 0.80
N THR S 200 -49.18 18.17 1.29
CA THR S 200 -47.78 17.99 0.93
C THR S 200 -47.26 16.61 1.31
N MET S 201 -47.59 16.15 2.51
CA MET S 201 -47.11 14.83 2.93
C MET S 201 -47.65 13.72 2.04
N VAL S 202 -48.94 13.75 1.71
CA VAL S 202 -49.53 12.74 0.85
C VAL S 202 -48.91 12.79 -0.54
N ARG S 203 -48.73 14.00 -1.08
CA ARG S 203 -48.11 14.14 -2.39
C ARG S 203 -46.67 13.65 -2.40
N ALA S 204 -45.97 13.72 -1.28
CA ALA S 204 -44.63 13.15 -1.18
C ALA S 204 -44.64 11.63 -1.11
N VAL S 205 -45.55 11.04 -0.33
CA VAL S 205 -45.65 9.59 -0.27
C VAL S 205 -46.02 8.99 -1.62
N ILE S 206 -46.87 9.68 -2.40
CA ILE S 206 -47.24 9.18 -3.71
C ILE S 206 -46.01 9.03 -4.60
N ASN S 207 -45.18 10.08 -4.66
CA ASN S 207 -43.98 10.02 -5.47
C ASN S 207 -43.02 8.96 -4.96
N ALA S 208 -42.81 8.90 -3.64
CA ALA S 208 -41.90 7.92 -3.07
C ALA S 208 -42.29 6.50 -3.46
N TYR S 209 -43.56 6.13 -3.24
CA TYR S 209 -44.04 4.82 -3.66
C TYR S 209 -43.85 4.61 -5.16
N LEU S 210 -44.46 5.48 -5.97
CA LEU S 210 -44.50 5.26 -7.42
C LEU S 210 -43.12 5.25 -8.06
N LEU S 211 -42.10 5.82 -7.42
CA LEU S 211 -40.73 5.73 -7.92
C LEU S 211 -40.00 4.50 -7.42
N ASN S 212 -40.23 4.09 -6.16
CA ASN S 212 -39.43 3.06 -5.52
C ASN S 212 -40.15 1.73 -5.36
N TRP S 213 -41.36 1.57 -5.89
CA TRP S 213 -42.18 0.40 -5.61
C TRP S 213 -41.57 -0.91 -6.09
N LYS S 214 -40.59 -0.87 -7.00
CA LYS S 214 -40.07 -2.11 -7.56
C LYS S 214 -39.15 -2.84 -6.59
N LYS S 215 -38.45 -2.10 -5.73
CA LYS S 215 -37.56 -2.68 -4.73
C LYS S 215 -38.19 -2.72 -3.34
N LEU S 216 -39.42 -2.25 -3.19
CA LEU S 216 -40.19 -2.51 -1.98
C LEU S 216 -40.79 -3.91 -1.97
N ILE S 217 -40.99 -4.51 -3.14
CA ILE S 217 -41.60 -5.82 -3.26
C ILE S 217 -40.49 -6.86 -3.32
N GLN S 218 -39.63 -6.75 -4.34
CA GLN S 218 -38.46 -7.61 -4.49
C GLN S 218 -37.19 -6.80 -4.22
N PRO S 219 -36.77 -6.65 -2.97
CA PRO S 219 -35.60 -5.80 -2.71
C PRO S 219 -34.29 -6.44 -3.13
N ARG S 220 -34.18 -7.77 -3.03
CA ARG S 220 -32.95 -8.48 -3.33
C ARG S 220 -33.09 -9.22 -4.65
N THR S 221 -31.99 -9.24 -5.41
CA THR S 221 -31.98 -9.84 -6.73
C THR S 221 -30.62 -10.52 -6.90
N GLY S 222 -30.63 -11.84 -6.94
CA GLY S 222 -29.39 -12.61 -6.95
C GLY S 222 -28.82 -12.76 -8.35
N ASN S 223 -27.50 -12.57 -8.45
CA ASN S 223 -26.74 -12.83 -9.68
C ASN S 223 -25.75 -13.94 -9.37
N LEU S 224 -26.10 -15.17 -9.75
CA LEU S 224 -25.25 -16.34 -9.56
C LEU S 224 -24.55 -16.75 -10.85
N SER S 225 -24.30 -15.78 -11.74
CA SER S 225 -23.71 -16.09 -13.03
C SER S 225 -22.26 -16.51 -12.90
N TYR S 226 -21.54 -15.96 -11.93
CA TYR S 226 -20.12 -16.28 -11.73
C TYR S 226 -19.93 -17.43 -10.74
N TYR S 227 -20.90 -18.33 -10.65
CA TYR S 227 -20.80 -19.55 -9.87
C TYR S 227 -21.02 -20.74 -10.80
N THR S 228 -20.47 -21.89 -10.39
CA THR S 228 -20.63 -23.13 -11.14
C THR S 228 -21.09 -24.25 -10.22
N LYS T 1 -23.74 -29.03 37.93
CA LYS T 1 -22.76 -28.38 37.07
C LYS T 1 -23.39 -27.20 36.33
N ARG T 2 -22.57 -26.41 35.66
CA ARG T 2 -23.05 -25.19 35.00
C ARG T 2 -23.68 -25.50 33.65
N ALA T 3 -23.03 -26.36 32.86
CA ALA T 3 -23.63 -26.83 31.63
C ALA T 3 -24.95 -27.53 31.89
N ALA T 4 -25.09 -28.21 33.03
CA ALA T 4 -26.38 -28.76 33.43
C ALA T 4 -27.43 -27.66 33.51
N LEU T 5 -27.09 -26.52 34.11
CA LEU T 5 -28.04 -25.43 34.24
C LEU T 5 -28.41 -24.83 32.89
N ILE T 6 -27.41 -24.62 32.03
CA ILE T 6 -27.72 -24.06 30.71
C ILE T 6 -28.59 -25.02 29.90
N GLN T 7 -28.33 -26.33 30.01
CA GLN T 7 -29.17 -27.29 29.30
C GLN T 7 -30.58 -27.34 29.88
N ASN T 8 -30.72 -27.29 31.20
CA ASN T 8 -32.05 -27.30 31.80
C ASN T 8 -32.84 -26.06 31.43
N LEU T 9 -32.18 -24.93 31.20
CA LEU T 9 -32.89 -23.73 30.76
C LEU T 9 -33.22 -23.77 29.27
N ARG T 10 -32.27 -24.20 28.44
CA ARG T 10 -32.50 -24.23 27.01
C ARG T 10 -33.42 -25.38 26.59
N ASP T 11 -33.67 -26.34 27.47
CA ASP T 11 -34.68 -27.37 27.22
C ASP T 11 -36.06 -26.96 27.71
N SER T 12 -36.16 -25.88 28.47
CA SER T 12 -37.45 -25.36 28.94
C SER T 12 -38.06 -24.35 27.99
N TYR T 13 -37.26 -23.78 27.08
CA TYR T 13 -37.72 -22.74 26.15
C TYR T 13 -37.03 -23.03 24.82
N THR T 14 -37.76 -23.68 23.92
CA THR T 14 -37.23 -24.20 22.67
C THR T 14 -37.82 -23.44 21.48
N GLU T 15 -37.30 -23.74 20.30
CA GLU T 15 -37.85 -23.18 19.08
C GLU T 15 -39.30 -23.58 18.88
N THR T 16 -39.69 -24.76 19.37
CA THR T 16 -41.08 -25.19 19.33
C THR T 16 -41.97 -24.21 20.09
N SER T 17 -41.54 -23.77 21.27
CA SER T 17 -42.34 -22.86 22.08
C SER T 17 -42.51 -21.51 21.36
N SER T 18 -41.49 -21.08 20.63
CA SER T 18 -41.54 -19.80 19.95
C SER T 18 -42.23 -19.87 18.60
N PHE T 19 -42.37 -21.07 18.02
CA PHE T 19 -43.13 -21.24 16.79
C PHE T 19 -44.61 -21.50 17.04
N ALA T 20 -44.95 -22.14 18.15
CA ALA T 20 -46.34 -22.25 18.55
C ALA T 20 -46.98 -20.89 18.70
N VAL T 21 -46.27 -19.95 19.33
CA VAL T 21 -46.75 -18.58 19.46
C VAL T 21 -46.98 -17.96 18.08
N ILE T 22 -46.06 -18.21 17.15
CA ILE T 22 -46.12 -17.57 15.85
C ILE T 22 -47.33 -18.09 15.06
N GLU T 23 -47.53 -19.41 15.07
CA GLU T 23 -48.67 -19.95 14.34
C GLU T 23 -50.00 -19.58 15.00
N GLU T 24 -50.05 -19.50 16.32
CA GLU T 24 -51.26 -18.98 16.98
C GLU T 24 -51.52 -17.53 16.57
N TRP T 25 -50.46 -16.72 16.50
CA TRP T 25 -50.61 -15.33 16.08
C TRP T 25 -51.13 -15.25 14.66
N ALA T 26 -50.61 -16.08 13.76
CA ALA T 26 -51.05 -16.05 12.37
C ALA T 26 -52.48 -16.55 12.23
N ALA T 27 -52.91 -17.46 13.11
CA ALA T 27 -54.26 -18.03 12.99
C ALA T 27 -55.33 -17.16 13.63
N GLY T 28 -55.26 -16.95 14.95
CA GLY T 28 -56.41 -16.47 15.71
C GLY T 28 -56.29 -15.10 16.34
N THR T 29 -55.06 -14.75 16.73
CA THR T 29 -54.83 -13.46 17.35
C THR T 29 -55.23 -12.32 16.42
N LEU T 30 -54.84 -12.43 15.15
CA LEU T 30 -55.21 -11.41 14.18
C LEU T 30 -56.73 -11.32 14.04
N GLN T 31 -57.41 -12.46 13.97
CA GLN T 31 -58.87 -12.46 13.84
C GLN T 31 -59.53 -11.72 15.01
N GLU T 32 -59.04 -11.97 16.23
CA GLU T 32 -59.60 -11.22 17.37
C GLU T 32 -59.26 -9.74 17.26
N ILE T 33 -58.07 -9.40 16.74
CA ILE T 33 -57.71 -8.01 16.54
C ILE T 33 -58.68 -7.33 15.57
N GLU T 34 -59.05 -7.99 14.47
CA GLU T 34 -60.02 -7.33 13.58
C GLU T 34 -61.40 -7.28 14.22
N GLY T 35 -61.80 -8.32 14.95
CA GLY T 35 -63.09 -8.29 15.63
C GLY T 35 -63.25 -7.15 16.60
N ILE T 36 -62.19 -6.85 17.37
CA ILE T 36 -62.25 -5.70 18.27
C ILE T 36 -62.43 -4.41 17.47
N ALA T 37 -61.81 -4.31 16.29
CA ALA T 37 -61.99 -3.11 15.47
C ALA T 37 -63.40 -3.03 14.90
N LYS T 38 -63.98 -4.17 14.52
CA LYS T 38 -65.39 -4.20 14.12
C LYS T 38 -66.27 -3.62 15.21
N ALA T 39 -66.11 -4.13 16.43
CA ALA T 39 -66.91 -3.66 17.56
C ALA T 39 -66.68 -2.18 17.84
N ALA T 40 -65.42 -1.75 17.81
CA ALA T 40 -65.10 -0.35 18.07
C ALA T 40 -65.70 0.58 17.02
N ALA T 41 -65.62 0.21 15.75
CA ALA T 41 -66.19 1.03 14.69
C ALA T 41 -67.70 1.10 14.84
N GLU T 42 -68.34 -0.04 15.14
CA GLU T 42 -69.79 -0.04 15.33
C GLU T 42 -70.19 0.85 16.50
N ALA T 43 -69.46 0.78 17.61
CA ALA T 43 -69.76 1.63 18.76
C ALA T 43 -69.52 3.10 18.44
N HIS T 44 -68.45 3.42 17.73
CA HIS T 44 -68.19 4.80 17.37
C HIS T 44 -69.30 5.36 16.49
N GLY T 45 -69.75 4.58 15.51
CA GLY T 45 -70.89 4.99 14.71
C GLY T 45 -72.19 5.08 15.47
N VAL T 46 -72.34 4.31 16.54
CA VAL T 46 -73.53 4.39 17.38
C VAL T 46 -73.54 5.69 18.18
N ILE T 47 -72.47 5.93 18.96
CA ILE T 47 -72.41 7.16 19.75
C ILE T 47 -72.38 8.39 18.86
N ARG T 48 -71.85 8.27 17.63
CA ARG T 48 -71.85 9.44 16.75
C ARG T 48 -73.26 9.88 16.40
N ASN T 49 -74.22 8.95 16.38
CA ASN T 49 -75.63 9.28 16.23
C ASN T 49 -76.31 9.25 17.60
N SER T 50 -76.07 10.32 18.35
CA SER T 50 -76.61 10.44 19.70
C SER T 50 -76.60 11.91 20.10
N THR T 51 -77.38 12.20 21.15
CA THR T 51 -77.52 13.56 21.68
C THR T 51 -77.44 13.46 23.19
N TYR T 52 -76.28 13.80 23.75
CA TYR T 52 -76.03 13.59 25.17
C TYR T 52 -76.67 14.70 26.00
N GLY T 53 -77.52 14.30 26.94
CA GLY T 53 -78.01 15.15 27.99
C GLY T 53 -77.45 14.76 29.34
N ARG T 54 -78.13 15.14 30.41
CA ARG T 54 -77.62 14.88 31.76
C ARG T 54 -77.79 13.42 32.17
N ALA T 55 -78.69 12.66 31.52
CA ALA T 55 -78.88 11.27 31.88
C ALA T 55 -77.67 10.41 31.53
N GLN T 56 -76.94 10.78 30.48
CA GLN T 56 -75.78 10.02 30.06
C GLN T 56 -74.58 10.19 30.98
N ALA T 57 -74.60 11.18 31.85
CA ALA T 57 -73.62 11.29 32.92
C ALA T 57 -74.00 10.46 34.14
N GLU T 58 -75.28 10.12 34.28
CA GLU T 58 -75.76 9.33 35.41
C GLU T 58 -75.48 7.83 35.26
N LYS T 59 -74.87 7.40 34.15
CA LYS T 59 -74.68 5.98 33.91
C LYS T 59 -73.68 5.80 32.78
N SER T 60 -72.77 4.83 32.93
CA SER T 60 -71.79 4.52 31.90
C SER T 60 -72.35 3.51 30.91
N PRO T 61 -72.00 3.59 29.60
CA PRO T 61 -72.52 2.60 28.64
C PRO T 61 -71.67 1.34 28.61
N GLU T 62 -72.32 0.18 28.46
CA GLU T 62 -71.65 -1.10 28.70
C GLU T 62 -70.81 -1.54 27.50
N GLN T 63 -71.22 -1.16 26.29
CA GLN T 63 -70.53 -1.61 25.08
C GLN T 63 -69.09 -1.17 25.07
N LEU T 64 -68.85 0.08 25.49
CA LEU T 64 -67.50 0.64 25.50
C LEU T 64 -66.61 -0.14 26.47
N LEU T 65 -67.13 -0.43 27.67
CA LEU T 65 -66.36 -1.19 28.65
C LEU T 65 -66.07 -2.59 28.15
N GLY T 66 -67.02 -3.22 27.47
CA GLY T 66 -66.76 -4.53 26.89
C GLY T 66 -65.65 -4.50 25.87
N VAL T 67 -65.70 -3.54 24.94
CA VAL T 67 -64.66 -3.41 23.93
C VAL T 67 -63.29 -3.17 24.57
N LEU T 68 -63.23 -2.30 25.59
CA LEU T 68 -61.94 -1.99 26.22
C LEU T 68 -61.40 -3.16 27.03
N GLN T 69 -62.26 -3.89 27.73
CA GLN T 69 -61.81 -5.09 28.43
C GLN T 69 -61.29 -6.13 27.45
N ARG T 70 -61.94 -6.27 26.28
CA ARG T 70 -61.45 -7.18 25.25
C ARG T 70 -60.06 -6.78 24.79
N TYR T 71 -59.88 -5.50 24.46
CA TYR T 71 -58.57 -4.99 24.07
C TYR T 71 -57.51 -5.24 25.14
N GLN T 72 -57.88 -5.02 26.40
CA GLN T 72 -56.96 -5.25 27.52
C GLN T 72 -56.51 -6.70 27.59
N ASP T 73 -57.46 -7.64 27.51
CA ASP T 73 -57.13 -9.06 27.50
C ASP T 73 -56.20 -9.41 26.35
N LEU T 74 -56.49 -8.87 25.16
CA LEU T 74 -55.64 -9.12 24.00
C LEU T 74 -54.21 -8.66 24.24
N CYS T 75 -54.06 -7.42 24.71
CA CYS T 75 -52.72 -6.89 24.94
C CYS T 75 -51.96 -7.69 25.99
N HIS T 76 -52.66 -8.14 27.04
CA HIS T 76 -52.03 -8.98 28.05
C HIS T 76 -51.50 -10.27 27.43
N ASN T 77 -52.36 -10.98 26.69
CA ASN T 77 -51.96 -12.24 26.09
C ASN T 77 -50.80 -12.05 25.11
N VAL T 78 -50.82 -10.97 24.34
CA VAL T 78 -49.75 -10.74 23.37
C VAL T 78 -48.44 -10.37 24.06
N TYR T 79 -48.51 -9.62 25.17
CA TYR T 79 -47.30 -9.34 25.95
C TYR T 79 -46.65 -10.64 26.41
N CYS T 80 -47.44 -11.53 27.01
CA CYS T 80 -46.86 -12.78 27.50
C CYS T 80 -46.31 -13.63 26.36
N GLN T 81 -47.05 -13.72 25.25
CA GLN T 81 -46.58 -14.47 24.10
C GLN T 81 -45.27 -13.91 23.55
N ALA T 82 -45.12 -12.58 23.53
CA ALA T 82 -43.88 -11.98 23.05
C ALA T 82 -42.73 -12.20 24.02
N GLU T 83 -43.00 -12.14 25.32
CA GLU T 83 -41.95 -12.40 26.30
C GLU T 83 -41.48 -13.85 26.25
N THR T 84 -42.33 -14.78 25.84
CA THR T 84 -41.84 -16.15 25.61
C THR T 84 -40.76 -16.18 24.54
N ILE T 85 -40.99 -15.52 23.40
CA ILE T 85 -40.00 -15.48 22.34
C ILE T 85 -38.75 -14.75 22.80
N ARG T 86 -38.92 -13.67 23.57
CA ARG T 86 -37.78 -12.96 24.12
C ARG T 86 -36.93 -13.88 24.98
N THR T 87 -37.57 -14.67 25.84
CA THR T 87 -36.84 -15.61 26.67
C THR T 87 -36.08 -16.62 25.83
N VAL T 88 -36.74 -17.17 24.80
CA VAL T 88 -36.10 -18.15 23.92
C VAL T 88 -34.85 -17.56 23.28
N ILE T 89 -34.97 -16.37 22.71
CA ILE T 89 -33.83 -15.77 22.01
C ILE T 89 -32.76 -15.32 22.99
N ALA T 90 -33.15 -14.95 24.22
CA ALA T 90 -32.21 -14.33 25.14
C ALA T 90 -31.42 -15.34 25.96
N ILE T 91 -31.93 -16.57 26.10
CA ILE T 91 -31.16 -17.61 26.79
C ILE T 91 -30.19 -18.32 25.85
N ARG T 92 -30.02 -17.78 24.64
CA ARG T 92 -29.15 -18.39 23.63
C ARG T 92 -28.11 -17.42 23.06
N ILE T 93 -28.09 -16.17 23.53
CA ILE T 93 -27.04 -15.23 23.14
C ILE T 93 -25.71 -15.82 23.63
N PRO T 94 -24.68 -15.97 22.77
CA PRO T 94 -23.50 -16.72 23.18
C PRO T 94 -22.45 -15.88 23.88
N GLU T 95 -21.31 -16.50 24.18
CA GLU T 95 -20.13 -15.85 24.74
C GLU T 95 -19.84 -14.53 24.05
N HIS T 96 -19.55 -13.50 24.86
CA HIS T 96 -19.24 -12.19 24.33
C HIS T 96 -17.87 -12.22 23.64
N LYS T 97 -17.83 -11.67 22.43
CA LYS T 97 -16.61 -11.69 21.63
C LYS T 97 -16.58 -10.46 20.74
N GLU T 98 -15.39 -10.15 20.25
CA GLU T 98 -15.17 -9.00 19.38
C GLU T 98 -15.49 -9.30 17.91
N ALA T 99 -15.71 -10.57 17.56
CA ALA T 99 -15.93 -10.96 16.18
C ALA T 99 -16.89 -12.15 16.15
N ASP T 100 -17.37 -12.45 14.94
CA ASP T 100 -18.38 -13.49 14.71
C ASP T 100 -19.73 -13.11 15.32
N ASN T 101 -20.06 -11.82 15.29
CA ASN T 101 -21.26 -11.29 15.92
C ASN T 101 -22.35 -10.98 14.90
N LEU T 102 -22.47 -11.80 13.86
CA LEU T 102 -23.50 -11.60 12.85
C LEU T 102 -24.84 -12.17 13.33
N GLY T 103 -24.85 -13.43 13.77
CA GLY T 103 -26.05 -13.99 14.37
C GLY T 103 -26.47 -13.26 15.62
N VAL T 104 -25.52 -12.71 16.36
CA VAL T 104 -25.84 -11.88 17.51
C VAL T 104 -26.54 -10.60 17.06
N ALA T 105 -26.10 -10.05 15.92
CA ALA T 105 -26.79 -8.92 15.33
C ALA T 105 -28.21 -9.27 14.91
N VAL T 106 -28.42 -10.46 14.36
CA VAL T 106 -29.77 -10.91 14.04
C VAL T 106 -30.61 -10.99 15.31
N GLN T 107 -30.03 -11.55 16.37
CA GLN T 107 -30.75 -11.69 17.64
C GLN T 107 -31.17 -10.34 18.18
N HIS T 108 -30.24 -9.38 18.22
CA HIS T 108 -30.57 -8.05 18.70
C HIS T 108 -31.55 -7.34 17.79
N ALA T 109 -31.50 -7.58 16.48
CA ALA T 109 -32.46 -6.97 15.57
C ALA T 109 -33.87 -7.47 15.83
N VAL T 110 -34.03 -8.78 16.05
CA VAL T 110 -35.36 -9.32 16.34
C VAL T 110 -35.83 -8.88 17.72
N LEU T 111 -34.91 -8.75 18.67
CA LEU T 111 -35.29 -8.27 19.99
C LEU T 111 -35.71 -6.81 19.94
N LYS T 112 -35.09 -6.02 19.07
CA LYS T 112 -35.53 -4.64 18.85
C LYS T 112 -36.95 -4.59 18.28
N ILE T 113 -37.31 -5.56 17.44
CA ILE T 113 -38.65 -5.58 16.86
C ILE T 113 -39.67 -6.13 17.86
N ILE T 114 -39.24 -6.94 18.82
CA ILE T 114 -40.11 -7.31 19.93
C ILE T 114 -40.36 -6.12 20.85
N ASP T 115 -39.31 -5.34 21.12
CA ASP T 115 -39.47 -4.08 21.85
C ASP T 115 -40.45 -3.17 21.12
N GLU T 116 -40.32 -3.06 19.80
CA GLU T 116 -41.22 -2.22 19.03
C GLU T 116 -42.68 -2.67 19.15
N LEU T 117 -42.91 -3.93 19.51
CA LEU T 117 -44.25 -4.44 19.73
C LEU T 117 -44.76 -4.19 21.14
N GLU T 118 -43.91 -4.36 22.16
CA GLU T 118 -44.36 -4.25 23.55
C GLU T 118 -43.86 -3.01 24.27
N ILE T 119 -43.47 -1.96 23.53
CA ILE T 119 -43.08 -0.68 24.12
C ILE T 119 -43.92 0.46 23.56
N LYS T 120 -44.45 0.29 22.34
CA LYS T 120 -45.08 1.38 21.61
C LYS T 120 -46.56 1.16 21.32
N THR T 121 -47.07 -0.06 21.48
CA THR T 121 -48.40 -0.42 21.04
C THR T 121 -49.22 -1.02 22.19
N LEU T 122 -48.54 -1.63 23.15
CA LEU T 122 -49.20 -2.24 24.30
C LEU T 122 -49.25 -1.32 25.50
N GLY T 123 -48.41 -0.28 25.56
CA GLY T 123 -48.41 0.64 26.67
C GLY T 123 -48.13 -0.01 28.01
N SER T 124 -47.38 -1.11 28.02
CA SER T 124 -47.08 -1.82 29.25
C SER T 124 -46.31 -0.96 30.25
N PRO T 136 -50.42 4.50 20.21
CA PRO T 136 -51.45 5.47 20.59
C PRO T 136 -52.02 5.22 21.98
N ILE T 137 -52.41 3.97 22.24
CA ILE T 137 -52.97 3.59 23.54
C ILE T 137 -52.79 2.08 23.69
N GLY T 138 -52.89 1.59 24.92
CA GLY T 138 -52.59 0.20 25.21
C GLY T 138 -53.48 -0.49 26.23
N MET T 139 -52.85 -1.19 27.18
CA MET T 139 -53.56 -2.08 28.09
C MET T 139 -54.56 -1.32 28.95
N TYR T 140 -54.09 -0.26 29.63
CA TYR T 140 -54.84 0.34 30.73
C TYR T 140 -55.72 1.49 30.26
N ALA T 141 -56.22 1.43 29.02
CA ALA T 141 -57.11 2.47 28.53
C ALA T 141 -58.42 2.49 29.30
N LEU T 142 -58.84 1.35 29.84
CA LEU T 142 -60.11 1.29 30.56
C LEU T 142 -60.06 2.06 31.87
N ARG T 143 -58.86 2.36 32.38
CA ARG T 143 -58.72 3.24 33.55
C ARG T 143 -58.70 4.71 33.15
N GLU T 144 -57.99 5.04 32.05
CA GLU T 144 -57.95 6.42 31.58
C GLU T 144 -59.33 6.89 31.17
N TYR T 145 -60.09 6.01 30.51
CA TYR T 145 -61.45 6.34 30.12
C TYR T 145 -62.32 6.69 31.31
N LEU T 146 -62.30 5.84 32.34
CA LEU T 146 -63.14 6.10 33.51
C LEU T 146 -62.69 7.34 34.27
N SER T 147 -61.38 7.60 34.32
CA SER T 147 -60.90 8.83 34.94
C SER T 147 -61.43 10.05 34.21
N ALA T 148 -61.28 10.08 32.89
CA ALA T 148 -61.74 11.21 32.10
C ALA T 148 -63.26 11.37 32.19
N ARG T 149 -63.99 10.26 32.25
CA ARG T 149 -65.44 10.33 32.40
C ARG T 149 -65.85 10.85 33.76
N SER T 150 -65.17 10.43 34.83
CA SER T 150 -65.54 10.88 36.17
C SER T 150 -65.25 12.36 36.35
N THR T 151 -64.14 12.84 35.77
CA THR T 151 -63.79 14.25 35.91
C THR T 151 -64.84 15.16 35.29
N VAL T 152 -65.54 14.68 34.26
CA VAL T 152 -66.62 15.45 33.63
C VAL T 152 -67.94 15.22 34.34
N GLU T 153 -68.20 13.98 34.75
CA GLU T 153 -69.47 13.64 35.39
C GLU T 153 -69.63 14.39 36.70
N ASP T 154 -68.57 14.47 37.50
CA ASP T 154 -68.65 15.21 38.76
C ASP T 154 -68.85 16.70 38.51
N LYS T 155 -68.38 17.20 37.37
CA LYS T 155 -68.57 18.60 37.03
C LYS T 155 -69.95 18.90 36.48
N LEU T 156 -70.61 17.90 35.89
CA LEU T 156 -72.00 18.04 35.44
C LEU T 156 -73.00 17.77 36.55
N LEU T 157 -72.71 16.85 37.45
CA LEU T 157 -73.58 16.49 38.56
C LEU T 157 -73.17 17.25 39.81
N GLY T 158 -74.03 17.18 40.82
CA GLY T 158 -73.76 17.86 42.08
C GLY T 158 -72.69 17.17 42.90
N GLY T 169 -75.73 21.59 42.66
CA GLY T 169 -75.14 22.69 41.92
C GLY T 169 -74.28 22.23 40.77
N GLY T 170 -74.92 21.73 39.72
CA GLY T 170 -74.21 21.24 38.57
C GLY T 170 -73.68 22.38 37.71
N SER T 171 -73.47 22.06 36.43
CA SER T 171 -72.98 22.99 35.43
C SER T 171 -74.01 23.15 34.32
N GLN T 172 -73.77 24.14 33.46
CA GLN T 172 -74.70 24.48 32.39
C GLN T 172 -73.98 24.74 31.06
N SER T 173 -72.78 24.18 30.89
CA SER T 173 -72.05 24.37 29.65
C SER T 173 -72.48 23.34 28.61
N PRO T 174 -72.66 23.73 27.32
CA PRO T 174 -72.95 22.72 26.29
C PRO T 174 -71.70 21.98 25.84
N SER T 175 -70.58 22.73 25.79
CA SER T 175 -69.29 22.14 25.42
C SER T 175 -68.89 21.01 26.36
N LEU T 176 -69.32 21.07 27.62
CA LEU T 176 -69.07 20.00 28.57
C LEU T 176 -69.79 18.70 28.18
N LEU T 177 -71.07 18.79 27.83
CA LEU T 177 -71.80 17.62 27.33
C LEU T 177 -71.18 17.08 26.04
N LEU T 178 -70.84 17.98 25.12
CA LEU T 178 -70.22 17.53 23.87
C LEU T 178 -68.86 16.90 24.12
N GLU T 179 -68.14 17.38 25.14
CA GLU T 179 -66.87 16.76 25.52
C GLU T 179 -67.09 15.35 26.06
N LEU T 180 -68.15 15.15 26.83
CA LEU T 180 -68.51 13.81 27.28
C LEU T 180 -68.73 12.88 26.09
N ARG T 181 -69.59 13.32 25.16
CA ARG T 181 -69.89 12.54 23.96
C ARG T 181 -68.63 12.22 23.17
N GLN T 182 -67.78 13.22 22.95
CA GLN T 182 -66.58 13.01 22.15
C GLN T 182 -65.52 12.20 22.88
N ILE T 183 -65.51 12.20 24.21
CA ILE T 183 -64.67 11.25 24.93
C ILE T 183 -65.10 9.84 24.60
N ASP T 184 -66.41 9.57 24.72
CA ASP T 184 -66.93 8.24 24.40
C ASP T 184 -66.61 7.83 22.96
N ALA T 185 -66.63 8.76 22.02
CA ALA T 185 -66.29 8.43 20.64
C ALA T 185 -64.79 8.24 20.44
N ASP T 186 -63.99 9.13 21.05
CA ASP T 186 -62.56 9.15 20.80
C ASP T 186 -61.89 7.91 21.31
N PHE T 187 -62.37 7.36 22.43
CA PHE T 187 -61.72 6.16 22.95
C PHE T 187 -61.94 4.95 22.04
N MET T 188 -63.14 4.83 21.46
CA MET T 188 -63.36 3.76 20.49
C MET T 188 -62.52 3.96 19.24
N LEU T 189 -62.39 5.21 18.79
CA LEU T 189 -61.51 5.45 17.65
C LEU T 189 -60.07 5.06 17.96
N LYS T 190 -59.61 5.38 19.18
CA LYS T 190 -58.26 5.00 19.60
C LYS T 190 -58.09 3.49 19.53
N VAL T 191 -59.06 2.74 20.07
CA VAL T 191 -59.01 1.28 20.00
C VAL T 191 -58.93 0.82 18.55
N GLU T 192 -59.77 1.40 17.68
CA GLU T 192 -59.82 1.01 16.28
C GLU T 192 -58.47 1.20 15.60
N LEU T 193 -57.82 2.34 15.84
CA LEU T 193 -56.53 2.60 15.20
C LEU T 193 -55.43 1.74 15.77
N ALA T 194 -55.43 1.55 17.10
CA ALA T 194 -54.38 0.75 17.72
C ALA T 194 -54.46 -0.70 17.26
N THR T 195 -55.66 -1.20 16.99
CA THR T 195 -55.78 -2.56 16.48
C THR T 195 -55.11 -2.72 15.13
N THR T 196 -55.31 -1.74 14.23
CA THR T 196 -54.63 -1.75 12.94
C THR T 196 -53.11 -1.70 13.12
N HIS T 197 -52.64 -0.74 13.92
CA HIS T 197 -51.21 -0.58 14.14
C HIS T 197 -50.59 -1.81 14.78
N LEU T 198 -51.36 -2.59 15.53
CA LEU T 198 -50.87 -3.79 16.19
C LEU T 198 -50.87 -5.00 15.28
N SER T 199 -51.89 -5.12 14.42
CA SER T 199 -51.85 -6.13 13.36
C SER T 199 -50.62 -5.94 12.49
N THR T 200 -50.34 -4.69 12.11
CA THR T 200 -49.20 -4.42 11.24
C THR T 200 -47.87 -4.87 11.86
N MET T 201 -47.76 -4.86 13.19
CA MET T 201 -46.53 -5.27 13.86
C MET T 201 -46.48 -6.76 14.11
N VAL T 202 -47.60 -7.40 14.43
CA VAL T 202 -47.63 -8.85 14.57
C VAL T 202 -47.25 -9.50 13.23
N ARG T 203 -47.82 -8.99 12.13
CA ARG T 203 -47.51 -9.54 10.82
C ARG T 203 -46.04 -9.39 10.45
N ALA T 204 -45.33 -8.44 11.04
CA ALA T 204 -43.91 -8.23 10.75
C ALA T 204 -43.02 -9.08 11.65
N VAL T 205 -43.39 -9.21 12.92
CA VAL T 205 -42.68 -10.14 13.81
C VAL T 205 -42.75 -11.56 13.24
N ILE T 206 -43.90 -11.94 12.70
CA ILE T 206 -44.03 -13.27 12.09
C ILE T 206 -42.99 -13.47 11.00
N ASN T 207 -42.90 -12.52 10.07
CA ASN T 207 -41.96 -12.62 8.96
C ASN T 207 -40.53 -12.68 9.47
N ALA T 208 -40.17 -11.79 10.41
CA ALA T 208 -38.81 -11.75 10.92
C ALA T 208 -38.42 -13.09 11.55
N TYR T 209 -39.29 -13.62 12.40
CA TYR T 209 -39.01 -14.93 13.02
C TYR T 209 -38.87 -16.00 11.96
N LEU T 210 -39.86 -16.13 11.07
CA LEU T 210 -39.85 -17.23 10.12
C LEU T 210 -38.69 -17.14 9.13
N LEU T 211 -38.12 -15.95 8.94
CA LEU T 211 -36.98 -15.80 8.05
C LEU T 211 -35.63 -15.88 8.75
N ASN T 212 -35.58 -15.71 10.07
CA ASN T 212 -34.31 -15.68 10.81
C ASN T 212 -34.22 -16.69 11.95
N TRP T 213 -35.15 -17.62 12.07
CA TRP T 213 -35.12 -18.56 13.19
C TRP T 213 -33.89 -19.46 13.18
N LYS T 214 -33.33 -19.75 12.00
CA LYS T 214 -32.16 -20.63 11.96
C LYS T 214 -30.95 -19.99 12.62
N LYS T 215 -30.85 -18.65 12.55
CA LYS T 215 -29.76 -17.93 13.19
C LYS T 215 -30.13 -17.37 14.55
N LEU T 216 -31.42 -17.36 14.90
CA LEU T 216 -31.82 -17.01 16.26
C LEU T 216 -31.56 -18.12 17.26
N ILE T 217 -31.29 -19.34 16.80
CA ILE T 217 -31.14 -20.50 17.67
C ILE T 217 -29.70 -20.98 17.71
N GLN T 218 -29.06 -21.07 16.55
CA GLN T 218 -27.64 -21.42 16.44
C GLN T 218 -26.94 -20.31 15.68
N PRO T 219 -26.59 -19.21 16.36
CA PRO T 219 -26.01 -18.06 15.64
C PRO T 219 -24.54 -18.23 15.29
N ARG T 220 -23.82 -19.13 15.95
CA ARG T 220 -22.44 -19.45 15.61
C ARG T 220 -22.36 -20.92 15.22
N THR T 221 -21.68 -21.18 14.10
CA THR T 221 -21.49 -22.53 13.59
C THR T 221 -20.05 -22.95 13.85
N GLY T 222 -19.87 -24.04 14.58
CA GLY T 222 -18.54 -24.57 14.81
C GLY T 222 -17.89 -25.01 13.52
N ASN T 223 -16.90 -24.23 13.04
CA ASN T 223 -16.23 -24.38 11.72
C ASN T 223 -14.72 -24.49 11.92
N LEU T 224 -14.22 -25.63 12.42
CA LEU T 224 -12.76 -25.87 12.63
C LEU T 224 -12.28 -26.98 11.70
N SER T 225 -12.66 -26.90 10.42
CA SER T 225 -12.19 -27.77 9.35
C SER T 225 -10.76 -27.46 8.94
N TYR T 226 -10.33 -26.21 9.04
CA TYR T 226 -8.98 -25.81 8.70
C TYR T 226 -8.06 -25.79 9.92
N TYR T 227 -8.42 -26.50 10.99
CA TYR T 227 -7.57 -26.78 12.13
C TYR T 227 -7.47 -28.28 12.33
N THR T 228 -6.46 -28.68 13.09
CA THR T 228 -6.22 -30.09 13.38
C THR T 228 -6.94 -30.50 14.67
N LYS U 1 0.44 -2.25 53.61
CA LYS U 1 0.79 -2.34 52.20
C LYS U 1 -0.46 -2.21 51.35
N ARG U 2 -0.29 -1.79 50.10
CA ARG U 2 -1.39 -1.46 49.21
C ARG U 2 -1.96 -2.68 48.51
N ALA U 3 -1.12 -3.68 48.21
CA ALA U 3 -1.60 -4.91 47.61
C ALA U 3 -2.28 -5.84 48.61
N ALA U 4 -2.16 -5.55 49.91
CA ALA U 4 -2.91 -6.33 50.89
C ALA U 4 -4.39 -5.95 50.90
N LEU U 5 -4.70 -4.67 50.68
CA LEU U 5 -6.08 -4.24 50.60
C LEU U 5 -6.80 -4.88 49.42
N ILE U 6 -6.10 -5.03 48.28
CA ILE U 6 -6.69 -5.69 47.12
C ILE U 6 -7.10 -7.12 47.48
N GLN U 7 -6.21 -7.86 48.14
CA GLN U 7 -6.51 -9.25 48.46
C GLN U 7 -7.56 -9.38 49.55
N ASN U 8 -7.56 -8.50 50.55
CA ASN U 8 -8.64 -8.50 51.52
C ASN U 8 -9.98 -8.15 50.88
N LEU U 9 -9.98 -7.38 49.78
CA LEU U 9 -11.22 -7.14 49.05
C LEU U 9 -11.64 -8.40 48.30
N ARG U 10 -10.75 -8.95 47.48
CA ARG U 10 -11.09 -10.08 46.62
C ARG U 10 -11.25 -11.38 47.39
N ASP U 11 -10.89 -11.42 48.66
CA ASP U 11 -11.12 -12.61 49.48
C ASP U 11 -12.52 -12.59 50.09
N SER U 12 -13.05 -11.40 50.37
CA SER U 12 -14.39 -11.28 50.94
C SER U 12 -15.44 -11.80 49.97
N TYR U 13 -15.42 -11.31 48.73
CA TYR U 13 -16.40 -11.65 47.70
C TYR U 13 -15.67 -12.34 46.56
N THR U 14 -15.94 -13.63 46.38
CA THR U 14 -15.27 -14.48 45.41
C THR U 14 -16.27 -14.97 44.36
N GLU U 15 -15.76 -15.72 43.39
CA GLU U 15 -16.61 -16.28 42.34
C GLU U 15 -17.65 -17.25 42.91
N THR U 16 -17.32 -17.93 44.00
CA THR U 16 -18.26 -18.88 44.59
C THR U 16 -19.51 -18.18 45.12
N SER U 17 -19.36 -16.95 45.61
CA SER U 17 -20.52 -16.16 46.02
C SER U 17 -21.48 -15.95 44.86
N SER U 18 -20.96 -15.49 43.72
CA SER U 18 -21.80 -15.25 42.55
C SER U 18 -22.42 -16.54 42.03
N PHE U 19 -21.66 -17.64 42.03
CA PHE U 19 -22.25 -18.92 41.62
C PHE U 19 -23.35 -19.35 42.58
N ALA U 20 -23.19 -19.09 43.88
CA ALA U 20 -24.23 -19.39 44.85
C ALA U 20 -25.49 -18.59 44.56
N VAL U 21 -25.32 -17.31 44.21
CA VAL U 21 -26.46 -16.49 43.80
C VAL U 21 -27.15 -17.09 42.58
N ILE U 22 -26.37 -17.43 41.56
CA ILE U 22 -26.93 -17.95 40.32
C ILE U 22 -27.69 -19.25 40.55
N GLU U 23 -27.17 -20.12 41.42
CA GLU U 23 -27.83 -21.40 41.66
C GLU U 23 -29.20 -21.21 42.29
N GLU U 24 -29.30 -20.36 43.31
CA GLU U 24 -30.60 -20.14 43.94
C GLU U 24 -31.55 -19.41 43.01
N TRP U 25 -31.03 -18.51 42.16
CA TRP U 25 -31.85 -17.92 41.11
C TRP U 25 -32.46 -19.00 40.23
N ALA U 26 -31.62 -19.92 39.73
CA ALA U 26 -32.10 -20.97 38.84
C ALA U 26 -33.03 -21.95 39.55
N ALA U 27 -32.90 -22.10 40.86
CA ALA U 27 -33.63 -23.13 41.60
C ALA U 27 -34.96 -22.63 42.16
N GLY U 28 -34.94 -21.61 43.02
CA GLY U 28 -36.09 -21.23 43.80
C GLY U 28 -36.74 -19.93 43.40
N THR U 29 -35.93 -18.98 42.93
CA THR U 29 -36.46 -17.67 42.57
C THR U 29 -37.37 -17.74 41.35
N LEU U 30 -36.98 -18.54 40.35
CA LEU U 30 -37.78 -18.71 39.14
C LEU U 30 -38.99 -19.61 39.36
N GLN U 31 -39.12 -20.22 40.54
CA GLN U 31 -40.36 -20.87 40.96
C GLN U 31 -41.22 -19.97 41.84
N GLU U 32 -40.60 -19.05 42.57
CA GLU U 32 -41.32 -18.10 43.40
C GLU U 32 -41.91 -16.94 42.59
N ILE U 33 -41.34 -16.63 41.43
CA ILE U 33 -41.91 -15.59 40.58
C ILE U 33 -43.23 -16.08 39.96
N GLU U 34 -43.25 -17.34 39.51
CA GLU U 34 -44.45 -17.90 38.91
C GLU U 34 -45.58 -18.04 39.92
N GLY U 35 -45.25 -18.35 41.18
CA GLY U 35 -46.24 -18.34 42.23
C GLY U 35 -46.92 -17.00 42.41
N ILE U 36 -46.16 -15.91 42.37
CA ILE U 36 -46.75 -14.58 42.49
C ILE U 36 -47.59 -14.26 41.27
N ALA U 37 -47.13 -14.64 40.08
CA ALA U 37 -47.96 -14.47 38.88
C ALA U 37 -49.28 -15.21 39.01
N LYS U 38 -49.25 -16.43 39.54
CA LYS U 38 -50.45 -17.21 39.79
C LYS U 38 -51.39 -16.51 40.76
N ALA U 39 -50.85 -16.06 41.91
CA ALA U 39 -51.68 -15.44 42.93
C ALA U 39 -52.25 -14.11 42.45
N ALA U 40 -51.56 -13.43 41.54
CA ALA U 40 -52.06 -12.19 40.98
C ALA U 40 -53.11 -12.41 39.90
N ALA U 41 -52.93 -13.43 39.06
CA ALA U 41 -53.95 -13.76 38.07
C ALA U 41 -55.23 -14.25 38.72
N GLU U 42 -55.13 -15.00 39.82
CA GLU U 42 -56.34 -15.40 40.54
C GLU U 42 -57.08 -14.20 41.09
N ALA U 43 -56.35 -13.24 41.66
CA ALA U 43 -56.99 -12.04 42.19
C ALA U 43 -57.62 -11.21 41.07
N HIS U 44 -56.94 -11.13 39.92
CA HIS U 44 -57.54 -10.44 38.77
C HIS U 44 -58.84 -11.11 38.36
N GLY U 45 -58.86 -12.45 38.31
CA GLY U 45 -60.10 -13.15 38.03
C GLY U 45 -61.17 -12.91 39.06
N VAL U 46 -60.78 -12.74 40.32
CA VAL U 46 -61.74 -12.47 41.38
C VAL U 46 -62.39 -11.10 41.17
N ILE U 47 -61.59 -10.04 41.16
CA ILE U 47 -62.15 -8.69 41.02
C ILE U 47 -62.84 -8.51 39.68
N ARG U 48 -62.38 -9.19 38.63
CA ARG U 48 -63.02 -9.05 37.32
C ARG U 48 -64.46 -9.56 37.35
N ASN U 49 -64.71 -10.60 38.14
CA ASN U 49 -66.05 -11.15 38.32
C ASN U 49 -66.73 -10.60 39.57
N SER U 50 -66.39 -9.38 39.98
CA SER U 50 -66.97 -8.73 41.13
C SER U 50 -67.79 -7.52 40.68
N THR U 51 -68.62 -7.01 41.60
CA THR U 51 -69.44 -5.83 41.37
C THR U 51 -69.31 -4.95 42.62
N TYR U 52 -68.72 -3.77 42.46
CA TYR U 52 -68.30 -2.95 43.58
C TYR U 52 -69.37 -1.92 43.93
N GLY U 53 -69.35 -1.50 45.19
CA GLY U 53 -70.24 -0.48 45.69
C GLY U 53 -69.55 0.33 46.76
N ARG U 54 -70.34 0.98 47.62
CA ARG U 54 -69.78 1.80 48.67
C ARG U 54 -69.09 0.97 49.76
N ALA U 55 -69.44 -0.30 49.88
CA ALA U 55 -68.80 -1.14 50.90
C ALA U 55 -67.33 -1.35 50.62
N GLN U 56 -66.91 -1.27 49.35
CA GLN U 56 -65.54 -1.55 48.97
C GLN U 56 -64.62 -0.34 49.13
N ALA U 57 -65.17 0.87 49.26
CA ALA U 57 -64.36 2.03 49.59
C ALA U 57 -64.07 2.13 51.08
N GLU U 58 -64.82 1.42 51.92
CA GLU U 58 -64.59 1.40 53.36
C GLU U 58 -63.61 0.31 53.79
N LYS U 59 -62.94 -0.35 52.86
CA LYS U 59 -61.99 -1.40 53.19
C LYS U 59 -61.15 -1.72 51.97
N SER U 60 -59.87 -2.04 52.20
CA SER U 60 -58.97 -2.49 51.16
C SER U 60 -58.95 -4.01 51.11
N PRO U 61 -58.79 -4.66 49.96
CA PRO U 61 -58.75 -6.13 49.94
C PRO U 61 -57.45 -6.63 50.55
N GLU U 62 -57.56 -7.59 51.47
CA GLU U 62 -56.38 -8.08 52.18
C GLU U 62 -55.51 -8.97 51.30
N GLN U 63 -55.99 -9.36 50.13
CA GLN U 63 -55.25 -10.24 49.24
C GLN U 63 -54.21 -9.47 48.42
N LEU U 64 -54.61 -8.30 47.89
CA LEU U 64 -53.71 -7.54 47.03
C LEU U 64 -52.50 -7.04 47.81
N LEU U 65 -52.71 -6.65 49.07
CA LEU U 65 -51.59 -6.20 49.89
C LEU U 65 -50.56 -7.30 50.08
N GLY U 66 -51.00 -8.53 50.34
CA GLY U 66 -50.07 -9.63 50.49
C GLY U 66 -49.35 -9.96 49.20
N VAL U 67 -50.06 -9.93 48.08
CA VAL U 67 -49.42 -10.21 46.79
C VAL U 67 -48.35 -9.16 46.49
N LEU U 68 -48.70 -7.88 46.66
CA LEU U 68 -47.73 -6.81 46.40
C LEU U 68 -46.57 -6.86 47.38
N GLN U 69 -46.80 -7.24 48.63
CA GLN U 69 -45.72 -7.36 49.59
C GLN U 69 -44.76 -8.48 49.21
N ARG U 70 -45.31 -9.62 48.77
CA ARG U 70 -44.49 -10.69 48.22
C ARG U 70 -43.62 -10.20 47.08
N TYR U 71 -44.23 -9.49 46.12
CA TYR U 71 -43.47 -8.96 45.00
C TYR U 71 -42.38 -8.00 45.44
N GLN U 72 -42.66 -7.17 46.45
CA GLN U 72 -41.68 -6.22 46.95
C GLN U 72 -40.51 -6.90 47.62
N ASP U 73 -40.78 -7.91 48.46
CA ASP U 73 -39.71 -8.67 49.08
C ASP U 73 -38.84 -9.36 48.03
N LEU U 74 -39.47 -9.94 47.01
CA LEU U 74 -38.73 -10.58 45.94
C LEU U 74 -37.82 -9.58 45.22
N CYS U 75 -38.37 -8.42 44.87
CA CYS U 75 -37.58 -7.38 44.20
C CYS U 75 -36.39 -6.96 45.05
N HIS U 76 -36.60 -6.77 46.35
CA HIS U 76 -35.52 -6.39 47.25
C HIS U 76 -34.40 -7.43 47.26
N ASN U 77 -34.79 -8.70 47.46
CA ASN U 77 -33.79 -9.77 47.51
C ASN U 77 -33.03 -9.88 46.20
N VAL U 78 -33.73 -9.76 45.07
CA VAL U 78 -33.07 -9.86 43.77
C VAL U 78 -32.12 -8.70 43.55
N TYR U 79 -32.50 -7.50 44.02
CA TYR U 79 -31.60 -6.35 43.90
C TYR U 79 -30.30 -6.58 44.67
N CYS U 80 -30.40 -7.03 45.92
CA CYS U 80 -29.20 -7.28 46.71
C CYS U 80 -28.36 -8.38 46.09
N GLN U 81 -29.02 -9.45 45.60
CA GLN U 81 -28.31 -10.54 44.94
C GLN U 81 -27.56 -10.06 43.71
N ALA U 82 -28.18 -9.20 42.90
CA ALA U 82 -27.52 -8.67 41.71
C ALA U 82 -26.35 -7.78 42.08
N GLU U 83 -26.49 -6.96 43.12
CA GLU U 83 -25.39 -6.09 43.51
C GLU U 83 -24.21 -6.87 44.08
N THR U 84 -24.44 -8.06 44.65
CA THR U 84 -23.32 -8.91 45.01
C THR U 84 -22.47 -9.26 43.80
N ILE U 85 -23.11 -9.66 42.70
CA ILE U 85 -22.40 -9.99 41.47
C ILE U 85 -21.70 -8.76 40.92
N ARG U 86 -22.40 -7.63 40.93
CA ARG U 86 -21.82 -6.34 40.55
C ARG U 86 -20.54 -6.05 41.32
N THR U 87 -20.53 -6.28 42.63
CA THR U 87 -19.33 -6.12 43.45
C THR U 87 -18.22 -7.05 43.02
N VAL U 88 -18.54 -8.35 42.87
CA VAL U 88 -17.54 -9.34 42.47
C VAL U 88 -16.86 -8.94 41.17
N ILE U 89 -17.61 -8.38 40.22
CA ILE U 89 -17.03 -7.97 38.95
C ILE U 89 -16.28 -6.64 39.08
N ALA U 90 -16.85 -5.70 39.84
CA ALA U 90 -16.29 -4.35 39.87
C ALA U 90 -14.97 -4.29 40.63
N ILE U 91 -14.76 -5.18 41.60
CA ILE U 91 -13.48 -5.16 42.34
C ILE U 91 -12.39 -5.92 41.60
N ARG U 92 -12.65 -6.33 40.35
CA ARG U 92 -11.67 -7.02 39.53
C ARG U 92 -11.41 -6.33 38.19
N ILE U 93 -11.99 -5.15 37.95
CA ILE U 93 -11.72 -4.41 36.72
C ILE U 93 -10.26 -3.97 36.80
N PRO U 94 -9.41 -4.30 35.81
CA PRO U 94 -7.97 -4.12 36.02
C PRO U 94 -7.46 -2.73 35.68
N GLU U 95 -6.13 -2.57 35.77
CA GLU U 95 -5.45 -1.34 35.40
C GLU U 95 -5.92 -0.80 34.05
N HIS U 96 -6.15 0.50 34.00
CA HIS U 96 -6.65 1.14 32.79
C HIS U 96 -5.57 1.17 31.72
N LYS U 97 -5.88 0.63 30.54
CA LYS U 97 -4.97 0.61 29.42
C LYS U 97 -5.77 0.76 28.14
N GLU U 98 -5.07 1.08 27.05
CA GLU U 98 -5.68 1.25 25.74
C GLU U 98 -5.60 0.00 24.88
N ALA U 99 -5.26 -1.15 25.47
CA ALA U 99 -5.06 -2.36 24.70
C ALA U 99 -5.12 -3.55 25.63
N ASP U 100 -5.48 -4.70 25.07
CA ASP U 100 -5.79 -5.91 25.84
C ASP U 100 -7.03 -5.68 26.71
N ASN U 101 -8.05 -5.07 26.12
CA ASN U 101 -9.31 -4.75 26.78
C ASN U 101 -10.46 -5.57 26.20
N LEU U 102 -10.20 -6.84 25.92
CA LEU U 102 -11.24 -7.71 25.38
C LEU U 102 -12.09 -8.35 26.48
N GLY U 103 -11.50 -8.58 27.66
CA GLY U 103 -12.23 -9.09 28.80
C GLY U 103 -12.87 -7.98 29.62
N VAL U 104 -12.26 -6.80 29.58
CA VAL U 104 -12.88 -5.62 30.18
C VAL U 104 -14.21 -5.32 29.51
N ALA U 105 -14.31 -5.56 28.20
CA ALA U 105 -15.58 -5.44 27.50
C ALA U 105 -16.59 -6.46 27.98
N VAL U 106 -16.15 -7.69 28.26
CA VAL U 106 -17.05 -8.69 28.81
C VAL U 106 -17.59 -8.24 30.16
N GLN U 107 -16.70 -7.74 31.02
CA GLN U 107 -17.11 -7.19 32.31
C GLN U 107 -18.16 -6.10 32.14
N HIS U 108 -17.81 -5.06 31.37
CA HIS U 108 -18.72 -3.95 31.15
C HIS U 108 -20.03 -4.37 30.52
N ALA U 109 -20.05 -5.45 29.73
CA ALA U 109 -21.26 -5.91 29.07
C ALA U 109 -22.17 -6.71 29.98
N VAL U 110 -21.61 -7.56 30.85
CA VAL U 110 -22.45 -8.24 31.83
C VAL U 110 -23.00 -7.22 32.82
N LEU U 111 -22.25 -6.17 33.10
CA LEU U 111 -22.79 -5.11 33.96
C LEU U 111 -23.97 -4.41 33.31
N LYS U 112 -24.01 -4.33 31.98
CA LYS U 112 -25.20 -3.77 31.32
C LYS U 112 -26.43 -4.59 31.67
N ILE U 113 -26.31 -5.91 31.64
CA ILE U 113 -27.45 -6.77 31.94
C ILE U 113 -27.84 -6.61 33.39
N ILE U 114 -26.84 -6.53 34.28
CA ILE U 114 -27.14 -6.43 35.71
C ILE U 114 -27.85 -5.11 36.02
N ASP U 115 -27.49 -4.03 35.32
CA ASP U 115 -28.15 -2.74 35.56
C ASP U 115 -29.51 -2.69 34.86
N GLU U 116 -29.66 -3.36 33.73
CA GLU U 116 -30.96 -3.48 33.09
C GLU U 116 -31.92 -4.27 33.97
N LEU U 117 -31.39 -5.18 34.79
CA LEU U 117 -32.23 -5.92 35.73
C LEU U 117 -32.81 -5.03 36.83
N GLU U 118 -32.33 -3.80 36.98
CA GLU U 118 -32.77 -2.89 38.04
C GLU U 118 -33.44 -1.63 37.54
N ILE U 119 -33.04 -1.07 36.39
CA ILE U 119 -33.43 0.30 36.06
C ILE U 119 -34.93 0.40 35.80
N LYS U 120 -35.41 -0.23 34.73
CA LYS U 120 -36.83 -0.27 34.41
C LYS U 120 -37.45 -1.62 34.73
N THR U 121 -36.81 -2.42 35.59
CA THR U 121 -37.24 -3.79 35.87
C THR U 121 -37.42 -4.07 37.35
N LEU U 122 -37.01 -3.15 38.24
CA LEU U 122 -37.38 -3.19 39.65
C LEU U 122 -37.83 -1.84 40.18
N GLY U 123 -37.79 -0.79 39.37
CA GLY U 123 -38.20 0.53 39.82
C GLY U 123 -37.45 1.07 41.02
N SER U 124 -36.26 0.55 41.30
CA SER U 124 -35.49 1.00 42.45
C SER U 124 -34.97 2.42 42.26
N PRO U 136 -43.44 -1.54 33.70
CA PRO U 136 -44.83 -1.61 34.13
C PRO U 136 -45.00 -1.20 35.59
N ILE U 137 -44.34 -1.94 36.48
CA ILE U 137 -44.32 -1.65 37.91
C ILE U 137 -42.99 -2.19 38.45
N GLY U 138 -42.68 -1.86 39.69
CA GLY U 138 -41.49 -2.40 40.32
C GLY U 138 -41.63 -2.63 41.82
N MET U 139 -40.60 -2.27 42.57
CA MET U 139 -40.55 -2.60 43.99
C MET U 139 -41.58 -1.78 44.77
N TYR U 140 -41.51 -0.46 44.65
CA TYR U 140 -42.41 0.45 45.37
C TYR U 140 -43.73 0.58 44.62
N ALA U 141 -44.53 -0.49 44.68
CA ALA U 141 -45.83 -0.55 44.02
C ALA U 141 -47.00 -0.43 44.99
N LEU U 142 -46.84 -0.92 46.21
CA LEU U 142 -47.95 -0.95 47.16
C LEU U 142 -48.33 0.46 47.61
N ARG U 143 -47.34 1.33 47.82
CA ARG U 143 -47.62 2.72 48.12
C ARG U 143 -48.39 3.38 46.98
N GLU U 144 -48.05 3.06 45.74
CA GLU U 144 -48.75 3.65 44.60
C GLU U 144 -50.20 3.17 44.56
N TYR U 145 -50.41 1.87 44.77
CA TYR U 145 -51.77 1.33 44.87
C TYR U 145 -52.57 2.07 45.94
N LEU U 146 -51.99 2.22 47.13
CA LEU U 146 -52.74 2.80 48.23
C LEU U 146 -53.03 4.28 48.00
N SER U 147 -52.08 5.02 47.41
CA SER U 147 -52.33 6.42 47.10
C SER U 147 -53.42 6.57 46.05
N ALA U 148 -53.30 5.81 44.96
CA ALA U 148 -54.30 5.89 43.89
C ALA U 148 -55.68 5.51 44.38
N ARG U 149 -55.76 4.57 45.34
CA ARG U 149 -57.06 4.13 45.82
C ARG U 149 -57.62 5.11 46.85
N SER U 150 -56.76 5.68 47.70
CA SER U 150 -57.20 6.68 48.67
C SER U 150 -57.75 7.91 47.98
N THR U 151 -57.12 8.33 46.87
CA THR U 151 -57.62 9.47 46.12
C THR U 151 -59.05 9.24 45.63
N VAL U 152 -59.43 7.99 45.42
CA VAL U 152 -60.79 7.67 44.97
C VAL U 152 -61.75 7.49 46.15
N GLU U 153 -61.33 6.80 47.21
CA GLU U 153 -62.19 6.61 48.37
C GLU U 153 -62.54 7.94 49.04
N ASP U 154 -61.63 8.91 49.04
CA ASP U 154 -61.95 10.19 49.64
C ASP U 154 -63.10 10.87 48.91
N LYS U 155 -63.04 10.89 47.57
CA LYS U 155 -64.12 11.47 46.79
C LYS U 155 -65.40 10.66 46.91
N LEU U 156 -65.28 9.34 47.03
CA LEU U 156 -66.44 8.46 46.97
C LEU U 156 -67.20 8.38 48.29
N LEU U 157 -66.52 8.59 49.42
CA LEU U 157 -67.18 8.55 50.72
C LEU U 157 -67.69 9.93 51.13
N GLY U 158 -66.79 10.91 51.20
CA GLY U 158 -67.14 12.26 51.57
C GLY U 158 -66.08 12.93 52.42
N GLY U 169 -72.25 12.80 51.88
CA GLY U 169 -72.15 13.69 50.74
C GLY U 169 -71.13 13.22 49.73
N GLY U 170 -71.04 11.90 49.55
CA GLY U 170 -70.09 11.34 48.62
C GLY U 170 -70.40 11.71 47.18
N SER U 171 -69.37 11.58 46.34
CA SER U 171 -69.52 11.85 44.91
C SER U 171 -70.53 10.89 44.30
N GLN U 172 -71.17 11.34 43.21
CA GLN U 172 -72.27 10.63 42.58
C GLN U 172 -71.91 10.06 41.22
N SER U 173 -70.64 10.09 40.83
CA SER U 173 -70.24 9.57 39.53
C SER U 173 -70.10 8.05 39.60
N PRO U 174 -70.71 7.28 38.67
CA PRO U 174 -70.55 5.82 38.73
C PRO U 174 -69.26 5.33 38.08
N SER U 175 -68.79 6.07 37.08
CA SER U 175 -67.53 5.73 36.44
C SER U 175 -66.38 5.75 37.42
N LEU U 176 -66.46 6.60 38.45
CA LEU U 176 -65.49 6.56 39.54
C LEU U 176 -65.62 5.27 40.36
N LEU U 177 -66.86 4.85 40.61
CA LEU U 177 -67.09 3.62 41.34
C LEU U 177 -66.57 2.39 40.60
N LEU U 178 -66.50 2.46 39.27
CA LEU U 178 -65.89 1.40 38.48
C LEU U 178 -64.38 1.61 38.32
N GLU U 179 -63.91 2.85 38.39
CA GLU U 179 -62.48 3.12 38.41
C GLU U 179 -61.84 2.53 39.66
N LEU U 180 -62.58 2.48 40.76
CA LEU U 180 -62.10 1.78 41.95
C LEU U 180 -61.77 0.32 41.61
N ARG U 181 -62.73 -0.39 41.02
CA ARG U 181 -62.52 -1.78 40.60
C ARG U 181 -61.35 -1.90 39.63
N GLN U 182 -61.27 -1.01 38.65
CA GLN U 182 -60.20 -1.08 37.66
C GLN U 182 -58.83 -0.80 38.28
N ILE U 183 -58.76 0.04 39.31
CA ILE U 183 -57.51 0.18 40.06
C ILE U 183 -57.16 -1.12 40.73
N ASP U 184 -58.12 -1.73 41.43
CA ASP U 184 -57.80 -2.99 42.12
C ASP U 184 -57.45 -4.12 41.16
N ALA U 185 -57.82 -4.03 39.88
CA ALA U 185 -57.47 -5.03 38.88
C ALA U 185 -56.15 -4.75 38.16
N ASP U 186 -55.90 -3.48 37.80
CA ASP U 186 -54.75 -3.16 36.96
C ASP U 186 -53.43 -3.43 37.69
N PHE U 187 -53.43 -3.36 39.03
CA PHE U 187 -52.19 -3.61 39.74
C PHE U 187 -51.84 -5.09 39.77
N MET U 188 -52.85 -5.95 39.91
CA MET U 188 -52.59 -7.38 39.77
C MET U 188 -52.12 -7.71 38.36
N LEU U 189 -52.72 -7.07 37.35
CA LEU U 189 -52.23 -7.26 35.98
C LEU U 189 -50.78 -6.80 35.84
N LYS U 190 -50.45 -5.65 36.41
CA LYS U 190 -49.09 -5.13 36.38
C LYS U 190 -48.11 -6.11 37.01
N VAL U 191 -48.45 -6.67 38.17
CA VAL U 191 -47.61 -7.67 38.81
C VAL U 191 -47.44 -8.87 37.89
N GLU U 192 -48.52 -9.31 37.25
CA GLU U 192 -48.47 -10.49 36.39
C GLU U 192 -47.52 -10.27 35.22
N LEU U 193 -47.49 -9.07 34.65
CA LEU U 193 -46.58 -8.78 33.55
C LEU U 193 -45.14 -8.63 34.03
N ALA U 194 -44.96 -7.91 35.15
CA ALA U 194 -43.62 -7.66 35.67
C ALA U 194 -42.93 -8.96 36.06
N THR U 195 -43.69 -9.93 36.57
CA THR U 195 -43.12 -11.22 36.92
C THR U 195 -42.56 -11.93 35.70
N THR U 196 -43.29 -11.90 34.59
CA THR U 196 -42.81 -12.52 33.36
C THR U 196 -41.53 -11.84 32.86
N HIS U 197 -41.54 -10.50 32.80
CA HIS U 197 -40.35 -9.79 32.35
C HIS U 197 -39.15 -10.05 33.27
N LEU U 198 -39.38 -10.12 34.57
CA LEU U 198 -38.32 -10.37 35.52
C LEU U 198 -37.74 -11.76 35.36
N SER U 199 -38.61 -12.76 35.13
CA SER U 199 -38.12 -14.11 34.85
C SER U 199 -37.24 -14.13 33.62
N THR U 200 -37.67 -13.46 32.55
CA THR U 200 -36.85 -13.37 31.34
C THR U 200 -35.47 -12.80 31.64
N MET U 201 -35.43 -11.65 32.32
CA MET U 201 -34.15 -11.01 32.62
C MET U 201 -33.27 -11.87 33.52
N VAL U 202 -33.85 -12.59 34.49
CA VAL U 202 -33.05 -13.44 35.35
C VAL U 202 -32.43 -14.59 34.57
N ARG U 203 -33.20 -15.21 33.68
CA ARG U 203 -32.64 -16.26 32.82
C ARG U 203 -31.51 -15.73 31.96
N ALA U 204 -31.69 -14.52 31.40
CA ALA U 204 -30.63 -13.87 30.64
C ALA U 204 -29.36 -13.67 31.46
N VAL U 205 -29.48 -13.21 32.70
CA VAL U 205 -28.28 -13.01 33.52
C VAL U 205 -27.61 -14.35 33.82
N ILE U 206 -28.41 -15.39 34.08
CA ILE U 206 -27.83 -16.71 34.34
C ILE U 206 -27.00 -17.17 33.15
N ASN U 207 -27.55 -17.06 31.95
CA ASN U 207 -26.82 -17.47 30.75
C ASN U 207 -25.54 -16.67 30.59
N ALA U 208 -25.64 -15.33 30.70
CA ALA U 208 -24.47 -14.48 30.51
C ALA U 208 -23.36 -14.84 31.48
N TYR U 209 -23.68 -14.96 32.77
CA TYR U 209 -22.68 -15.31 33.77
C TYR U 209 -22.05 -16.66 33.46
N LEU U 210 -22.87 -17.69 33.25
CA LEU U 210 -22.32 -19.02 33.09
C LEU U 210 -21.49 -19.15 31.82
N LEU U 211 -21.73 -18.28 30.83
CA LEU U 211 -20.90 -18.30 29.62
C LEU U 211 -19.64 -17.46 29.74
N ASN U 212 -19.62 -16.41 30.58
CA ASN U 212 -18.54 -15.42 30.54
C ASN U 212 -17.75 -15.30 31.84
N TRP U 213 -18.02 -16.14 32.84
CA TRP U 213 -17.44 -15.91 34.17
C TRP U 213 -15.91 -15.95 34.20
N LYS U 214 -15.25 -16.82 33.44
CA LYS U 214 -13.81 -16.96 33.62
C LYS U 214 -13.02 -15.80 33.02
N LYS U 215 -13.62 -15.01 32.14
CA LYS U 215 -13.08 -13.70 31.77
C LYS U 215 -13.70 -12.56 32.57
N LEU U 216 -14.78 -12.82 33.31
CA LEU U 216 -15.22 -11.86 34.32
C LEU U 216 -14.30 -11.82 35.52
N ILE U 217 -13.60 -12.92 35.83
CA ILE U 217 -12.73 -12.99 36.99
C ILE U 217 -11.29 -12.62 36.66
N GLN U 218 -10.71 -13.24 35.63
CA GLN U 218 -9.36 -12.94 35.15
C GLN U 218 -9.45 -12.43 33.71
N PRO U 219 -9.77 -11.15 33.50
CA PRO U 219 -9.96 -10.67 32.12
C PRO U 219 -8.67 -10.60 31.32
N ARG U 220 -7.52 -10.50 31.98
CA ARG U 220 -6.23 -10.36 31.32
C ARG U 220 -5.31 -11.49 31.70
N THR U 221 -4.55 -11.98 30.71
CA THR U 221 -3.54 -13.01 30.92
C THR U 221 -2.25 -12.55 30.25
N GLY U 222 -1.17 -12.52 31.02
CA GLY U 222 0.13 -12.18 30.47
C GLY U 222 0.62 -13.22 29.49
N ASN U 223 1.17 -12.77 28.37
CA ASN U 223 1.76 -13.65 27.36
C ASN U 223 3.17 -13.12 27.09
N LEU U 224 4.11 -13.55 27.93
CA LEU U 224 5.51 -13.17 27.82
C LEU U 224 6.37 -14.30 27.27
N SER U 225 5.78 -15.17 26.45
CA SER U 225 6.50 -16.33 25.93
C SER U 225 7.52 -15.95 24.87
N TYR U 226 7.34 -14.80 24.23
CA TYR U 226 8.26 -14.30 23.21
C TYR U 226 9.11 -13.16 23.78
N TYR U 227 9.47 -13.30 25.06
CA TYR U 227 10.30 -12.34 25.76
C TYR U 227 11.25 -13.10 26.68
N THR U 228 12.40 -12.50 26.96
CA THR U 228 13.33 -13.02 27.95
C THR U 228 13.78 -11.91 28.88
#